data_4RKN
#
_entry.id   4RKN
#
_cell.length_a   186.472
_cell.length_b   186.472
_cell.length_c   232.836
_cell.angle_alpha   90.00
_cell.angle_beta   90.00
_cell.angle_gamma   120.00
#
_symmetry.space_group_name_H-M   'H 3'
#
loop_
_entity.id
_entity.type
_entity.pdbx_description
1 polymer MccA
2 non-polymer DITHIONITE
3 non-polymer 'PROTOPORPHYRIN IX CONTAINING FE'
4 non-polymer 'COPPER (II) ION'
5 non-polymer 'SULFITE ION'
6 water water
#
_entity_poly.entity_id   1
_entity_poly.type   'polypeptide(L)'
_entity_poly.pdbx_seq_one_letter_code
;MLSGWSVLKGGNMKYWDKALLSLFMCVSTLSIAATHAVAMEGMQMTKEAREIIAHPKGTKESRGVISLQDYIVEEQAMYD
WLFKNHPIFTKYGGKTVGKLVVKDRGEEWIEEGRGNDFSKASKRSGGEGFSSMMYRVARNSTLQYPNKFIGPEKCGECHP
AQYETWSRSRHATTIRFPGEHPEVNNKLNDPVFDKDTASILPQGITPDVVYCTVGHIRTKFGFFDAWLLRGTYHVEGGLL
KNGTGQIVAGGNQWQRTWALNLSPEVAKKIKKWVPDFPVTLEEYGDNGGYVRGLASYAAKYKKSMSFQASTSYCEVCHPW
KFDFKNESEFYAALGNAKELQKHTISKGVSCEECHGAGGHLEGGSGLLISNCERCHQRFSYSPDLMRNNPLNAGKPDLAL
SSKFKSMGPGCGSEGSQTYFTAHYEKGMRCATCHDPHDVTGNVTGEKGIKGVSYNSEQGYLSSLYSKPKLKKECTDCHKE
QAYIQSKADTHSKNSCASCHMPFMMSCENFYAIQFQDQAGFDTQRRAHIWKIDVDPARKSLVAGSTSKDPRDGKDWHFER
NEEGRNFVDLMWACARTTWADKDQAEAKGCHSPVVSELKETLHFKDQKQVYNEVMGWQTPVKDKFTQVKVGIQGLYSLLE
VKKLAPSDKTRVYELIEKAQDTVDLIEKDGSWGMHGFKYTKQRLDAAVEYINEAQRIMKKSLSAWSHPQFEKGGGSGGGS
GGSAWSHPQFEK
;
_entity_poly.pdbx_strand_id   A,B,C,D
#
loop_
_chem_comp.id
_chem_comp.type
_chem_comp.name
_chem_comp.formula
CU non-polymer 'COPPER (II) ION' 'Cu 2'
DTN non-polymer DITHIONITE 'O4 S2 -2'
HEM non-polymer 'PROTOPORPHYRIN IX CONTAINING FE' 'C34 H32 Fe N4 O4'
SO3 non-polymer 'SULFITE ION' 'O3 S -2'
#
# COMPACT_ATOMS: atom_id res chain seq x y z
N MET A 43 7.84 -46.66 31.25
CA MET A 43 7.39 -45.34 30.64
C MET A 43 7.64 -44.21 31.60
N GLN A 44 8.47 -43.26 31.18
CA GLN A 44 8.76 -42.10 32.01
C GLN A 44 9.11 -40.85 31.15
N MET A 45 9.13 -39.71 31.82
CA MET A 45 9.54 -38.45 31.22
C MET A 45 11.02 -38.53 30.93
N THR A 46 11.49 -37.67 30.02
CA THR A 46 12.86 -37.71 29.56
C THR A 46 13.79 -37.40 30.74
N LYS A 47 15.04 -37.79 30.57
CA LYS A 47 16.09 -37.54 31.60
C LYS A 47 16.23 -36.06 31.84
N GLU A 48 16.21 -35.30 30.76
CA GLU A 48 16.32 -33.84 30.87
C GLU A 48 15.19 -33.25 31.76
N ALA A 49 13.94 -33.58 31.46
CA ALA A 49 12.83 -33.19 32.35
C ALA A 49 12.95 -33.68 33.80
N ARG A 50 13.42 -34.91 34.00
CA ARG A 50 13.55 -35.49 35.36
C ARG A 50 14.62 -34.81 36.18
N GLU A 51 15.72 -34.40 35.58
CA GLU A 51 16.76 -33.69 36.32
C GLU A 51 16.25 -32.34 36.80
N ILE A 52 15.52 -31.64 35.93
CA ILE A 52 14.99 -30.36 36.33
C ILE A 52 13.93 -30.56 37.44
N ILE A 53 13.06 -31.54 37.26
CA ILE A 53 12.07 -31.89 38.29
C ILE A 53 12.73 -32.16 39.67
N ALA A 54 13.82 -32.95 39.67
CA ALA A 54 14.63 -33.23 40.89
C ALA A 54 15.29 -32.00 41.53
N HIS A 55 15.75 -31.03 40.71
CA HIS A 55 16.41 -29.86 41.24
C HIS A 55 15.95 -28.57 40.54
N PRO A 56 14.67 -28.18 40.77
CA PRO A 56 14.03 -27.10 40.00
C PRO A 56 14.56 -25.74 40.39
N LYS A 57 14.76 -24.88 39.42
CA LYS A 57 15.19 -23.54 39.80
C LYS A 57 14.41 -22.51 39.06
N GLY A 58 13.12 -22.72 38.95
CA GLY A 58 12.21 -21.78 38.30
C GLY A 58 11.98 -20.62 39.21
N THR A 59 11.02 -19.78 38.89
CA THR A 59 10.80 -18.56 39.63
C THR A 59 9.35 -18.37 40.12
N LYS A 60 8.51 -19.33 39.84
CA LYS A 60 7.10 -19.25 40.18
C LYS A 60 6.93 -19.16 41.71
N GLU A 61 7.64 -19.95 42.50
CA GLU A 61 7.51 -19.94 43.97
C GLU A 61 8.34 -18.84 44.55
N SER A 62 9.58 -18.74 44.13
CA SER A 62 10.46 -17.75 44.71
C SER A 62 10.06 -16.31 44.35
N ARG A 63 9.52 -16.05 43.15
CA ARG A 63 9.27 -14.67 42.75
C ARG A 63 7.85 -14.33 42.33
N GLY A 64 6.95 -15.29 42.17
CA GLY A 64 5.59 -15.00 41.68
C GLY A 64 5.58 -14.82 40.14
N VAL A 65 6.62 -15.25 39.45
CA VAL A 65 6.78 -15.03 38.02
C VAL A 65 7.17 -16.34 37.36
N ILE A 66 6.38 -16.74 36.36
CA ILE A 66 6.62 -18.02 35.73
C ILE A 66 7.74 -17.91 34.66
N SER A 67 8.73 -18.78 34.75
CA SER A 67 9.81 -18.77 33.78
C SER A 67 10.07 -20.24 33.22
N LEU A 68 11.15 -20.41 32.49
CA LEU A 68 11.31 -21.62 31.64
C LEU A 68 11.22 -22.92 32.44
N GLN A 69 11.95 -22.98 33.55
CA GLN A 69 12.03 -24.20 34.36
C GLN A 69 10.69 -24.59 34.98
N ASP A 70 9.84 -23.60 35.22
CA ASP A 70 8.50 -23.83 35.72
C ASP A 70 7.66 -24.56 34.70
N TYR A 71 7.88 -24.28 33.43
CA TYR A 71 7.13 -24.95 32.39
C TYR A 71 7.51 -26.41 32.24
N ILE A 72 8.78 -26.73 32.45
CA ILE A 72 9.27 -28.12 32.40
C ILE A 72 8.60 -28.92 33.54
N VAL A 73 8.58 -28.30 34.72
CA VAL A 73 8.04 -28.89 35.95
C VAL A 73 6.54 -29.13 35.87
N GLU A 74 5.82 -28.21 35.26
CA GLU A 74 4.36 -28.29 35.26
C GLU A 74 3.83 -29.43 34.41
N GLU A 75 4.65 -30.03 33.55
CA GLU A 75 4.17 -31.01 32.58
C GLU A 75 4.04 -32.46 33.12
N GLN A 76 4.42 -32.65 34.38
CA GLN A 76 4.49 -33.98 34.96
C GLN A 76 3.13 -34.70 35.07
N ALA A 77 2.12 -33.98 35.51
CA ALA A 77 0.81 -34.57 35.69
C ALA A 77 0.26 -35.03 34.37
N MET A 78 0.56 -34.31 33.29
CA MET A 78 0.00 -34.71 32.01
C MET A 78 0.54 -36.05 31.58
N TYR A 79 1.85 -36.22 31.69
CA TYR A 79 2.49 -37.48 31.24
C TYR A 79 2.04 -38.65 32.18
N ASP A 80 1.96 -38.43 33.50
CA ASP A 80 1.44 -39.45 34.42
C ASP A 80 0.04 -39.83 33.95
N TRP A 81 -0.77 -38.85 33.59
CA TRP A 81 -2.14 -39.14 33.13
C TRP A 81 -2.14 -39.94 31.82
N LEU A 82 -1.26 -39.57 30.90
CA LEU A 82 -1.22 -40.27 29.63
C LEU A 82 -0.72 -41.72 29.74
N PHE A 83 0.26 -41.97 30.61
CA PHE A 83 0.73 -43.35 30.85
C PHE A 83 -0.39 -44.28 31.41
N LYS A 84 -1.35 -43.74 32.16
CA LYS A 84 -2.48 -44.51 32.65
C LYS A 84 -3.68 -44.52 31.74
N ASN A 85 -3.92 -43.47 30.96
CA ASN A 85 -5.22 -43.31 30.33
C ASN A 85 -5.22 -43.32 28.86
N HIS A 86 -4.04 -43.26 28.24
CA HIS A 86 -4.05 -43.28 26.81
C HIS A 86 -4.35 -44.72 26.33
N PRO A 87 -5.17 -44.86 25.28
CA PRO A 87 -5.59 -46.10 24.67
C PRO A 87 -4.44 -47.04 24.29
N ILE A 88 -3.29 -46.46 23.98
CA ILE A 88 -2.10 -47.27 23.68
C ILE A 88 -1.84 -48.23 24.83
N PHE A 89 -2.01 -47.73 26.04
CA PHE A 89 -1.86 -48.51 27.23
C PHE A 89 -3.18 -49.21 27.67
N THR A 90 -4.31 -48.49 27.72
CA THR A 90 -5.53 -49.08 28.30
C THR A 90 -6.17 -50.11 27.38
N LYS A 91 -5.93 -49.99 26.06
CA LYS A 91 -6.54 -50.82 25.07
C LYS A 91 -5.56 -51.69 24.32
N TYR A 92 -4.36 -51.20 24.06
CA TYR A 92 -3.38 -52.01 23.29
C TYR A 92 -2.30 -52.56 24.20
N GLY A 93 -2.47 -52.39 25.50
CA GLY A 93 -1.55 -52.97 26.49
C GLY A 93 -0.09 -52.46 26.44
N GLY A 94 0.16 -51.31 25.81
CA GLY A 94 1.54 -50.84 25.68
C GLY A 94 2.22 -51.40 24.46
N LYS A 95 1.51 -52.16 23.64
CA LYS A 95 2.17 -52.86 22.52
C LYS A 95 1.97 -52.10 21.21
N THR A 96 3.08 -51.84 20.54
CA THR A 96 3.09 -51.12 19.27
C THR A 96 4.08 -51.78 18.30
N VAL A 97 3.79 -51.67 17.01
CA VAL A 97 4.77 -52.02 16.00
C VAL A 97 5.69 -50.80 15.78
N GLY A 98 6.82 -50.79 16.48
CA GLY A 98 7.73 -49.68 16.62
C GLY A 98 7.77 -49.27 18.06
N LYS A 99 8.95 -48.96 18.58
CA LYS A 99 9.05 -48.56 19.97
C LYS A 99 8.56 -47.16 20.29
N LEU A 100 8.01 -47.01 21.50
CA LEU A 100 7.51 -45.73 21.98
C LEU A 100 8.65 -44.95 22.58
N VAL A 101 8.81 -43.69 22.18
CA VAL A 101 9.90 -42.84 22.67
C VAL A 101 9.26 -41.52 23.16
N VAL A 102 9.19 -41.34 24.47
CA VAL A 102 8.60 -40.15 25.11
C VAL A 102 9.42 -38.93 24.73
N LYS A 103 8.73 -37.88 24.33
CA LYS A 103 9.41 -36.62 23.94
C LYS A 103 8.72 -35.39 24.51
N ASP A 104 9.14 -34.99 25.71
CA ASP A 104 8.45 -33.93 26.45
C ASP A 104 9.18 -32.57 26.36
N ARG A 105 8.75 -31.59 27.14
CA ARG A 105 9.41 -30.30 27.17
C ARG A 105 10.88 -30.38 27.55
N GLY A 106 11.27 -31.35 28.37
CA GLY A 106 12.68 -31.47 28.71
C GLY A 106 13.54 -31.61 27.45
N GLU A 107 13.11 -32.42 26.51
CA GLU A 107 13.88 -32.47 25.27
C GLU A 107 13.55 -31.37 24.26
N GLU A 108 12.28 -31.02 24.12
CA GLU A 108 11.88 -30.03 23.10
C GLU A 108 12.33 -28.60 23.45
N TRP A 109 12.14 -28.14 24.69
CA TRP A 109 12.31 -26.76 25.08
C TRP A 109 13.67 -26.50 25.68
N ILE A 110 14.42 -27.57 25.97
CA ILE A 110 15.76 -27.46 26.65
C ILE A 110 16.92 -27.98 25.83
N GLU A 111 16.80 -29.21 25.38
CA GLU A 111 17.89 -29.94 24.74
C GLU A 111 18.00 -29.59 23.26
N GLU A 112 16.88 -29.25 22.62
CA GLU A 112 16.90 -29.05 21.17
C GLU A 112 17.84 -27.93 20.78
N GLY A 113 18.25 -28.00 19.54
CA GLY A 113 19.12 -27.03 18.96
C GLY A 113 20.47 -26.98 19.61
N ARG A 114 20.86 -28.09 20.20
CA ARG A 114 22.08 -28.14 21.04
C ARG A 114 22.14 -27.07 22.15
N GLY A 115 21.02 -26.83 22.80
CA GLY A 115 20.95 -25.80 23.85
C GLY A 115 21.94 -26.03 25.02
N ASN A 116 22.19 -27.29 25.38
CA ASN A 116 23.14 -27.59 26.47
C ASN A 116 24.58 -27.24 26.00
N ASP A 117 24.88 -27.41 24.72
CA ASP A 117 26.20 -27.00 24.22
C ASP A 117 26.29 -25.48 24.19
N PHE A 118 25.21 -24.82 23.78
CA PHE A 118 25.22 -23.34 23.79
C PHE A 118 25.45 -22.85 25.24
N SER A 119 24.69 -23.43 26.16
CA SER A 119 24.81 -23.06 27.58
C SER A 119 26.25 -23.18 28.10
N LYS A 120 26.93 -24.27 27.76
CA LYS A 120 28.31 -24.52 28.22
C LYS A 120 29.25 -23.54 27.55
N ALA A 121 28.87 -23.00 26.38
CA ALA A 121 29.75 -22.07 25.67
C ALA A 121 29.58 -20.62 26.14
N SER A 122 28.60 -20.37 27.02
CA SER A 122 28.24 -19.06 27.46
C SER A 122 28.79 -18.78 28.84
N LYS A 123 29.05 -17.52 29.15
CA LYS A 123 29.33 -17.12 30.51
C LYS A 123 28.09 -17.00 31.39
N ARG A 124 26.90 -16.96 30.77
CA ARG A 124 25.66 -16.96 31.55
C ARG A 124 25.62 -18.09 32.60
N SER A 125 25.43 -17.72 33.85
CA SER A 125 25.22 -18.72 34.92
C SER A 125 26.45 -19.65 35.01
N GLY A 126 27.64 -19.10 34.73
CA GLY A 126 28.92 -19.83 34.74
C GLY A 126 28.98 -20.99 33.76
N GLY A 127 28.19 -20.96 32.67
CA GLY A 127 28.22 -22.14 31.79
C GLY A 127 27.33 -23.28 32.27
N GLU A 128 26.65 -23.09 33.37
CA GLU A 128 25.93 -24.17 34.01
C GLU A 128 24.44 -24.04 33.86
N GLY A 129 24.00 -23.10 33.02
CA GLY A 129 22.54 -22.89 32.85
C GLY A 129 21.89 -23.72 31.73
N PHE A 130 20.64 -23.37 31.42
CA PHE A 130 19.90 -24.00 30.33
C PHE A 130 19.61 -22.92 29.29
N SER A 131 19.46 -23.35 28.02
CA SER A 131 19.13 -22.47 26.88
C SER A 131 17.99 -23.07 26.00
N SER A 132 16.86 -22.36 25.92
CA SER A 132 15.75 -22.74 25.10
C SER A 132 15.97 -22.12 23.73
N MET A 133 16.45 -22.92 22.78
CA MET A 133 16.89 -22.38 21.53
C MET A 133 15.73 -22.12 20.56
N MET A 134 14.72 -22.96 20.53
CA MET A 134 13.72 -22.87 19.47
C MET A 134 12.28 -23.05 19.91
N TYR A 135 12.04 -23.77 21.02
CA TYR A 135 10.68 -24.05 21.39
C TYR A 135 10.38 -23.60 22.80
N ARG A 136 9.56 -22.55 22.90
CA ARG A 136 9.14 -21.98 24.21
C ARG A 136 7.93 -21.04 24.04
N VAL A 137 7.14 -20.84 25.08
CA VAL A 137 6.00 -19.88 25.02
C VAL A 137 6.37 -18.66 25.79
N ALA A 138 5.55 -17.61 25.66
CA ALA A 138 5.81 -16.33 26.29
C ALA A 138 4.89 -16.06 27.51
N ARG A 139 3.74 -16.72 27.44
CA ARG A 139 2.63 -16.57 28.40
C ARG A 139 2.20 -17.98 28.89
N ASN A 140 1.17 -18.09 29.70
CA ASN A 140 0.76 -19.42 30.17
C ASN A 140 0.57 -20.49 29.09
N SER A 141 1.00 -21.70 29.43
CA SER A 141 0.71 -22.84 28.61
C SER A 141 -0.75 -23.28 28.81
N THR A 142 -1.14 -24.19 27.94
CA THR A 142 -2.45 -24.86 27.93
C THR A 142 -2.70 -25.72 29.19
N LEU A 143 -1.73 -25.77 30.10
CA LEU A 143 -1.89 -26.51 31.38
C LEU A 143 -2.43 -25.60 32.51
N GLN A 144 -2.55 -24.28 32.29
CA GLN A 144 -3.02 -23.38 33.34
C GLN A 144 -4.43 -23.01 33.13
N TYR A 145 -5.25 -23.29 34.14
CA TYR A 145 -6.66 -22.96 34.10
C TYR A 145 -7.00 -22.23 35.41
N PRO A 146 -7.88 -21.22 35.38
CA PRO A 146 -8.54 -20.64 34.20
C PRO A 146 -7.55 -19.78 33.37
N ASN A 147 -7.88 -19.50 32.12
CA ASN A 147 -7.12 -18.52 31.32
C ASN A 147 -8.03 -17.29 31.03
N LYS A 148 -7.48 -16.20 30.46
CA LYS A 148 -8.30 -15.00 30.14
C LYS A 148 -8.62 -14.88 28.65
N PHE A 149 -8.58 -15.99 27.92
CA PHE A 149 -8.85 -15.91 26.49
C PHE A 149 -10.34 -15.74 26.25
N ILE A 150 -10.74 -14.83 25.34
CA ILE A 150 -12.19 -14.65 24.99
C ILE A 150 -12.50 -15.13 23.58
N GLY A 151 -11.46 -15.44 22.82
CA GLY A 151 -11.63 -15.88 21.42
C GLY A 151 -11.63 -14.78 20.38
N PRO A 152 -11.25 -15.15 19.15
CA PRO A 152 -11.00 -14.13 18.16
C PRO A 152 -12.32 -13.45 17.73
N GLU A 153 -13.46 -14.12 17.85
CA GLU A 153 -14.74 -13.54 17.37
C GLU A 153 -15.11 -12.32 18.21
N LYS A 154 -14.69 -12.33 19.47
CA LYS A 154 -14.87 -11.21 20.37
C LYS A 154 -13.92 -10.03 20.08
N CYS A 155 -12.68 -10.32 19.73
CA CYS A 155 -11.81 -9.25 19.24
C CYS A 155 -12.44 -8.69 17.99
N GLY A 156 -12.94 -9.58 17.16
CA GLY A 156 -13.61 -9.23 15.89
C GLY A 156 -14.83 -8.30 16.01
N GLU A 157 -15.52 -8.36 17.16
CA GLU A 157 -16.69 -7.44 17.39
C GLU A 157 -16.28 -5.97 17.31
N CYS A 158 -15.13 -5.61 17.85
CA CYS A 158 -14.67 -4.21 17.72
C CYS A 158 -13.67 -3.97 16.59
N HIS A 159 -13.03 -5.02 16.11
CA HIS A 159 -12.04 -4.89 15.00
C HIS A 159 -12.46 -5.78 13.85
N PRO A 160 -13.63 -5.48 13.26
CA PRO A 160 -14.12 -6.31 12.16
C PRO A 160 -13.19 -6.37 10.94
N ALA A 161 -12.42 -5.31 10.74
CA ALA A 161 -11.52 -5.22 9.56
C ALA A 161 -10.35 -6.25 9.64
N GLN A 162 -9.62 -6.23 10.74
CA GLN A 162 -8.57 -7.19 10.98
C GLN A 162 -9.14 -8.62 11.14
N TYR A 163 -10.32 -8.81 11.75
CA TYR A 163 -10.92 -10.15 11.75
C TYR A 163 -11.06 -10.69 10.35
N GLU A 164 -11.54 -9.86 9.41
CA GLU A 164 -11.75 -10.35 8.03
C GLU A 164 -10.45 -10.80 7.37
N THR A 165 -9.41 -10.00 7.43
CA THR A 165 -8.12 -10.38 6.77
C THR A 165 -7.44 -11.57 7.45
N TRP A 166 -7.38 -11.55 8.77
CA TRP A 166 -6.88 -12.67 9.55
C TRP A 166 -7.61 -13.98 9.25
N SER A 167 -8.94 -13.91 9.18
CA SER A 167 -9.77 -15.14 9.09
C SER A 167 -9.63 -15.79 7.74
N ARG A 168 -9.15 -15.10 6.70
CA ARG A 168 -8.87 -15.74 5.44
C ARG A 168 -7.32 -15.92 5.27
N SER A 169 -6.70 -16.38 6.34
CA SER A 169 -5.31 -16.74 6.37
C SER A 169 -5.09 -18.09 7.00
N ARG A 170 -3.96 -18.69 6.68
CA ARG A 170 -3.59 -19.99 7.26
C ARG A 170 -3.28 -19.94 8.74
N HIS A 171 -3.01 -18.73 9.28
CA HIS A 171 -2.89 -18.60 10.72
C HIS A 171 -4.24 -19.01 11.35
N ALA A 172 -5.36 -18.60 10.72
CA ALA A 172 -6.68 -18.78 11.30
C ALA A 172 -7.19 -20.22 11.25
N THR A 173 -6.78 -20.98 10.27
CA THR A 173 -7.30 -22.29 10.05
C THR A 173 -6.26 -23.40 10.23
N THR A 174 -5.09 -23.11 10.79
CA THR A 174 -4.09 -24.20 10.89
C THR A 174 -4.59 -25.36 11.81
N ILE A 175 -5.40 -25.04 12.82
CA ILE A 175 -6.11 -26.02 13.65
C ILE A 175 -7.59 -26.06 13.25
N ARG A 176 -8.05 -27.22 12.76
CA ARG A 176 -9.43 -27.40 12.42
C ARG A 176 -10.01 -28.78 12.96
N PHE A 177 -11.34 -28.80 13.09
CA PHE A 177 -12.09 -29.94 13.59
C PHE A 177 -12.76 -30.60 12.41
N PRO A 178 -12.99 -31.92 12.50
CA PRO A 178 -13.74 -32.59 11.48
C PRO A 178 -15.01 -31.83 11.23
N GLY A 179 -15.35 -31.73 9.95
CA GLY A 179 -16.47 -30.95 9.47
C GLY A 179 -16.01 -29.60 8.97
N GLU A 180 -14.71 -29.26 9.10
CA GLU A 180 -14.18 -27.96 8.60
C GLU A 180 -13.23 -28.09 7.42
N HIS A 181 -13.44 -29.07 6.55
CA HIS A 181 -12.53 -29.32 5.47
C HIS A 181 -13.21 -29.39 4.10
N PRO A 182 -13.83 -28.26 3.67
CA PRO A 182 -14.57 -28.27 2.40
C PRO A 182 -13.70 -28.56 1.19
N GLU A 183 -12.39 -28.34 1.34
CA GLU A 183 -11.46 -28.56 0.28
C GLU A 183 -11.23 -30.02 -0.06
N VAL A 184 -11.71 -30.92 0.78
CA VAL A 184 -11.76 -32.34 0.44
C VAL A 184 -13.16 -32.92 0.61
N ASN A 185 -14.16 -32.05 0.54
CA ASN A 185 -15.55 -32.40 0.64
C ASN A 185 -15.83 -33.10 1.96
N ASN A 186 -15.10 -32.63 2.97
CA ASN A 186 -15.13 -33.24 4.27
C ASN A 186 -14.99 -34.77 4.27
N LYS A 187 -14.22 -35.32 3.35
CA LYS A 187 -13.86 -36.72 3.35
C LYS A 187 -12.40 -36.87 3.88
N LEU A 188 -12.22 -37.01 5.18
CA LEU A 188 -10.88 -37.19 5.76
C LEU A 188 -10.28 -38.62 5.61
N ASN A 189 -11.08 -39.59 5.14
CA ASN A 189 -10.60 -40.94 5.08
C ASN A 189 -10.54 -41.49 3.67
N ASP A 190 -10.90 -40.70 2.67
CA ASP A 190 -10.78 -41.05 1.25
C ASP A 190 -9.55 -40.37 0.62
N PRO A 191 -9.02 -40.95 -0.48
CA PRO A 191 -7.95 -40.33 -1.23
C PRO A 191 -8.25 -38.88 -1.59
N VAL A 192 -7.27 -38.01 -1.34
CA VAL A 192 -7.42 -36.58 -1.68
C VAL A 192 -7.32 -36.46 -3.18
N PHE A 193 -6.29 -37.06 -3.74
CA PHE A 193 -6.03 -36.90 -5.18
C PHE A 193 -6.33 -38.23 -5.91
N ASP A 194 -5.34 -38.87 -6.55
CA ASP A 194 -5.59 -40.14 -7.25
C ASP A 194 -5.98 -41.27 -6.28
N LYS A 195 -6.76 -42.21 -6.81
CA LYS A 195 -7.38 -43.30 -6.03
C LYS A 195 -6.38 -44.21 -5.35
N ASP A 196 -5.14 -44.24 -5.82
CA ASP A 196 -4.11 -45.03 -5.17
C ASP A 196 -3.19 -44.24 -4.23
N THR A 197 -3.61 -43.01 -3.84
CA THR A 197 -2.73 -42.15 -2.97
C THR A 197 -3.50 -41.86 -1.72
N ALA A 198 -2.85 -41.23 -0.73
CA ALA A 198 -3.39 -41.15 0.65
C ALA A 198 -4.57 -40.23 0.88
N SER A 199 -5.36 -40.65 1.87
CA SER A 199 -6.25 -39.78 2.61
C SER A 199 -5.49 -38.99 3.71
N ILE A 200 -6.14 -37.96 4.23
CA ILE A 200 -5.54 -37.07 5.24
C ILE A 200 -5.27 -37.82 6.54
N LEU A 201 -6.30 -38.53 7.04
CA LEU A 201 -6.19 -39.40 8.19
C LEU A 201 -5.75 -40.81 7.72
N PRO A 202 -4.82 -41.38 8.44
CA PRO A 202 -4.39 -42.71 8.05
C PRO A 202 -5.38 -43.79 8.49
N GLN A 203 -5.19 -44.98 7.91
CA GLN A 203 -6.04 -46.13 8.21
C GLN A 203 -6.15 -46.35 9.73
N GLY A 204 -7.38 -46.63 10.18
CA GLY A 204 -7.63 -46.92 11.59
C GLY A 204 -8.01 -45.68 12.36
N ILE A 205 -7.82 -44.50 11.73
CA ILE A 205 -8.04 -43.24 12.44
C ILE A 205 -9.26 -42.58 11.83
N THR A 206 -10.30 -42.43 12.66
CA THR A 206 -11.56 -41.92 12.20
C THR A 206 -11.83 -40.56 12.83
N PRO A 207 -12.61 -39.70 12.15
CA PRO A 207 -12.85 -38.36 12.70
C PRO A 207 -13.28 -38.31 14.16
N ASP A 208 -14.09 -39.28 14.60
CA ASP A 208 -14.69 -39.20 15.94
C ASP A 208 -13.70 -39.42 17.08
N VAL A 209 -12.53 -39.97 16.78
CA VAL A 209 -11.46 -40.09 17.79
C VAL A 209 -10.34 -39.05 17.56
N VAL A 210 -10.59 -38.08 16.68
CA VAL A 210 -9.65 -37.03 16.38
C VAL A 210 -10.13 -35.70 16.99
N TYR A 211 -9.31 -35.06 17.81
CA TYR A 211 -9.63 -33.70 18.29
C TYR A 211 -9.51 -32.69 17.12
N CYS A 212 -8.41 -32.76 16.38
CA CYS A 212 -8.20 -31.84 15.28
C CYS A 212 -7.20 -32.31 14.24
N THR A 213 -7.28 -31.69 13.07
CA THR A 213 -6.22 -31.72 12.11
C THR A 213 -5.34 -30.48 12.33
N VAL A 214 -4.05 -30.64 12.00
CA VAL A 214 -3.13 -29.50 11.86
C VAL A 214 -2.75 -29.37 10.38
N GLY A 215 -2.66 -28.15 9.83
CA GLY A 215 -2.26 -27.91 8.46
C GLY A 215 -3.32 -27.65 7.38
N HIS A 216 -2.87 -27.78 6.15
CA HIS A 216 -3.61 -27.41 4.95
C HIS A 216 -3.14 -28.22 3.78
N ILE A 217 -3.91 -28.16 2.70
CA ILE A 217 -3.55 -28.73 1.43
C ILE A 217 -2.20 -28.20 0.90
N ARG A 218 -1.90 -26.95 1.25
CA ARG A 218 -0.64 -26.23 0.89
C ARG A 218 0.58 -27.13 0.95
N THR A 219 0.81 -27.77 2.10
CA THR A 219 1.98 -28.60 2.29
C THR A 219 1.64 -29.99 2.85
N LYS A 220 0.98 -30.03 4.01
CA LYS A 220 0.85 -31.30 4.71
C LYS A 220 -0.22 -31.16 5.78
N PHE A 221 -0.67 -32.32 6.33
CA PHE A 221 -1.56 -32.38 7.48
C PHE A 221 -0.94 -33.29 8.52
N GLY A 222 -1.40 -33.13 9.76
CA GLY A 222 -1.18 -34.14 10.80
C GLY A 222 -2.47 -34.15 11.63
N PHE A 223 -2.53 -34.99 12.66
CA PHE A 223 -3.73 -35.06 13.54
C PHE A 223 -3.32 -35.24 14.99
N PHE A 224 -4.22 -34.78 15.85
CA PHE A 224 -4.20 -35.11 17.28
C PHE A 224 -5.44 -35.94 17.61
N ASP A 225 -5.19 -36.97 18.43
CA ASP A 225 -6.25 -37.87 18.86
C ASP A 225 -7.01 -37.22 20.01
N ALA A 226 -8.11 -37.85 20.42
CA ALA A 226 -8.97 -37.23 21.42
C ALA A 226 -8.35 -37.14 22.77
N TRP A 227 -7.19 -37.77 22.94
CA TRP A 227 -6.39 -37.70 24.20
C TRP A 227 -5.33 -36.55 24.14
N LEU A 228 -5.38 -35.74 23.07
CA LEU A 228 -4.36 -34.69 22.75
C LEU A 228 -2.94 -35.22 22.65
N LEU A 229 -2.83 -36.45 22.17
CA LEU A 229 -1.53 -36.99 21.83
C LEU A 229 -1.30 -36.76 20.34
N ARG A 230 -0.09 -36.39 20.02
CA ARG A 230 0.29 -36.19 18.61
C ARG A 230 0.17 -37.51 17.83
N GLY A 231 -0.39 -37.41 16.60
CA GLY A 231 -0.68 -38.53 15.74
C GLY A 231 0.56 -39.00 15.02
N THR A 232 1.33 -39.85 15.70
CA THR A 232 2.55 -40.38 15.10
C THR A 232 2.41 -41.85 14.70
N TYR A 233 1.17 -42.30 14.51
CA TYR A 233 0.89 -43.74 14.33
C TYR A 233 -0.39 -43.84 13.55
N HIS A 234 -0.62 -45.04 13.04
CA HIS A 234 -1.88 -45.48 12.51
C HIS A 234 -2.30 -46.85 13.10
N VAL A 235 -3.39 -47.43 12.60
CA VAL A 235 -3.89 -48.72 13.12
C VAL A 235 -4.14 -49.63 11.94
N GLU A 236 -3.40 -50.72 11.87
CA GLU A 236 -3.54 -51.74 10.84
C GLU A 236 -4.51 -52.82 11.38
N GLY A 237 -5.44 -53.26 10.52
CA GLY A 237 -6.40 -54.37 10.78
C GLY A 237 -7.41 -54.05 11.84
N GLY A 238 -7.90 -52.80 11.86
CA GLY A 238 -8.77 -52.35 12.95
C GLY A 238 -8.94 -50.83 13.04
N LEU A 239 -9.58 -50.37 14.10
CA LEU A 239 -9.90 -48.96 14.23
C LEU A 239 -9.50 -48.61 15.65
N LEU A 240 -8.75 -47.51 15.80
CA LEU A 240 -8.41 -46.96 17.13
C LEU A 240 -9.64 -46.85 18.05
N LYS A 241 -10.77 -46.37 17.50
CA LYS A 241 -11.94 -46.11 18.38
C LYS A 241 -12.46 -47.39 19.06
N ASN A 242 -12.25 -48.54 18.40
CA ASN A 242 -12.63 -49.87 18.92
C ASN A 242 -11.56 -50.62 19.68
N GLY A 243 -10.34 -50.08 19.77
CA GLY A 243 -9.16 -50.83 20.27
C GLY A 243 -8.88 -52.07 19.45
N THR A 244 -9.29 -52.13 18.19
CA THR A 244 -8.96 -53.24 17.39
C THR A 244 -7.68 -53.02 16.59
N GLY A 245 -7.12 -54.13 16.10
CA GLY A 245 -5.95 -54.13 15.27
C GLY A 245 -4.69 -53.91 16.08
N GLN A 246 -3.68 -53.37 15.40
CA GLN A 246 -2.38 -53.06 16.05
C GLN A 246 -1.96 -51.57 15.83
N ILE A 247 -1.39 -50.95 16.86
CA ILE A 247 -0.80 -49.61 16.71
C ILE A 247 0.50 -49.81 15.90
N VAL A 248 0.59 -49.08 14.79
CA VAL A 248 1.78 -49.09 13.97
C VAL A 248 2.41 -47.68 13.89
N ALA A 249 3.71 -47.64 14.19
CA ALA A 249 4.53 -46.42 14.07
C ALA A 249 4.57 -45.86 12.67
N GLY A 250 4.31 -44.56 12.56
CA GLY A 250 4.56 -43.86 11.28
C GLY A 250 3.33 -43.87 10.40
N GLY A 251 3.52 -43.67 9.12
CA GLY A 251 2.40 -43.76 8.22
C GLY A 251 1.37 -42.70 8.57
N ASN A 252 1.85 -41.54 9.06
CA ASN A 252 0.96 -40.65 9.86
C ASN A 252 0.74 -39.20 9.38
N GLN A 253 1.59 -38.74 8.46
CA GLN A 253 1.58 -37.37 7.98
C GLN A 253 1.24 -37.32 6.50
N TRP A 254 0.13 -36.69 6.17
CA TRP A 254 -0.31 -36.59 4.79
C TRP A 254 0.57 -35.50 4.13
N GLN A 255 1.11 -35.78 2.97
CA GLN A 255 2.01 -34.84 2.30
C GLN A 255 1.50 -34.55 0.91
N ARG A 256 1.25 -33.28 0.62
CA ARG A 256 0.68 -32.87 -0.67
C ARG A 256 1.59 -33.22 -1.82
N THR A 257 2.86 -32.88 -1.67
CA THR A 257 3.79 -33.07 -2.76
C THR A 257 3.99 -34.56 -3.13
N TRP A 258 4.22 -35.42 -2.15
CA TRP A 258 4.25 -36.86 -2.39
C TRP A 258 2.91 -37.38 -3.02
N ALA A 259 1.76 -36.93 -2.52
CA ALA A 259 0.44 -37.39 -3.03
C ALA A 259 0.11 -36.94 -4.43
N LEU A 260 0.44 -35.68 -4.71
CA LEU A 260 0.03 -35.05 -5.97
C LEU A 260 1.10 -35.03 -7.00
N ASN A 261 2.27 -34.50 -6.66
CA ASN A 261 3.29 -34.18 -7.68
C ASN A 261 4.33 -35.25 -7.94
N LEU A 262 4.66 -36.03 -6.91
CA LEU A 262 5.78 -36.94 -6.99
C LEU A 262 5.36 -38.39 -7.28
N SER A 263 4.84 -38.60 -8.46
CA SER A 263 4.36 -39.89 -8.89
C SER A 263 5.56 -40.76 -9.24
N PRO A 264 5.37 -42.09 -9.37
CA PRO A 264 6.54 -42.91 -9.78
C PRO A 264 7.17 -42.46 -11.11
N GLU A 265 6.36 -41.95 -12.04
CA GLU A 265 6.85 -41.38 -13.30
C GLU A 265 7.77 -40.16 -13.06
N VAL A 266 7.33 -39.21 -12.21
CA VAL A 266 8.18 -38.07 -11.86
C VAL A 266 9.44 -38.54 -11.09
N ALA A 267 9.25 -39.45 -10.16
CA ALA A 267 10.35 -39.99 -9.40
C ALA A 267 11.40 -40.65 -10.33
N LYS A 268 10.91 -41.35 -11.38
CA LYS A 268 11.81 -41.99 -12.35
C LYS A 268 12.60 -40.98 -13.13
N LYS A 269 11.92 -39.96 -13.62
CA LYS A 269 12.60 -38.80 -14.20
C LYS A 269 13.73 -38.23 -13.31
N ILE A 270 13.50 -38.11 -11.99
CA ILE A 270 14.55 -37.58 -11.10
C ILE A 270 15.73 -38.54 -10.99
N LYS A 271 15.41 -39.83 -10.86
CA LYS A 271 16.38 -40.94 -10.74
C LYS A 271 17.42 -40.97 -11.88
N LYS A 272 16.94 -40.60 -13.06
CA LYS A 272 17.77 -40.37 -14.25
C LYS A 272 18.93 -39.39 -13.95
N TRP A 273 18.67 -38.32 -13.18
CA TRP A 273 19.73 -37.38 -12.82
C TRP A 273 20.37 -37.80 -11.50
N VAL A 274 19.55 -38.31 -10.59
CA VAL A 274 19.98 -38.56 -9.23
C VAL A 274 19.74 -40.07 -8.95
N PRO A 275 20.77 -40.91 -9.10
CA PRO A 275 20.48 -42.36 -9.23
C PRO A 275 19.93 -43.07 -7.98
N ASP A 276 20.27 -42.55 -6.79
CA ASP A 276 19.71 -43.07 -5.56
C ASP A 276 18.33 -42.51 -5.25
N PHE A 277 17.71 -41.78 -6.17
CA PHE A 277 16.40 -41.25 -5.85
C PHE A 277 15.36 -42.41 -5.74
N PRO A 278 14.56 -42.42 -4.67
CA PRO A 278 13.61 -43.49 -4.47
C PRO A 278 12.38 -43.43 -5.40
N VAL A 279 11.99 -44.59 -5.92
CA VAL A 279 10.85 -44.70 -6.82
C VAL A 279 9.75 -45.60 -6.21
N THR A 280 10.11 -46.79 -5.72
CA THR A 280 9.07 -47.66 -5.19
C THR A 280 8.82 -47.29 -3.77
N LEU A 281 7.66 -47.66 -3.25
CA LEU A 281 7.30 -47.26 -1.88
C LEU A 281 8.28 -47.75 -0.85
N GLU A 282 8.80 -48.95 -1.04
CA GLU A 282 9.83 -49.53 -0.18
C GLU A 282 11.19 -48.80 -0.22
N GLU A 283 11.52 -48.19 -1.34
CA GLU A 283 12.69 -47.35 -1.43
C GLU A 283 12.55 -46.13 -0.53
N TYR A 284 11.33 -45.73 -0.20
CA TYR A 284 11.14 -44.61 0.73
C TYR A 284 11.45 -45.03 2.17
N GLY A 285 11.55 -46.35 2.39
CA GLY A 285 12.06 -46.87 3.67
C GLY A 285 11.34 -46.39 4.91
N ASP A 286 12.11 -46.14 5.97
CA ASP A 286 11.63 -45.71 7.25
C ASP A 286 10.78 -44.44 7.15
N ASN A 287 11.06 -43.61 6.15
CA ASN A 287 10.40 -42.30 5.99
C ASN A 287 9.03 -42.47 5.41
N GLY A 288 8.79 -43.64 4.81
CA GLY A 288 7.56 -43.86 4.07
C GLY A 288 6.46 -44.45 4.94
N GLY A 289 5.76 -45.45 4.37
CA GLY A 289 4.57 -46.07 5.01
C GLY A 289 3.87 -47.06 4.06
N TYR A 290 2.56 -47.16 4.14
CA TYR A 290 1.86 -48.21 3.39
C TYR A 290 1.21 -47.66 2.14
N VAL A 291 1.08 -46.33 2.01
CA VAL A 291 0.54 -45.73 0.76
C VAL A 291 1.23 -44.42 0.45
N ARG A 292 1.46 -44.13 -0.83
CA ARG A 292 1.96 -42.82 -1.30
C ARG A 292 1.13 -41.64 -0.79
N GLY A 293 1.77 -40.77 -0.01
CA GLY A 293 1.10 -39.59 0.47
C GLY A 293 0.97 -39.60 1.96
N LEU A 294 1.20 -40.76 2.60
CA LEU A 294 1.29 -40.84 4.07
C LEU A 294 2.65 -41.30 4.55
N ALA A 295 3.46 -40.32 5.00
CA ALA A 295 4.82 -40.59 5.37
C ALA A 295 4.94 -40.60 6.86
N SER A 296 6.11 -41.01 7.33
CA SER A 296 6.35 -41.07 8.73
C SER A 296 7.05 -39.77 9.16
N TYR A 297 6.53 -39.15 10.20
CA TYR A 297 7.07 -37.90 10.77
C TYR A 297 6.94 -37.97 12.28
N ALA A 298 8.07 -37.70 12.95
CA ALA A 298 8.29 -37.97 14.35
C ALA A 298 8.03 -39.49 14.62
N ALA A 299 8.42 -40.28 13.65
CA ALA A 299 8.31 -41.73 13.67
C ALA A 299 9.09 -42.26 12.48
N LYS A 300 9.42 -43.54 12.56
CA LYS A 300 10.00 -44.29 11.43
C LYS A 300 9.14 -45.51 11.27
N TYR A 301 8.62 -45.68 10.06
CA TYR A 301 7.60 -46.67 9.74
C TYR A 301 7.91 -48.03 10.34
N LYS A 302 7.07 -48.45 11.30
CA LYS A 302 7.16 -49.75 12.01
C LYS A 302 8.34 -49.89 12.93
N LYS A 303 9.06 -48.80 13.22
CA LYS A 303 10.30 -48.93 14.01
C LYS A 303 10.35 -48.10 15.27
N SER A 304 9.76 -46.90 15.23
CA SER A 304 9.79 -46.07 16.40
C SER A 304 8.82 -44.95 16.19
N MET A 305 8.27 -44.44 17.27
CA MET A 305 7.29 -43.37 17.18
C MET A 305 7.39 -42.53 18.43
N SER A 306 7.32 -41.20 18.29
CA SER A 306 7.27 -40.32 19.45
C SER A 306 5.96 -40.44 20.20
N PHE A 307 6.08 -40.41 21.51
CA PHE A 307 4.96 -40.36 22.39
C PHE A 307 4.96 -38.96 22.99
N GLN A 308 4.06 -38.10 22.54
CA GLN A 308 4.12 -36.69 22.92
C GLN A 308 2.76 -36.02 23.01
N ALA A 309 2.54 -35.39 24.14
CA ALA A 309 1.36 -34.57 24.34
C ALA A 309 1.48 -33.28 23.48
N SER A 310 0.35 -32.72 23.18
CA SER A 310 0.31 -31.40 22.58
C SER A 310 1.10 -30.35 23.37
N THR A 311 1.08 -30.48 24.69
CA THR A 311 1.76 -29.53 25.57
C THR A 311 3.25 -29.42 25.36
N SER A 312 3.84 -30.46 24.79
CA SER A 312 5.33 -30.50 24.76
C SER A 312 5.89 -29.68 23.60
N TYR A 313 5.07 -29.38 22.60
CA TYR A 313 5.64 -29.00 21.34
C TYR A 313 4.67 -28.20 20.48
N CYS A 314 3.58 -28.83 20.08
CA CYS A 314 2.64 -28.17 19.18
C CYS A 314 1.99 -26.95 19.74
N GLU A 315 1.81 -26.88 21.04
CA GLU A 315 1.12 -25.70 21.59
C GLU A 315 1.99 -24.46 21.46
N VAL A 316 3.30 -24.63 21.22
CA VAL A 316 4.13 -23.48 20.96
C VAL A 316 3.57 -22.76 19.67
N CYS A 317 3.31 -23.50 18.60
CA CYS A 317 3.14 -22.81 17.29
C CYS A 317 1.87 -23.05 16.55
N HIS A 318 1.22 -24.20 16.76
CA HIS A 318 -0.12 -24.44 16.23
C HIS A 318 -1.07 -24.66 17.46
N PRO A 319 -1.37 -23.59 18.17
CA PRO A 319 -1.99 -23.74 19.46
C PRO A 319 -3.51 -23.82 19.43
N TRP A 320 -4.05 -24.07 20.62
CA TRP A 320 -5.49 -23.92 20.91
C TRP A 320 -5.61 -23.56 22.40
N LYS A 321 -6.76 -23.02 22.79
CA LYS A 321 -7.03 -22.72 24.18
C LYS A 321 -8.46 -23.19 24.51
N PHE A 322 -8.59 -23.74 25.72
CA PHE A 322 -9.90 -24.24 26.18
C PHE A 322 -10.45 -23.24 27.21
N ASP A 323 -11.76 -23.26 27.43
CA ASP A 323 -12.41 -22.37 28.40
C ASP A 323 -12.55 -22.92 29.79
N PHE A 324 -12.05 -24.09 30.08
CA PHE A 324 -12.27 -24.68 31.42
C PHE A 324 -11.93 -23.76 32.58
N LYS A 325 -12.71 -23.91 33.65
CA LYS A 325 -12.56 -23.07 34.86
C LYS A 325 -11.44 -23.58 35.72
N ASN A 326 -11.11 -24.88 35.60
CA ASN A 326 -9.96 -25.42 36.31
C ASN A 326 -9.44 -26.69 35.66
N GLU A 327 -8.32 -27.23 36.16
CA GLU A 327 -7.72 -28.43 35.57
C GLU A 327 -8.56 -29.73 35.65
N SER A 328 -9.41 -29.87 36.68
CA SER A 328 -10.25 -31.07 36.79
C SER A 328 -11.26 -31.19 35.65
N GLU A 329 -11.83 -30.06 35.24
CA GLU A 329 -12.73 -30.10 34.12
C GLU A 329 -11.92 -30.48 32.89
N PHE A 330 -10.68 -30.00 32.80
CA PHE A 330 -9.87 -30.30 31.64
C PHE A 330 -9.55 -31.79 31.52
N TYR A 331 -9.00 -32.37 32.60
CA TYR A 331 -8.76 -33.82 32.64
C TYR A 331 -10.00 -34.67 32.48
N ALA A 332 -11.15 -34.20 32.99
CA ALA A 332 -12.38 -34.94 32.79
C ALA A 332 -12.83 -34.96 31.31
N ALA A 333 -12.55 -33.90 30.54
CA ALA A 333 -12.90 -33.87 29.11
C ALA A 333 -11.92 -34.65 28.22
N LEU A 334 -10.68 -34.82 28.69
CA LEU A 334 -9.70 -35.46 27.84
C LEU A 334 -10.11 -36.84 27.45
N GLY A 335 -9.90 -37.22 26.19
CA GLY A 335 -10.37 -38.45 25.70
C GLY A 335 -11.71 -38.32 25.05
N ASN A 336 -12.34 -37.15 25.16
CA ASN A 336 -13.61 -36.90 24.50
C ASN A 336 -13.46 -35.69 23.55
N ALA A 337 -13.29 -36.03 22.27
CA ALA A 337 -13.08 -35.08 21.16
C ALA A 337 -14.15 -34.03 21.17
N LYS A 338 -15.42 -34.45 21.22
CA LYS A 338 -16.57 -33.53 21.20
C LYS A 338 -16.65 -32.58 22.36
N GLU A 339 -16.32 -33.07 23.54
CA GLU A 339 -16.31 -32.25 24.71
C GLU A 339 -15.17 -31.18 24.60
N LEU A 340 -13.99 -31.63 24.14
CA LEU A 340 -12.86 -30.75 24.02
C LEU A 340 -13.24 -29.66 23.01
N GLN A 341 -13.75 -30.07 21.85
CA GLN A 341 -14.12 -29.18 20.81
C GLN A 341 -15.09 -28.14 21.29
N LYS A 342 -16.14 -28.58 21.97
CA LYS A 342 -17.13 -27.66 22.53
C LYS A 342 -16.48 -26.65 23.45
N HIS A 343 -15.47 -27.03 24.22
CA HIS A 343 -14.88 -26.11 25.16
C HIS A 343 -13.62 -25.38 24.59
N THR A 344 -13.43 -25.45 23.28
CA THR A 344 -12.31 -24.77 22.64
C THR A 344 -12.70 -23.31 22.39
N ILE A 345 -12.01 -22.38 23.01
CA ILE A 345 -12.30 -20.95 22.83
C ILE A 345 -11.40 -20.21 21.78
N SER A 346 -10.23 -20.79 21.50
CA SER A 346 -9.27 -20.32 20.49
C SER A 346 -8.64 -21.52 19.77
N LYS A 347 -8.58 -21.41 18.43
CA LYS A 347 -7.95 -22.33 17.56
C LYS A 347 -6.89 -21.61 16.75
N GLY A 348 -5.77 -22.30 16.58
CA GLY A 348 -4.63 -21.83 15.77
C GLY A 348 -4.04 -20.51 16.21
N VAL A 349 -3.47 -19.78 15.24
CA VAL A 349 -2.67 -18.56 15.56
C VAL A 349 -3.69 -17.40 15.50
N SER A 350 -4.47 -17.31 16.57
CA SER A 350 -5.62 -16.35 16.63
C SER A 350 -5.09 -15.02 17.19
N CYS A 351 -5.95 -14.00 17.22
CA CYS A 351 -5.60 -12.67 17.64
C CYS A 351 -4.82 -12.69 18.94
N GLU A 352 -5.35 -13.41 19.93
CA GLU A 352 -4.76 -13.50 21.25
C GLU A 352 -3.50 -14.28 21.40
N GLU A 353 -3.22 -15.16 20.48
CA GLU A 353 -1.93 -15.84 20.47
C GLU A 353 -0.73 -14.86 20.18
N CYS A 354 -0.98 -13.87 19.33
CA CYS A 354 -0.01 -12.79 19.07
C CYS A 354 -0.16 -11.59 20.01
N HIS A 355 -1.42 -11.28 20.37
CA HIS A 355 -1.70 -10.06 21.17
C HIS A 355 -1.95 -10.20 22.66
N GLY A 356 -1.97 -11.43 23.17
CA GLY A 356 -2.20 -11.65 24.61
C GLY A 356 -3.68 -11.97 24.90
N ALA A 357 -3.91 -12.87 25.86
CA ALA A 357 -5.24 -13.22 26.31
C ALA A 357 -6.01 -11.98 26.75
N GLY A 358 -7.11 -11.73 26.12
CA GLY A 358 -7.91 -10.57 26.48
C GLY A 358 -7.38 -9.25 25.95
N GLY A 359 -6.27 -9.29 25.18
CA GLY A 359 -5.64 -8.06 24.71
C GLY A 359 -5.46 -6.98 25.74
N HIS A 360 -5.91 -5.77 25.37
CA HIS A 360 -5.91 -4.60 26.23
C HIS A 360 -7.17 -4.45 27.09
N LEU A 361 -8.08 -5.42 27.04
CA LEU A 361 -9.37 -5.22 27.73
C LEU A 361 -9.24 -5.29 29.22
N GLU A 362 -10.13 -4.64 29.94
CA GLU A 362 -10.17 -4.78 31.42
C GLU A 362 -10.41 -6.25 31.83
N GLY A 363 -9.54 -6.69 32.70
CA GLY A 363 -9.45 -8.05 33.18
C GLY A 363 -8.62 -8.94 32.27
N GLY A 364 -8.20 -8.43 31.13
CA GLY A 364 -7.30 -9.15 30.24
C GLY A 364 -5.89 -9.30 30.83
N SER A 365 -5.01 -10.02 30.16
CA SER A 365 -3.63 -10.23 30.70
C SER A 365 -2.58 -9.21 30.21
N GLY A 366 -2.97 -8.26 29.35
CA GLY A 366 -2.08 -7.20 28.86
C GLY A 366 -1.75 -7.37 27.39
N LEU A 367 -1.82 -6.29 26.65
CA LEU A 367 -1.57 -6.32 25.24
C LEU A 367 -0.10 -6.62 24.84
N LEU A 368 0.10 -7.49 23.84
CA LEU A 368 1.40 -7.75 23.22
C LEU A 368 1.36 -7.46 21.73
N ILE A 369 2.51 -7.16 21.13
CA ILE A 369 2.63 -7.04 19.70
C ILE A 369 3.70 -8.07 19.32
N SER A 370 3.31 -9.16 18.69
CA SER A 370 4.26 -10.24 18.42
C SER A 370 5.40 -9.78 17.44
N ASN A 371 6.64 -10.12 17.83
CA ASN A 371 7.74 -10.07 16.87
C ASN A 371 7.95 -11.41 16.11
N CYS A 372 7.02 -12.36 16.24
CA CYS A 372 7.01 -13.62 15.47
C CYS A 372 8.05 -14.70 15.91
N GLU A 373 8.94 -14.35 16.82
CA GLU A 373 10.02 -15.31 17.13
C GLU A 373 9.60 -16.56 17.88
N ARG A 374 8.39 -16.53 18.46
CA ARG A 374 7.84 -17.70 19.10
C ARG A 374 7.77 -18.88 18.10
N CYS A 375 7.33 -18.57 16.89
CA CYS A 375 6.96 -19.60 15.94
C CYS A 375 7.76 -19.61 14.64
N HIS A 376 8.49 -18.53 14.35
CA HIS A 376 9.19 -18.41 13.07
C HIS A 376 10.73 -18.22 13.19
N GLN A 377 11.27 -18.28 14.39
CA GLN A 377 12.70 -18.13 14.61
C GLN A 377 13.50 -19.44 14.45
N ARG A 378 13.33 -20.34 15.42
CA ARG A 378 13.92 -21.67 15.35
C ARG A 378 15.44 -21.62 15.28
N PHE A 379 16.04 -20.88 16.17
CA PHE A 379 17.53 -20.90 16.34
C PHE A 379 18.05 -22.29 16.69
N SER A 380 19.27 -22.62 16.26
CA SER A 380 19.90 -23.93 16.54
C SER A 380 21.43 -23.72 16.58
N TYR A 381 22.08 -24.11 17.68
CA TYR A 381 23.51 -23.81 17.85
C TYR A 381 24.36 -24.77 17.03
N SER A 382 25.33 -24.23 16.29
CA SER A 382 26.24 -25.07 15.48
C SER A 382 27.65 -25.00 16.02
N PRO A 383 28.08 -26.06 16.70
CA PRO A 383 29.47 -26.15 17.17
C PRO A 383 30.51 -25.95 16.05
N ASP A 384 30.18 -26.44 14.84
CA ASP A 384 31.05 -26.23 13.67
C ASP A 384 31.25 -24.74 13.34
N LEU A 385 30.16 -23.95 13.38
CA LEU A 385 30.30 -22.49 13.09
C LEU A 385 31.16 -21.79 14.11
N MET A 386 31.16 -22.30 15.33
CA MET A 386 32.00 -21.69 16.37
C MET A 386 33.49 -22.03 16.11
N ARG A 387 33.71 -23.34 15.97
CA ARG A 387 35.04 -23.93 15.81
C ARG A 387 35.69 -23.37 14.55
N ASN A 388 34.95 -23.35 13.43
CA ASN A 388 35.45 -22.85 12.12
C ASN A 388 35.84 -21.40 12.10
N ASN A 389 35.37 -20.58 13.04
CA ASN A 389 35.71 -19.15 13.03
C ASN A 389 36.19 -18.64 14.42
N PRO A 390 37.52 -18.68 14.66
CA PRO A 390 38.14 -18.30 15.94
C PRO A 390 37.82 -16.85 16.34
N LEU A 391 37.42 -15.99 15.40
CA LEU A 391 36.85 -14.70 15.79
C LEU A 391 35.58 -14.79 16.68
N ASN A 392 34.83 -15.88 16.56
CA ASN A 392 33.62 -16.07 17.32
C ASN A 392 33.85 -16.52 18.77
N ALA A 393 35.10 -16.58 19.21
CA ALA A 393 35.36 -17.19 20.54
C ALA A 393 34.69 -16.37 21.64
N GLY A 394 34.05 -17.00 22.62
CA GLY A 394 33.29 -16.32 23.68
C GLY A 394 31.95 -15.65 23.21
N LYS A 395 31.57 -15.83 21.94
CA LYS A 395 30.36 -15.27 21.33
C LYS A 395 29.54 -16.34 20.61
N PRO A 396 28.91 -17.23 21.37
CA PRO A 396 28.17 -18.36 20.84
C PRO A 396 26.94 -17.95 20.05
N ASP A 397 26.41 -16.75 20.28
CA ASP A 397 25.32 -16.20 19.41
C ASP A 397 25.75 -16.17 17.92
N LEU A 398 27.04 -15.96 17.69
CA LEU A 398 27.55 -15.83 16.34
C LEU A 398 27.69 -17.17 15.65
N ALA A 399 27.59 -18.29 16.39
CA ALA A 399 27.59 -19.64 15.78
C ALA A 399 26.19 -20.20 15.73
N LEU A 400 25.17 -19.33 15.87
CA LEU A 400 23.78 -19.77 15.71
C LEU A 400 23.43 -20.05 14.25
N SER A 401 22.61 -21.08 14.05
CA SER A 401 22.10 -21.43 12.79
C SER A 401 20.56 -21.57 12.97
N SER A 402 19.94 -22.28 12.06
CA SER A 402 18.52 -22.52 12.05
C SER A 402 18.32 -24.01 12.33
N LYS A 403 17.15 -24.35 12.89
CA LYS A 403 16.74 -25.75 13.00
C LYS A 403 16.75 -26.35 11.61
N PHE A 404 17.41 -27.51 11.46
CA PHE A 404 17.31 -28.29 10.19
C PHE A 404 16.43 -29.52 10.41
N LYS A 405 15.57 -29.79 9.45
CA LYS A 405 14.85 -31.06 9.38
C LYS A 405 15.69 -31.92 8.45
N SER A 406 16.51 -32.78 9.07
CA SER A 406 17.59 -33.48 8.45
C SER A 406 18.62 -32.54 7.74
N MET A 407 18.59 -32.50 6.40
CA MET A 407 19.60 -31.81 5.63
C MET A 407 19.08 -30.48 5.06
N GLY A 408 17.85 -30.12 5.40
CA GLY A 408 17.27 -28.88 4.96
C GLY A 408 16.84 -27.96 6.07
N PRO A 409 16.97 -26.64 5.86
CA PRO A 409 16.51 -25.76 6.92
C PRO A 409 15.01 -25.92 7.10
N GLY A 410 14.57 -25.90 8.34
CA GLY A 410 13.19 -26.21 8.64
C GLY A 410 12.25 -25.06 8.33
N CYS A 411 10.96 -25.38 8.14
N CYS A 411 10.98 -25.38 8.14
CA CYS A 411 9.95 -24.36 8.08
CA CYS A 411 9.95 -24.39 8.11
C CYS A 411 9.97 -23.63 9.40
C CYS A 411 9.95 -23.64 9.41
N GLY A 412 9.39 -22.43 9.40
CA GLY A 412 9.40 -21.59 10.60
C GLY A 412 10.79 -21.25 11.14
N SER A 413 11.75 -21.07 10.25
CA SER A 413 13.07 -20.66 10.65
C SER A 413 13.44 -19.37 9.93
N GLU A 414 12.41 -18.65 9.49
CA GLU A 414 12.65 -17.43 8.71
C GLU A 414 13.40 -16.42 9.58
N GLY A 415 13.10 -16.38 10.90
CA GLY A 415 13.80 -15.45 11.80
C GLY A 415 15.29 -15.73 12.08
N SER A 416 15.65 -17.00 12.30
CA SER A 416 17.06 -17.37 12.51
C SER A 416 17.86 -17.21 11.20
N GLN A 417 17.19 -17.42 10.07
CA GLN A 417 17.84 -17.09 8.79
C GLN A 417 18.08 -15.57 8.64
N THR A 418 17.04 -14.75 8.84
CA THR A 418 17.14 -13.32 8.68
C THR A 418 18.10 -12.67 9.70
N TYR A 419 18.27 -13.29 10.83
CA TYR A 419 19.20 -12.82 11.83
C TYR A 419 20.59 -12.59 11.28
N PHE A 420 21.03 -13.40 10.32
CA PHE A 420 22.37 -13.27 9.77
C PHE A 420 22.30 -12.73 8.33
N THR A 421 21.56 -11.65 8.15
CA THR A 421 21.46 -11.00 6.87
C THR A 421 21.74 -9.51 7.07
N ALA A 422 22.14 -8.82 5.99
CA ALA A 422 22.25 -7.39 6.01
C ALA A 422 20.90 -6.71 6.36
N HIS A 423 19.77 -7.25 5.89
CA HIS A 423 18.49 -6.64 6.22
C HIS A 423 18.29 -6.51 7.75
N TYR A 424 18.55 -7.61 8.47
CA TYR A 424 18.43 -7.62 9.90
C TYR A 424 19.42 -6.63 10.54
N GLU A 425 20.66 -6.60 10.08
CA GLU A 425 21.69 -5.68 10.64
C GLU A 425 21.17 -4.26 10.47
N LYS A 426 20.41 -4.03 9.39
CA LYS A 426 19.92 -2.66 9.13
C LYS A 426 18.62 -2.33 9.85
N GLY A 427 18.17 -3.18 10.74
CA GLY A 427 16.99 -2.90 11.53
C GLY A 427 15.72 -3.43 10.97
N MET A 428 15.81 -4.22 9.91
CA MET A 428 14.60 -4.70 9.28
C MET A 428 14.16 -5.95 10.05
N ARG A 429 12.83 -6.11 10.16
CA ARG A 429 12.21 -7.22 10.92
C ARG A 429 11.02 -7.73 10.07
N CYS A 430 10.36 -8.80 10.49
CA CYS A 430 9.23 -9.34 9.68
C CYS A 430 8.28 -8.25 9.33
N ALA A 431 7.96 -7.45 10.34
CA ALA A 431 6.92 -6.41 10.20
C ALA A 431 7.31 -5.25 9.26
N THR A 432 8.60 -5.10 8.98
CA THR A 432 9.07 -4.13 7.98
C THR A 432 8.45 -4.47 6.59
N CYS A 433 8.48 -5.72 6.22
CA CYS A 433 7.94 -6.12 4.90
C CYS A 433 6.51 -6.67 4.96
N HIS A 434 6.11 -7.33 6.08
CA HIS A 434 4.85 -8.09 6.08
C HIS A 434 3.71 -7.42 6.79
N ASP A 435 2.52 -7.53 6.18
CA ASP A 435 1.26 -7.34 6.92
C ASP A 435 1.12 -8.52 7.90
N PRO A 436 0.87 -8.27 9.17
CA PRO A 436 0.80 -9.43 10.13
C PRO A 436 -0.58 -10.18 10.16
N HIS A 437 -1.57 -9.63 9.46
CA HIS A 437 -2.92 -10.19 9.43
C HIS A 437 -3.22 -11.00 8.15
N ASP A 438 -3.01 -10.36 7.00
CA ASP A 438 -3.32 -10.92 5.68
C ASP A 438 -2.11 -11.70 5.17
N VAL A 439 -1.76 -12.75 5.90
CA VAL A 439 -0.53 -13.47 5.66
C VAL A 439 -0.60 -14.50 4.55
N THR A 440 -1.80 -14.75 3.99
CA THR A 440 -1.95 -15.78 2.98
C THR A 440 -2.20 -15.24 1.55
N GLY A 441 -3.04 -14.23 1.45
CA GLY A 441 -3.33 -13.54 0.20
C GLY A 441 -4.40 -14.21 -0.61
N ASN A 442 -4.58 -13.70 -1.83
CA ASN A 442 -5.69 -14.09 -2.63
C ASN A 442 -5.28 -15.24 -3.50
N VAL A 443 -5.00 -16.37 -2.91
CA VAL A 443 -4.61 -17.57 -3.69
C VAL A 443 -5.84 -18.51 -3.77
N THR A 444 -5.84 -19.39 -4.76
CA THR A 444 -6.99 -20.20 -5.07
C THR A 444 -6.57 -21.61 -5.47
N GLY A 445 -7.57 -22.46 -5.65
CA GLY A 445 -7.35 -23.86 -5.97
C GLY A 445 -6.93 -24.09 -7.40
N GLU A 446 -6.68 -25.34 -7.77
CA GLU A 446 -6.25 -25.71 -9.12
C GLU A 446 -7.40 -26.41 -9.85
N LYS A 447 -7.96 -25.74 -10.84
CA LYS A 447 -9.20 -26.22 -11.46
C LYS A 447 -8.91 -27.46 -12.31
N GLY A 448 -7.67 -27.57 -12.75
CA GLY A 448 -7.23 -28.68 -13.55
C GLY A 448 -6.99 -29.98 -12.80
N ILE A 449 -7.01 -29.98 -11.46
CA ILE A 449 -6.81 -31.25 -10.71
C ILE A 449 -8.13 -32.04 -10.56
N LYS A 450 -8.11 -33.32 -10.93
CA LYS A 450 -9.28 -34.17 -10.75
C LYS A 450 -8.93 -35.21 -9.72
N GLY A 451 -9.35 -35.01 -8.47
CA GLY A 451 -9.04 -35.92 -7.38
C GLY A 451 -10.27 -36.62 -6.84
N VAL A 452 -10.04 -37.67 -6.08
CA VAL A 452 -11.21 -38.41 -5.51
C VAL A 452 -12.01 -37.51 -4.55
N SER A 453 -11.29 -36.76 -3.71
CA SER A 453 -11.93 -35.88 -2.73
C SER A 453 -11.60 -34.37 -2.87
N TYR A 454 -10.44 -34.04 -3.45
CA TYR A 454 -10.07 -32.61 -3.63
C TYR A 454 -11.20 -31.79 -4.26
N ASN A 455 -11.49 -30.63 -3.69
CA ASN A 455 -12.40 -29.65 -4.22
C ASN A 455 -11.58 -28.33 -4.38
N SER A 456 -11.56 -27.78 -5.59
CA SER A 456 -10.69 -26.69 -5.95
C SER A 456 -11.32 -25.31 -5.69
N GLU A 457 -12.55 -25.27 -5.20
CA GLU A 457 -13.35 -24.04 -5.13
C GLU A 457 -13.42 -23.41 -3.77
N GLN A 458 -12.51 -23.72 -2.86
CA GLN A 458 -12.62 -23.17 -1.53
C GLN A 458 -11.53 -22.10 -1.23
N GLY A 459 -11.18 -21.27 -2.19
CA GLY A 459 -10.29 -20.14 -1.91
C GLY A 459 -8.93 -20.65 -1.47
N TYR A 460 -8.36 -20.00 -0.44
CA TYR A 460 -6.99 -20.32 -0.01
C TYR A 460 -6.94 -21.74 0.56
N LEU A 461 -8.06 -22.25 1.08
CA LEU A 461 -8.06 -23.63 1.61
C LEU A 461 -7.64 -24.65 0.49
N SER A 462 -8.00 -24.36 -0.75
CA SER A 462 -7.75 -25.25 -1.89
C SER A 462 -6.35 -25.03 -2.56
N SER A 463 -5.63 -24.00 -2.12
CA SER A 463 -4.49 -23.53 -2.85
C SER A 463 -3.23 -24.32 -2.45
N LEU A 464 -2.38 -24.46 -3.45
CA LEU A 464 -1.08 -25.01 -3.28
C LEU A 464 0.02 -24.01 -2.89
N TYR A 465 -0.35 -22.73 -2.78
CA TYR A 465 0.64 -21.61 -2.78
C TYR A 465 0.30 -20.63 -1.72
N SER A 466 1.19 -19.66 -1.49
CA SER A 466 0.96 -18.62 -0.46
C SER A 466 1.41 -17.31 -1.13
N LYS A 467 0.74 -16.22 -0.80
CA LYS A 467 1.03 -14.91 -1.36
C LYS A 467 0.84 -13.85 -0.27
N PRO A 468 1.75 -13.81 0.71
CA PRO A 468 1.55 -12.92 1.86
C PRO A 468 1.47 -11.46 1.41
N LYS A 469 0.55 -10.72 1.98
CA LYS A 469 0.52 -9.31 1.74
C LYS A 469 1.73 -8.58 2.32
N LEU A 470 2.34 -7.72 1.51
CA LEU A 470 3.49 -6.96 1.90
C LEU A 470 3.30 -5.48 1.96
N LYS A 471 3.93 -4.87 2.93
CA LYS A 471 4.02 -3.41 3.07
C LYS A 471 5.15 -2.85 2.15
N LYS A 472 6.21 -3.66 1.90
CA LYS A 472 7.36 -3.23 1.10
C LYS A 472 7.74 -4.30 0.12
N GLU A 473 7.99 -3.86 -1.12
CA GLU A 473 8.44 -4.72 -2.17
C GLU A 473 9.97 -4.46 -2.35
N CYS A 474 10.73 -5.40 -2.87
CA CYS A 474 12.22 -5.22 -3.06
C CYS A 474 12.47 -3.93 -3.83
N THR A 475 11.60 -3.65 -4.79
CA THR A 475 11.76 -2.47 -5.65
C THR A 475 11.57 -1.15 -4.94
N ASP A 476 10.88 -1.13 -3.81
CA ASP A 476 10.76 0.09 -3.03
C ASP A 476 12.07 0.55 -2.48
N CYS A 477 12.98 -0.35 -2.13
CA CYS A 477 14.23 0.10 -1.57
C CYS A 477 15.41 -0.08 -2.50
N HIS A 478 15.29 -0.92 -3.52
CA HIS A 478 16.43 -1.17 -4.35
C HIS A 478 16.19 -0.60 -5.74
N LYS A 479 16.32 0.70 -5.85
CA LYS A 479 15.89 1.44 -7.06
C LYS A 479 16.75 1.19 -8.33
N GLU A 480 18.06 1.11 -8.17
CA GLU A 480 18.97 0.91 -9.28
C GLU A 480 18.74 -0.49 -9.87
N GLN A 481 18.60 -1.48 -8.99
CA GLN A 481 18.31 -2.83 -9.37
C GLN A 481 16.95 -2.96 -10.13
N ALA A 482 15.92 -2.34 -9.58
CA ALA A 482 14.64 -2.29 -10.20
C ALA A 482 14.68 -1.63 -11.56
N TYR A 483 15.44 -0.55 -11.69
CA TYR A 483 15.52 0.21 -12.93
C TYR A 483 16.17 -0.66 -14.01
N ILE A 484 17.30 -1.29 -13.72
CA ILE A 484 17.92 -2.19 -14.70
C ILE A 484 17.02 -3.39 -15.05
N GLN A 485 16.38 -3.95 -14.03
CA GLN A 485 15.54 -5.15 -14.17
CA GLN A 485 15.57 -5.17 -14.21
C GLN A 485 14.26 -4.85 -14.96
N SER A 486 13.85 -3.60 -14.99
CA SER A 486 12.61 -3.24 -15.70
C SER A 486 12.78 -3.19 -17.21
N LYS A 487 13.98 -3.27 -17.73
CA LYS A 487 14.15 -3.20 -19.16
C LYS A 487 13.89 -4.59 -19.72
N ALA A 488 13.11 -4.68 -20.82
CA ALA A 488 12.76 -5.98 -21.44
C ALA A 488 13.99 -6.82 -21.70
N ASP A 489 14.06 -8.05 -21.17
CA ASP A 489 15.23 -8.89 -21.36
C ASP A 489 14.92 -10.27 -20.82
N THR A 490 15.84 -11.21 -20.92
CA THR A 490 15.71 -12.56 -20.38
C THR A 490 14.87 -12.81 -19.11
N HIS A 491 15.22 -12.16 -18.02
CA HIS A 491 14.50 -12.42 -16.75
C HIS A 491 13.70 -11.20 -16.31
N SER A 492 13.43 -10.26 -17.21
CA SER A 492 12.70 -9.04 -16.78
C SER A 492 11.26 -9.30 -16.34
N LYS A 493 10.72 -10.47 -16.64
CA LYS A 493 9.40 -10.76 -16.10
C LYS A 493 9.52 -11.56 -14.77
N ASN A 494 10.70 -11.99 -14.34
CA ASN A 494 10.83 -12.69 -13.04
C ASN A 494 10.57 -11.67 -11.95
N SER A 495 9.92 -12.04 -10.88
CA SER A 495 10.03 -11.27 -9.63
C SER A 495 11.49 -11.24 -9.07
N CYS A 496 11.82 -10.22 -8.31
CA CYS A 496 13.08 -10.17 -7.54
C CYS A 496 13.23 -11.41 -6.65
N ALA A 497 12.13 -11.80 -6.04
CA ALA A 497 12.13 -12.92 -5.13
C ALA A 497 12.38 -14.29 -5.79
N SER A 498 12.11 -14.43 -7.07
CA SER A 498 12.30 -15.69 -7.75
C SER A 498 13.74 -16.17 -7.78
N CYS A 499 14.70 -15.27 -7.88
CA CYS A 499 16.11 -15.66 -7.76
C CYS A 499 16.60 -15.62 -6.36
N HIS A 500 16.14 -14.59 -5.60
CA HIS A 500 16.74 -14.27 -4.30
C HIS A 500 16.16 -15.04 -3.10
N MET A 501 14.96 -15.58 -3.30
CA MET A 501 14.27 -16.33 -2.26
C MET A 501 13.75 -17.67 -2.76
N PRO A 502 14.64 -18.60 -3.06
CA PRO A 502 14.16 -19.94 -3.43
C PRO A 502 13.54 -20.70 -2.27
N PHE A 503 12.75 -21.72 -2.60
CA PHE A 503 12.08 -22.56 -1.59
C PHE A 503 12.98 -23.67 -1.04
N MET A 504 13.93 -23.31 -0.18
CA MET A 504 14.98 -24.19 0.30
C MET A 504 14.56 -25.01 1.52
N MET A 505 13.43 -24.68 2.09
CA MET A 505 13.10 -25.16 3.45
C MET A 505 12.19 -26.38 3.41
N SER A 506 12.50 -27.31 4.30
CA SER A 506 11.75 -28.55 4.56
C SER A 506 10.79 -28.36 5.70
N CYS A 507 9.51 -28.52 5.39
N CYS A 507 9.48 -28.48 5.42
CA CYS A 507 8.46 -28.50 6.37
CA CYS A 507 8.43 -28.58 6.46
C CYS A 507 8.19 -29.96 6.86
C CYS A 507 8.23 -30.02 6.90
N GLU A 508 8.35 -30.92 5.93
CA GLU A 508 8.01 -32.32 6.13
C GLU A 508 9.04 -33.22 6.69
N ASN A 509 10.28 -32.76 6.82
CA ASN A 509 11.41 -33.65 7.06
C ASN A 509 11.35 -34.93 6.21
N PHE A 510 11.19 -34.73 4.91
CA PHE A 510 11.10 -35.86 3.95
C PHE A 510 12.51 -36.12 3.41
N TYR A 511 13.38 -36.58 4.31
CA TYR A 511 14.81 -36.80 4.04
C TYR A 511 15.04 -37.86 2.95
N ALA A 512 14.06 -38.74 2.70
CA ALA A 512 14.13 -39.70 1.60
C ALA A 512 14.37 -38.99 0.31
N ILE A 513 13.92 -37.72 0.20
CA ILE A 513 14.09 -37.02 -1.10
C ILE A 513 14.98 -35.78 -1.07
N GLN A 514 15.74 -35.59 0.01
CA GLN A 514 16.61 -34.47 0.17
C GLN A 514 17.97 -34.81 -0.44
N PHE A 515 18.31 -34.13 -1.55
CA PHE A 515 19.61 -34.22 -2.23
C PHE A 515 20.07 -32.76 -2.47
N GLN A 516 20.67 -32.21 -1.41
CA GLN A 516 20.80 -30.77 -1.24
C GLN A 516 21.78 -30.15 -2.21
N ASP A 517 22.77 -30.94 -2.66
CA ASP A 517 23.73 -30.47 -3.66
C ASP A 517 23.05 -30.26 -5.01
N GLN A 518 21.91 -30.91 -5.21
CA GLN A 518 21.10 -30.73 -6.40
C GLN A 518 19.93 -29.73 -6.19
N ALA A 519 19.85 -29.12 -5.02
CA ALA A 519 18.76 -28.12 -4.81
C ALA A 519 17.33 -28.66 -4.97
N GLY A 520 17.15 -29.82 -4.38
CA GLY A 520 15.88 -30.49 -4.27
C GLY A 520 15.99 -31.64 -3.25
N PHE A 521 14.87 -32.23 -2.92
CA PHE A 521 13.60 -32.04 -3.59
C PHE A 521 12.45 -31.85 -2.60
N ASP A 522 12.84 -31.67 -1.33
CA ASP A 522 11.92 -31.48 -0.20
C ASP A 522 11.93 -29.94 0.07
N THR A 523 11.14 -29.25 -0.73
CA THR A 523 11.30 -27.77 -0.97
C THR A 523 9.95 -27.04 -0.85
N GLN A 524 9.56 -26.75 0.38
CA GLN A 524 8.19 -26.26 0.65
C GLN A 524 8.00 -24.86 1.20
N ARG A 525 9.05 -24.26 1.74
CA ARG A 525 8.99 -22.88 2.28
C ARG A 525 10.16 -22.05 1.77
N ARG A 526 9.98 -20.74 1.84
CA ARG A 526 10.82 -19.77 1.16
C ARG A 526 11.93 -19.20 2.03
N ALA A 527 13.16 -19.32 1.54
CA ALA A 527 14.30 -18.87 2.30
C ALA A 527 14.30 -17.34 2.45
N HIS A 528 14.74 -16.84 3.61
CA HIS A 528 14.84 -15.41 3.91
C HIS A 528 16.29 -15.10 4.21
N ILE A 529 17.08 -15.12 3.12
CA ILE A 529 18.53 -14.97 3.15
C ILE A 529 19.01 -13.84 2.22
N TRP A 530 18.45 -13.83 0.99
CA TRP A 530 18.63 -12.80 -0.03
C TRP A 530 20.00 -12.78 -0.73
N LYS A 531 21.14 -12.71 0.00
CA LYS A 531 22.43 -12.61 -0.58
C LYS A 531 22.67 -13.91 -1.40
N ILE A 532 23.06 -13.70 -2.65
CA ILE A 532 23.42 -14.81 -3.56
C ILE A 532 24.94 -14.81 -3.70
N ASP A 533 25.53 -15.96 -3.43
CA ASP A 533 26.96 -16.21 -3.54
C ASP A 533 27.18 -16.68 -4.95
N VAL A 534 28.30 -16.27 -5.57
CA VAL A 534 28.61 -16.63 -6.94
C VAL A 534 29.89 -17.46 -6.91
N ASP A 535 29.75 -18.78 -6.93
CA ASP A 535 30.90 -19.67 -6.74
C ASP A 535 30.62 -21.02 -7.42
N PRO A 536 31.66 -21.69 -7.94
CA PRO A 536 31.38 -22.95 -8.62
C PRO A 536 31.04 -24.14 -7.71
N ALA A 537 31.35 -24.05 -6.43
CA ALA A 537 31.31 -25.21 -5.59
C ALA A 537 30.75 -24.97 -4.19
N ARG A 538 31.02 -23.81 -3.61
CA ARG A 538 30.62 -23.56 -2.22
C ARG A 538 29.09 -23.66 -2.00
N LYS A 539 28.67 -24.42 -0.99
CA LYS A 539 27.29 -24.68 -0.70
C LYS A 539 26.70 -23.92 0.52
N SER A 540 25.43 -23.48 0.39
CA SER A 540 24.64 -22.87 1.47
C SER A 540 24.51 -23.80 2.66
N LEU A 541 24.23 -25.08 2.33
CA LEU A 541 23.90 -26.13 3.29
C LEU A 541 24.97 -27.20 3.34
N VAL A 542 25.42 -27.51 4.55
CA VAL A 542 26.49 -28.48 4.77
C VAL A 542 26.27 -29.34 6.00
N ALA A 543 26.84 -30.52 5.93
CA ALA A 543 26.81 -31.53 6.98
C ALA A 543 27.67 -31.03 8.08
N GLY A 544 27.34 -31.40 9.30
CA GLY A 544 28.22 -31.21 10.41
C GLY A 544 29.39 -32.19 10.40
N SER A 545 30.41 -31.87 11.19
CA SER A 545 31.59 -32.70 11.26
C SER A 545 31.31 -34.01 12.03
N THR A 546 30.16 -34.16 12.68
CA THR A 546 29.78 -35.42 13.29
C THR A 546 29.27 -36.38 12.22
N SER A 547 29.04 -35.92 10.98
CA SER A 547 28.46 -36.71 9.92
C SER A 547 29.52 -37.69 9.40
N LYS A 548 29.18 -38.97 9.30
CA LYS A 548 30.11 -39.98 8.77
C LYS A 548 29.67 -40.46 7.38
N ASP A 549 28.46 -40.10 6.96
CA ASP A 549 27.94 -40.47 5.65
C ASP A 549 27.14 -39.28 5.08
N PRO A 550 27.15 -39.06 3.75
CA PRO A 550 26.44 -37.91 3.20
C PRO A 550 24.92 -38.01 3.33
N ARG A 551 24.42 -39.18 3.66
CA ARG A 551 23.02 -39.34 3.86
C ARG A 551 22.63 -39.37 5.31
N ASP A 552 23.55 -39.27 6.27
CA ASP A 552 23.11 -39.50 7.67
C ASP A 552 22.44 -38.25 8.27
N GLY A 553 22.54 -37.09 7.62
CA GLY A 553 21.84 -35.90 8.10
C GLY A 553 22.24 -35.41 9.51
N LYS A 554 23.47 -35.67 9.94
CA LYS A 554 23.91 -35.19 11.28
C LYS A 554 24.36 -33.70 11.27
N ASP A 555 23.77 -32.89 12.18
CA ASP A 555 24.23 -31.50 12.49
C ASP A 555 24.41 -30.61 11.22
N TRP A 556 23.52 -30.78 10.27
CA TRP A 556 23.53 -29.87 9.12
C TRP A 556 23.26 -28.42 9.58
N HIS A 557 23.81 -27.46 8.85
CA HIS A 557 23.68 -26.08 9.17
C HIS A 557 23.98 -25.26 7.92
N PHE A 558 23.76 -23.97 8.08
CA PHE A 558 24.08 -22.99 7.04
C PHE A 558 25.55 -22.69 7.12
N GLU A 559 26.20 -22.52 6.00
CA GLU A 559 27.52 -21.88 5.98
C GLU A 559 27.41 -20.32 6.06
N ARG A 560 28.52 -19.69 6.47
CA ARG A 560 28.62 -18.27 6.57
C ARG A 560 29.69 -17.77 5.64
N ASN A 561 29.40 -16.69 4.92
CA ASN A 561 30.42 -16.06 4.09
C ASN A 561 31.36 -15.16 4.84
N GLU A 562 32.21 -14.46 4.09
CA GLU A 562 33.27 -13.61 4.65
C GLU A 562 32.71 -12.46 5.44
N GLU A 563 31.47 -12.05 5.18
CA GLU A 563 30.84 -11.03 5.97
C GLU A 563 30.00 -11.58 7.13
N GLY A 564 30.06 -12.86 7.40
CA GLY A 564 29.35 -13.43 8.54
C GLY A 564 27.85 -13.58 8.30
N ARG A 565 27.46 -13.69 7.03
CA ARG A 565 26.07 -13.79 6.70
C ARG A 565 25.71 -15.13 6.04
N ASN A 566 24.45 -15.50 6.14
CA ASN A 566 23.94 -16.60 5.37
C ASN A 566 23.96 -16.22 3.89
N PHE A 567 23.99 -17.22 3.02
CA PHE A 567 23.95 -16.95 1.58
C PHE A 567 23.24 -18.07 0.82
N VAL A 568 22.77 -17.73 -0.38
CA VAL A 568 22.11 -18.67 -1.27
C VAL A 568 23.07 -19.07 -2.39
N ASP A 569 23.44 -20.36 -2.49
CA ASP A 569 24.25 -20.85 -3.62
C ASP A 569 23.50 -20.80 -4.98
N LEU A 570 24.26 -20.81 -6.05
CA LEU A 570 23.71 -20.65 -7.39
C LEU A 570 22.79 -21.79 -7.81
N MET A 571 23.06 -23.00 -7.30
CA MET A 571 22.19 -24.14 -7.60
C MET A 571 20.78 -23.83 -7.02
N TRP A 572 20.72 -23.39 -5.75
CA TRP A 572 19.43 -22.97 -5.19
C TRP A 572 18.78 -21.78 -5.94
N ALA A 573 19.58 -20.75 -6.23
CA ALA A 573 19.05 -19.56 -6.79
C ALA A 573 18.50 -19.80 -8.18
N CYS A 574 19.13 -20.72 -8.95
CA CYS A 574 18.83 -20.82 -10.40
C CYS A 574 18.15 -22.11 -10.84
N ALA A 575 18.46 -23.18 -10.15
CA ALA A 575 18.17 -24.52 -10.69
C ALA A 575 17.42 -25.41 -9.75
N ARG A 576 16.92 -24.86 -8.65
CA ARG A 576 16.18 -25.62 -7.67
C ARG A 576 14.89 -26.24 -8.23
N THR A 577 14.50 -27.37 -7.64
CA THR A 577 13.31 -28.08 -7.99
C THR A 577 12.34 -28.00 -6.83
N THR A 578 11.12 -27.54 -7.12
CA THR A 578 10.08 -27.40 -6.13
C THR A 578 8.73 -27.43 -6.82
N TRP A 579 7.68 -27.71 -6.06
CA TRP A 579 6.27 -27.57 -6.46
C TRP A 579 5.47 -26.66 -5.50
N ALA A 580 6.18 -25.84 -4.73
CA ALA A 580 5.55 -24.83 -3.85
C ALA A 580 5.68 -23.36 -4.35
N ASP A 581 6.36 -23.14 -5.48
CA ASP A 581 6.77 -21.79 -5.95
C ASP A 581 5.96 -21.41 -7.21
N LYS A 582 4.92 -20.62 -7.02
CA LYS A 582 4.06 -20.19 -8.10
C LYS A 582 4.83 -19.37 -9.20
N ASP A 583 5.82 -18.56 -8.82
CA ASP A 583 6.66 -17.78 -9.81
C ASP A 583 7.44 -18.77 -10.68
N GLN A 584 7.96 -19.83 -10.08
CA GLN A 584 8.70 -20.81 -10.83
C GLN A 584 7.73 -21.57 -11.77
N ALA A 585 6.54 -21.92 -11.30
CA ALA A 585 5.53 -22.59 -12.16
C ALA A 585 5.13 -21.70 -13.33
N GLU A 586 5.03 -20.39 -13.12
CA GLU A 586 4.69 -19.51 -14.20
C GLU A 586 5.85 -19.03 -15.05
N ALA A 587 7.09 -19.41 -14.74
CA ALA A 587 8.24 -19.04 -15.56
C ALA A 587 8.94 -20.30 -16.04
N LYS A 588 8.11 -21.23 -16.55
CA LYS A 588 8.55 -22.43 -17.23
C LYS A 588 9.41 -23.31 -16.35
N GLY A 589 9.26 -23.18 -15.03
CA GLY A 589 9.97 -24.05 -14.12
C GLY A 589 11.46 -23.71 -13.93
N CYS A 590 11.88 -22.51 -14.34
CA CYS A 590 13.28 -22.09 -14.20
C CYS A 590 14.17 -23.15 -14.85
N HIS A 591 15.31 -23.47 -14.22
CA HIS A 591 16.31 -24.35 -14.82
C HIS A 591 16.46 -25.72 -14.17
N SER A 592 15.49 -26.10 -13.35
CA SER A 592 15.42 -27.44 -12.77
C SER A 592 15.39 -28.52 -13.88
N PRO A 593 16.37 -29.44 -13.94
CA PRO A 593 16.27 -30.55 -14.91
C PRO A 593 14.96 -31.35 -14.76
N VAL A 594 14.35 -31.26 -13.59
CA VAL A 594 13.13 -31.99 -13.33
C VAL A 594 11.87 -31.28 -13.74
N VAL A 595 11.71 -29.99 -13.44
CA VAL A 595 10.48 -29.29 -13.79
C VAL A 595 10.63 -28.25 -14.88
N SER A 596 11.82 -28.01 -15.41
CA SER A 596 11.95 -26.96 -16.42
C SER A 596 11.26 -27.38 -17.71
N GLU A 597 10.47 -26.46 -18.28
CA GLU A 597 9.90 -26.58 -19.61
C GLU A 597 10.78 -25.88 -20.65
N LEU A 598 12.00 -25.46 -20.28
CA LEU A 598 12.90 -24.78 -21.21
C LEU A 598 13.61 -25.82 -22.01
N LYS A 599 14.26 -25.43 -23.10
CA LYS A 599 15.17 -26.33 -23.78
C LYS A 599 16.21 -26.84 -22.84
N GLU A 600 16.70 -28.02 -23.18
CA GLU A 600 17.55 -28.81 -22.32
C GLU A 600 18.91 -28.23 -21.98
N THR A 601 19.44 -27.42 -22.85
CA THR A 601 20.71 -26.78 -22.51
C THR A 601 20.50 -25.72 -21.37
N LEU A 602 19.25 -25.34 -21.11
CA LEU A 602 18.93 -24.47 -19.98
C LEU A 602 18.48 -25.28 -18.75
N HIS A 603 18.73 -26.59 -18.76
CA HIS A 603 18.55 -27.43 -17.60
C HIS A 603 19.94 -27.52 -16.91
N PHE A 604 20.10 -26.86 -15.75
CA PHE A 604 21.39 -26.83 -15.07
C PHE A 604 21.50 -27.97 -14.06
N LYS A 605 22.53 -28.79 -14.19
CA LYS A 605 22.60 -30.07 -13.50
C LYS A 605 23.58 -30.01 -12.33
N ASP A 606 24.39 -28.97 -12.27
CA ASP A 606 25.31 -28.80 -11.17
C ASP A 606 25.71 -27.33 -11.04
N GLN A 607 26.37 -26.99 -9.95
CA GLN A 607 26.57 -25.61 -9.61
C GLN A 607 27.62 -25.01 -10.52
N LYS A 608 28.60 -25.82 -10.95
CA LYS A 608 29.66 -25.33 -11.83
C LYS A 608 29.10 -24.90 -13.17
N GLN A 609 28.09 -25.60 -13.64
CA GLN A 609 27.44 -25.23 -14.87
C GLN A 609 26.70 -23.89 -14.68
N VAL A 610 25.98 -23.76 -13.57
CA VAL A 610 25.32 -22.51 -13.30
C VAL A 610 26.33 -21.35 -13.25
N TYR A 611 27.40 -21.56 -12.49
CA TYR A 611 28.48 -20.61 -12.36
C TYR A 611 29.07 -20.20 -13.71
N ASN A 612 29.28 -21.15 -14.61
CA ASN A 612 29.84 -20.79 -15.93
C ASN A 612 28.84 -19.95 -16.71
N GLU A 613 27.55 -20.16 -16.55
CA GLU A 613 26.59 -19.31 -17.23
C GLU A 613 26.63 -17.90 -16.66
N VAL A 614 26.74 -17.81 -15.34
CA VAL A 614 26.81 -16.46 -14.71
C VAL A 614 28.09 -15.73 -15.20
N MET A 615 29.24 -16.45 -15.23
CA MET A 615 30.50 -15.87 -15.71
C MET A 615 30.40 -15.42 -17.14
N GLY A 616 29.62 -16.12 -17.97
CA GLY A 616 29.46 -15.66 -19.37
C GLY A 616 28.89 -14.26 -19.46
N TRP A 617 28.06 -13.90 -18.48
CA TRP A 617 27.56 -12.52 -18.35
C TRP A 617 28.43 -11.56 -17.57
N GLN A 618 28.89 -11.98 -16.39
CA GLN A 618 29.59 -11.04 -15.51
C GLN A 618 31.03 -10.71 -15.95
N THR A 619 31.70 -11.65 -16.61
CA THR A 619 33.12 -11.38 -16.96
C THR A 619 33.22 -10.24 -17.96
N PRO A 620 32.45 -10.28 -19.04
CA PRO A 620 32.62 -9.14 -19.94
C PRO A 620 32.14 -7.84 -19.32
N VAL A 621 31.12 -7.87 -18.48
CA VAL A 621 30.67 -6.68 -17.77
C VAL A 621 31.77 -6.12 -16.86
N LYS A 622 32.26 -6.94 -15.96
CA LYS A 622 33.32 -6.55 -15.03
C LYS A 622 34.61 -6.10 -15.72
N ASP A 623 34.95 -6.72 -16.85
CA ASP A 623 36.15 -6.30 -17.61
C ASP A 623 35.96 -4.90 -18.17
N LYS A 624 34.84 -4.67 -18.82
CA LYS A 624 34.55 -3.38 -19.41
C LYS A 624 34.42 -2.30 -18.39
N PHE A 625 33.70 -2.61 -17.31
CA PHE A 625 33.56 -1.70 -16.22
C PHE A 625 34.94 -1.25 -15.72
N THR A 626 35.82 -2.22 -15.58
CA THR A 626 37.14 -1.94 -15.06
C THR A 626 37.94 -1.02 -16.01
N GLN A 627 37.97 -1.30 -17.29
CA GLN A 627 38.60 -0.37 -18.20
C GLN A 627 37.96 1.00 -18.21
N VAL A 628 36.64 1.09 -18.17
CA VAL A 628 36.04 2.43 -18.11
C VAL A 628 36.48 3.17 -16.87
N LYS A 629 36.54 2.47 -15.76
CA LYS A 629 36.85 3.13 -14.53
C LYS A 629 38.30 3.57 -14.48
N VAL A 630 39.20 2.72 -14.92
CA VAL A 630 40.57 3.08 -14.94
C VAL A 630 40.75 4.26 -15.94
N GLY A 631 40.08 4.16 -17.10
CA GLY A 631 40.09 5.22 -18.14
C GLY A 631 39.69 6.59 -17.54
N ILE A 632 38.62 6.60 -16.79
CA ILE A 632 38.13 7.85 -16.20
C ILE A 632 39.21 8.40 -15.30
N GLN A 633 39.72 7.57 -14.43
CA GLN A 633 40.73 8.05 -13.46
C GLN A 633 42.00 8.56 -14.17
N GLY A 634 42.44 7.82 -15.21
CA GLY A 634 43.65 8.21 -15.95
C GLY A 634 43.48 9.51 -16.70
N LEU A 635 42.34 9.62 -17.38
CA LEU A 635 42.04 10.84 -18.10
C LEU A 635 41.90 12.03 -17.18
N TYR A 636 41.24 11.85 -16.04
CA TYR A 636 41.07 12.92 -15.11
C TYR A 636 42.46 13.42 -14.64
N SER A 637 43.36 12.51 -14.39
CA SER A 637 44.71 12.85 -13.94
C SER A 637 45.51 13.54 -15.06
N LEU A 638 45.31 13.12 -16.31
CA LEU A 638 45.97 13.78 -17.42
C LEU A 638 45.39 15.12 -17.75
N LEU A 639 44.23 15.48 -17.20
CA LEU A 639 43.76 16.86 -17.44
C LEU A 639 44.69 17.96 -16.93
N GLU A 640 45.65 17.65 -16.06
CA GLU A 640 46.75 18.59 -15.74
C GLU A 640 48.02 18.39 -16.65
N VAL A 641 47.79 18.28 -17.97
CA VAL A 641 48.84 18.40 -18.99
C VAL A 641 48.55 19.68 -19.81
N LYS A 642 49.54 20.58 -19.81
CA LYS A 642 49.54 21.69 -20.78
C LYS A 642 49.57 20.99 -22.15
N LYS A 643 49.66 21.72 -23.24
CA LYS A 643 49.55 21.13 -24.59
C LYS A 643 48.13 20.62 -24.88
N LEU A 644 47.16 21.09 -24.10
CA LEU A 644 45.76 20.77 -24.35
C LEU A 644 44.93 22.04 -24.45
N ALA A 645 44.28 22.30 -25.58
CA ALA A 645 43.42 23.44 -25.69
C ALA A 645 42.42 23.45 -24.54
N PRO A 646 42.07 24.64 -24.06
CA PRO A 646 41.06 24.68 -23.02
C PRO A 646 39.74 24.01 -23.44
N SER A 647 39.29 24.16 -24.66
CA SER A 647 37.99 23.60 -25.01
C SER A 647 38.09 22.07 -25.13
N ASP A 648 39.27 21.57 -25.53
CA ASP A 648 39.56 20.15 -25.53
C ASP A 648 39.54 19.63 -24.11
N LYS A 649 40.08 20.41 -23.17
CA LYS A 649 40.15 20.00 -21.77
C LYS A 649 38.73 19.82 -21.25
N THR A 650 37.85 20.76 -21.55
CA THR A 650 36.49 20.74 -21.05
C THR A 650 35.70 19.60 -21.66
N ARG A 651 35.92 19.38 -22.95
CA ARG A 651 35.26 18.28 -23.65
C ARG A 651 35.64 16.87 -23.11
N VAL A 652 36.93 16.69 -22.83
CA VAL A 652 37.39 15.53 -22.14
C VAL A 652 36.65 15.35 -20.83
N TYR A 653 36.59 16.40 -20.01
CA TYR A 653 35.93 16.33 -18.73
C TYR A 653 34.46 15.92 -18.91
N GLU A 654 33.78 16.58 -19.85
CA GLU A 654 32.38 16.35 -20.15
C GLU A 654 32.09 14.85 -20.46
N LEU A 655 33.01 14.23 -21.17
CA LEU A 655 32.84 12.85 -21.52
C LEU A 655 33.12 11.85 -20.38
N ILE A 656 34.15 12.11 -19.58
CA ILE A 656 34.49 11.20 -18.46
C ILE A 656 33.46 11.38 -17.32
N GLU A 657 32.89 12.56 -17.20
CA GLU A 657 31.82 12.84 -16.26
C GLU A 657 30.58 11.97 -16.56
N LYS A 658 30.24 11.89 -17.84
CA LYS A 658 29.11 11.10 -18.25
C LYS A 658 29.37 9.61 -18.08
N ALA A 659 30.60 9.24 -18.34
CA ALA A 659 31.00 7.88 -18.16
C ALA A 659 30.99 7.47 -16.69
N GLN A 660 31.31 8.40 -15.80
CA GLN A 660 31.29 8.13 -14.38
C GLN A 660 29.88 7.85 -13.90
N ASP A 661 28.86 8.48 -14.53
CA ASP A 661 27.44 8.16 -14.23
C ASP A 661 27.15 6.67 -14.50
N THR A 662 27.77 6.12 -15.54
CA THR A 662 27.55 4.75 -15.90
C THR A 662 28.19 3.86 -14.90
N VAL A 663 29.42 4.20 -14.50
CA VAL A 663 30.13 3.44 -13.51
C VAL A 663 29.36 3.46 -12.19
N ASP A 664 28.92 4.62 -11.80
CA ASP A 664 28.20 4.74 -10.53
C ASP A 664 26.93 3.84 -10.54
N LEU A 665 26.19 3.80 -11.65
CA LEU A 665 24.93 3.01 -11.74
C LEU A 665 25.22 1.49 -11.63
N ILE A 666 26.21 1.06 -12.40
CA ILE A 666 26.63 -0.32 -12.36
C ILE A 666 27.18 -0.77 -10.99
N GLU A 667 28.04 0.04 -10.37
CA GLU A 667 28.58 -0.29 -9.05
C GLU A 667 27.47 -0.42 -8.01
N LYS A 668 26.54 0.54 -8.04
CA LYS A 668 25.39 0.53 -7.17
C LYS A 668 24.47 -0.68 -7.39
N ASP A 669 24.12 -0.93 -8.63
CA ASP A 669 23.40 -2.15 -8.95
C ASP A 669 24.05 -3.39 -8.36
N GLY A 670 25.36 -3.58 -8.65
CA GLY A 670 26.16 -4.69 -8.10
C GLY A 670 25.86 -6.12 -8.57
N SER A 671 25.09 -6.29 -9.64
CA SER A 671 24.84 -7.62 -10.18
C SER A 671 25.69 -7.99 -11.40
N TRP A 672 26.44 -7.00 -11.92
CA TRP A 672 27.41 -7.22 -13.03
C TRP A 672 26.74 -7.92 -14.17
N GLY A 673 25.54 -7.44 -14.48
CA GLY A 673 24.76 -7.85 -15.62
C GLY A 673 23.67 -8.88 -15.33
N MET A 674 23.64 -9.42 -14.11
CA MET A 674 22.61 -10.42 -13.77
C MET A 674 21.24 -9.81 -13.68
N HIS A 675 21.14 -8.51 -13.49
CA HIS A 675 19.81 -7.84 -13.47
C HIS A 675 19.31 -7.36 -14.81
N GLY A 676 20.09 -7.51 -15.86
CA GLY A 676 19.62 -7.04 -17.20
C GLY A 676 20.87 -6.88 -18.05
N PHE A 677 21.30 -7.94 -18.68
CA PHE A 677 22.54 -7.86 -19.47
C PHE A 677 22.47 -6.89 -20.65
N LYS A 678 21.37 -6.90 -21.38
CA LYS A 678 21.24 -6.03 -22.53
C LYS A 678 21.36 -4.56 -22.15
N TYR A 679 20.65 -4.15 -21.09
CA TYR A 679 20.73 -2.74 -20.68
C TYR A 679 22.10 -2.40 -20.13
N THR A 680 22.64 -3.30 -19.30
CA THR A 680 23.95 -3.09 -18.72
C THR A 680 24.99 -2.92 -19.84
N LYS A 681 24.88 -3.74 -20.86
CA LYS A 681 25.70 -3.61 -22.04
C LYS A 681 25.46 -2.28 -22.82
N GLN A 682 24.21 -1.85 -22.96
CA GLN A 682 23.94 -0.59 -23.63
C GLN A 682 24.60 0.56 -22.89
N ARG A 683 24.54 0.54 -21.56
CA ARG A 683 25.17 1.62 -20.80
C ARG A 683 26.73 1.54 -20.92
N LEU A 684 27.28 0.34 -20.82
CA LEU A 684 28.75 0.24 -20.90
C LEU A 684 29.27 0.54 -22.32
N ASP A 685 28.51 0.17 -23.37
CA ASP A 685 28.92 0.49 -24.74
C ASP A 685 28.95 1.99 -24.96
N ALA A 686 27.97 2.71 -24.39
CA ALA A 686 28.02 4.11 -24.42
C ALA A 686 29.33 4.65 -23.77
N ALA A 687 29.74 4.06 -22.65
CA ALA A 687 30.81 4.63 -21.82
C ALA A 687 32.12 4.30 -22.46
N VAL A 688 32.22 3.13 -23.10
CA VAL A 688 33.35 2.79 -23.96
C VAL A 688 33.52 3.83 -25.09
N GLU A 689 32.44 4.23 -25.75
CA GLU A 689 32.56 5.30 -26.76
C GLU A 689 33.03 6.64 -26.10
N TYR A 690 32.48 7.00 -24.93
CA TYR A 690 32.88 8.24 -24.31
C TYR A 690 34.40 8.25 -24.02
N ILE A 691 34.91 7.20 -23.43
CA ILE A 691 36.32 7.06 -23.12
C ILE A 691 37.20 7.04 -24.40
N ASN A 692 36.79 6.34 -25.46
CA ASN A 692 37.57 6.35 -26.73
C ASN A 692 37.60 7.73 -27.40
N GLU A 693 36.49 8.44 -27.36
CA GLU A 693 36.45 9.82 -27.85
C GLU A 693 37.34 10.80 -27.02
N ALA A 694 37.31 10.70 -25.70
CA ALA A 694 38.20 11.50 -24.90
C ALA A 694 39.67 11.09 -25.19
N GLN A 695 39.99 9.82 -25.32
CA GLN A 695 41.37 9.45 -25.68
C GLN A 695 41.81 10.02 -27.07
N ARG A 696 40.89 10.03 -28.03
CA ARG A 696 41.13 10.57 -29.35
C ARG A 696 41.51 12.04 -29.22
N ILE A 697 40.77 12.79 -28.43
CA ILE A 697 41.09 14.19 -28.20
C ILE A 697 42.44 14.33 -27.46
N MET A 698 42.69 13.54 -26.43
CA MET A 698 43.97 13.55 -25.72
C MET A 698 45.12 13.27 -26.67
N LYS A 699 44.88 12.37 -27.60
CA LYS A 699 45.88 11.94 -28.51
C LYS A 699 46.47 13.08 -29.35
N LYS A 700 45.75 14.20 -29.51
CA LYS A 700 46.26 15.36 -30.26
C LYS A 700 47.33 16.11 -29.52
N SER A 701 47.21 16.16 -28.20
CA SER A 701 48.26 16.75 -27.38
C SER A 701 49.64 16.25 -27.79
N LEU A 702 49.77 15.08 -28.42
CA LEU A 702 51.10 14.49 -28.47
C LEU A 702 51.77 14.73 -29.82
N GLY B 42 21.82 20.59 61.31
CA GLY B 42 22.75 19.42 61.28
C GLY B 42 22.31 18.50 60.14
N MET B 43 22.13 17.21 60.42
CA MET B 43 21.75 16.23 59.43
C MET B 43 20.23 16.09 59.27
N GLN B 44 19.73 16.44 58.08
CA GLN B 44 18.32 16.30 57.74
C GLN B 44 18.13 16.19 56.21
N MET B 45 17.00 15.70 55.78
CA MET B 45 16.62 15.82 54.38
C MET B 45 16.57 17.28 53.89
N THR B 46 16.67 17.45 52.57
CA THR B 46 16.68 18.75 51.92
C THR B 46 15.33 19.44 52.10
N LYS B 47 15.34 20.74 51.90
CA LYS B 47 14.13 21.58 51.98
C LYS B 47 13.01 21.07 51.11
N GLU B 48 13.36 20.81 49.88
CA GLU B 48 12.40 20.38 48.90
C GLU B 48 11.67 19.14 49.34
N ALA B 49 12.43 18.17 49.85
CA ALA B 49 11.86 16.89 50.32
C ALA B 49 10.99 17.12 51.55
N ARG B 50 11.51 17.96 52.48
CA ARG B 50 10.83 18.25 53.78
C ARG B 50 9.45 18.90 53.52
N GLU B 51 9.42 19.80 52.54
CA GLU B 51 8.18 20.51 52.13
C GLU B 51 7.19 19.57 51.51
N ILE B 52 7.67 18.68 50.62
CA ILE B 52 6.76 17.64 50.09
C ILE B 52 6.29 16.65 51.16
N ILE B 53 7.21 16.23 52.02
CA ILE B 53 6.82 15.34 53.14
C ILE B 53 5.74 16.00 54.04
N ALA B 54 5.89 17.30 54.31
CA ALA B 54 4.98 18.02 55.20
C ALA B 54 3.55 18.15 54.61
N HIS B 55 3.43 18.18 53.27
CA HIS B 55 2.16 18.39 52.60
C HIS B 55 2.12 17.56 51.32
N PRO B 56 2.03 16.21 51.43
CA PRO B 56 2.25 15.33 50.26
C PRO B 56 1.06 15.33 49.32
N LYS B 57 1.29 15.42 48.01
CA LYS B 57 0.18 15.40 47.05
C LYS B 57 0.39 14.32 45.99
N GLY B 58 0.92 13.20 46.44
CA GLY B 58 0.96 11.96 45.68
C GLY B 58 -0.35 11.24 45.44
N THR B 59 -0.26 10.08 44.79
CA THR B 59 -1.44 9.38 44.33
C THR B 59 -1.51 7.98 44.80
N LYS B 60 -0.50 7.55 45.53
CA LYS B 60 -0.50 6.17 46.04
C LYS B 60 -1.71 5.88 46.94
N GLU B 61 -1.99 6.79 47.87
CA GLU B 61 -3.11 6.59 48.80
C GLU B 61 -4.41 6.96 48.10
N SER B 62 -4.49 8.10 47.44
CA SER B 62 -5.74 8.48 46.82
C SER B 62 -6.15 7.61 45.63
N ARG B 63 -5.22 7.14 44.80
CA ARG B 63 -5.64 6.49 43.53
C ARG B 63 -5.15 5.11 43.37
N GLY B 64 -4.20 4.73 44.21
CA GLY B 64 -3.65 3.39 44.22
C GLY B 64 -2.56 3.28 43.15
N VAL B 65 -1.98 4.43 42.81
CA VAL B 65 -1.01 4.52 41.72
C VAL B 65 0.13 5.38 42.24
N ILE B 66 1.33 4.86 42.07
CA ILE B 66 2.54 5.55 42.51
C ILE B 66 2.97 6.66 41.52
N SER B 67 3.15 7.88 42.00
CA SER B 67 3.63 8.95 41.17
C SER B 67 4.74 9.70 41.84
N LEU B 68 5.14 10.83 41.22
CA LEU B 68 6.46 11.44 41.55
C LEU B 68 6.61 11.71 43.04
N GLN B 69 5.61 12.37 43.60
CA GLN B 69 5.68 12.79 45.02
C GLN B 69 5.69 11.63 46.02
N ASP B 70 5.05 10.52 45.68
CA ASP B 70 5.13 9.31 46.47
C ASP B 70 6.60 8.86 46.59
N TYR B 71 7.42 9.10 45.57
CA TYR B 71 8.83 8.67 45.60
C TYR B 71 9.63 9.59 46.50
N ILE B 72 9.27 10.87 46.55
CA ILE B 72 9.97 11.80 47.44
C ILE B 72 9.74 11.39 48.91
N VAL B 73 8.49 11.07 49.25
CA VAL B 73 8.13 10.72 50.63
C VAL B 73 8.74 9.38 51.04
N GLU B 74 8.76 8.39 50.13
CA GLU B 74 9.21 7.04 50.57
C GLU B 74 10.64 6.98 51.05
N GLU B 75 11.47 7.97 50.72
CA GLU B 75 12.90 7.98 50.98
C GLU B 75 13.31 8.37 52.42
N GLN B 76 12.35 8.84 53.21
CA GLN B 76 12.62 9.35 54.53
C GLN B 76 13.19 8.29 55.50
N ALA B 77 12.63 7.08 55.51
CA ALA B 77 13.14 6.04 56.41
C ALA B 77 14.61 5.76 56.12
N MET B 78 15.01 5.79 54.83
CA MET B 78 16.38 5.48 54.46
C MET B 78 17.35 6.52 55.04
N TYR B 79 16.99 7.77 54.88
CA TYR B 79 17.85 8.81 55.40
C TYR B 79 17.90 8.73 56.95
N ASP B 80 16.75 8.50 57.59
CA ASP B 80 16.73 8.29 59.06
C ASP B 80 17.61 7.12 59.48
N TRP B 81 17.53 6.00 58.76
CA TRP B 81 18.35 4.87 59.09
C TRP B 81 19.83 5.24 58.88
N LEU B 82 20.13 5.98 57.81
CA LEU B 82 21.57 6.30 57.55
C LEU B 82 22.17 7.27 58.59
N PHE B 83 21.40 8.26 59.02
CA PHE B 83 21.89 9.21 60.04
C PHE B 83 22.23 8.48 61.34
N LYS B 84 21.54 7.37 61.64
CA LYS B 84 21.81 6.57 62.82
C LYS B 84 22.83 5.45 62.68
N ASN B 85 23.01 4.90 61.47
CA ASN B 85 23.80 3.68 61.29
C ASN B 85 25.03 3.78 60.37
N HIS B 86 25.16 4.84 59.59
CA HIS B 86 26.33 4.93 58.75
C HIS B 86 27.59 5.16 59.63
N PRO B 87 28.69 4.47 59.34
CA PRO B 87 29.93 4.64 60.06
C PRO B 87 30.39 6.03 60.25
N ILE B 88 30.04 6.92 59.31
CA ILE B 88 30.47 8.29 59.40
C ILE B 88 29.91 8.86 60.71
N PHE B 89 28.73 8.40 61.13
CA PHE B 89 28.13 8.85 62.41
C PHE B 89 28.48 7.91 63.56
N THR B 90 28.46 6.61 63.35
CA THR B 90 28.64 5.70 64.44
C THR B 90 30.11 5.56 64.85
N LYS B 91 31.04 5.82 63.95
CA LYS B 91 32.45 5.58 64.24
C LYS B 91 33.27 6.83 64.14
N TYR B 92 32.89 7.77 63.29
CA TYR B 92 33.70 8.94 63.11
C TYR B 92 33.03 10.11 63.76
N GLY B 93 31.96 9.87 64.49
CA GLY B 93 31.32 10.94 65.30
C GLY B 93 30.73 12.06 64.49
N GLY B 94 30.45 11.77 63.22
CA GLY B 94 29.94 12.81 62.34
C GLY B 94 30.98 13.80 61.93
N LYS B 95 32.24 13.54 62.21
CA LYS B 95 33.29 14.46 61.84
C LYS B 95 33.91 14.03 60.48
N THR B 96 34.16 15.01 59.62
CA THR B 96 34.72 14.80 58.29
C THR B 96 35.65 15.95 58.03
N VAL B 97 36.67 15.72 57.22
CA VAL B 97 37.46 16.82 56.69
C VAL B 97 36.75 17.33 55.40
N GLY B 98 35.94 18.36 55.61
CA GLY B 98 35.01 18.89 54.63
C GLY B 98 33.59 18.75 55.14
N LYS B 99 32.74 19.72 54.82
CA LYS B 99 31.36 19.70 55.25
C LYS B 99 30.55 18.63 54.57
N LEU B 100 29.70 17.93 55.33
CA LEU B 100 28.76 16.98 54.79
C LEU B 100 27.52 17.69 54.28
N VAL B 101 27.01 17.33 53.10
CA VAL B 101 25.85 18.02 52.55
C VAL B 101 24.91 16.95 51.96
N VAL B 102 23.74 16.83 52.57
CA VAL B 102 22.72 15.85 52.22
C VAL B 102 22.16 16.20 50.82
N LYS B 103 21.90 15.21 49.97
CA LYS B 103 21.35 15.50 48.63
C LYS B 103 20.46 14.34 48.21
N ASP B 104 19.17 14.49 48.53
CA ASP B 104 18.19 13.38 48.44
C ASP B 104 17.32 13.58 47.19
N ARG B 105 16.27 12.78 47.02
CA ARG B 105 15.39 12.95 45.83
C ARG B 105 14.76 14.35 45.70
N GLY B 106 14.56 15.03 46.83
CA GLY B 106 14.02 16.42 46.76
C GLY B 106 14.91 17.35 45.94
N GLU B 107 16.22 17.21 46.07
CA GLU B 107 17.07 18.02 45.23
C GLU B 107 17.30 17.44 43.87
N GLU B 108 17.48 16.12 43.78
CA GLU B 108 17.88 15.48 42.53
C GLU B 108 16.70 15.39 41.56
N TRP B 109 15.57 14.91 42.07
CA TRP B 109 14.39 14.69 41.25
C TRP B 109 13.42 15.90 41.09
N ILE B 110 13.59 16.95 41.92
CA ILE B 110 12.65 18.08 41.94
C ILE B 110 13.36 19.38 41.54
N GLU B 111 14.39 19.76 42.30
CA GLU B 111 15.12 21.01 42.08
C GLU B 111 16.04 21.02 40.89
N GLU B 112 16.61 19.86 40.53
CA GLU B 112 17.60 19.84 39.48
C GLU B 112 17.06 20.38 38.15
N GLY B 113 17.96 20.90 37.31
CA GLY B 113 17.63 21.44 36.02
C GLY B 113 16.66 22.62 36.05
N ARG B 114 16.73 23.41 37.12
CA ARG B 114 15.83 24.53 37.40
C ARG B 114 14.37 24.16 37.24
N GLY B 115 14.01 22.95 37.70
CA GLY B 115 12.64 22.48 37.66
C GLY B 115 11.64 23.41 38.33
N ASN B 116 12.01 24.06 39.46
CA ASN B 116 11.09 25.10 40.04
C ASN B 116 10.88 26.32 39.12
N ASP B 117 11.92 26.77 38.40
CA ASP B 117 11.73 27.85 37.43
C ASP B 117 10.86 27.39 36.27
N PHE B 118 11.07 26.17 35.80
CA PHE B 118 10.25 25.60 34.71
C PHE B 118 8.75 25.60 35.09
N SER B 119 8.52 25.10 36.29
CA SER B 119 7.20 24.98 36.87
C SER B 119 6.49 26.30 36.98
N LYS B 120 7.21 27.34 37.43
CA LYS B 120 6.63 28.70 37.58
C LYS B 120 6.33 29.22 36.20
N ALA B 121 7.12 28.82 35.19
CA ALA B 121 6.94 29.32 33.81
C ALA B 121 5.85 28.59 33.04
N SER B 122 5.23 27.59 33.65
CA SER B 122 4.19 26.80 33.00
C SER B 122 2.78 27.07 33.59
N LYS B 123 1.75 26.87 32.76
CA LYS B 123 0.33 26.81 33.18
C LYS B 123 -0.09 25.59 33.94
N ARG B 124 0.66 24.51 33.79
CA ARG B 124 0.38 23.28 34.56
C ARG B 124 0.24 23.57 36.08
N SER B 125 -0.87 23.09 36.68
CA SER B 125 -1.12 23.30 38.12
C SER B 125 -1.00 24.78 38.55
N GLY B 126 -1.40 25.67 37.66
CA GLY B 126 -1.37 27.08 37.98
C GLY B 126 0.00 27.69 38.15
N GLY B 127 1.04 27.05 37.59
CA GLY B 127 2.42 27.51 37.85
C GLY B 127 2.92 27.20 39.26
N GLU B 128 2.16 26.40 39.98
CA GLU B 128 2.43 26.02 41.37
C GLU B 128 2.88 24.58 41.54
N GLY B 129 3.16 23.85 40.47
CA GLY B 129 3.49 22.44 40.59
C GLY B 129 5.00 22.15 40.65
N PHE B 130 5.38 20.88 40.49
CA PHE B 130 6.79 20.45 40.49
C PHE B 130 7.11 19.89 39.11
N SER B 131 8.39 19.94 38.73
CA SER B 131 8.85 19.41 37.46
C SER B 131 10.18 18.65 37.67
N SER B 132 10.15 17.34 37.37
CA SER B 132 11.32 16.46 37.40
C SER B 132 11.92 16.47 36.02
N MET B 133 12.94 17.32 35.88
CA MET B 133 13.54 17.61 34.57
C MET B 133 14.43 16.48 34.08
N MET B 134 15.19 15.85 34.99
CA MET B 134 16.27 14.92 34.57
C MET B 134 16.39 13.59 35.30
N TYR B 135 15.98 13.53 36.57
CA TYR B 135 16.15 12.31 37.39
C TYR B 135 14.83 11.78 37.98
N ARG B 136 14.35 10.65 37.45
CA ARG B 136 13.17 9.99 37.87
C ARG B 136 13.13 8.61 37.31
N VAL B 137 12.39 7.72 38.01
CA VAL B 137 12.20 6.36 37.60
C VAL B 137 10.76 6.27 37.04
N ALA B 138 10.53 5.20 36.29
CA ALA B 138 9.25 4.86 35.65
C ALA B 138 8.38 3.85 36.46
N ARG B 139 9.11 2.99 37.14
CA ARG B 139 8.52 1.88 37.88
C ARG B 139 9.01 1.95 39.34
N ASN B 140 8.89 0.90 40.12
CA ASN B 140 9.19 1.02 41.54
C ASN B 140 10.70 1.18 41.78
N SER B 141 10.97 1.89 42.87
CA SER B 141 12.31 2.15 43.27
C SER B 141 12.82 0.97 44.07
N THR B 142 14.09 1.05 44.44
CA THR B 142 14.74 0.00 45.24
C THR B 142 14.34 0.04 46.73
N LEU B 143 13.37 0.87 47.08
CA LEU B 143 12.84 0.92 48.44
C LEU B 143 11.58 0.06 48.59
N GLN B 144 11.04 -0.44 47.48
CA GLN B 144 9.82 -1.25 47.46
C GLN B 144 10.13 -2.74 47.38
N TYR B 145 9.60 -3.48 48.36
CA TYR B 145 9.76 -4.93 48.49
C TYR B 145 8.40 -5.55 48.82
N PRO B 146 8.06 -6.69 48.22
CA PRO B 146 8.85 -7.49 47.28
C PRO B 146 8.76 -6.85 45.87
N ASN B 147 9.66 -7.24 44.96
CA ASN B 147 9.55 -6.80 43.57
C ASN B 147 9.41 -8.04 42.68
N LYS B 148 9.21 -7.84 41.38
CA LYS B 148 8.99 -8.97 40.47
C LYS B 148 10.18 -9.27 39.52
N PHE B 149 11.35 -8.81 39.90
CA PHE B 149 12.53 -9.06 39.06
C PHE B 149 12.89 -10.53 39.15
N ILE B 150 13.19 -11.14 38.01
CA ILE B 150 13.78 -12.49 38.01
C ILE B 150 15.25 -12.53 37.62
N GLY B 151 15.78 -11.43 37.09
CA GLY B 151 17.21 -11.36 36.76
C GLY B 151 17.48 -11.70 35.26
N PRO B 152 18.54 -11.15 34.69
CA PRO B 152 18.72 -11.25 33.22
C PRO B 152 19.04 -12.65 32.78
N GLU B 153 19.64 -13.44 33.67
CA GLU B 153 19.89 -14.86 33.34
C GLU B 153 18.59 -15.66 33.04
N LYS B 154 17.53 -15.32 33.74
CA LYS B 154 16.24 -15.95 33.47
C LYS B 154 15.62 -15.51 32.12
N CYS B 155 15.74 -14.24 31.80
CA CYS B 155 15.35 -13.79 30.41
C CYS B 155 16.18 -14.48 29.37
N GLY B 156 17.46 -14.58 29.66
CA GLY B 156 18.41 -15.26 28.79
C GLY B 156 18.23 -16.76 28.54
N GLU B 157 17.56 -17.46 29.44
CA GLU B 157 17.17 -18.85 29.20
C GLU B 157 16.33 -18.97 27.93
N CYS B 158 15.41 -18.04 27.70
CA CYS B 158 14.63 -18.07 26.49
C CYS B 158 15.12 -17.20 25.36
N HIS B 159 15.91 -16.18 25.68
CA HIS B 159 16.43 -15.26 24.68
C HIS B 159 17.91 -15.30 24.75
N PRO B 160 18.50 -16.48 24.43
CA PRO B 160 19.96 -16.56 24.55
C PRO B 160 20.72 -15.62 23.64
N ALA B 161 20.15 -15.26 22.49
CA ALA B 161 20.85 -14.39 21.54
C ALA B 161 21.00 -12.98 22.08
N GLN B 162 19.89 -12.36 22.53
CA GLN B 162 19.97 -11.05 23.17
C GLN B 162 20.78 -11.05 24.42
N TYR B 163 20.73 -12.13 25.18
CA TYR B 163 21.61 -12.21 26.38
C TYR B 163 23.08 -12.06 26.03
N GLU B 164 23.50 -12.75 24.98
CA GLU B 164 24.90 -12.67 24.55
C GLU B 164 25.33 -11.24 24.18
N THR B 165 24.59 -10.55 23.30
CA THR B 165 25.02 -9.27 22.81
C THR B 165 24.95 -8.24 23.92
N TRP B 166 23.85 -8.27 24.67
CA TRP B 166 23.71 -7.44 25.92
C TRP B 166 24.84 -7.66 26.93
N SER B 167 25.24 -8.92 27.12
CA SER B 167 26.21 -9.24 28.20
C SER B 167 27.62 -8.80 27.83
N ARG B 168 27.92 -8.53 26.56
CA ARG B 168 29.22 -7.89 26.24
C ARG B 168 29.04 -6.41 25.91
N SER B 169 28.29 -5.75 26.80
CA SER B 169 28.09 -4.33 26.71
C SER B 169 28.27 -3.68 28.08
N ARG B 170 28.57 -2.38 28.06
CA ARG B 170 28.75 -1.61 29.28
C ARG B 170 27.44 -1.37 30.04
N HIS B 171 26.29 -1.60 29.39
CA HIS B 171 25.05 -1.59 30.15
C HIS B 171 25.11 -2.71 31.19
N ALA B 172 25.59 -3.90 30.80
CA ALA B 172 25.62 -5.10 31.61
C ALA B 172 26.61 -5.06 32.78
N THR B 173 27.71 -4.34 32.64
CA THR B 173 28.78 -4.41 33.66
C THR B 173 29.05 -3.04 34.31
N THR B 174 28.15 -2.07 34.14
CA THR B 174 28.35 -0.79 34.78
C THR B 174 28.36 -0.89 36.30
N ILE B 175 27.60 -1.83 36.83
CA ILE B 175 27.65 -2.13 38.27
C ILE B 175 28.32 -3.49 38.46
N ARG B 176 29.44 -3.54 39.15
CA ARG B 176 30.13 -4.81 39.40
C ARG B 176 30.64 -4.91 40.84
N PHE B 177 30.85 -6.15 41.29
CA PHE B 177 31.31 -6.49 42.63
C PHE B 177 32.81 -6.77 42.60
N PRO B 178 33.47 -6.60 43.74
CA PRO B 178 34.88 -7.02 43.79
C PRO B 178 35.00 -8.48 43.40
N GLY B 179 36.03 -8.79 42.64
CA GLY B 179 36.18 -10.09 41.97
C GLY B 179 35.77 -10.10 40.49
N GLU B 180 35.27 -8.99 39.95
CA GLU B 180 34.74 -8.91 38.54
C GLU B 180 35.45 -7.85 37.74
N HIS B 181 36.75 -7.64 38.05
CA HIS B 181 37.58 -6.64 37.41
C HIS B 181 38.90 -7.24 36.85
N PRO B 182 38.79 -8.12 35.84
CA PRO B 182 39.98 -8.79 35.31
C PRO B 182 40.88 -7.82 34.57
N GLU B 183 40.31 -6.67 34.20
CA GLU B 183 41.04 -5.67 33.42
C GLU B 183 42.02 -4.86 34.24
N VAL B 184 41.95 -5.02 35.55
CA VAL B 184 43.03 -4.61 36.42
C VAL B 184 43.55 -5.75 37.32
N ASN B 185 43.45 -6.97 36.81
CA ASN B 185 43.80 -8.21 37.49
C ASN B 185 43.19 -8.22 38.88
N ASN B 186 41.98 -7.73 39.03
CA ASN B 186 41.36 -7.64 40.33
C ASN B 186 42.13 -6.99 41.45
N LYS B 187 42.90 -5.97 41.13
CA LYS B 187 43.61 -5.19 42.10
C LYS B 187 43.02 -3.78 42.13
N LEU B 188 41.97 -3.58 42.94
CA LEU B 188 41.26 -2.29 43.09
C LEU B 188 41.99 -1.27 43.95
N ASN B 189 43.06 -1.67 44.69
CA ASN B 189 43.86 -0.73 45.52
C ASN B 189 45.30 -0.49 44.99
N ASP B 190 45.64 -1.00 43.81
CA ASP B 190 46.93 -0.76 43.13
C ASP B 190 46.78 0.26 41.98
N PRO B 191 47.84 1.03 41.66
CA PRO B 191 47.79 1.93 40.53
C PRO B 191 47.40 1.16 39.27
N VAL B 192 46.49 1.74 38.48
CA VAL B 192 46.01 1.07 37.26
C VAL B 192 47.09 1.16 36.16
N PHE B 193 47.52 2.40 35.94
CA PHE B 193 48.50 2.74 34.94
C PHE B 193 49.88 3.02 35.57
N ASP B 194 50.44 4.21 35.42
CA ASP B 194 51.82 4.43 35.92
C ASP B 194 51.81 4.37 37.47
N LYS B 195 52.92 3.94 38.06
CA LYS B 195 52.95 3.61 39.51
C LYS B 195 52.73 4.80 40.43
N ASP B 196 52.97 6.00 39.95
CA ASP B 196 52.60 7.18 40.66
C ASP B 196 51.15 7.71 40.36
N THR B 197 50.27 6.91 39.78
CA THR B 197 48.90 7.44 39.51
C THR B 197 47.92 6.55 40.25
N ALA B 198 46.64 6.86 40.16
CA ALA B 198 45.65 6.29 41.06
C ALA B 198 45.22 4.87 40.83
N SER B 199 44.78 4.26 41.93
CA SER B 199 44.01 3.01 41.93
C SER B 199 42.51 3.32 41.79
N ILE B 200 41.69 2.33 41.46
CA ILE B 200 40.24 2.51 41.30
C ILE B 200 39.58 3.00 42.60
N LEU B 201 39.90 2.30 43.69
CA LEU B 201 39.42 2.66 45.02
C LEU B 201 40.37 3.57 45.70
N PRO B 202 39.84 4.63 46.34
CA PRO B 202 40.73 5.57 46.98
C PRO B 202 41.29 5.01 48.26
N GLN B 203 42.30 5.65 48.82
CA GLN B 203 42.91 5.09 50.05
C GLN B 203 41.87 4.94 51.14
N GLY B 204 42.02 3.87 51.93
CA GLY B 204 41.18 3.59 53.07
C GLY B 204 39.89 2.89 52.72
N ILE B 205 39.60 2.77 51.42
CA ILE B 205 38.40 2.05 50.94
C ILE B 205 38.86 0.71 50.36
N THR B 206 38.48 -0.36 51.02
CA THR B 206 38.95 -1.67 50.65
C THR B 206 37.75 -2.43 50.10
N PRO B 207 38.00 -3.47 49.30
CA PRO B 207 36.93 -4.19 48.64
C PRO B 207 35.88 -4.80 49.55
N ASP B 208 36.28 -5.26 50.74
CA ASP B 208 35.30 -5.85 51.64
C ASP B 208 34.26 -4.87 52.28
N VAL B 209 34.51 -3.56 52.23
CA VAL B 209 33.47 -2.59 52.63
C VAL B 209 32.75 -1.90 51.44
N VAL B 210 32.97 -2.39 50.22
CA VAL B 210 32.39 -1.80 49.01
C VAL B 210 31.27 -2.73 48.55
N TYR B 211 30.06 -2.21 48.40
CA TYR B 211 28.98 -3.01 47.77
C TYR B 211 29.31 -3.21 46.28
N CYS B 212 29.64 -2.12 45.59
CA CYS B 212 29.97 -2.23 44.14
C CYS B 212 30.90 -1.14 43.63
N THR B 213 31.51 -1.37 42.47
CA THR B 213 31.97 -0.27 41.67
C THR B 213 30.94 0.11 40.66
N VAL B 214 31.01 1.37 40.25
CA VAL B 214 30.30 1.90 39.10
C VAL B 214 31.36 2.27 38.05
N GLY B 215 31.12 1.88 36.80
CA GLY B 215 31.90 2.40 35.68
C GLY B 215 32.86 1.40 35.05
N HIS B 216 33.82 1.93 34.31
CA HIS B 216 34.70 1.10 33.46
C HIS B 216 35.97 1.93 33.26
N ILE B 217 37.00 1.25 32.76
CA ILE B 217 38.26 1.85 32.33
C ILE B 217 38.00 2.93 31.24
N ARG B 218 36.98 2.70 30.43
CA ARG B 218 36.58 3.64 29.37
C ARG B 218 36.71 5.09 29.80
N THR B 219 36.03 5.49 30.87
CA THR B 219 36.09 6.90 31.32
C THR B 219 36.47 7.04 32.82
N LYS B 220 35.70 6.41 33.70
CA LYS B 220 35.85 6.67 35.14
C LYS B 220 35.24 5.55 35.95
N PHE B 221 35.56 5.53 37.25
CA PHE B 221 34.89 4.62 38.14
C PHE B 221 34.38 5.39 39.30
N GLY B 222 33.49 4.78 40.03
CA GLY B 222 33.18 5.31 41.37
C GLY B 222 32.84 4.12 42.25
N PHE B 223 32.50 4.36 43.52
CA PHE B 223 32.15 3.23 44.41
C PHE B 223 30.97 3.54 45.31
N PHE B 224 30.26 2.48 45.70
CA PHE B 224 29.29 2.53 46.79
C PHE B 224 29.77 1.71 47.94
N ASP B 225 29.71 2.26 49.16
CA ASP B 225 30.07 1.49 50.35
C ASP B 225 29.00 0.50 50.72
N ALA B 226 29.26 -0.30 51.76
CA ALA B 226 28.37 -1.40 52.15
C ALA B 226 27.04 -0.96 52.69
N TRP B 227 26.90 0.34 53.02
CA TRP B 227 25.66 0.98 53.54
C TRP B 227 24.88 1.64 52.37
N LEU B 228 25.38 1.44 51.11
CA LEU B 228 24.74 1.94 49.89
C LEU B 228 24.76 3.45 49.89
N LEU B 229 25.80 4.00 50.49
CA LEU B 229 26.09 5.41 50.38
C LEU B 229 27.10 5.61 49.26
N ARG B 230 26.85 6.63 48.46
CA ARG B 230 27.72 7.07 47.39
C ARG B 230 29.07 7.44 47.92
N GLY B 231 30.09 6.85 47.34
CA GLY B 231 31.49 7.18 47.80
C GLY B 231 32.01 8.50 47.34
N THR B 232 31.75 9.52 48.15
CA THR B 232 32.19 10.89 47.92
C THR B 232 33.42 11.27 48.72
N TYR B 233 34.07 10.26 49.25
CA TYR B 233 35.12 10.43 50.27
C TYR B 233 36.18 9.30 50.16
N HIS B 234 37.30 9.54 50.82
CA HIS B 234 38.21 8.52 51.17
C HIS B 234 38.54 8.65 52.69
N VAL B 235 39.38 7.75 53.16
CA VAL B 235 39.85 7.73 54.52
C VAL B 235 41.38 7.86 54.51
N GLU B 236 41.86 8.94 55.09
CA GLU B 236 43.27 9.17 55.35
C GLU B 236 43.74 8.74 56.75
N GLY B 237 44.84 8.00 56.79
CA GLY B 237 45.47 7.60 58.06
C GLY B 237 44.79 6.41 58.66
N GLY B 238 44.13 5.58 57.85
CA GLY B 238 43.28 4.53 58.39
C GLY B 238 42.40 3.89 57.32
N LEU B 239 41.45 3.05 57.75
CA LEU B 239 40.53 2.32 56.88
C LEU B 239 39.10 2.51 57.35
N LEU B 240 38.16 2.69 56.39
CA LEU B 240 36.72 2.69 56.73
C LEU B 240 36.31 1.44 57.51
N LYS B 241 36.87 0.32 57.09
CA LYS B 241 36.49 -1.04 57.56
C LYS B 241 36.47 -1.19 59.10
N ASN B 242 37.41 -0.53 59.77
CA ASN B 242 37.46 -0.58 61.25
C ASN B 242 37.34 0.81 61.91
N GLY B 243 36.81 1.78 61.18
CA GLY B 243 36.59 3.10 61.75
C GLY B 243 37.84 3.85 62.15
N THR B 244 38.96 3.55 61.52
CA THR B 244 40.16 4.31 61.77
C THR B 244 40.41 5.48 60.83
N GLY B 245 41.30 6.38 61.25
CA GLY B 245 41.70 7.51 60.46
C GLY B 245 40.62 8.54 60.48
N GLN B 246 40.64 9.36 59.43
CA GLN B 246 39.69 10.44 59.22
C GLN B 246 38.93 10.34 57.87
N ILE B 247 37.63 10.61 57.88
CA ILE B 247 36.87 10.74 56.60
C ILE B 247 37.24 12.03 55.93
N VAL B 248 37.69 11.97 54.68
CA VAL B 248 38.10 13.15 53.92
C VAL B 248 37.26 13.31 52.66
N ALA B 249 36.82 14.55 52.38
CA ALA B 249 35.93 14.82 51.27
C ALA B 249 36.71 14.74 49.96
N GLY B 250 36.13 14.06 48.98
CA GLY B 250 36.71 14.10 47.64
C GLY B 250 37.74 13.04 47.47
N GLY B 251 38.63 13.22 46.50
CA GLY B 251 39.60 12.19 46.05
C GLY B 251 38.98 10.82 45.82
N ASN B 252 37.80 10.81 45.21
CA ASN B 252 36.89 9.68 45.24
C ASN B 252 36.59 9.04 43.90
N GLN B 253 36.83 9.75 42.81
CA GLN B 253 36.43 9.31 41.49
C GLN B 253 37.70 9.04 40.66
N TRP B 254 37.88 7.78 40.33
CA TRP B 254 38.98 7.38 39.45
C TRP B 254 38.70 7.84 38.00
N GLN B 255 39.66 8.52 37.41
CA GLN B 255 39.49 9.13 36.09
C GLN B 255 40.59 8.67 35.12
N ARG B 256 40.19 7.89 34.10
CA ARG B 256 41.13 7.38 33.08
C ARG B 256 41.98 8.42 32.39
N THR B 257 41.39 9.50 31.94
CA THR B 257 42.15 10.46 31.16
C THR B 257 43.23 11.17 31.98
N TRP B 258 42.84 11.59 33.17
CA TRP B 258 43.80 12.16 34.08
C TRP B 258 44.88 11.17 34.43
N ALA B 259 44.50 9.92 34.69
CA ALA B 259 45.47 8.92 35.13
C ALA B 259 46.48 8.45 34.03
N LEU B 260 45.94 8.30 32.82
CA LEU B 260 46.67 7.80 31.69
C LEU B 260 47.23 8.89 30.81
N ASN B 261 46.39 9.80 30.37
CA ASN B 261 46.78 10.64 29.25
C ASN B 261 47.31 12.01 29.66
N LEU B 262 46.81 12.53 30.74
CA LEU B 262 47.21 13.90 31.09
C LEU B 262 48.38 13.95 32.11
N SER B 263 49.54 13.47 31.70
CA SER B 263 50.73 13.56 32.55
C SER B 263 51.09 15.04 32.73
N PRO B 264 52.04 15.34 33.65
CA PRO B 264 52.52 16.72 33.76
C PRO B 264 53.13 17.25 32.48
N GLU B 265 53.71 16.39 31.67
CA GLU B 265 54.27 16.92 30.41
C GLU B 265 53.18 17.27 29.38
N VAL B 266 52.05 16.53 29.36
CA VAL B 266 50.97 16.88 28.44
C VAL B 266 50.32 18.15 28.95
N ALA B 267 50.16 18.24 30.29
CA ALA B 267 49.64 19.45 30.88
C ALA B 267 50.50 20.69 30.56
N LYS B 268 51.81 20.54 30.59
CA LYS B 268 52.68 21.67 30.24
C LYS B 268 52.59 22.06 28.78
N LYS B 269 52.43 21.10 27.89
CA LYS B 269 52.11 21.42 26.48
C LYS B 269 50.82 22.25 26.35
N ILE B 270 49.75 21.85 27.00
CA ILE B 270 48.48 22.61 26.98
C ILE B 270 48.67 24.00 27.58
N LYS B 271 49.41 24.07 28.67
CA LYS B 271 49.69 25.38 29.30
C LYS B 271 50.37 26.41 28.39
N LYS B 272 51.21 25.98 27.45
CA LYS B 272 51.75 26.88 26.41
C LYS B 272 50.67 27.61 25.63
N TRP B 273 49.54 26.95 25.42
CA TRP B 273 48.44 27.51 24.70
C TRP B 273 47.49 28.16 25.68
N VAL B 274 47.28 27.53 26.82
CA VAL B 274 46.23 27.97 27.74
C VAL B 274 46.98 28.23 29.05
N PRO B 275 47.37 29.50 29.29
CA PRO B 275 48.34 29.78 30.36
C PRO B 275 47.83 29.45 31.72
N ASP B 276 46.51 29.42 31.93
CA ASP B 276 45.94 28.96 33.18
C ASP B 276 45.85 27.44 33.34
N PHE B 277 46.27 26.64 32.35
CA PHE B 277 45.98 25.21 32.51
C PHE B 277 46.70 24.65 33.74
N PRO B 278 46.02 23.87 34.60
CA PRO B 278 46.71 23.32 35.78
C PRO B 278 47.76 22.20 35.47
N VAL B 279 48.92 22.25 36.09
CA VAL B 279 49.96 21.21 35.92
C VAL B 279 50.28 20.37 37.19
N THR B 280 50.56 21.04 38.31
CA THR B 280 50.94 20.34 39.54
C THR B 280 49.63 19.85 40.17
N LEU B 281 49.72 18.85 41.04
CA LEU B 281 48.51 18.36 41.72
C LEU B 281 47.74 19.45 42.47
N GLU B 282 48.48 20.31 43.15
CA GLU B 282 47.90 21.43 43.85
C GLU B 282 47.16 22.43 42.95
N GLU B 283 47.63 22.65 41.74
CA GLU B 283 46.86 23.50 40.79
C GLU B 283 45.51 22.92 40.38
N TYR B 284 45.25 21.63 40.52
CA TYR B 284 43.89 21.11 40.30
C TYR B 284 42.93 21.50 41.42
N GLY B 285 43.45 21.89 42.57
CA GLY B 285 42.64 22.52 43.61
C GLY B 285 41.56 21.63 44.17
N ASP B 286 40.39 22.21 44.35
CA ASP B 286 39.21 21.50 44.87
C ASP B 286 38.78 20.30 44.03
N ASN B 287 39.07 20.33 42.74
CA ASN B 287 38.62 19.31 41.80
C ASN B 287 39.57 18.13 41.93
N GLY B 288 40.77 18.37 42.49
CA GLY B 288 41.77 17.31 42.64
C GLY B 288 41.70 16.35 43.85
N GLY B 289 42.89 15.99 44.36
CA GLY B 289 43.04 15.10 45.50
C GLY B 289 44.50 14.88 45.88
N TYR B 290 44.77 13.71 46.41
CA TYR B 290 46.11 13.37 46.84
C TYR B 290 46.93 12.61 45.80
N VAL B 291 46.33 12.12 44.72
CA VAL B 291 47.12 11.42 43.71
C VAL B 291 46.45 11.63 42.32
N ARG B 292 47.26 11.89 41.29
CA ARG B 292 46.77 12.03 39.91
C ARG B 292 45.99 10.80 39.52
N GLY B 293 44.74 11.04 39.15
CA GLY B 293 43.87 9.98 38.71
C GLY B 293 42.65 9.85 39.61
N LEU B 294 42.69 10.42 40.80
CA LEU B 294 41.57 10.33 41.72
C LEU B 294 41.12 11.73 42.08
N ALA B 295 40.05 12.13 41.39
CA ALA B 295 39.55 13.50 41.48
C ALA B 295 38.36 13.55 42.41
N SER B 296 37.91 14.75 42.71
CA SER B 296 36.78 14.97 43.58
C SER B 296 35.50 15.16 42.71
N TYR B 297 34.50 14.35 42.95
CA TYR B 297 33.23 14.37 42.23
C TYR B 297 32.10 14.24 43.21
N ALA B 298 31.13 15.12 43.07
CA ALA B 298 30.14 15.44 44.16
C ALA B 298 30.80 15.67 45.52
N ALA B 299 31.91 16.38 45.49
CA ALA B 299 32.73 16.75 46.62
C ALA B 299 33.76 17.70 46.09
N LYS B 300 34.27 18.53 46.95
CA LYS B 300 35.45 19.32 46.69
C LYS B 300 36.49 18.93 47.73
N TYR B 301 37.72 18.72 47.32
CA TYR B 301 38.72 18.01 48.11
C TYR B 301 38.99 18.67 49.49
N LYS B 302 38.74 17.96 50.57
CA LYS B 302 38.88 18.52 51.93
C LYS B 302 37.93 19.63 52.27
N LYS B 303 36.92 19.95 51.43
CA LYS B 303 36.03 21.09 51.68
C LYS B 303 34.58 20.71 51.83
N SER B 304 34.08 19.80 51.01
CA SER B 304 32.68 19.38 51.07
C SER B 304 32.42 18.09 50.34
N MET B 305 31.38 17.39 50.76
CA MET B 305 31.08 16.11 50.23
C MET B 305 29.61 15.87 50.40
N SER B 306 28.97 15.39 49.34
CA SER B 306 27.59 15.03 49.39
C SER B 306 27.48 13.82 50.22
N PHE B 307 26.39 13.81 50.95
CA PHE B 307 25.99 12.64 51.69
C PHE B 307 24.71 12.12 51.00
N GLN B 308 24.80 11.00 50.30
CA GLN B 308 23.71 10.61 49.43
C GLN B 308 23.57 9.11 49.35
N ALA B 309 22.34 8.63 49.53
CA ALA B 309 22.03 7.24 49.33
C ALA B 309 21.91 6.92 47.84
N SER B 310 22.06 5.63 47.51
CA SER B 310 21.96 5.20 46.12
C SER B 310 20.57 5.48 45.59
N THR B 311 19.56 5.36 46.46
CA THR B 311 18.15 5.68 46.13
C THR B 311 17.81 7.04 45.58
N SER B 312 18.65 8.02 45.87
CA SER B 312 18.36 9.44 45.52
C SER B 312 18.72 9.83 44.09
N TYR B 313 19.57 9.05 43.44
CA TYR B 313 20.20 9.50 42.22
C TYR B 313 20.72 8.30 41.39
N CYS B 314 21.67 7.55 41.91
CA CYS B 314 22.25 6.46 41.17
C CYS B 314 21.27 5.40 40.79
N GLU B 315 20.22 5.13 41.57
CA GLU B 315 19.34 4.08 41.13
C GLU B 315 18.59 4.39 39.85
N VAL B 316 18.61 5.63 39.43
CA VAL B 316 17.89 6.02 38.26
C VAL B 316 18.60 5.40 37.07
N CYS B 317 19.93 5.60 36.99
CA CYS B 317 20.65 5.23 35.79
C CYS B 317 21.69 4.12 35.86
N HIS B 318 22.28 3.84 37.01
CA HIS B 318 23.16 2.72 37.19
C HIS B 318 22.57 1.88 38.33
N PRO B 319 21.48 1.16 38.03
CA PRO B 319 20.66 0.47 39.04
C PRO B 319 21.13 -0.90 39.51
N TRP B 320 20.44 -1.37 40.53
CA TRP B 320 20.51 -2.76 40.94
C TRP B 320 19.17 -3.02 41.61
N LYS B 321 18.85 -4.28 41.73
CA LYS B 321 17.67 -4.70 42.44
C LYS B 321 18.02 -5.90 43.31
N PHE B 322 17.40 -5.93 44.52
CA PHE B 322 17.64 -7.04 45.48
C PHE B 322 16.42 -7.93 45.51
N ASP B 323 16.60 -9.17 45.92
CA ASP B 323 15.46 -10.15 45.94
C ASP B 323 14.66 -10.25 47.27
N PHE B 324 14.90 -9.34 48.20
CA PHE B 324 14.24 -9.41 49.55
C PHE B 324 12.72 -9.53 49.45
N LYS B 325 12.10 -10.26 50.41
CA LYS B 325 10.63 -10.38 50.51
C LYS B 325 10.01 -9.12 51.05
N ASN B 326 10.72 -8.40 51.91
CA ASN B 326 10.15 -7.21 52.53
C ASN B 326 11.31 -6.31 52.92
N GLU B 327 10.98 -5.09 53.30
CA GLU B 327 11.99 -4.12 53.67
C GLU B 327 12.79 -4.42 54.95
N SER B 328 12.28 -5.29 55.83
CA SER B 328 13.00 -5.57 57.08
C SER B 328 14.17 -6.37 56.72
N GLU B 329 13.99 -7.32 55.80
CA GLU B 329 15.11 -8.12 55.35
C GLU B 329 16.14 -7.20 54.74
N PHE B 330 15.68 -6.19 54.00
CA PHE B 330 16.57 -5.24 53.33
C PHE B 330 17.38 -4.46 54.37
N TYR B 331 16.69 -3.82 55.33
CA TYR B 331 17.41 -3.03 56.34
C TYR B 331 18.36 -3.85 57.20
N ALA B 332 18.01 -5.10 57.47
CA ALA B 332 18.94 -6.04 58.18
C ALA B 332 20.20 -6.42 57.41
N ALA B 333 20.18 -6.32 56.07
CA ALA B 333 21.35 -6.66 55.24
C ALA B 333 22.26 -5.46 54.95
N LEU B 334 21.70 -4.27 55.05
CA LEU B 334 22.46 -3.03 54.86
C LEU B 334 23.65 -2.89 55.76
N GLY B 335 24.81 -2.56 55.20
CA GLY B 335 26.04 -2.50 55.95
C GLY B 335 26.81 -3.76 55.85
N ASN B 336 26.28 -4.75 55.14
CA ASN B 336 26.98 -6.02 54.94
C ASN B 336 27.10 -6.30 53.42
N ALA B 337 28.28 -6.04 52.85
CA ALA B 337 28.50 -6.06 51.38
C ALA B 337 28.18 -7.44 50.84
N LYS B 338 28.61 -8.49 51.56
CA LYS B 338 28.35 -9.86 51.13
C LYS B 338 26.90 -10.25 51.09
N GLU B 339 26.16 -9.88 52.13
CA GLU B 339 24.78 -10.28 52.19
C GLU B 339 24.01 -9.56 51.05
N LEU B 340 24.30 -8.27 50.85
CA LEU B 340 23.63 -7.50 49.79
C LEU B 340 23.92 -8.10 48.41
N GLN B 341 25.18 -8.42 48.18
CA GLN B 341 25.64 -9.02 46.93
C GLN B 341 24.98 -10.32 46.71
N LYS B 342 24.86 -11.14 47.78
CA LYS B 342 24.26 -12.46 47.62
C LYS B 342 22.77 -12.34 47.27
N HIS B 343 22.11 -11.31 47.79
CA HIS B 343 20.71 -11.07 47.44
C HIS B 343 20.51 -10.12 46.21
N THR B 344 21.54 -9.86 45.42
CA THR B 344 21.39 -9.00 44.25
C THR B 344 20.84 -9.82 43.09
N ILE B 345 19.63 -9.54 42.64
CA ILE B 345 19.04 -10.31 41.55
C ILE B 345 19.24 -9.62 40.18
N SER B 346 19.53 -8.33 40.16
CA SER B 346 19.85 -7.62 38.92
C SER B 346 20.90 -6.58 39.20
N LYS B 347 21.91 -6.51 38.32
CA LYS B 347 22.96 -5.51 38.36
C LYS B 347 22.97 -4.64 37.05
N GLY B 348 23.11 -3.35 37.22
CA GLY B 348 23.19 -2.41 36.10
C GLY B 348 21.94 -2.36 35.23
N VAL B 349 22.16 -2.00 33.96
CA VAL B 349 21.11 -1.75 32.99
C VAL B 349 20.78 -3.06 32.33
N SER B 350 20.04 -3.93 33.08
CA SER B 350 19.77 -5.25 32.69
C SER B 350 18.46 -5.29 31.90
N CYS B 351 18.10 -6.47 31.37
CA CYS B 351 16.90 -6.66 30.54
C CYS B 351 15.64 -5.95 31.13
N GLU B 352 15.37 -6.22 32.40
CA GLU B 352 14.19 -5.78 33.08
C GLU B 352 14.23 -4.32 33.43
N GLU B 353 15.41 -3.70 33.48
CA GLU B 353 15.46 -2.25 33.70
C GLU B 353 14.88 -1.55 32.49
N CYS B 354 15.07 -2.12 31.31
CA CYS B 354 14.46 -1.51 30.09
C CYS B 354 13.09 -2.07 29.78
N HIS B 355 12.91 -3.38 30.01
CA HIS B 355 11.70 -4.06 29.57
C HIS B 355 10.69 -4.33 30.68
N GLY B 356 11.04 -3.99 31.93
CA GLY B 356 10.07 -4.14 33.05
C GLY B 356 10.32 -5.46 33.78
N ALA B 357 10.14 -5.42 35.10
CA ALA B 357 10.23 -6.58 35.96
C ALA B 357 9.35 -7.74 35.50
N GLY B 358 9.99 -8.89 35.29
CA GLY B 358 9.40 -10.03 34.68
C GLY B 358 8.96 -9.90 33.23
N GLY B 359 9.28 -8.81 32.56
CA GLY B 359 8.80 -8.64 31.16
C GLY B 359 7.33 -8.90 30.94
N HIS B 360 7.05 -9.81 30.01
CA HIS B 360 5.70 -10.18 29.58
C HIS B 360 5.28 -11.48 30.28
N LEU B 361 6.11 -12.00 31.20
CA LEU B 361 5.84 -13.32 31.81
C LEU B 361 4.64 -13.25 32.73
N GLU B 362 3.93 -14.37 32.88
CA GLU B 362 2.75 -14.33 33.77
C GLU B 362 3.21 -14.13 35.22
N GLY B 363 2.59 -13.19 35.88
CA GLY B 363 3.01 -12.74 37.20
C GLY B 363 3.96 -11.57 37.19
N GLY B 364 4.52 -11.22 36.03
CA GLY B 364 5.39 -10.05 35.93
C GLY B 364 4.61 -8.74 35.91
N SER B 365 5.32 -7.62 35.75
CA SER B 365 4.74 -6.26 35.90
C SER B 365 4.31 -5.69 34.57
N GLY B 366 4.62 -6.38 33.49
CA GLY B 366 4.25 -5.89 32.17
C GLY B 366 5.39 -5.36 31.33
N LEU B 367 5.39 -5.69 30.05
CA LEU B 367 6.48 -5.43 29.16
C LEU B 367 6.56 -3.96 28.79
N LEU B 368 7.76 -3.41 28.83
CA LEU B 368 8.03 -2.07 28.32
C LEU B 368 9.13 -2.17 27.27
N ILE B 369 9.17 -1.14 26.46
CA ILE B 369 10.18 -0.95 25.43
C ILE B 369 10.75 0.46 25.70
N SER B 370 11.94 0.49 26.23
CA SER B 370 12.57 1.73 26.64
C SER B 370 12.76 2.65 25.46
N ASN B 371 12.39 3.92 25.66
CA ASN B 371 12.80 4.99 24.76
C ASN B 371 14.05 5.72 25.27
N CYS B 372 14.70 5.19 26.30
CA CYS B 372 16.01 5.64 26.74
C CYS B 372 16.01 6.92 27.57
N GLU B 373 14.86 7.58 27.73
CA GLU B 373 14.88 8.92 28.31
C GLU B 373 15.09 8.92 29.86
N ARG B 374 14.91 7.79 30.49
CA ARG B 374 15.24 7.65 31.90
C ARG B 374 16.67 8.01 32.20
N CYS B 375 17.55 7.57 31.32
CA CYS B 375 18.96 7.70 31.61
C CYS B 375 19.81 8.48 30.64
N HIS B 376 19.25 8.84 29.50
CA HIS B 376 20.02 9.50 28.45
C HIS B 376 19.49 10.83 28.03
N GLN B 377 18.39 11.30 28.60
CA GLN B 377 17.81 12.58 28.17
C GLN B 377 18.45 13.77 28.87
N ARG B 378 18.22 13.87 30.16
CA ARG B 378 18.86 14.93 30.99
C ARG B 378 18.54 16.35 30.53
N PHE B 379 17.24 16.59 30.44
CA PHE B 379 16.71 17.96 30.20
C PHE B 379 17.15 18.90 31.37
N SER B 380 17.38 20.17 31.04
CA SER B 380 17.71 21.23 32.01
C SER B 380 17.17 22.53 31.49
N TYR B 381 16.35 23.21 32.31
CA TYR B 381 15.67 24.48 31.85
C TYR B 381 16.64 25.65 31.93
N SER B 382 16.68 26.41 30.86
CA SER B 382 17.53 27.62 30.74
C SER B 382 16.65 28.89 30.65
N PRO B 383 16.50 29.63 31.76
CA PRO B 383 15.79 30.96 31.69
C PRO B 383 16.43 31.89 30.66
N ASP B 384 17.73 31.73 30.37
CA ASP B 384 18.36 32.54 29.33
C ASP B 384 17.76 32.26 27.98
N LEU B 385 17.54 30.98 27.63
CA LEU B 385 16.95 30.68 26.33
C LEU B 385 15.52 31.26 26.30
N MET B 386 14.83 31.27 27.44
CA MET B 386 13.47 31.83 27.51
C MET B 386 13.52 33.36 27.29
N ARG B 387 14.29 34.08 28.10
CA ARG B 387 14.48 35.53 27.98
C ARG B 387 14.96 35.91 26.59
N ASN B 388 15.91 35.17 26.01
CA ASN B 388 16.48 35.58 24.72
C ASN B 388 15.60 35.39 23.54
N ASN B 389 14.46 34.73 23.69
CA ASN B 389 13.57 34.56 22.56
C ASN B 389 12.14 34.80 22.98
N PRO B 390 11.70 36.05 22.93
CA PRO B 390 10.33 36.41 23.35
C PRO B 390 9.26 35.65 22.58
N LEU B 391 9.55 35.18 21.38
CA LEU B 391 8.66 34.26 20.65
C LEU B 391 8.31 32.95 21.43
N ASN B 392 9.25 32.45 22.24
CA ASN B 392 9.02 31.28 23.10
C ASN B 392 8.13 31.53 24.31
N ALA B 393 7.66 32.77 24.48
CA ALA B 393 6.85 33.11 25.68
C ALA B 393 5.72 32.11 25.92
N GLY B 394 5.56 31.65 27.15
CA GLY B 394 4.53 30.65 27.48
C GLY B 394 4.83 29.18 27.03
N LYS B 395 5.96 28.97 26.37
CA LYS B 395 6.41 27.63 25.89
C LYS B 395 7.77 27.31 26.53
N PRO B 396 7.77 27.04 27.85
CA PRO B 396 9.04 26.79 28.48
C PRO B 396 9.77 25.54 27.96
N ASP B 397 9.05 24.64 27.31
CA ASP B 397 9.69 23.50 26.64
C ASP B 397 10.72 23.96 25.63
N LEU B 398 10.48 25.14 25.04
CA LEU B 398 11.35 25.63 23.98
C LEU B 398 12.64 26.22 24.53
N ALA B 399 12.73 26.38 25.84
CA ALA B 399 13.92 26.90 26.47
C ALA B 399 14.65 25.80 27.26
N LEU B 400 14.30 24.54 26.94
CA LEU B 400 15.08 23.40 27.46
C LEU B 400 16.49 23.31 26.84
N SER B 401 17.44 22.98 27.68
CA SER B 401 18.80 22.70 27.30
C SER B 401 19.09 21.33 27.89
N SER B 402 20.37 20.99 27.99
CA SER B 402 20.84 19.76 28.57
C SER B 402 21.49 20.01 29.93
N LYS B 403 21.48 19.02 30.78
CA LYS B 403 22.28 19.09 32.01
C LYS B 403 23.72 19.35 31.68
N PHE B 404 24.29 20.41 32.26
CA PHE B 404 25.73 20.70 32.14
C PHE B 404 26.47 20.26 33.42
N LYS B 405 27.66 19.68 33.24
CA LYS B 405 28.59 19.44 34.36
C LYS B 405 29.59 20.54 34.27
N SER B 406 29.32 21.59 35.06
CA SER B 406 30.02 22.85 34.93
C SER B 406 29.83 23.50 33.56
N MET B 407 30.86 23.56 32.76
CA MET B 407 30.81 24.22 31.49
C MET B 407 30.65 23.29 30.26
N GLY B 408 30.52 22.00 30.50
CA GLY B 408 30.32 21.01 29.41
C GLY B 408 28.99 20.28 29.53
N PRO B 409 28.31 20.04 28.37
CA PRO B 409 27.09 19.22 28.44
C PRO B 409 27.44 17.86 29.07
N GLY B 410 26.58 17.41 29.96
CA GLY B 410 26.81 16.15 30.65
C GLY B 410 26.74 14.91 29.74
N CYS B 411 27.41 13.85 30.15
N CYS B 411 27.36 13.84 30.18
CA CYS B 411 27.13 12.50 29.66
CA CYS B 411 27.07 12.52 29.66
C CYS B 411 25.65 12.17 29.90
C CYS B 411 25.62 12.19 29.90
N GLY B 412 25.13 11.21 29.17
CA GLY B 412 23.77 10.82 29.32
C GLY B 412 22.80 11.93 28.98
N SER B 413 23.23 12.88 28.14
CA SER B 413 22.35 13.96 27.63
C SER B 413 22.04 13.93 26.13
N GLU B 414 22.23 12.77 25.52
CA GLU B 414 22.06 12.63 24.12
C GLU B 414 20.62 12.92 23.75
N GLY B 415 19.66 12.58 24.60
CA GLY B 415 18.26 12.82 24.30
C GLY B 415 17.82 14.31 24.31
N SER B 416 18.23 15.07 25.34
CA SER B 416 17.96 16.52 25.33
C SER B 416 18.71 17.29 24.21
N GLN B 417 19.85 16.77 23.80
CA GLN B 417 20.55 17.31 22.69
C GLN B 417 19.80 17.03 21.39
N THR B 418 19.38 15.78 21.16
CA THR B 418 18.68 15.41 19.93
C THR B 418 17.27 16.06 19.84
N TYR B 419 16.66 16.30 20.98
CA TYR B 419 15.39 16.95 20.99
C TYR B 419 15.41 18.21 20.11
N PHE B 420 16.51 18.97 20.09
CA PHE B 420 16.59 20.17 19.25
C PHE B 420 17.41 20.03 17.99
N THR B 421 17.14 18.95 17.26
CA THR B 421 17.83 18.69 16.00
C THR B 421 16.77 18.42 14.90
N ALA B 422 17.12 18.62 13.65
CA ALA B 422 16.30 18.17 12.54
C ALA B 422 15.98 16.69 12.61
N HIS B 423 16.99 15.86 12.92
CA HIS B 423 16.71 14.44 13.09
C HIS B 423 15.49 14.13 13.94
N TYR B 424 15.48 14.68 15.16
CA TYR B 424 14.34 14.43 16.02
C TYR B 424 13.00 15.01 15.45
N GLU B 425 13.03 16.20 14.90
CA GLU B 425 11.89 16.78 14.20
C GLU B 425 11.32 15.88 13.13
N LYS B 426 12.19 15.14 12.46
CA LYS B 426 11.78 14.20 11.46
C LYS B 426 11.42 12.87 11.97
N GLY B 427 11.32 12.71 13.29
CA GLY B 427 10.77 11.45 13.90
C GLY B 427 11.84 10.46 14.29
N MET B 428 13.10 10.82 14.16
CA MET B 428 14.19 9.91 14.47
C MET B 428 14.38 9.92 15.96
N ARG B 429 14.65 8.73 16.51
CA ARG B 429 14.83 8.48 17.95
C ARG B 429 16.08 7.57 18.08
N CYS B 430 16.48 7.26 19.30
CA CYS B 430 17.69 6.50 19.49
C CYS B 430 17.68 5.19 18.70
N ALA B 431 16.54 4.53 18.73
CA ALA B 431 16.42 3.20 18.14
C ALA B 431 16.38 3.24 16.64
N THR B 432 16.28 4.43 16.07
CA THR B 432 16.31 4.60 14.67
C THR B 432 17.71 4.21 14.23
N CYS B 433 18.72 4.74 14.90
CA CYS B 433 20.08 4.44 14.52
C CYS B 433 20.78 3.31 15.27
N HIS B 434 20.46 3.16 16.54
CA HIS B 434 21.10 2.20 17.45
C HIS B 434 20.40 0.87 17.67
N ASP B 435 21.19 -0.21 17.66
CA ASP B 435 20.85 -1.45 18.28
C ASP B 435 20.80 -1.21 19.81
N PRO B 436 19.72 -1.64 20.51
CA PRO B 436 19.60 -1.40 21.97
C PRO B 436 20.31 -2.42 22.84
N HIS B 437 20.80 -3.53 22.23
CA HIS B 437 21.48 -4.60 22.97
C HIS B 437 22.94 -4.47 22.88
N ASP B 438 23.46 -4.43 21.66
CA ASP B 438 24.92 -4.42 21.37
C ASP B 438 25.46 -2.96 21.34
N VAL B 439 25.39 -2.27 22.49
CA VAL B 439 25.68 -0.85 22.58
C VAL B 439 27.14 -0.47 22.71
N THR B 440 28.06 -1.43 22.78
CA THR B 440 29.46 -1.15 23.05
C THR B 440 30.35 -1.55 21.84
N GLY B 441 30.03 -2.68 21.28
CA GLY B 441 30.66 -3.18 20.06
C GLY B 441 31.97 -3.91 20.31
N ASN B 442 32.62 -4.25 19.22
CA ASN B 442 33.79 -5.09 19.32
C ASN B 442 35.07 -4.31 19.61
N VAL B 443 35.11 -3.58 20.74
CA VAL B 443 36.28 -2.81 21.07
C VAL B 443 37.21 -3.59 22.02
N THR B 444 38.48 -3.21 22.04
CA THR B 444 39.44 -4.02 22.74
C THR B 444 40.46 -3.15 23.45
N GLY B 445 41.31 -3.82 24.23
CA GLY B 445 42.33 -3.12 25.01
C GLY B 445 43.51 -2.57 24.21
N GLU B 446 44.41 -1.84 24.87
CA GLU B 446 45.54 -1.20 24.22
C GLU B 446 46.79 -1.93 24.66
N LYS B 447 47.44 -2.64 23.74
CA LYS B 447 48.59 -3.49 24.06
C LYS B 447 49.86 -2.69 24.41
N GLY B 448 49.93 -1.49 23.88
CA GLY B 448 51.08 -0.64 24.12
C GLY B 448 51.15 -0.06 25.51
N ILE B 449 50.08 -0.18 26.30
CA ILE B 449 50.08 0.38 27.64
C ILE B 449 50.76 -0.59 28.56
N LYS B 450 51.74 -0.11 29.28
CA LYS B 450 52.36 -0.96 30.29
C LYS B 450 52.07 -0.34 31.64
N GLY B 451 51.06 -0.83 32.34
CA GLY B 451 50.66 -0.20 33.60
C GLY B 451 50.87 -1.17 34.74
N VAL B 452 50.69 -0.73 35.97
CA VAL B 452 50.94 -1.65 37.12
C VAL B 452 49.91 -2.75 37.22
N SER B 453 48.63 -2.44 37.09
CA SER B 453 47.59 -3.50 37.15
C SER B 453 46.78 -3.67 35.83
N TYR B 454 46.80 -2.69 34.93
CA TYR B 454 46.03 -2.76 33.67
C TYR B 454 46.34 -4.04 32.94
N ASN B 455 45.29 -4.72 32.55
CA ASN B 455 45.35 -5.86 31.66
C ASN B 455 44.52 -5.55 30.39
N SER B 456 45.20 -5.56 29.28
CA SER B 456 44.63 -5.22 27.98
C SER B 456 43.84 -6.31 27.31
N GLU B 457 43.71 -7.46 27.94
CA GLU B 457 43.21 -8.61 27.17
C GLU B 457 41.82 -8.98 27.53
N GLN B 458 41.04 -8.10 28.08
CA GLN B 458 39.69 -8.54 28.57
C GLN B 458 38.55 -7.99 27.69
N GLY B 459 38.83 -7.79 26.43
CA GLY B 459 37.80 -7.37 25.47
C GLY B 459 37.37 -5.92 25.74
N TYR B 460 36.06 -5.67 25.75
CA TYR B 460 35.58 -4.26 25.94
C TYR B 460 35.90 -3.70 27.34
N LEU B 461 35.99 -4.60 28.32
CA LEU B 461 36.40 -4.21 29.67
C LEU B 461 37.73 -3.48 29.68
N SER B 462 38.60 -3.85 28.78
CA SER B 462 39.90 -3.22 28.64
C SER B 462 39.93 -1.97 27.82
N SER B 463 38.85 -1.66 27.11
CA SER B 463 38.94 -0.68 26.04
C SER B 463 38.73 0.74 26.53
N LEU B 464 39.41 1.66 25.87
CA LEU B 464 39.29 3.07 26.10
C LEU B 464 38.19 3.75 25.26
N TYR B 465 37.52 2.98 24.38
CA TYR B 465 36.61 3.50 23.37
C TYR B 465 35.27 2.76 23.35
N SER B 466 34.30 3.28 22.61
CA SER B 466 33.05 2.65 22.40
C SER B 466 32.71 2.62 20.90
N LYS B 467 32.02 1.58 20.43
CA LYS B 467 31.64 1.44 19.03
C LYS B 467 30.23 0.81 18.92
N PRO B 468 29.24 1.57 19.33
CA PRO B 468 27.91 1.00 19.40
C PRO B 468 27.47 0.46 18.04
N LYS B 469 26.74 -0.65 18.02
CA LYS B 469 26.27 -1.21 16.80
C LYS B 469 25.08 -0.39 16.29
N LEU B 470 25.11 -0.04 15.02
CA LEU B 470 24.14 0.78 14.37
C LEU B 470 23.34 0.06 13.32
N LYS B 471 22.04 0.37 13.29
CA LYS B 471 21.12 -0.07 12.26
C LYS B 471 21.26 0.84 11.00
N LYS B 472 21.57 2.11 11.23
CA LYS B 472 21.71 3.11 10.16
C LYS B 472 23.04 3.87 10.30
N GLU B 473 23.78 3.99 9.19
CA GLU B 473 24.95 4.88 9.07
C GLU B 473 24.49 6.19 8.40
N CYS B 474 25.29 7.26 8.54
CA CYS B 474 24.94 8.56 7.96
C CYS B 474 24.80 8.42 6.47
N THR B 475 25.64 7.60 5.89
CA THR B 475 25.65 7.39 4.42
C THR B 475 24.42 6.71 3.90
N ASP B 476 23.67 6.02 4.78
CA ASP B 476 22.39 5.41 4.34
C ASP B 476 21.36 6.43 3.92
N CYS B 477 21.33 7.59 4.55
CA CYS B 477 20.34 8.57 4.27
C CYS B 477 20.90 9.82 3.57
N HIS B 478 22.21 10.04 3.62
CA HIS B 478 22.77 11.23 3.01
C HIS B 478 23.70 10.82 1.83
N LYS B 479 23.08 10.48 0.72
CA LYS B 479 23.73 9.83 -0.41
C LYS B 479 24.60 10.82 -1.19
N GLU B 480 24.16 12.06 -1.35
CA GLU B 480 24.97 13.07 -2.07
C GLU B 480 26.25 13.44 -1.30
N GLN B 481 26.12 13.60 0.02
CA GLN B 481 27.27 13.86 0.88
C GLN B 481 28.25 12.69 0.83
N ALA B 482 27.74 11.47 0.97
CA ALA B 482 28.58 10.30 0.87
C ALA B 482 29.33 10.25 -0.50
N TYR B 483 28.60 10.57 -1.56
CA TYR B 483 29.18 10.53 -2.91
C TYR B 483 30.39 11.49 -3.00
N ILE B 484 30.20 12.73 -2.60
CA ILE B 484 31.28 13.68 -2.69
C ILE B 484 32.44 13.28 -1.78
N GLN B 485 32.10 12.80 -0.59
CA GLN B 485 33.12 12.40 0.38
CA GLN B 485 33.12 12.41 0.38
C GLN B 485 33.96 11.19 -0.12
N SER B 486 33.37 10.35 -0.97
CA SER B 486 34.03 9.15 -1.50
C SER B 486 35.15 9.48 -2.48
N LYS B 487 35.15 10.67 -3.07
CA LYS B 487 36.24 11.06 -3.95
C LYS B 487 37.52 11.36 -3.14
N ALA B 488 38.61 10.62 -3.47
CA ALA B 488 39.93 10.74 -2.82
C ALA B 488 40.34 12.18 -2.61
N ASP B 489 40.61 12.58 -1.37
CA ASP B 489 40.94 13.97 -1.04
C ASP B 489 41.35 14.04 0.45
N THR B 490 41.69 15.22 0.88
CA THR B 490 42.06 15.50 2.26
C THR B 490 41.38 14.68 3.38
N HIS B 491 40.08 14.75 3.48
CA HIS B 491 39.44 14.02 4.64
C HIS B 491 38.66 12.79 4.19
N SER B 492 38.97 12.26 2.99
CA SER B 492 38.15 11.20 2.39
C SER B 492 38.20 9.92 3.21
N LYS B 493 39.24 9.71 4.00
CA LYS B 493 39.27 8.67 5.00
C LYS B 493 38.55 8.97 6.34
N ASN B 494 38.08 10.18 6.58
CA ASN B 494 37.43 10.52 7.89
C ASN B 494 36.02 9.89 7.90
N SER B 495 35.49 9.43 9.03
CA SER B 495 34.09 9.03 9.11
C SER B 495 33.24 10.30 9.06
N CYS B 496 31.97 10.20 8.68
CA CYS B 496 31.01 11.37 8.82
C CYS B 496 30.93 11.92 10.27
N ALA B 497 30.96 10.99 11.21
CA ALA B 497 30.89 11.32 12.61
C ALA B 497 32.09 12.15 13.09
N SER B 498 33.25 12.00 12.47
CA SER B 498 34.45 12.64 12.98
C SER B 498 34.31 14.17 13.01
N CYS B 499 33.71 14.81 11.98
CA CYS B 499 33.45 16.23 12.07
C CYS B 499 32.13 16.55 12.77
N HIS B 500 31.10 15.74 12.56
CA HIS B 500 29.75 16.06 12.97
C HIS B 500 29.39 15.69 14.39
N MET B 501 30.13 14.74 14.99
CA MET B 501 29.89 14.30 16.38
C MET B 501 31.16 14.30 17.23
N PRO B 502 31.72 15.49 17.47
CA PRO B 502 32.84 15.64 18.40
C PRO B 502 32.46 15.27 19.83
N PHE B 503 33.47 14.91 20.60
CA PHE B 503 33.28 14.48 21.97
C PHE B 503 33.23 15.69 22.92
N MET B 504 32.08 16.38 22.93
CA MET B 504 31.89 17.63 23.66
C MET B 504 31.50 17.44 25.10
N MET B 505 31.11 16.23 25.48
CA MET B 505 30.43 16.01 26.76
C MET B 505 31.40 15.57 27.85
N SER B 506 31.13 16.14 29.04
CA SER B 506 31.83 15.84 30.25
C SER B 506 31.04 14.84 31.03
N CYS B 507 31.67 13.70 31.25
N CYS B 507 31.63 13.64 31.22
CA CYS B 507 31.16 12.72 32.14
CA CYS B 507 31.16 12.66 32.22
C CYS B 507 31.67 12.98 33.60
C CYS B 507 31.67 12.98 33.63
N GLU B 508 32.90 13.47 33.69
CA GLU B 508 33.62 13.54 34.97
C GLU B 508 33.40 14.81 35.83
N ASN B 509 32.81 15.84 35.23
CA ASN B 509 32.75 17.19 35.82
C ASN B 509 34.14 17.64 36.27
N PHE B 510 35.09 17.47 35.34
CA PHE B 510 36.49 17.81 35.55
C PHE B 510 36.67 19.28 35.14
N TYR B 511 36.01 20.15 35.88
CA TYR B 511 36.01 21.57 35.54
C TYR B 511 37.38 22.22 35.59
N ALA B 512 38.30 21.66 36.36
CA ALA B 512 39.67 22.20 36.36
C ALA B 512 40.31 22.26 34.97
N ILE B 513 39.87 21.36 34.06
CA ILE B 513 40.45 21.30 32.72
C ILE B 513 39.47 21.71 31.58
N GLN B 514 38.34 22.34 31.92
CA GLN B 514 37.33 22.79 30.91
C GLN B 514 37.65 24.18 30.44
N PHE B 515 38.08 24.31 29.20
CA PHE B 515 38.36 25.61 28.55
C PHE B 515 37.60 25.61 27.19
N GLN B 516 36.32 25.81 27.30
CA GLN B 516 35.38 25.39 26.24
C GLN B 516 35.54 26.12 24.92
N ASP B 517 36.05 27.35 24.98
CA ASP B 517 36.27 28.15 23.81
C ASP B 517 37.46 27.58 23.04
N GLN B 518 38.25 26.74 23.71
CA GLN B 518 39.35 25.99 23.08
C GLN B 518 38.98 24.57 22.73
N ALA B 519 37.71 24.20 22.95
CA ALA B 519 37.22 22.84 22.59
C ALA B 519 38.00 21.74 23.26
N GLY B 520 38.22 21.94 24.57
CA GLY B 520 38.88 20.94 25.42
C GLY B 520 38.71 21.37 26.88
N PHE B 521 39.12 20.57 27.86
CA PHE B 521 39.82 19.28 27.68
C PHE B 521 39.19 18.06 28.35
N ASP B 522 37.96 18.23 28.84
CA ASP B 522 37.20 17.25 29.60
C ASP B 522 36.11 16.71 28.60
N THR B 523 36.52 15.78 27.74
CA THR B 523 35.82 15.52 26.48
C THR B 523 35.71 14.02 26.31
N GLN B 524 34.68 13.44 26.91
CA GLN B 524 34.63 11.99 27.05
C GLN B 524 33.40 11.34 26.38
N ARG B 525 32.36 12.11 26.04
CA ARG B 525 31.21 11.56 25.36
C ARG B 525 30.86 12.37 24.11
N ARG B 526 30.17 11.67 23.20
CA ARG B 526 29.92 12.11 21.83
C ARG B 526 28.63 12.95 21.69
N ALA B 527 28.78 14.19 21.23
CA ALA B 527 27.64 15.08 21.01
C ALA B 527 26.70 14.54 19.92
N HIS B 528 25.39 14.64 20.17
CA HIS B 528 24.34 14.24 19.23
C HIS B 528 23.51 15.46 18.79
N ILE B 529 24.19 16.24 17.96
CA ILE B 529 23.72 17.56 17.47
C ILE B 529 23.77 17.68 15.91
N TRP B 530 24.91 17.23 15.33
CA TRP B 530 25.12 17.02 13.91
C TRP B 530 25.31 18.30 13.10
N LYS B 531 24.42 19.28 13.30
CA LYS B 531 24.48 20.57 12.59
C LYS B 531 25.77 21.33 12.97
N ILE B 532 26.52 21.71 11.94
CA ILE B 532 27.77 22.46 12.08
C ILE B 532 27.50 23.88 11.58
N ASP B 533 27.70 24.81 12.50
CA ASP B 533 27.56 26.27 12.30
C ASP B 533 28.90 26.75 11.76
N VAL B 534 28.91 27.60 10.76
CA VAL B 534 30.14 28.12 10.20
C VAL B 534 30.23 29.59 10.51
N ASP B 535 31.04 30.01 11.48
CA ASP B 535 31.01 31.41 11.98
C ASP B 535 32.33 31.70 12.67
N PRO B 536 32.79 32.97 12.61
CA PRO B 536 34.14 33.20 13.15
C PRO B 536 34.18 33.19 14.67
N ALA B 537 33.05 33.37 15.33
CA ALA B 537 33.06 33.62 16.78
C ALA B 537 31.98 32.89 17.62
N ARG B 538 30.79 32.67 17.08
CA ARG B 538 29.64 32.22 17.85
C ARG B 538 29.93 30.81 18.42
N LYS B 539 29.61 30.56 19.68
CA LYS B 539 30.03 29.32 20.39
C LYS B 539 28.83 28.46 20.65
N SER B 540 28.97 27.13 20.48
CA SER B 540 27.97 26.16 20.92
C SER B 540 27.60 26.28 22.41
N LEU B 541 28.61 26.43 23.26
CA LEU B 541 28.46 26.42 24.71
C LEU B 541 28.72 27.84 25.30
N VAL B 542 27.75 28.36 26.03
CA VAL B 542 27.85 29.68 26.65
C VAL B 542 27.44 29.65 28.12
N ALA B 543 28.00 30.60 28.85
CA ALA B 543 27.72 30.82 30.30
C ALA B 543 26.36 31.44 30.45
N GLY B 544 25.65 31.15 31.55
CA GLY B 544 24.38 31.83 31.83
C GLY B 544 24.60 33.28 32.26
N SER B 545 23.56 34.12 32.14
CA SER B 545 23.60 35.53 32.55
C SER B 545 23.86 35.74 34.06
N THR B 546 23.75 34.68 34.87
CA THR B 546 24.14 34.65 36.29
C THR B 546 25.62 34.49 36.50
N SER B 547 26.37 34.13 35.44
CA SER B 547 27.80 33.93 35.57
C SER B 547 28.48 35.27 35.80
N LYS B 548 29.47 35.34 36.67
CA LYS B 548 30.21 36.60 36.86
C LYS B 548 31.69 36.52 36.57
N ASP B 549 32.18 35.32 36.32
CA ASP B 549 33.57 35.13 35.92
C ASP B 549 33.56 34.06 34.82
N PRO B 550 34.47 34.15 33.81
CA PRO B 550 34.39 33.15 32.71
C PRO B 550 34.54 31.69 33.20
N ARG B 551 35.06 31.52 34.42
CA ARG B 551 35.30 30.20 34.98
C ARG B 551 34.40 29.84 36.14
N ASP B 552 33.38 30.65 36.47
CA ASP B 552 32.51 30.24 37.57
C ASP B 552 31.55 29.08 37.23
N GLY B 553 31.34 28.78 35.95
CA GLY B 553 30.45 27.71 35.59
C GLY B 553 28.98 27.83 35.95
N LYS B 554 28.48 29.04 36.05
CA LYS B 554 27.05 29.22 36.34
C LYS B 554 26.15 29.13 35.09
N ASP B 555 25.13 28.28 35.18
CA ASP B 555 24.00 28.17 34.18
C ASP B 555 24.45 28.05 32.73
N TRP B 556 25.55 27.32 32.47
CA TRP B 556 25.98 27.10 31.10
C TRP B 556 24.93 26.29 30.37
N HIS B 557 24.81 26.52 29.06
CA HIS B 557 23.74 25.91 28.26
C HIS B 557 24.18 25.94 26.77
N PHE B 558 23.45 25.18 25.93
CA PHE B 558 23.63 25.26 24.51
C PHE B 558 23.00 26.53 24.01
N GLU B 559 23.67 27.17 23.07
CA GLU B 559 23.07 28.23 22.34
C GLU B 559 22.17 27.60 21.21
N ARG B 560 21.23 28.39 20.66
CA ARG B 560 20.34 27.95 19.61
C ARG B 560 20.55 28.80 18.37
N ASN B 561 20.55 28.20 17.17
CA ASN B 561 20.67 28.99 15.98
C ASN B 561 19.32 29.50 15.53
N GLU B 562 19.34 30.11 14.36
CA GLU B 562 18.13 30.78 13.83
C GLU B 562 17.05 29.80 13.49
N GLU B 563 17.37 28.49 13.34
CA GLU B 563 16.30 27.49 13.15
C GLU B 563 15.81 26.91 14.46
N GLY B 564 16.24 27.47 15.56
CA GLY B 564 15.83 26.90 16.86
C GLY B 564 16.53 25.57 17.25
N ARG B 565 17.72 25.30 16.71
CA ARG B 565 18.41 24.03 16.89
C ARG B 565 19.75 24.23 17.54
N ASN B 566 20.24 23.17 18.19
CA ASN B 566 21.61 23.13 18.70
C ASN B 566 22.55 23.11 17.48
N PHE B 567 23.79 23.50 17.71
CA PHE B 567 24.80 23.43 16.68
C PHE B 567 26.15 23.20 17.28
N VAL B 568 27.04 22.72 16.43
CA VAL B 568 28.44 22.49 16.74
C VAL B 568 29.24 23.63 16.09
N ASP B 569 30.03 24.37 16.88
CA ASP B 569 30.91 25.42 16.33
C ASP B 569 32.15 24.79 15.75
N LEU B 570 32.89 25.54 14.97
CA LEU B 570 33.97 24.95 14.17
C LEU B 570 35.19 24.57 14.99
N MET B 571 35.31 25.15 16.18
CA MET B 571 36.45 24.80 17.01
C MET B 571 36.24 23.35 17.50
N TRP B 572 35.00 23.05 17.92
CA TRP B 572 34.61 21.64 18.26
C TRP B 572 34.66 20.71 17.09
N ALA B 573 34.17 21.17 15.93
CA ALA B 573 34.10 20.30 14.75
C ALA B 573 35.47 19.90 14.21
N CYS B 574 36.45 20.80 14.30
CA CYS B 574 37.74 20.61 13.59
C CYS B 574 38.99 20.50 14.50
N ALA B 575 38.94 21.19 15.64
CA ALA B 575 40.13 21.44 16.42
C ALA B 575 40.04 20.94 17.85
N ARG B 576 38.96 20.23 18.20
CA ARG B 576 38.79 19.68 19.57
C ARG B 576 39.89 18.78 20.06
N THR B 577 40.07 18.75 21.39
CA THR B 577 41.04 17.91 22.03
C THR B 577 40.38 16.87 22.94
N THR B 578 40.72 15.60 22.74
CA THR B 578 40.13 14.51 23.46
C THR B 578 41.05 13.28 23.43
N TRP B 579 40.79 12.31 24.33
CA TRP B 579 41.43 11.01 24.30
C TRP B 579 40.37 9.91 24.28
N ALA B 580 39.14 10.29 23.90
CA ALA B 580 38.01 9.35 23.89
C ALA B 580 37.52 8.94 22.46
N ASP B 581 38.20 9.45 21.45
CA ASP B 581 37.72 9.50 20.06
C ASP B 581 38.66 8.65 19.20
N LYS B 582 38.25 7.42 18.99
CA LYS B 582 39.05 6.53 18.17
C LYS B 582 39.34 7.09 16.74
N ASP B 583 38.33 7.66 16.09
CA ASP B 583 38.46 8.21 14.74
C ASP B 583 39.54 9.26 14.80
N GLN B 584 39.53 10.08 15.84
CA GLN B 584 40.51 11.16 15.90
C GLN B 584 41.91 10.60 16.10
N ALA B 585 42.04 9.60 16.97
CA ALA B 585 43.34 8.99 17.21
C ALA B 585 43.95 8.38 15.97
N GLU B 586 43.10 7.85 15.12
CA GLU B 586 43.57 7.26 13.90
C GLU B 586 43.70 8.23 12.72
N ALA B 587 43.30 9.51 12.90
CA ALA B 587 43.45 10.53 11.87
C ALA B 587 44.34 11.63 12.38
N LYS B 588 45.44 11.23 13.01
CA LYS B 588 46.54 12.10 13.36
C LYS B 588 46.15 13.17 14.34
N GLY B 589 45.13 12.87 15.14
CA GLY B 589 44.68 13.79 16.16
C GLY B 589 43.96 14.99 15.62
N CYS B 590 43.53 14.95 14.35
CA CYS B 590 42.86 16.09 13.76
C CYS B 590 43.72 17.35 13.92
N HIS B 591 43.11 18.49 14.24
CA HIS B 591 43.81 19.78 14.26
C HIS B 591 44.02 20.38 15.65
N SER B 592 43.90 19.55 16.67
CA SER B 592 44.15 19.95 18.04
C SER B 592 45.61 20.38 18.24
N PRO B 593 45.80 21.58 18.79
CA PRO B 593 47.18 21.96 19.09
C PRO B 593 47.85 21.04 20.05
N VAL B 594 47.07 20.24 20.79
CA VAL B 594 47.60 19.38 21.82
C VAL B 594 47.85 17.96 21.35
N VAL B 595 46.90 17.36 20.64
CA VAL B 595 47.12 15.97 20.17
C VAL B 595 47.38 15.75 18.68
N SER B 596 47.35 16.82 17.88
CA SER B 596 47.56 16.65 16.44
C SER B 596 49.01 16.23 16.21
N GLU B 597 49.19 15.24 15.34
CA GLU B 597 50.50 14.82 14.85
C GLU B 597 50.78 15.40 13.47
N LEU B 598 49.86 16.26 12.97
CA LEU B 598 50.07 16.95 11.73
C LEU B 598 51.10 18.03 11.93
N LYS B 599 51.66 18.56 10.84
CA LYS B 599 52.57 19.69 10.98
C LYS B 599 51.85 20.83 11.60
N GLU B 600 52.65 21.71 12.17
CA GLU B 600 52.17 22.62 13.14
C GLU B 600 51.28 23.74 12.52
N THR B 601 51.46 23.99 11.23
CA THR B 601 50.61 24.95 10.51
C THR B 601 49.17 24.41 10.32
N LEU B 602 48.94 23.12 10.52
CA LEU B 602 47.59 22.56 10.61
C LEU B 602 47.08 22.39 12.05
N HIS B 603 47.70 23.07 13.01
CA HIS B 603 47.17 23.11 14.38
C HIS B 603 46.32 24.34 14.50
N PHE B 604 45.05 24.20 14.77
CA PHE B 604 44.15 25.31 14.76
C PHE B 604 43.89 25.84 16.19
N LYS B 605 44.18 27.12 16.42
CA LYS B 605 44.27 27.67 17.79
C LYS B 605 43.03 28.43 18.24
N ASP B 606 42.18 28.85 17.31
CA ASP B 606 40.98 29.57 17.66
C ASP B 606 39.99 29.41 16.52
N GLN B 607 38.76 29.73 16.79
CA GLN B 607 37.69 29.53 15.84
C GLN B 607 37.85 30.43 14.61
N LYS B 608 38.31 31.65 14.80
CA LYS B 608 38.50 32.53 13.61
C LYS B 608 39.44 31.91 12.61
N GLN B 609 40.51 31.29 13.08
CA GLN B 609 41.42 30.64 12.18
C GLN B 609 40.73 29.46 11.44
N VAL B 610 39.89 28.70 12.16
CA VAL B 610 39.24 27.57 11.53
C VAL B 610 38.28 28.12 10.46
N TYR B 611 37.59 29.19 10.80
CA TYR B 611 36.63 29.83 9.95
C TYR B 611 37.28 30.29 8.67
N ASN B 612 38.48 30.86 8.78
CA ASN B 612 39.17 31.34 7.57
C ASN B 612 39.58 30.18 6.72
N GLU B 613 39.98 29.05 7.30
CA GLU B 613 40.24 27.89 6.42
C GLU B 613 38.98 27.43 5.67
N VAL B 614 37.87 27.36 6.39
CA VAL B 614 36.60 27.00 5.78
C VAL B 614 36.23 27.98 4.65
N MET B 615 36.46 29.26 4.88
CA MET B 615 36.14 30.27 3.89
C MET B 615 36.98 30.11 2.66
N GLY B 616 38.20 29.67 2.80
CA GLY B 616 39.06 29.48 1.67
C GLY B 616 38.53 28.39 0.74
N TRP B 617 37.74 27.49 1.29
CA TRP B 617 37.20 26.44 0.49
C TRP B 617 35.82 26.83 -0.01
N GLN B 618 34.99 27.38 0.87
CA GLN B 618 33.60 27.62 0.54
C GLN B 618 33.38 28.81 -0.40
N THR B 619 34.18 29.89 -0.27
CA THR B 619 33.94 31.10 -1.06
C THR B 619 34.11 30.83 -2.58
N PRO B 620 35.21 30.21 -3.03
CA PRO B 620 35.30 30.01 -4.48
C PRO B 620 34.20 29.05 -4.99
N VAL B 621 33.84 28.02 -4.19
CA VAL B 621 32.73 27.16 -4.50
C VAL B 621 31.41 27.88 -4.62
N LYS B 622 31.04 28.67 -3.63
CA LYS B 622 29.83 29.45 -3.73
C LYS B 622 29.82 30.49 -4.88
N ASP B 623 30.98 31.03 -5.24
CA ASP B 623 31.03 31.95 -6.36
C ASP B 623 30.75 31.24 -7.69
N LYS B 624 31.46 30.16 -7.96
CA LYS B 624 31.20 29.36 -9.17
C LYS B 624 29.77 28.82 -9.22
N PHE B 625 29.24 28.30 -8.12
CA PHE B 625 27.84 27.88 -8.04
C PHE B 625 26.88 28.95 -8.54
N THR B 626 27.00 30.14 -7.98
CA THR B 626 26.08 31.27 -8.29
C THR B 626 26.19 31.69 -9.76
N GLN B 627 27.42 31.81 -10.23
CA GLN B 627 27.71 32.03 -11.61
C GLN B 627 26.93 31.04 -12.50
N VAL B 628 27.03 29.73 -12.20
CA VAL B 628 26.29 28.75 -13.00
C VAL B 628 24.78 28.97 -12.92
N LYS B 629 24.21 29.11 -11.71
CA LYS B 629 22.78 29.34 -11.54
C LYS B 629 22.27 30.54 -12.40
N VAL B 630 23.06 31.63 -12.40
CA VAL B 630 22.69 32.85 -13.11
C VAL B 630 22.77 32.58 -14.59
N GLY B 631 23.84 31.89 -15.02
CA GLY B 631 23.99 31.46 -16.41
C GLY B 631 22.79 30.61 -16.91
N ILE B 632 22.38 29.62 -16.14
CA ILE B 632 21.24 28.79 -16.54
C ILE B 632 19.95 29.65 -16.77
N GLN B 633 19.63 30.52 -15.81
CA GLN B 633 18.46 31.38 -15.92
C GLN B 633 18.53 32.27 -17.15
N GLY B 634 19.68 32.88 -17.37
CA GLY B 634 19.86 33.78 -18.53
C GLY B 634 19.65 33.05 -19.86
N LEU B 635 20.19 31.84 -19.96
CA LEU B 635 20.04 31.08 -21.15
C LEU B 635 18.62 30.60 -21.38
N TYR B 636 17.91 30.12 -20.37
CA TYR B 636 16.48 29.81 -20.50
C TYR B 636 15.66 31.05 -20.92
N SER B 637 16.03 32.25 -20.47
CA SER B 637 15.30 33.43 -20.93
C SER B 637 15.52 33.64 -22.37
N LEU B 638 16.77 33.52 -22.81
CA LEU B 638 17.05 33.77 -24.18
C LEU B 638 16.35 32.77 -25.09
N LEU B 639 16.31 31.50 -24.66
CA LEU B 639 15.76 30.45 -25.48
C LEU B 639 14.27 30.68 -25.70
N GLU B 640 13.59 31.35 -24.77
CA GLU B 640 12.17 31.74 -24.91
C GLU B 640 11.94 32.73 -26.08
N VAL B 641 12.96 33.52 -26.45
CA VAL B 641 12.74 34.49 -27.56
C VAL B 641 13.70 34.36 -28.73
N LYS B 642 14.85 33.69 -28.60
CA LYS B 642 15.79 33.69 -29.73
C LYS B 642 15.63 32.42 -30.50
N LYS B 643 15.78 32.49 -31.82
CA LYS B 643 15.67 31.29 -32.62
C LYS B 643 17.10 30.80 -32.95
N LEU B 644 17.35 29.52 -32.82
CA LEU B 644 18.66 28.95 -33.13
C LEU B 644 18.50 27.80 -34.09
N ALA B 645 19.50 27.59 -34.91
CA ALA B 645 19.60 26.40 -35.74
C ALA B 645 19.50 25.12 -34.85
N PRO B 646 18.87 24.06 -35.39
CA PRO B 646 18.56 22.87 -34.57
C PRO B 646 19.77 22.25 -33.83
N SER B 647 20.88 22.06 -34.53
CA SER B 647 22.04 21.43 -33.93
C SER B 647 22.68 22.29 -32.79
N ASP B 648 22.55 23.61 -32.89
CA ASP B 648 22.98 24.54 -31.91
C ASP B 648 22.02 24.63 -30.72
N LYS B 649 20.70 24.60 -31.00
CA LYS B 649 19.71 24.56 -29.97
C LYS B 649 19.92 23.34 -29.11
N THR B 650 20.18 22.21 -29.76
CA THR B 650 20.40 20.96 -29.08
C THR B 650 21.57 21.09 -28.10
N ARG B 651 22.69 21.66 -28.57
CA ARG B 651 23.90 21.77 -27.78
C ARG B 651 23.70 22.70 -26.60
N VAL B 652 23.04 23.85 -26.82
CA VAL B 652 22.77 24.79 -25.79
C VAL B 652 21.92 24.12 -24.68
N TYR B 653 20.85 23.48 -25.08
CA TYR B 653 20.03 22.79 -24.06
C TYR B 653 20.89 21.75 -23.27
N GLU B 654 21.66 20.96 -23.97
CA GLU B 654 22.48 19.91 -23.39
C GLU B 654 23.45 20.44 -22.30
N LEU B 655 24.10 21.56 -22.61
CA LEU B 655 25.03 22.20 -21.70
C LEU B 655 24.34 22.79 -20.53
N ILE B 656 23.16 23.38 -20.74
CA ILE B 656 22.39 23.90 -19.65
C ILE B 656 22.04 22.77 -18.63
N GLU B 657 21.57 21.67 -19.17
CA GLU B 657 21.12 20.56 -18.34
C GLU B 657 22.30 19.87 -17.60
N LYS B 658 23.45 19.77 -18.26
CA LYS B 658 24.62 19.26 -17.57
C LYS B 658 25.06 20.21 -16.47
N ALA B 659 24.94 21.50 -16.71
CA ALA B 659 25.30 22.45 -15.66
C ALA B 659 24.33 22.37 -14.47
N GLN B 660 23.05 22.21 -14.79
CA GLN B 660 22.02 21.97 -13.80
C GLN B 660 22.25 20.71 -12.95
N ASP B 661 22.67 19.59 -13.56
CA ASP B 661 23.01 18.38 -12.80
C ASP B 661 24.10 18.69 -11.74
N THR B 662 25.07 19.47 -12.17
CA THR B 662 26.14 19.83 -11.29
C THR B 662 25.64 20.70 -10.17
N VAL B 663 24.91 21.78 -10.48
CA VAL B 663 24.46 22.62 -9.38
C VAL B 663 23.46 21.90 -8.46
N ASP B 664 22.63 21.01 -8.99
CA ASP B 664 21.68 20.26 -8.12
C ASP B 664 22.47 19.39 -7.13
N LEU B 665 23.50 18.72 -7.61
CA LEU B 665 24.31 17.87 -6.75
C LEU B 665 24.99 18.71 -5.61
N ILE B 666 25.61 19.83 -5.97
CA ILE B 666 26.30 20.65 -5.02
C ILE B 666 25.31 21.22 -4.05
N GLU B 667 24.19 21.76 -4.55
CA GLU B 667 23.18 22.30 -3.68
C GLU B 667 22.64 21.26 -2.65
N LYS B 668 22.32 20.08 -3.12
CA LYS B 668 21.88 19.01 -2.21
C LYS B 668 22.95 18.59 -1.22
N ASP B 669 24.19 18.50 -1.67
CA ASP B 669 25.27 18.20 -0.74
C ASP B 669 25.30 19.21 0.42
N GLY B 670 25.28 20.48 0.04
CA GLY B 670 25.15 21.53 1.04
C GLY B 670 26.35 21.88 1.90
N SER B 671 27.52 21.35 1.56
CA SER B 671 28.74 21.62 2.30
C SER B 671 29.66 22.64 1.61
N TRP B 672 29.33 23.00 0.36
CA TRP B 672 30.07 24.02 -0.39
C TRP B 672 31.60 23.72 -0.46
N GLY B 673 31.92 22.47 -0.71
CA GLY B 673 33.32 21.98 -0.81
C GLY B 673 33.89 21.31 0.45
N MET B 674 33.23 21.41 1.61
CA MET B 674 33.77 20.79 2.86
C MET B 674 33.71 19.26 2.87
N HIS B 675 32.86 18.68 2.04
CA HIS B 675 32.95 17.21 1.82
C HIS B 675 33.87 16.74 0.73
N GLY B 676 34.51 17.67 0.01
CA GLY B 676 35.57 17.29 -0.94
C GLY B 676 35.81 18.39 -1.91
N PHE B 677 36.82 19.23 -1.62
CA PHE B 677 37.00 20.48 -2.36
C PHE B 677 37.40 20.24 -3.81
N LYS B 678 38.35 19.40 -4.02
CA LYS B 678 38.88 19.17 -5.37
C LYS B 678 37.80 18.65 -6.35
N TYR B 679 37.06 17.61 -5.98
CA TYR B 679 35.97 17.13 -6.83
C TYR B 679 34.96 18.24 -7.08
N THR B 680 34.58 18.95 -6.01
CA THR B 680 33.53 19.94 -6.09
C THR B 680 33.90 21.12 -6.97
N LYS B 681 35.09 21.70 -6.73
CA LYS B 681 35.54 22.91 -7.43
C LYS B 681 35.74 22.60 -8.92
N GLN B 682 36.42 21.49 -9.19
CA GLN B 682 36.63 21.07 -10.53
C GLN B 682 35.29 20.78 -11.29
N ARG B 683 34.32 20.16 -10.65
CA ARG B 683 33.05 19.90 -11.31
C ARG B 683 32.37 21.18 -11.63
N LEU B 684 32.46 22.15 -10.75
CA LEU B 684 31.81 23.41 -10.99
C LEU B 684 32.52 24.24 -12.05
N ASP B 685 33.84 24.17 -12.07
CA ASP B 685 34.61 24.82 -13.11
C ASP B 685 34.16 24.33 -14.50
N ALA B 686 34.05 23.01 -14.65
CA ALA B 686 33.54 22.41 -15.88
C ALA B 686 32.18 22.96 -16.22
N ALA B 687 31.30 23.07 -15.23
CA ALA B 687 29.98 23.58 -15.48
C ALA B 687 29.98 25.06 -15.94
N VAL B 688 30.84 25.87 -15.34
CA VAL B 688 31.02 27.27 -15.79
C VAL B 688 31.43 27.28 -17.25
N GLU B 689 32.35 26.40 -17.59
CA GLU B 689 32.77 26.28 -18.96
C GLU B 689 31.63 25.82 -19.90
N TYR B 690 30.76 24.90 -19.41
CA TYR B 690 29.56 24.49 -20.17
C TYR B 690 28.74 25.74 -20.45
N ILE B 691 28.50 26.54 -19.42
CA ILE B 691 27.71 27.73 -19.57
C ILE B 691 28.39 28.66 -20.58
N ASN B 692 29.71 28.80 -20.48
CA ASN B 692 30.44 29.67 -21.40
C ASN B 692 30.33 29.19 -22.81
N GLU B 693 30.45 27.87 -23.06
CA GLU B 693 30.20 27.38 -24.41
C GLU B 693 28.78 27.73 -24.94
N ALA B 694 27.76 27.59 -24.12
CA ALA B 694 26.38 27.84 -24.59
C ALA B 694 26.22 29.29 -24.91
N GLN B 695 26.81 30.16 -24.08
CA GLN B 695 26.75 31.58 -24.35
C GLN B 695 27.43 31.94 -25.68
N ARG B 696 28.57 31.33 -25.99
CA ARG B 696 29.21 31.60 -27.26
C ARG B 696 28.29 31.19 -28.40
N ILE B 697 27.65 30.04 -28.26
CA ILE B 697 26.76 29.55 -29.32
C ILE B 697 25.62 30.49 -29.46
N MET B 698 25.06 30.92 -28.35
CA MET B 698 23.96 31.87 -28.39
C MET B 698 24.35 33.23 -29.02
N LYS B 699 25.54 33.70 -28.67
CA LYS B 699 26.05 34.99 -29.14
C LYS B 699 26.26 34.90 -30.61
N LYS B 700 26.78 33.74 -31.05
CA LYS B 700 27.01 33.48 -32.47
C LYS B 700 25.73 33.66 -33.30
N SER B 701 24.64 32.98 -32.97
CA SER B 701 23.37 33.29 -33.63
C SER B 701 22.66 34.56 -33.08
N GLY C 42 -43.95 5.61 26.91
CA GLY C 42 -42.95 5.00 27.83
C GLY C 42 -41.55 5.17 27.28
N MET C 43 -40.74 5.94 28.00
CA MET C 43 -39.34 6.09 27.69
C MET C 43 -38.60 4.74 27.91
N GLN C 44 -37.90 4.25 26.90
CA GLN C 44 -37.07 3.03 27.10
C GLN C 44 -35.82 3.05 26.24
N MET C 45 -34.90 2.15 26.56
CA MET C 45 -33.66 2.04 25.78
C MET C 45 -34.05 1.57 24.39
N THR C 46 -33.11 1.66 23.47
CA THR C 46 -33.35 1.30 22.08
C THR C 46 -33.65 -0.22 21.95
N LYS C 47 -34.34 -0.52 20.87
CA LYS C 47 -34.60 -1.88 20.46
C LYS C 47 -33.30 -2.68 20.49
N GLU C 48 -32.25 -2.12 19.90
CA GLU C 48 -30.97 -2.80 19.80
C GLU C 48 -30.38 -3.12 21.19
N ALA C 49 -30.38 -2.14 22.09
CA ALA C 49 -29.93 -2.37 23.46
C ALA C 49 -30.74 -3.41 24.20
N ARG C 50 -32.06 -3.29 24.13
CA ARG C 50 -32.94 -4.20 24.90
C ARG C 50 -32.79 -5.67 24.45
N GLU C 51 -32.64 -5.89 23.14
CA GLU C 51 -32.43 -7.25 22.57
C GLU C 51 -31.15 -7.88 23.04
N ILE C 52 -30.10 -7.08 23.20
CA ILE C 52 -28.84 -7.60 23.78
C ILE C 52 -28.98 -7.82 25.28
N ILE C 53 -29.70 -6.94 25.93
CA ILE C 53 -29.89 -7.06 27.38
C ILE C 53 -30.70 -8.35 27.63
N ALA C 54 -31.69 -8.63 26.79
CA ALA C 54 -32.53 -9.81 26.99
C ALA C 54 -31.76 -11.12 26.69
N HIS C 55 -30.71 -11.09 25.86
CA HIS C 55 -29.96 -12.34 25.50
C HIS C 55 -28.46 -12.04 25.40
N PRO C 56 -27.83 -11.73 26.55
CA PRO C 56 -26.49 -11.14 26.51
C PRO C 56 -25.42 -12.22 26.29
N LYS C 57 -24.41 -11.92 25.48
CA LYS C 57 -23.33 -12.86 25.23
C LYS C 57 -21.94 -12.20 25.42
N GLY C 58 -21.84 -11.39 26.46
CA GLY C 58 -20.61 -10.76 26.96
C GLY C 58 -19.66 -11.77 27.60
N THR C 59 -18.54 -11.28 28.12
CA THR C 59 -17.49 -12.14 28.66
C THR C 59 -17.13 -11.79 30.04
N LYS C 60 -17.75 -10.76 30.58
CA LYS C 60 -17.35 -10.29 31.89
C LYS C 60 -17.60 -11.36 33.01
N GLU C 61 -18.73 -12.03 32.95
CA GLU C 61 -19.05 -13.10 33.92
C GLU C 61 -18.40 -14.41 33.54
N SER C 62 -18.50 -14.79 32.26
CA SER C 62 -17.93 -16.06 31.80
C SER C 62 -16.39 -16.10 31.84
N ARG C 63 -15.72 -15.00 31.55
CA ARG C 63 -14.26 -15.03 31.41
C ARG C 63 -13.51 -14.10 32.29
N GLY C 64 -14.17 -13.12 32.90
CA GLY C 64 -13.44 -12.14 33.74
C GLY C 64 -12.87 -11.00 32.89
N VAL C 65 -13.38 -10.85 31.67
CA VAL C 65 -12.85 -9.86 30.73
C VAL C 65 -14.02 -9.13 30.11
N ILE C 66 -13.98 -7.81 30.20
CA ILE C 66 -15.06 -7.03 29.62
C ILE C 66 -14.96 -6.89 28.10
N SER C 67 -16.03 -7.20 27.39
CA SER C 67 -16.02 -7.07 25.92
C SER C 67 -17.26 -6.30 25.45
N LEU C 68 -17.53 -6.28 24.15
CA LEU C 68 -18.45 -5.26 23.59
C LEU C 68 -19.87 -5.35 24.20
N GLN C 69 -20.45 -6.54 24.23
CA GLN C 69 -21.80 -6.71 24.71
C GLN C 69 -21.92 -6.37 26.20
N ASP C 70 -20.86 -6.56 26.99
CA ASP C 70 -20.86 -6.10 28.35
C ASP C 70 -21.08 -4.56 28.51
N TYR C 71 -20.50 -3.78 27.61
CA TYR C 71 -20.65 -2.33 27.56
C TYR C 71 -22.10 -1.91 27.23
N ILE C 72 -22.77 -2.62 26.34
CA ILE C 72 -24.21 -2.36 26.07
C ILE C 72 -25.06 -2.59 27.33
N VAL C 73 -24.83 -3.72 28.00
CA VAL C 73 -25.60 -4.16 29.15
C VAL C 73 -25.44 -3.17 30.30
N GLU C 74 -24.22 -2.69 30.51
CA GLU C 74 -23.93 -1.84 31.67
C GLU C 74 -24.59 -0.47 31.62
N GLU C 75 -25.12 -0.05 30.48
CA GLU C 75 -25.69 1.24 30.36
C GLU C 75 -27.15 1.35 30.90
N GLN C 76 -27.76 0.25 31.31
CA GLN C 76 -29.14 0.27 31.82
C GLN C 76 -29.39 1.20 32.97
N ALA C 77 -28.67 1.06 34.08
CA ALA C 77 -28.91 1.93 35.23
C ALA C 77 -28.88 3.43 34.86
N MET C 78 -27.99 3.82 33.95
CA MET C 78 -27.86 5.22 33.63
C MET C 78 -29.17 5.72 33.02
N TYR C 79 -29.69 5.01 32.04
CA TYR C 79 -30.94 5.40 31.40
C TYR C 79 -32.13 5.34 32.34
N ASP C 80 -32.22 4.31 33.16
CA ASP C 80 -33.28 4.26 34.16
C ASP C 80 -33.19 5.46 35.08
N TRP C 81 -31.97 5.84 35.48
CA TRP C 81 -31.76 7.01 36.34
C TRP C 81 -32.21 8.33 35.65
N LEU C 82 -31.85 8.49 34.40
CA LEU C 82 -32.21 9.67 33.65
C LEU C 82 -33.72 9.82 33.42
N PHE C 83 -34.39 8.75 33.01
CA PHE C 83 -35.89 8.72 32.88
C PHE C 83 -36.60 9.17 34.17
N LYS C 84 -35.97 8.98 35.32
CA LYS C 84 -36.56 9.32 36.59
C LYS C 84 -36.12 10.67 37.07
N ASN C 85 -34.90 11.09 36.74
CA ASN C 85 -34.30 12.23 37.42
C ASN C 85 -33.89 13.44 36.56
N HIS C 86 -33.90 13.31 35.23
CA HIS C 86 -33.58 14.46 34.42
C HIS C 86 -34.76 15.50 34.48
N PRO C 87 -34.42 16.79 34.55
CA PRO C 87 -35.44 17.88 34.57
C PRO C 87 -36.48 17.82 33.47
N ILE C 88 -36.14 17.25 32.32
CA ILE C 88 -37.13 17.11 31.24
C ILE C 88 -38.38 16.38 31.78
N PHE C 89 -38.18 15.43 32.68
CA PHE C 89 -39.23 14.60 33.26
C PHE C 89 -39.64 15.17 34.61
N THR C 90 -38.70 15.56 35.46
CA THR C 90 -39.07 15.99 36.78
C THR C 90 -39.61 17.44 36.85
N LYS C 91 -39.24 18.29 35.90
CA LYS C 91 -39.68 19.67 35.87
C LYS C 91 -40.54 20.00 34.69
N TYR C 92 -40.37 19.32 33.57
CA TYR C 92 -41.15 19.67 32.39
C TYR C 92 -42.17 18.61 32.01
N GLY C 93 -42.41 17.67 32.90
CA GLY C 93 -43.50 16.71 32.80
C GLY C 93 -43.36 15.82 31.59
N GLY C 94 -42.15 15.70 31.03
CA GLY C 94 -41.94 14.92 29.82
C GLY C 94 -42.35 15.64 28.57
N LYS C 95 -42.74 16.91 28.64
CA LYS C 95 -43.19 17.57 27.40
C LYS C 95 -42.05 18.37 26.71
N THR C 96 -41.98 18.27 25.39
CA THR C 96 -40.96 18.94 24.67
C THR C 96 -41.53 19.32 23.35
N VAL C 97 -41.03 20.41 22.79
CA VAL C 97 -41.48 20.78 21.45
C VAL C 97 -40.57 20.00 20.50
N GLY C 98 -41.10 18.94 19.91
CA GLY C 98 -40.32 18.01 19.12
C GLY C 98 -40.15 16.69 19.88
N LYS C 99 -40.18 15.59 19.15
CA LYS C 99 -40.23 14.23 19.74
C LYS C 99 -38.89 13.82 20.43
N LEU C 100 -38.98 13.24 21.62
CA LEU C 100 -37.81 12.66 22.31
C LEU C 100 -37.40 11.31 21.74
N VAL C 101 -36.15 11.12 21.33
CA VAL C 101 -35.76 9.86 20.72
C VAL C 101 -34.52 9.34 21.44
N VAL C 102 -34.70 8.29 22.24
CA VAL C 102 -33.57 7.71 22.98
C VAL C 102 -32.47 7.16 22.02
N LYS C 103 -31.20 7.48 22.27
CA LYS C 103 -30.10 6.91 21.42
C LYS C 103 -28.93 6.43 22.29
N ASP C 104 -28.93 5.15 22.61
CA ASP C 104 -27.96 4.62 23.52
C ASP C 104 -26.87 3.81 22.76
N ARG C 105 -26.01 3.12 23.52
CA ARG C 105 -24.90 2.34 22.95
C ARG C 105 -25.41 1.26 22.01
N GLY C 106 -26.62 0.76 22.27
CA GLY C 106 -27.30 -0.18 21.36
C GLY C 106 -27.33 0.32 19.93
N GLU C 107 -27.72 1.57 19.73
CA GLU C 107 -27.63 2.12 18.37
C GLU C 107 -26.23 2.58 17.99
N GLU C 108 -25.59 3.35 18.88
CA GLU C 108 -24.32 3.98 18.50
C GLU C 108 -23.16 2.97 18.26
N TRP C 109 -23.02 1.99 19.16
CA TRP C 109 -21.90 1.04 19.17
C TRP C 109 -22.13 -0.23 18.34
N ILE C 110 -23.39 -0.49 17.97
CA ILE C 110 -23.80 -1.74 17.25
C ILE C 110 -24.43 -1.52 15.88
N GLU C 111 -25.45 -0.68 15.80
CA GLU C 111 -26.21 -0.50 14.53
C GLU C 111 -25.48 0.47 13.58
N GLU C 112 -24.78 1.46 14.13
CA GLU C 112 -24.15 2.48 13.27
C GLU C 112 -23.21 1.90 12.21
N GLY C 113 -23.10 2.61 11.09
CA GLY C 113 -22.31 2.16 9.97
C GLY C 113 -22.71 0.84 9.35
N ARG C 114 -23.99 0.51 9.50
CA ARG C 114 -24.54 -0.72 8.97
C ARG C 114 -23.80 -1.95 9.53
N GLY C 115 -23.50 -1.90 10.83
CA GLY C 115 -22.78 -3.01 11.45
C GLY C 115 -23.57 -4.34 11.36
N ASN C 116 -24.90 -4.25 11.34
CA ASN C 116 -25.76 -5.43 11.22
C ASN C 116 -25.64 -6.06 9.83
N ASP C 117 -25.53 -5.22 8.81
CA ASP C 117 -25.24 -5.70 7.40
C ASP C 117 -23.81 -6.26 7.25
N PHE C 118 -22.85 -5.59 7.85
CA PHE C 118 -21.50 -6.13 7.81
C PHE C 118 -21.50 -7.53 8.44
N SER C 119 -22.16 -7.65 9.59
CA SER C 119 -22.18 -8.90 10.36
C SER C 119 -22.75 -10.04 9.51
N LYS C 120 -23.92 -9.78 8.89
CA LYS C 120 -24.53 -10.74 7.99
C LYS C 120 -23.70 -11.02 6.75
N ALA C 121 -22.80 -10.16 6.38
CA ALA C 121 -21.93 -10.47 5.20
C ALA C 121 -20.65 -11.18 5.60
N SER C 122 -20.46 -11.46 6.90
CA SER C 122 -19.23 -12.09 7.38
C SER C 122 -19.49 -13.51 7.81
N LYS C 123 -18.49 -14.38 7.62
CA LYS C 123 -18.47 -15.74 8.23
C LYS C 123 -18.34 -15.73 9.74
N ARG C 124 -17.82 -14.64 10.34
CA ARG C 124 -17.65 -14.56 11.80
C ARG C 124 -18.96 -14.89 12.49
N SER C 125 -18.92 -15.77 13.49
CA SER C 125 -20.12 -16.22 14.21
C SER C 125 -21.28 -16.66 13.29
N GLY C 126 -20.97 -17.27 12.14
CA GLY C 126 -21.95 -17.75 11.16
C GLY C 126 -22.85 -16.68 10.57
N GLY C 127 -22.41 -15.42 10.56
CA GLY C 127 -23.18 -14.34 10.00
C GLY C 127 -24.19 -13.80 10.99
N GLU C 128 -24.09 -14.23 12.24
CA GLU C 128 -25.11 -13.93 13.24
C GLU C 128 -24.52 -13.13 14.39
N GLY C 129 -23.36 -12.53 14.20
CA GLY C 129 -22.76 -11.72 15.25
C GLY C 129 -23.15 -10.25 15.17
N PHE C 130 -22.44 -9.44 15.93
CA PHE C 130 -22.50 -8.02 15.89
C PHE C 130 -21.13 -7.42 15.48
N SER C 131 -21.19 -6.16 15.01
CA SER C 131 -20.02 -5.41 14.51
C SER C 131 -20.10 -3.93 14.95
N SER C 132 -19.13 -3.52 15.79
CA SER C 132 -18.99 -2.12 16.20
C SER C 132 -18.11 -1.43 15.18
N MET C 133 -18.76 -0.78 14.22
CA MET C 133 -18.06 -0.21 13.07
C MET C 133 -17.26 1.04 13.44
N MET C 134 -17.79 1.89 14.32
CA MET C 134 -17.16 3.21 14.52
C MET C 134 -17.03 3.74 15.94
N TYR C 135 -17.93 3.32 16.86
CA TYR C 135 -17.98 3.86 18.23
C TYR C 135 -17.82 2.74 19.27
N ARG C 136 -16.65 2.71 19.91
CA ARG C 136 -16.42 1.74 20.95
C ARG C 136 -15.18 2.20 21.71
N VAL C 137 -15.09 1.78 22.97
CA VAL C 137 -13.93 2.06 23.81
C VAL C 137 -13.02 0.82 23.87
N ALA C 138 -11.78 1.02 24.31
CA ALA C 138 -10.81 -0.03 24.47
C ALA C 138 -10.66 -0.55 25.91
N ARG C 139 -10.98 0.31 26.87
CA ARG C 139 -10.78 0.08 28.31
C ARG C 139 -12.03 0.57 29.02
N ASN C 140 -12.04 0.69 30.36
CA ASN C 140 -13.34 0.87 31.03
C ASN C 140 -14.02 2.17 30.65
N SER C 141 -15.33 2.11 30.66
CA SER C 141 -16.11 3.28 30.37
C SER C 141 -16.21 4.07 31.66
N THR C 142 -16.84 5.23 31.52
CA THR C 142 -17.07 6.15 32.61
C THR C 142 -18.17 5.65 33.57
N LEU C 143 -18.72 4.47 33.31
CA LEU C 143 -19.65 3.85 34.26
C LEU C 143 -18.95 3.03 35.35
N GLN C 144 -17.66 2.74 35.15
CA GLN C 144 -16.90 1.89 36.06
C GLN C 144 -16.08 2.69 37.05
N TYR C 145 -16.22 2.33 38.34
CA TYR C 145 -15.65 3.05 39.47
C TYR C 145 -15.23 1.99 40.49
N PRO C 146 -14.08 2.17 41.16
CA PRO C 146 -13.06 3.23 41.00
C PRO C 146 -12.26 2.97 39.70
N ASN C 147 -11.58 4.00 39.20
CA ASN C 147 -10.68 3.82 38.05
C ASN C 147 -9.31 4.23 38.53
N LYS C 148 -8.29 4.04 37.68
CA LYS C 148 -6.90 4.24 38.05
C LYS C 148 -6.30 5.50 37.41
N PHE C 149 -7.13 6.45 36.94
CA PHE C 149 -6.68 7.72 36.40
C PHE C 149 -6.10 8.64 37.44
N ILE C 150 -4.95 9.26 37.14
CA ILE C 150 -4.33 10.24 38.06
C ILE C 150 -4.34 11.64 37.44
N GLY C 151 -4.62 11.73 36.13
CA GLY C 151 -4.72 13.02 35.49
C GLY C 151 -3.41 13.49 34.85
N PRO C 152 -3.53 14.36 33.83
CA PRO C 152 -2.37 14.71 33.00
C PRO C 152 -1.34 15.50 33.71
N GLU C 153 -1.72 16.30 34.72
CA GLU C 153 -0.76 17.05 35.50
C GLU C 153 0.22 16.15 36.22
N LYS C 154 -0.21 14.97 36.59
CA LYS C 154 0.68 14.03 37.28
C LYS C 154 1.68 13.36 36.30
N CYS C 155 1.22 12.93 35.11
CA CYS C 155 2.12 12.59 33.99
C CYS C 155 3.12 13.71 33.71
N GLY C 156 2.65 14.93 33.69
CA GLY C 156 3.53 16.03 33.29
C GLY C 156 4.57 16.38 34.34
N GLU C 157 4.34 15.92 35.58
CA GLU C 157 5.39 16.11 36.59
C GLU C 157 6.70 15.45 36.16
N CYS C 158 6.64 14.29 35.54
CA CYS C 158 7.87 13.62 35.08
C CYS C 158 8.11 13.82 33.58
N HIS C 159 7.05 14.20 32.84
CA HIS C 159 7.15 14.45 31.41
C HIS C 159 6.77 15.90 31.12
N PRO C 160 7.50 16.84 31.67
CA PRO C 160 7.19 18.25 31.40
C PRO C 160 7.20 18.68 29.91
N ALA C 161 8.07 18.10 29.09
CA ALA C 161 8.12 18.47 27.68
C ALA C 161 6.82 18.16 26.93
N GLN C 162 6.38 16.89 27.00
CA GLN C 162 5.18 16.46 26.31
C GLN C 162 3.98 17.15 26.94
N TYR C 163 4.03 17.42 28.25
CA TYR C 163 2.92 18.11 28.85
C TYR C 163 2.74 19.47 28.16
N GLU C 164 3.83 20.21 28.00
CA GLU C 164 3.73 21.53 27.35
C GLU C 164 3.14 21.49 25.95
N THR C 165 3.60 20.58 25.07
CA THR C 165 3.09 20.56 23.72
C THR C 165 1.63 20.07 23.67
N TRP C 166 1.31 18.98 24.40
CA TRP C 166 -0.07 18.49 24.48
C TRP C 166 -1.01 19.58 25.03
N SER C 167 -0.59 20.29 26.10
CA SER C 167 -1.42 21.31 26.76
C SER C 167 -1.76 22.48 25.87
N ARG C 168 -0.98 22.76 24.81
CA ARG C 168 -1.38 23.75 23.86
C ARG C 168 -1.95 23.13 22.60
N SER C 169 -2.86 22.18 22.77
CA SER C 169 -3.49 21.49 21.63
C SER C 169 -4.97 21.31 21.94
N ARG C 170 -5.74 21.10 20.90
CA ARG C 170 -7.18 20.99 21.02
C ARG C 170 -7.59 19.61 21.60
N HIS C 171 -6.67 18.64 21.61
CA HIS C 171 -6.89 17.43 22.37
C HIS C 171 -7.08 17.81 23.87
N ALA C 172 -6.27 18.75 24.38
CA ALA C 172 -6.30 19.06 25.77
C ALA C 172 -7.51 19.83 26.22
N THR C 173 -8.12 20.63 25.34
CA THR C 173 -9.14 21.57 25.72
C THR C 173 -10.48 21.34 25.00
N THR C 174 -10.68 20.15 24.43
CA THR C 174 -11.95 19.82 23.75
C THR C 174 -13.11 19.77 24.74
N ILE C 175 -12.82 19.39 25.99
CA ILE C 175 -13.73 19.42 27.10
C ILE C 175 -13.31 20.57 28.05
N ARG C 176 -14.19 21.56 28.22
CA ARG C 176 -13.93 22.69 29.16
C ARG C 176 -15.17 23.08 30.00
N PHE C 177 -14.90 23.65 31.17
CA PHE C 177 -15.94 24.06 32.09
C PHE C 177 -16.18 25.56 31.92
N PRO C 178 -17.41 26.04 32.23
CA PRO C 178 -17.55 27.52 32.32
C PRO C 178 -16.44 28.11 33.17
N GLY C 179 -15.85 29.18 32.71
CA GLY C 179 -14.71 29.73 33.43
C GLY C 179 -13.50 29.57 32.54
N GLU C 180 -13.57 28.82 31.45
CA GLU C 180 -12.35 28.44 30.74
C GLU C 180 -12.42 28.79 29.30
N HIS C 181 -13.13 29.86 28.98
CA HIS C 181 -13.31 30.29 27.59
C HIS C 181 -12.89 31.75 27.39
N PRO C 182 -11.58 32.04 27.64
CA PRO C 182 -11.11 33.41 27.43
C PRO C 182 -11.28 33.91 26.03
N GLU C 183 -11.42 33.02 25.06
CA GLU C 183 -11.58 33.44 23.69
C GLU C 183 -12.94 34.10 23.39
N VAL C 184 -13.86 34.03 24.35
CA VAL C 184 -15.13 34.79 24.31
C VAL C 184 -15.33 35.62 25.58
N ASN C 185 -14.22 35.94 26.30
CA ASN C 185 -14.27 36.78 27.49
C ASN C 185 -15.16 36.14 28.55
N ASN C 186 -15.19 34.82 28.52
CA ASN C 186 -16.07 34.04 29.35
C ASN C 186 -17.55 34.44 29.34
N LYS C 187 -18.04 34.82 28.18
CA LYS C 187 -19.46 35.12 27.98
C LYS C 187 -20.10 34.04 27.07
N LEU C 188 -20.59 32.97 27.68
CA LEU C 188 -21.20 31.90 26.88
C LEU C 188 -22.63 32.21 26.42
N ASN C 189 -23.23 33.30 26.93
CA ASN C 189 -24.61 33.66 26.53
C ASN C 189 -24.70 34.93 25.71
N ASP C 190 -23.58 35.55 25.39
CA ASP C 190 -23.65 36.71 24.45
C ASP C 190 -23.18 36.28 23.07
N PRO C 191 -23.59 37.00 22.02
CA PRO C 191 -23.10 36.68 20.70
C PRO C 191 -21.55 36.71 20.60
N VAL C 192 -21.01 35.71 19.89
CA VAL C 192 -19.56 35.57 19.70
C VAL C 192 -19.09 36.66 18.75
N PHE C 193 -19.64 36.62 17.55
CA PHE C 193 -19.36 37.51 16.46
C PHE C 193 -20.40 38.67 16.33
N ASP C 194 -21.09 38.83 15.20
CA ASP C 194 -22.00 39.98 15.05
C ASP C 194 -23.18 39.88 16.00
N LYS C 195 -23.69 41.05 16.45
CA LYS C 195 -24.75 41.12 17.49
C LYS C 195 -25.98 40.31 17.10
N ASP C 196 -26.24 40.12 15.83
CA ASP C 196 -27.40 39.33 15.41
C ASP C 196 -27.08 37.83 15.09
N THR C 197 -25.98 37.30 15.66
CA THR C 197 -25.65 35.87 15.47
C THR C 197 -25.52 35.21 16.83
N ALA C 198 -25.21 33.90 16.84
CA ALA C 198 -25.33 33.12 18.08
C ALA C 198 -24.28 33.27 19.17
N SER C 199 -24.76 33.11 20.41
CA SER C 199 -23.94 32.73 21.54
C SER C 199 -23.60 31.22 21.50
N ILE C 200 -22.62 30.83 22.29
CA ILE C 200 -22.21 29.43 22.34
C ILE C 200 -23.30 28.56 22.98
N LEU C 201 -23.80 29.02 24.15
CA LEU C 201 -24.94 28.36 24.81
C LEU C 201 -26.27 28.94 24.31
N PRO C 202 -27.20 28.06 23.98
CA PRO C 202 -28.48 28.50 23.46
C PRO C 202 -29.37 29.08 24.57
N GLN C 203 -30.41 29.79 24.21
CA GLN C 203 -31.29 30.45 25.22
C GLN C 203 -31.85 29.46 26.23
N GLY C 204 -31.99 29.90 27.47
CA GLY C 204 -32.52 29.09 28.52
C GLY C 204 -31.47 28.30 29.26
N ILE C 205 -30.29 28.15 28.63
CA ILE C 205 -29.18 27.34 29.19
C ILE C 205 -28.13 28.27 29.73
N THR C 206 -27.91 28.17 31.03
CA THR C 206 -27.02 29.04 31.75
C THR C 206 -25.82 28.21 32.29
N PRO C 207 -24.62 28.83 32.45
CA PRO C 207 -23.41 28.13 32.87
C PRO C 207 -23.59 27.28 34.10
N ASP C 208 -24.48 27.72 34.99
CA ASP C 208 -24.65 26.92 36.22
C ASP C 208 -25.34 25.55 36.07
N VAL C 209 -25.96 25.27 34.96
CA VAL C 209 -26.53 23.96 34.76
C VAL C 209 -25.82 23.24 33.57
N VAL C 210 -24.63 23.75 33.24
CA VAL C 210 -23.77 23.12 32.23
C VAL C 210 -22.58 22.46 32.92
N TYR C 211 -22.43 21.15 32.72
CA TYR C 211 -21.19 20.47 33.18
C TYR C 211 -19.98 20.96 32.33
N CYS C 212 -20.11 20.99 31.00
CA CYS C 212 -18.99 21.39 30.12
C CYS C 212 -19.52 21.82 28.75
N THR C 213 -18.65 22.54 28.03
CA THR C 213 -18.67 22.62 26.61
C THR C 213 -17.76 21.55 26.01
N VAL C 214 -18.06 21.20 24.79
CA VAL C 214 -17.27 20.42 23.91
C VAL C 214 -16.95 21.35 22.74
N GLY C 215 -15.67 21.37 22.34
CA GLY C 215 -15.26 22.03 21.10
C GLY C 215 -14.44 23.30 21.25
N HIS C 216 -14.33 24.03 20.14
CA HIS C 216 -13.57 25.25 20.08
C HIS C 216 -14.20 26.19 19.01
N ILE C 217 -13.67 27.40 19.00
CA ILE C 217 -14.02 28.38 17.95
C ILE C 217 -13.72 27.87 16.55
N ARG C 218 -12.67 27.08 16.48
CA ARG C 218 -12.22 26.49 15.24
C ARG C 218 -13.35 26.07 14.30
N THR C 219 -14.30 25.30 14.82
CA THR C 219 -15.38 24.73 14.02
C THR C 219 -16.77 24.88 14.69
N LYS C 220 -16.93 24.38 15.90
CA LYS C 220 -18.21 24.31 16.57
C LYS C 220 -18.08 23.99 18.04
N PHE C 221 -19.16 24.21 18.78
CA PHE C 221 -19.26 23.87 20.20
C PHE C 221 -20.55 23.09 20.45
N GLY C 222 -20.56 22.35 21.56
CA GLY C 222 -21.75 21.75 22.10
C GLY C 222 -21.70 21.83 23.58
N PHE C 223 -22.78 21.38 24.24
CA PHE C 223 -22.75 21.35 25.69
C PHE C 223 -23.38 20.07 26.25
N PHE C 224 -22.97 19.76 27.48
CA PHE C 224 -23.57 18.73 28.29
C PHE C 224 -24.14 19.43 29.51
N ASP C 225 -25.35 19.01 29.87
CA ASP C 225 -26.00 19.61 31.04
C ASP C 225 -25.48 18.95 32.26
N ALA C 226 -25.94 19.43 33.42
CA ALA C 226 -25.44 19.00 34.72
C ALA C 226 -25.78 17.55 35.10
N TRP C 227 -26.65 16.95 34.29
CA TRP C 227 -27.10 15.54 34.45
C TRP C 227 -26.36 14.65 33.44
N LEU C 228 -25.43 15.27 32.68
CA LEU C 228 -24.59 14.60 31.68
C LEU C 228 -25.38 14.12 30.49
N LEU C 229 -26.45 14.84 30.21
CA LEU C 229 -27.18 14.59 29.01
C LEU C 229 -26.62 15.46 27.91
N ARG C 230 -26.58 14.91 26.70
CA ARG C 230 -26.12 15.69 25.57
C ARG C 230 -27.11 16.80 25.31
N GLY C 231 -26.58 18.01 25.14
CA GLY C 231 -27.40 19.16 24.85
C GLY C 231 -27.93 19.17 23.44
N THR C 232 -29.08 18.53 23.23
CA THR C 232 -29.73 18.54 21.93
C THR C 232 -30.97 19.49 21.88
N TYR C 233 -31.06 20.40 22.82
CA TYR C 233 -32.24 21.21 23.06
C TYR C 233 -31.86 22.61 23.66
N HIS C 234 -32.82 23.50 23.56
CA HIS C 234 -32.77 24.73 24.33
C HIS C 234 -34.11 24.97 25.09
N VAL C 235 -34.15 26.04 25.88
CA VAL C 235 -35.36 26.42 26.60
C VAL C 235 -35.85 27.81 26.12
N GLU C 236 -37.07 27.83 25.55
CA GLU C 236 -37.82 29.08 25.23
C GLU C 236 -38.71 29.48 26.42
N GLY C 237 -38.71 30.78 26.77
CA GLY C 237 -39.66 31.35 27.71
C GLY C 237 -39.31 31.20 29.16
N GLY C 238 -38.04 30.85 29.40
CA GLY C 238 -37.54 30.63 30.77
C GLY C 238 -36.13 30.03 30.82
N LEU C 239 -35.77 29.49 31.98
CA LEU C 239 -34.45 29.01 32.21
C LEU C 239 -34.55 27.55 32.65
N LEU C 240 -33.71 26.70 32.09
CA LEU C 240 -33.57 25.30 32.54
C LEU C 240 -33.44 25.26 34.02
N LYS C 241 -32.63 26.13 34.57
CA LYS C 241 -32.35 26.01 36.03
C LYS C 241 -33.57 26.33 36.95
N ASN C 242 -34.57 27.02 36.41
CA ASN C 242 -35.81 27.29 37.14
C ASN C 242 -36.97 26.38 36.75
N GLY C 243 -36.83 25.51 35.75
CA GLY C 243 -37.91 24.67 35.36
C GLY C 243 -38.99 25.45 34.66
N THR C 244 -38.66 26.64 34.18
CA THR C 244 -39.64 27.47 33.49
C THR C 244 -39.45 27.37 32.00
N GLY C 245 -40.44 27.85 31.26
CA GLY C 245 -40.36 27.77 29.83
C GLY C 245 -40.71 26.39 29.32
N GLN C 246 -40.42 26.18 28.05
CA GLN C 246 -40.60 24.92 27.35
C GLN C 246 -39.27 24.39 26.75
N ILE C 247 -39.05 23.09 26.88
CA ILE C 247 -37.95 22.40 26.21
C ILE C 247 -38.21 22.34 24.72
N VAL C 248 -37.30 22.89 23.96
CA VAL C 248 -37.45 22.88 22.51
C VAL C 248 -36.23 22.16 21.89
N ALA C 249 -36.53 21.35 20.86
CA ALA C 249 -35.63 20.54 20.17
C ALA C 249 -34.72 21.32 19.22
N GLY C 250 -33.41 21.09 19.35
CA GLY C 250 -32.51 21.61 18.35
C GLY C 250 -32.07 22.98 18.66
N GLY C 251 -31.64 23.72 17.64
CA GLY C 251 -30.99 25.00 17.88
C GLY C 251 -29.94 24.96 18.98
N ASN C 252 -29.05 23.95 18.90
CA ASN C 252 -28.29 23.53 20.06
C ASN C 252 -26.78 23.55 19.86
N GLN C 253 -26.33 23.56 18.61
CA GLN C 253 -24.89 23.49 18.23
C GLN C 253 -24.38 24.79 17.66
N TRP C 254 -23.49 25.44 18.37
CA TRP C 254 -22.86 26.65 17.88
C TRP C 254 -21.91 26.36 16.76
N GLN C 255 -22.08 27.06 15.64
CA GLN C 255 -21.37 26.77 14.42
C GLN C 255 -20.56 28.01 13.90
N ARG C 256 -19.24 27.87 13.82
CA ARG C 256 -18.38 29.03 13.50
C ARG C 256 -18.63 29.55 12.13
N THR C 257 -18.68 28.66 11.17
CA THR C 257 -18.73 29.11 9.84
C THR C 257 -20.07 29.81 9.52
N TRP C 258 -21.16 29.29 10.09
CA TRP C 258 -22.46 29.92 9.85
C TRP C 258 -22.52 31.29 10.52
N ALA C 259 -21.99 31.37 11.74
CA ALA C 259 -21.98 32.53 12.55
C ALA C 259 -21.10 33.65 11.99
N LEU C 260 -19.91 33.28 11.49
CA LEU C 260 -18.93 34.26 11.00
C LEU C 260 -18.91 34.48 9.51
N ASN C 261 -18.85 33.41 8.74
CA ASN C 261 -18.48 33.54 7.34
C ASN C 261 -19.69 33.53 6.44
N LEU C 262 -20.74 32.82 6.83
CA LEU C 262 -21.80 32.54 5.92
C LEU C 262 -22.99 33.48 6.24
N SER C 263 -22.69 34.78 6.14
CA SER C 263 -23.66 35.85 6.24
C SER C 263 -24.65 35.76 5.08
N PRO C 264 -25.82 36.40 5.23
CA PRO C 264 -26.82 36.40 4.15
C PRO C 264 -26.29 36.89 2.78
N GLU C 265 -25.40 37.87 2.76
CA GLU C 265 -24.80 38.29 1.49
C GLU C 265 -23.93 37.21 0.85
N VAL C 266 -23.08 36.55 1.64
CA VAL C 266 -22.27 35.45 1.07
C VAL C 266 -23.21 34.36 0.58
N ALA C 267 -24.22 34.01 1.37
CA ALA C 267 -25.23 33.04 0.92
C ALA C 267 -25.91 33.39 -0.39
N LYS C 268 -26.23 34.68 -0.59
CA LYS C 268 -26.75 35.16 -1.90
C LYS C 268 -25.76 35.04 -3.02
N LYS C 269 -24.49 35.32 -2.73
CA LYS C 269 -23.47 35.08 -3.73
C LYS C 269 -23.46 33.60 -4.10
N ILE C 270 -23.54 32.72 -3.10
CA ILE C 270 -23.52 31.29 -3.44
C ILE C 270 -24.76 30.92 -4.24
N LYS C 271 -25.91 31.46 -3.83
CA LYS C 271 -27.19 31.20 -4.55
C LYS C 271 -27.14 31.52 -6.03
N LYS C 272 -26.36 32.53 -6.40
CA LYS C 272 -26.20 32.86 -7.81
C LYS C 272 -25.66 31.73 -8.63
N TRP C 273 -24.89 30.85 -8.00
CA TRP C 273 -24.35 29.65 -8.67
C TRP C 273 -25.22 28.43 -8.38
N VAL C 274 -25.60 28.27 -7.13
CA VAL C 274 -26.38 27.10 -6.70
C VAL C 274 -27.77 27.63 -6.30
N PRO C 275 -28.76 27.54 -7.23
CA PRO C 275 -30.04 28.26 -7.04
C PRO C 275 -30.83 27.85 -5.76
N ASP C 276 -30.71 26.59 -5.35
CA ASP C 276 -31.40 26.12 -4.15
C ASP C 276 -30.66 26.42 -2.85
N PHE C 277 -29.57 27.17 -2.92
CA PHE C 277 -28.83 27.41 -1.70
C PHE C 277 -29.66 28.29 -0.74
N PRO C 278 -29.70 27.93 0.55
CA PRO C 278 -30.49 28.68 1.55
C PRO C 278 -29.89 30.04 1.99
N VAL C 279 -30.72 31.09 1.96
CA VAL C 279 -30.30 32.44 2.34
C VAL C 279 -30.91 32.88 3.64
N THR C 280 -32.23 32.74 3.81
CA THR C 280 -32.88 33.22 5.04
C THR C 280 -32.82 32.14 6.10
N LEU C 281 -33.01 32.54 7.34
CA LEU C 281 -32.96 31.60 8.43
C LEU C 281 -33.93 30.42 8.23
N GLU C 282 -35.11 30.74 7.76
CA GLU C 282 -36.16 29.80 7.54
C GLU C 282 -35.80 28.79 6.47
N GLU C 283 -35.06 29.22 5.45
CA GLU C 283 -34.64 28.29 4.40
C GLU C 283 -33.65 27.20 4.89
N TYR C 284 -33.00 27.42 6.03
CA TYR C 284 -32.20 26.35 6.67
C TYR C 284 -33.06 25.22 7.28
N GLY C 285 -34.36 25.48 7.42
CA GLY C 285 -35.30 24.45 7.83
C GLY C 285 -34.98 23.72 9.11
N ASP C 286 -35.13 22.41 9.10
CA ASP C 286 -34.96 21.55 10.31
C ASP C 286 -33.49 21.62 10.87
N ASN C 287 -32.55 21.94 9.98
CA ASN C 287 -31.09 22.03 10.28
C ASN C 287 -30.81 23.26 11.05
N GLY C 288 -31.76 24.20 11.08
CA GLY C 288 -31.53 25.53 11.57
C GLY C 288 -31.99 25.75 12.98
N GLY C 289 -32.58 26.94 13.21
CA GLY C 289 -32.98 27.33 14.55
C GLY C 289 -33.52 28.74 14.59
N TYR C 290 -33.42 29.34 15.76
CA TYR C 290 -33.92 30.68 15.98
C TYR C 290 -32.90 31.78 15.78
N VAL C 291 -31.62 31.43 15.64
CA VAL C 291 -30.57 32.44 15.37
C VAL C 291 -29.43 31.87 14.51
N ARG C 292 -28.98 32.63 13.51
CA ARG C 292 -27.82 32.24 12.69
C ARG C 292 -26.60 31.93 13.58
N GLY C 293 -26.04 30.73 13.42
CA GLY C 293 -24.97 30.29 14.34
C GLY C 293 -25.31 29.21 15.35
N LEU C 294 -26.61 29.03 15.67
CA LEU C 294 -27.04 27.91 16.51
C LEU C 294 -27.87 26.99 15.67
N ALA C 295 -27.22 25.94 15.14
CA ALA C 295 -27.90 24.92 14.31
C ALA C 295 -28.36 23.70 15.15
N SER C 296 -29.18 22.88 14.55
CA SER C 296 -29.71 21.67 15.17
C SER C 296 -28.85 20.46 14.73
N TYR C 297 -28.38 19.71 15.72
CA TYR C 297 -27.47 18.60 15.53
C TYR C 297 -27.83 17.55 16.53
N ALA C 298 -28.01 16.35 16.05
CA ALA C 298 -28.73 15.26 16.71
C ALA C 298 -30.13 15.71 17.13
N ALA C 299 -30.78 16.38 16.18
CA ALA C 299 -32.06 17.05 16.45
C ALA C 299 -32.46 17.76 15.19
N LYS C 300 -33.77 17.91 15.01
CA LYS C 300 -34.37 18.72 13.95
C LYS C 300 -35.24 19.76 14.65
N TYR C 301 -35.00 21.04 14.34
CA TYR C 301 -35.54 22.19 15.08
C TYR C 301 -37.05 22.03 15.28
N LYS C 302 -37.48 22.02 16.54
CA LYS C 302 -38.92 21.87 16.89
C LYS C 302 -39.58 20.52 16.52
N LYS C 303 -38.82 19.59 15.96
CA LYS C 303 -39.37 18.35 15.41
C LYS C 303 -38.92 17.12 16.15
N SER C 304 -37.63 17.00 16.49
CA SER C 304 -37.14 15.81 17.23
C SER C 304 -35.80 16.07 17.86
N MET C 305 -35.52 15.36 18.94
CA MET C 305 -34.24 15.50 19.60
C MET C 305 -33.78 14.17 20.18
N SER C 306 -32.50 13.84 19.96
CA SER C 306 -31.92 12.70 20.69
C SER C 306 -31.91 12.92 22.20
N PHE C 307 -32.31 11.88 22.92
CA PHE C 307 -32.10 11.82 24.36
C PHE C 307 -30.95 10.84 24.58
N GLN C 308 -29.81 11.38 25.05
CA GLN C 308 -28.54 10.59 25.11
C GLN C 308 -27.62 11.02 26.24
N ALA C 309 -27.24 10.05 27.06
CA ALA C 309 -26.22 10.19 28.05
C ALA C 309 -24.82 10.28 27.36
N SER C 310 -23.88 10.93 28.06
CA SER C 310 -22.50 11.08 27.60
C SER C 310 -21.85 9.69 27.38
N THR C 311 -22.36 8.70 28.10
CA THR C 311 -21.85 7.35 28.09
C THR C 311 -22.08 6.68 26.76
N SER C 312 -23.08 7.10 26.01
CA SER C 312 -23.50 6.36 24.86
C SER C 312 -22.60 6.65 23.64
N TYR C 313 -21.87 7.77 23.68
CA TYR C 313 -21.32 8.28 22.41
C TYR C 313 -20.17 9.22 22.62
N CYS C 314 -20.41 10.32 23.33
CA CYS C 314 -19.38 11.29 23.55
C CYS C 314 -18.17 10.79 24.31
N GLU C 315 -18.32 9.85 25.22
CA GLU C 315 -17.14 9.43 26.01
C GLU C 315 -16.12 8.60 25.21
N VAL C 316 -16.51 8.19 24.01
CA VAL C 316 -15.62 7.49 23.14
C VAL C 316 -14.52 8.47 22.80
N CYS C 317 -14.89 9.68 22.37
CA CYS C 317 -13.97 10.55 21.65
C CYS C 317 -13.71 11.89 22.25
N HIS C 318 -14.66 12.43 23.02
CA HIS C 318 -14.41 13.64 23.78
C HIS C 318 -14.65 13.31 25.24
N PRO C 319 -13.78 12.50 25.84
CA PRO C 319 -14.05 11.95 27.13
C PRO C 319 -13.74 12.85 28.31
N TRP C 320 -14.19 12.37 29.48
CA TRP C 320 -13.67 12.82 30.78
C TRP C 320 -13.68 11.64 31.73
N LYS C 321 -13.11 11.81 32.89
CA LYS C 321 -13.14 10.77 33.91
C LYS C 321 -13.24 11.45 35.26
N PHE C 322 -14.01 10.83 36.14
CA PHE C 322 -14.17 11.32 37.54
C PHE C 322 -13.38 10.48 38.53
N ASP C 323 -13.05 11.06 39.71
CA ASP C 323 -12.27 10.38 40.75
C ASP C 323 -13.04 9.61 41.80
N PHE C 324 -14.34 9.41 41.59
CA PHE C 324 -15.24 8.73 42.54
C PHE C 324 -14.81 7.32 42.91
N LYS C 325 -14.98 6.98 44.20
CA LYS C 325 -14.56 5.69 44.76
C LYS C 325 -15.49 4.59 44.36
N ASN C 326 -16.72 4.94 44.02
CA ASN C 326 -17.72 3.94 43.68
C ASN C 326 -18.87 4.65 42.98
N GLU C 327 -19.76 3.87 42.40
CA GLU C 327 -20.82 4.43 41.59
C GLU C 327 -21.91 5.16 42.39
N SER C 328 -22.02 4.90 43.68
CA SER C 328 -22.91 5.70 44.55
C SER C 328 -22.54 7.17 44.63
N GLU C 329 -21.25 7.48 44.81
CA GLU C 329 -20.82 8.89 44.91
C GLU C 329 -21.07 9.57 43.57
N PHE C 330 -20.95 8.78 42.50
CA PHE C 330 -21.15 9.29 41.18
C PHE C 330 -22.62 9.70 41.02
N TYR C 331 -23.54 8.78 41.25
CA TYR C 331 -24.94 9.11 41.07
C TYR C 331 -25.42 10.26 41.98
N ALA C 332 -24.87 10.38 43.20
CA ALA C 332 -25.24 11.43 44.15
C ALA C 332 -24.78 12.79 43.67
N ALA C 333 -23.73 12.83 42.81
CA ALA C 333 -23.15 14.06 42.29
C ALA C 333 -23.86 14.50 41.02
N LEU C 334 -24.52 13.56 40.41
CA LEU C 334 -25.12 13.79 39.09
C LEU C 334 -26.28 14.81 39.19
N GLY C 335 -26.30 15.78 38.29
CA GLY C 335 -27.22 16.89 38.33
C GLY C 335 -26.66 18.08 39.04
N ASN C 336 -25.44 17.95 39.56
CA ASN C 336 -24.77 19.04 40.20
C ASN C 336 -23.43 19.38 39.47
N ALA C 337 -23.44 20.42 38.67
CA ALA C 337 -22.33 20.68 37.78
C ALA C 337 -21.08 20.92 38.58
N LYS C 338 -21.20 21.72 39.62
CA LYS C 338 -20.02 22.03 40.45
C LYS C 338 -19.34 20.85 41.09
N GLU C 339 -20.12 19.94 41.62
CA GLU C 339 -19.55 18.78 42.29
C GLU C 339 -18.91 17.83 41.23
N LEU C 340 -19.56 17.66 40.10
CA LEU C 340 -18.98 16.89 39.00
C LEU C 340 -17.64 17.47 38.54
N GLN C 341 -17.59 18.76 38.33
CA GLN C 341 -16.38 19.46 37.94
C GLN C 341 -15.28 19.28 38.97
N LYS C 342 -15.61 19.48 40.24
CA LYS C 342 -14.70 19.27 41.37
C LYS C 342 -14.06 17.91 41.37
N HIS C 343 -14.85 16.92 40.98
CA HIS C 343 -14.43 15.54 40.97
C HIS C 343 -13.92 15.08 39.59
N THR C 344 -13.68 16.00 38.67
CA THR C 344 -13.19 15.61 37.36
C THR C 344 -11.63 15.51 37.38
N ILE C 345 -11.07 14.33 37.18
CA ILE C 345 -9.63 14.13 37.20
C ILE C 345 -8.95 14.12 35.83
N SER C 346 -9.71 13.87 34.77
CA SER C 346 -9.20 14.01 33.40
C SER C 346 -10.28 14.60 32.57
N LYS C 347 -9.90 15.52 31.71
CA LYS C 347 -10.76 16.14 30.74
C LYS C 347 -10.18 15.97 29.34
N GLY C 348 -11.07 15.71 28.39
CA GLY C 348 -10.65 15.69 27.02
C GLY C 348 -9.70 14.52 26.72
N VAL C 349 -8.92 14.67 25.66
CA VAL C 349 -8.08 13.61 25.15
C VAL C 349 -6.75 13.82 25.84
N SER C 350 -6.68 13.36 27.10
CA SER C 350 -5.50 13.60 27.92
C SER C 350 -4.53 12.44 27.76
N CYS C 351 -3.43 12.48 28.49
CA CYS C 351 -2.33 11.53 28.29
C CYS C 351 -2.83 10.11 28.47
N GLU C 352 -3.61 9.90 29.53
CA GLU C 352 -4.13 8.57 29.88
C GLU C 352 -5.24 8.05 28.93
N GLU C 353 -5.85 8.95 28.19
CA GLU C 353 -6.87 8.50 27.23
C GLU C 353 -6.22 7.74 26.07
N CYS C 354 -5.01 8.19 25.71
CA CYS C 354 -4.18 7.52 24.70
C CYS C 354 -3.25 6.44 25.27
N HIS C 355 -2.72 6.71 26.45
CA HIS C 355 -1.68 5.86 27.05
C HIS C 355 -2.13 4.90 28.14
N GLY C 356 -3.39 4.98 28.53
CA GLY C 356 -3.94 4.11 29.59
C GLY C 356 -3.94 4.77 30.95
N ALA C 357 -5.00 4.52 31.73
CA ALA C 357 -5.03 4.97 33.13
C ALA C 357 -3.82 4.58 33.93
N GLY C 358 -3.12 5.56 34.49
CA GLY C 358 -1.91 5.29 35.22
C GLY C 358 -0.68 5.02 34.36
N GLY C 359 -0.80 5.02 33.02
CA GLY C 359 0.33 4.67 32.16
C GLY C 359 1.03 3.41 32.59
N HIS C 360 2.35 3.53 32.76
CA HIS C 360 3.27 2.42 33.06
C HIS C 360 3.59 2.39 34.56
N LEU C 361 2.90 3.24 35.33
CA LEU C 361 3.24 3.37 36.75
C LEU C 361 2.74 2.16 37.54
N GLU C 362 3.40 1.88 38.68
CA GLU C 362 2.98 0.82 39.54
C GLU C 362 1.58 1.09 40.13
N GLY C 363 0.68 0.14 39.89
CA GLY C 363 -0.73 0.18 40.30
C GLY C 363 -1.61 0.68 39.19
N GLY C 364 -0.98 1.09 38.09
CA GLY C 364 -1.72 1.60 36.95
C GLY C 364 -2.25 0.46 36.13
N SER C 365 -2.91 0.72 35.02
CA SER C 365 -3.65 -0.28 34.31
C SER C 365 -2.86 -0.84 33.11
N GLY C 366 -1.68 -0.33 32.82
CA GLY C 366 -0.79 -0.90 31.73
C GLY C 366 -0.65 0.12 30.62
N LEU C 367 0.57 0.41 30.21
CA LEU C 367 0.80 1.42 29.19
C LEU C 367 0.20 1.03 27.84
N LEU C 368 -0.44 1.95 27.14
CA LEU C 368 -0.83 1.79 25.74
C LEU C 368 -0.13 2.89 24.89
N ILE C 369 -0.02 2.63 23.57
CA ILE C 369 0.40 3.58 22.56
C ILE C 369 -0.73 3.62 21.51
N SER C 370 -1.50 4.70 21.54
CA SER C 370 -2.70 4.79 20.72
C SER C 370 -2.34 4.73 19.28
N ASN C 371 -3.10 3.96 18.50
CA ASN C 371 -3.03 4.04 17.03
C ASN C 371 -4.14 4.93 16.48
N CYS C 372 -4.84 5.67 17.34
CA CYS C 372 -5.77 6.70 16.91
C CYS C 372 -7.15 6.19 16.45
N GLU C 373 -7.31 4.88 16.27
CA GLU C 373 -8.53 4.38 15.66
C GLU C 373 -9.77 4.44 16.51
N ARG C 374 -9.61 4.64 17.81
CA ARG C 374 -10.78 4.85 18.69
C ARG C 374 -11.58 6.07 18.26
N CYS C 375 -10.86 7.14 17.83
CA CYS C 375 -11.53 8.37 17.58
C CYS C 375 -11.41 8.95 16.21
N HIS C 376 -10.52 8.40 15.37
CA HIS C 376 -10.24 8.98 14.07
C HIS C 376 -10.47 8.04 12.87
N GLN C 377 -11.00 6.85 13.11
CA GLN C 377 -11.19 5.89 12.04
C GLN C 377 -12.61 6.01 11.49
N ARG C 378 -13.65 5.70 12.29
CA ARG C 378 -15.08 5.81 11.77
C ARG C 378 -15.39 5.00 10.46
N PHE C 379 -15.11 3.69 10.43
CA PHE C 379 -15.51 2.83 9.37
C PHE C 379 -17.05 2.77 9.27
N SER C 380 -17.56 2.67 8.04
CA SER C 380 -18.99 2.50 7.76
C SER C 380 -19.13 1.51 6.58
N TYR C 381 -19.89 0.44 6.75
CA TYR C 381 -20.05 -0.53 5.68
C TYR C 381 -21.01 -0.02 4.57
N SER C 382 -20.60 -0.16 3.31
CA SER C 382 -21.37 0.22 2.14
C SER C 382 -21.74 -0.99 1.29
N PRO C 383 -23.01 -1.44 1.42
CA PRO C 383 -23.54 -2.56 0.57
C PRO C 383 -23.39 -2.27 -0.90
N ASP C 384 -23.36 -0.97 -1.29
CA ASP C 384 -23.08 -0.61 -2.70
C ASP C 384 -21.67 -0.99 -3.16
N LEU C 385 -20.67 -0.67 -2.34
CA LEU C 385 -19.28 -1.06 -2.72
C LEU C 385 -19.12 -2.57 -2.87
N MET C 386 -19.90 -3.33 -2.11
CA MET C 386 -19.85 -4.81 -2.12
C MET C 386 -20.50 -5.31 -3.42
N ARG C 387 -21.72 -4.83 -3.66
CA ARG C 387 -22.54 -5.20 -4.83
C ARG C 387 -21.88 -4.77 -6.13
N ASN C 388 -21.28 -3.60 -6.17
CA ASN C 388 -20.66 -3.16 -7.43
C ASN C 388 -19.39 -3.89 -7.76
N ASN C 389 -18.85 -4.66 -6.83
CA ASN C 389 -17.65 -5.37 -7.13
C ASN C 389 -17.73 -6.86 -6.72
N PRO C 390 -18.15 -7.72 -7.66
CA PRO C 390 -18.28 -9.16 -7.43
C PRO C 390 -17.01 -9.81 -6.93
N LEU C 391 -15.85 -9.26 -7.27
CA LEU C 391 -14.56 -9.69 -6.70
C LEU C 391 -14.47 -9.54 -5.15
N ASN C 392 -15.19 -8.59 -4.56
CA ASN C 392 -15.16 -8.41 -3.10
C ASN C 392 -16.05 -9.43 -2.37
N ALA C 393 -16.68 -10.37 -3.08
CA ALA C 393 -17.66 -11.26 -2.43
C ALA C 393 -17.01 -12.07 -1.33
N GLY C 394 -17.68 -12.18 -0.19
CA GLY C 394 -17.05 -12.87 0.94
C GLY C 394 -16.01 -12.04 1.72
N LYS C 395 -15.76 -10.81 1.27
CA LYS C 395 -14.71 -9.93 1.83
C LYS C 395 -15.34 -8.56 2.14
N PRO C 396 -16.26 -8.49 3.15
CA PRO C 396 -16.98 -7.22 3.50
C PRO C 396 -16.04 -6.06 3.94
N ASP C 397 -14.83 -6.40 4.37
CA ASP C 397 -13.80 -5.36 4.69
C ASP C 397 -13.47 -4.46 3.49
N LEU C 398 -13.50 -5.04 2.31
CA LEU C 398 -13.21 -4.35 1.09
C LEU C 398 -14.35 -3.46 0.62
N ALA C 399 -15.50 -3.51 1.29
CA ALA C 399 -16.60 -2.63 0.99
C ALA C 399 -16.81 -1.65 2.12
N LEU C 400 -15.79 -1.48 2.97
CA LEU C 400 -15.83 -0.42 3.99
C LEU C 400 -15.61 0.95 3.38
N SER C 401 -16.30 1.94 3.92
CA SER C 401 -16.19 3.34 3.54
C SER C 401 -16.01 4.10 4.86
N SER C 402 -16.31 5.39 4.89
CA SER C 402 -16.21 6.19 6.07
C SER C 402 -17.61 6.59 6.50
N LYS C 403 -17.76 6.85 7.79
CA LYS C 403 -18.97 7.56 8.30
C LYS C 403 -19.21 8.79 7.47
N PHE C 404 -20.41 8.93 6.91
CA PHE C 404 -20.84 10.23 6.34
C PHE C 404 -21.82 10.96 7.25
N LYS C 405 -21.71 12.27 7.29
CA LYS C 405 -22.67 13.10 7.98
C LYS C 405 -23.42 13.68 6.85
N SER C 406 -24.55 13.05 6.54
CA SER C 406 -25.31 13.26 5.31
C SER C 406 -24.50 12.95 4.09
N MET C 407 -24.15 13.99 3.32
CA MET C 407 -23.48 13.78 2.04
C MET C 407 -21.95 14.02 2.01
N GLY C 408 -21.37 14.32 3.17
CA GLY C 408 -19.96 14.59 3.32
C GLY C 408 -19.31 13.59 4.27
N PRO C 409 -18.07 13.16 3.99
CA PRO C 409 -17.40 12.25 4.93
C PRO C 409 -17.24 12.98 6.23
N GLY C 410 -17.42 12.28 7.34
CA GLY C 410 -17.42 12.90 8.61
C GLY C 410 -16.04 13.25 9.10
N CYS C 411 -15.96 14.27 9.95
N CYS C 411 -15.97 14.23 9.97
CA CYS C 411 -14.82 14.49 10.82
CA CYS C 411 -14.82 14.45 10.80
C CYS C 411 -14.45 13.17 11.53
C CYS C 411 -14.45 13.14 11.50
N GLY C 412 -13.20 13.04 11.92
CA GLY C 412 -12.76 11.86 12.62
C GLY C 412 -12.85 10.59 11.80
N SER C 413 -12.81 10.68 10.46
CA SER C 413 -12.73 9.53 9.61
C SER C 413 -11.41 9.43 8.80
N GLU C 414 -10.41 10.24 9.15
CA GLU C 414 -9.06 10.15 8.51
C GLU C 414 -8.54 8.68 8.42
N GLY C 415 -8.80 7.87 9.46
CA GLY C 415 -8.40 6.47 9.42
C GLY C 415 -9.07 5.58 8.37
N SER C 416 -10.39 5.66 8.27
CA SER C 416 -11.10 4.86 7.27
C SER C 416 -10.80 5.34 5.87
N GLN C 417 -10.54 6.62 5.73
CA GLN C 417 -10.05 7.16 4.45
C GLN C 417 -8.67 6.58 4.10
N THR C 418 -7.72 6.67 5.05
CA THR C 418 -6.34 6.30 4.76
C THR C 418 -6.25 4.80 4.52
N TYR C 419 -7.16 4.04 5.12
CA TYR C 419 -7.16 2.59 5.01
C TYR C 419 -7.17 2.13 3.56
N PHE C 420 -7.85 2.88 2.68
CA PHE C 420 -7.89 2.56 1.26
C PHE C 420 -7.02 3.48 0.42
N THR C 421 -5.75 3.60 0.83
CA THR C 421 -4.76 4.46 0.14
C THR C 421 -3.50 3.68 -0.06
N ALA C 422 -2.76 4.00 -1.14
CA ALA C 422 -1.43 3.51 -1.32
C ALA C 422 -0.59 3.68 -0.06
N HIS C 423 -0.64 4.85 0.58
CA HIS C 423 0.15 5.08 1.82
C HIS C 423 -0.05 4.02 2.88
N TYR C 424 -1.33 3.72 3.20
CA TYR C 424 -1.62 2.66 4.16
C TYR C 424 -1.14 1.27 3.71
N GLU C 425 -1.33 0.93 2.42
CA GLU C 425 -0.84 -0.31 1.90
C GLU C 425 0.68 -0.41 2.10
N LYS C 426 1.39 0.72 2.04
CA LYS C 426 2.86 0.68 2.22
C LYS C 426 3.30 0.74 3.66
N GLY C 427 2.39 0.53 4.60
CA GLY C 427 2.72 0.57 6.00
C GLY C 427 2.67 1.90 6.73
N MET C 428 2.23 2.97 6.08
CA MET C 428 2.17 4.26 6.71
C MET C 428 0.89 4.35 7.58
N ARG C 429 1.03 5.01 8.72
CA ARG C 429 -0.05 5.12 9.72
C ARG C 429 0.01 6.56 10.16
N CYS C 430 -0.93 7.00 10.95
CA CYS C 430 -0.92 8.37 11.42
C CYS C 430 0.43 8.84 11.95
N ALA C 431 1.02 8.00 12.80
CA ALA C 431 2.30 8.30 13.46
C ALA C 431 3.48 8.40 12.50
N THR C 432 3.34 7.91 11.29
CA THR C 432 4.41 8.08 10.27
C THR C 432 4.58 9.57 10.01
N CYS C 433 3.45 10.29 9.83
CA CYS C 433 3.53 11.73 9.55
C CYS C 433 3.33 12.70 10.72
N HIS C 434 2.54 12.33 11.72
CA HIS C 434 2.17 13.23 12.80
C HIS C 434 2.90 13.03 14.11
N ASP C 435 3.21 14.17 14.74
CA ASP C 435 3.60 14.19 16.11
C ASP C 435 2.25 13.98 16.85
N PRO C 436 2.20 13.11 17.87
CA PRO C 436 0.93 12.78 18.52
C PRO C 436 0.57 13.73 19.66
N HIS C 437 1.50 14.60 20.03
CA HIS C 437 1.30 15.54 21.13
C HIS C 437 0.91 16.94 20.62
N ASP C 438 1.78 17.52 19.78
CA ASP C 438 1.65 18.92 19.29
C ASP C 438 0.75 18.89 18.01
N VAL C 439 -0.51 18.54 18.17
CA VAL C 439 -1.37 18.22 17.05
C VAL C 439 -2.09 19.49 16.51
N THR C 440 -1.91 20.62 17.19
CA THR C 440 -2.59 21.90 16.80
C THR C 440 -1.66 22.98 16.15
N GLY C 441 -0.48 23.12 16.71
CA GLY C 441 0.53 23.92 16.07
C GLY C 441 0.39 25.33 16.52
N ASN C 442 1.20 26.19 15.94
CA ASN C 442 1.32 27.58 16.38
C ASN C 442 0.30 28.48 15.62
N VAL C 443 -1.00 28.16 15.71
CA VAL C 443 -2.04 28.97 15.11
C VAL C 443 -2.55 29.99 16.12
N THR C 444 -3.11 31.09 15.60
CA THR C 444 -3.46 32.26 16.44
C THR C 444 -4.84 32.83 15.98
N GLY C 445 -5.36 33.80 16.73
CA GLY C 445 -6.68 34.36 16.52
C GLY C 445 -6.78 35.11 15.22
N GLU C 446 -8.01 35.31 14.70
CA GLU C 446 -8.21 36.17 13.52
C GLU C 446 -8.28 37.57 14.09
N LYS C 447 -7.14 38.24 14.12
CA LYS C 447 -7.11 39.67 14.31
C LYS C 447 -7.72 40.26 13.01
N GLY C 448 -8.59 41.27 13.20
CA GLY C 448 -9.33 41.88 12.12
C GLY C 448 -10.81 41.54 12.14
N ILE C 449 -11.26 40.76 13.09
CA ILE C 449 -12.71 40.54 13.15
C ILE C 449 -13.18 41.02 14.51
N LYS C 450 -14.20 41.87 14.50
CA LYS C 450 -14.71 42.30 15.80
C LYS C 450 -16.08 41.69 16.04
N GLY C 451 -16.30 41.32 17.28
CA GLY C 451 -17.49 40.62 17.60
C GLY C 451 -17.80 41.04 18.99
N VAL C 452 -19.00 40.78 19.43
CA VAL C 452 -19.45 41.23 20.71
C VAL C 452 -18.64 40.57 21.78
N SER C 453 -18.32 39.28 21.60
CA SER C 453 -17.63 38.57 22.69
C SER C 453 -16.22 38.02 22.29
N TYR C 454 -15.99 37.84 21.01
CA TYR C 454 -14.78 37.19 20.53
C TYR C 454 -13.56 37.91 21.02
N ASN C 455 -12.60 37.14 21.53
CA ASN C 455 -11.30 37.64 21.93
C ASN C 455 -10.22 36.93 21.11
N SER C 456 -9.53 37.68 20.25
CA SER C 456 -8.58 37.14 19.28
C SER C 456 -7.16 36.90 19.78
N GLU C 457 -6.87 37.07 21.07
CA GLU C 457 -5.51 36.89 21.55
C GLU C 457 -5.30 35.78 22.52
N GLN C 458 -6.07 34.70 22.39
CA GLN C 458 -5.87 33.54 23.26
C GLN C 458 -5.15 32.42 22.52
N GLY C 459 -4.32 32.79 21.57
CA GLY C 459 -3.56 31.81 20.82
C GLY C 459 -4.46 30.82 20.09
N TYR C 460 -4.19 29.52 20.29
CA TYR C 460 -4.86 28.47 19.50
C TYR C 460 -6.34 28.46 19.85
N LEU C 461 -6.68 28.77 21.10
CA LEU C 461 -8.11 28.91 21.49
C LEU C 461 -8.91 29.88 20.59
N SER C 462 -8.25 30.95 20.10
CA SER C 462 -8.91 31.96 19.28
C SER C 462 -8.89 31.60 17.86
N SER C 463 -8.09 30.61 17.47
CA SER C 463 -7.84 30.36 16.06
C SER C 463 -8.95 29.65 15.29
N LEU C 464 -9.09 30.02 14.03
CA LEU C 464 -9.95 29.35 13.07
C LEU C 464 -9.34 28.16 12.31
N TYR C 465 -8.08 27.85 12.56
CA TYR C 465 -7.36 26.89 11.70
C TYR C 465 -6.53 25.89 12.58
N SER C 466 -5.89 24.93 11.93
CA SER C 466 -5.11 23.92 12.63
C SER C 466 -3.82 23.75 11.82
N LYS C 467 -2.70 23.55 12.49
CA LYS C 467 -1.46 23.29 11.80
C LYS C 467 -0.68 22.22 12.59
N PRO C 468 -1.14 20.97 12.53
CA PRO C 468 -0.52 19.84 13.25
C PRO C 468 0.97 19.70 12.93
N LYS C 469 1.76 19.47 13.96
CA LYS C 469 3.21 19.29 13.77
C LYS C 469 3.43 17.98 13.06
N LEU C 470 4.24 17.97 11.99
CA LEU C 470 4.54 16.78 11.26
C LEU C 470 5.97 16.31 11.37
N LYS C 471 6.12 14.99 11.42
CA LYS C 471 7.42 14.35 11.30
C LYS C 471 7.92 14.21 9.85
N LYS C 472 7.00 14.04 8.94
CA LYS C 472 7.31 13.91 7.51
C LYS C 472 6.44 14.87 6.72
N GLU C 473 7.10 15.58 5.81
CA GLU C 473 6.44 16.40 4.77
C GLU C 473 6.37 15.59 3.47
N CYS C 474 5.40 15.89 2.62
CA CYS C 474 5.30 15.26 1.32
C CYS C 474 6.66 15.25 0.58
N THR C 475 7.37 16.38 0.67
CA THR C 475 8.59 16.55 -0.06
C THR C 475 9.70 15.64 0.48
N ASP C 476 9.57 15.10 1.70
CA ASP C 476 10.59 14.13 2.23
C ASP C 476 10.59 12.84 1.45
N CYS C 477 9.43 12.41 0.95
CA CYS C 477 9.39 11.14 0.28
C CYS C 477 9.22 11.31 -1.17
N HIS C 478 8.76 12.49 -1.63
CA HIS C 478 8.37 12.62 -3.05
C HIS C 478 9.29 13.63 -3.70
N LYS C 479 10.51 13.19 -4.03
CA LYS C 479 11.61 14.14 -4.32
C LYS C 479 11.48 14.69 -5.73
N GLU C 480 11.08 13.86 -6.67
CA GLU C 480 11.00 14.31 -8.06
C GLU C 480 9.93 15.37 -8.18
N GLN C 481 8.80 15.11 -7.53
CA GLN C 481 7.63 16.01 -7.52
C GLN C 481 8.00 17.32 -6.87
N ALA C 482 8.68 17.19 -5.75
CA ALA C 482 9.17 18.36 -5.09
C ALA C 482 10.13 19.19 -5.92
N TYR C 483 11.03 18.54 -6.64
CA TYR C 483 12.02 19.22 -7.46
C TYR C 483 11.30 20.04 -8.56
N ILE C 484 10.38 19.38 -9.28
CA ILE C 484 9.63 20.09 -10.32
C ILE C 484 8.80 21.27 -9.77
N GLN C 485 8.14 21.05 -8.62
CA GLN C 485 7.31 22.06 -7.94
CA GLN C 485 7.30 22.08 -7.99
C GLN C 485 8.14 23.22 -7.40
N SER C 486 9.43 22.99 -7.19
CA SER C 486 10.28 24.07 -6.66
C SER C 486 10.57 25.16 -7.73
N LYS C 487 10.41 24.85 -9.02
CA LYS C 487 10.67 25.85 -10.03
C LYS C 487 9.52 26.87 -10.09
N ALA C 488 9.89 28.17 -10.00
CA ALA C 488 8.92 29.30 -10.02
C ALA C 488 7.95 29.16 -11.20
N ASP C 489 6.66 29.17 -10.89
CA ASP C 489 5.63 28.88 -11.87
C ASP C 489 4.30 29.09 -11.16
N THR C 490 3.22 28.97 -11.92
CA THR C 490 1.87 29.19 -11.39
C THR C 490 1.62 28.78 -9.93
N HIS C 491 1.83 27.52 -9.62
CA HIS C 491 1.44 27.05 -8.26
C HIS C 491 2.65 26.74 -7.36
N SER C 492 3.85 27.19 -7.76
CA SER C 492 5.07 26.75 -7.07
C SER C 492 5.06 27.20 -5.65
N LYS C 493 4.31 28.24 -5.32
CA LYS C 493 4.15 28.62 -3.92
C LYS C 493 3.08 27.82 -3.17
N ASN C 494 2.21 27.04 -3.82
CA ASN C 494 1.20 26.21 -3.05
C ASN C 494 1.94 25.10 -2.22
N SER C 495 1.37 24.70 -1.10
CA SER C 495 1.83 23.47 -0.43
C SER C 495 1.35 22.28 -1.25
N CYS C 496 2.04 21.16 -1.11
CA CYS C 496 1.58 19.92 -1.73
C CYS C 496 0.13 19.58 -1.29
N ALA C 497 -0.16 19.78 -0.01
CA ALA C 497 -1.44 19.46 0.57
C ALA C 497 -2.60 20.29 0.04
N SER C 498 -2.32 21.49 -0.49
CA SER C 498 -3.32 22.41 -1.00
C SER C 498 -4.15 21.73 -2.09
N CYS C 499 -3.53 20.99 -3.02
CA CYS C 499 -4.33 20.26 -4.03
C CYS C 499 -4.71 18.86 -3.62
N HIS C 500 -3.83 18.22 -2.85
CA HIS C 500 -3.98 16.78 -2.54
C HIS C 500 -4.82 16.51 -1.34
N MET C 501 -5.02 17.50 -0.48
CA MET C 501 -5.80 17.34 0.77
C MET C 501 -6.84 18.48 0.99
N PRO C 502 -7.84 18.53 0.10
CA PRO C 502 -8.88 19.50 0.28
C PRO C 502 -9.71 19.18 1.53
N PHE C 503 -10.32 20.23 2.04
CA PHE C 503 -11.18 20.11 3.18
C PHE C 503 -12.59 19.56 2.78
N MET C 504 -12.69 18.27 2.55
CA MET C 504 -13.91 17.65 2.09
C MET C 504 -14.87 17.23 3.21
N MET C 505 -14.40 17.25 4.46
CA MET C 505 -15.13 16.57 5.52
C MET C 505 -16.09 17.49 6.29
N SER C 506 -17.24 16.92 6.73
CA SER C 506 -18.23 17.64 7.55
C SER C 506 -18.09 17.26 8.95
N CYS C 507 -17.89 18.25 9.80
N CYS C 507 -17.83 18.24 9.82
CA CYS C 507 -17.88 18.06 11.25
CA CYS C 507 -17.91 18.04 11.28
C CYS C 507 -19.30 18.29 11.83
C CYS C 507 -19.33 18.26 11.81
N GLU C 508 -19.99 19.25 11.19
CA GLU C 508 -21.24 19.78 11.72
C GLU C 508 -22.51 19.09 11.23
N ASN C 509 -22.40 18.19 10.23
CA ASN C 509 -23.53 17.66 9.48
C ASN C 509 -24.47 18.81 9.08
N PHE C 510 -23.91 19.81 8.42
CA PHE C 510 -24.73 21.00 8.02
C PHE C 510 -25.24 20.74 6.62
N TYR C 511 -26.14 19.76 6.54
CA TYR C 511 -26.61 19.22 5.25
C TYR C 511 -27.38 20.26 4.40
N ALA C 512 -27.95 21.26 5.07
CA ALA C 512 -28.65 22.37 4.36
C ALA C 512 -27.71 23.07 3.35
N ILE C 513 -26.40 23.00 3.61
CA ILE C 513 -25.37 23.62 2.73
C ILE C 513 -24.41 22.64 2.02
N GLN C 514 -24.76 21.36 2.01
CA GLN C 514 -23.97 20.34 1.31
C GLN C 514 -24.43 20.19 -0.12
N PHE C 515 -23.55 20.57 -1.06
CA PHE C 515 -23.78 20.49 -2.48
C PHE C 515 -22.49 19.98 -3.09
N GLN C 516 -22.33 18.65 -2.99
CA GLN C 516 -21.03 17.98 -3.05
C GLN C 516 -20.50 17.91 -4.49
N ASP C 517 -21.38 17.97 -5.47
CA ASP C 517 -20.97 18.03 -6.86
C ASP C 517 -20.28 19.40 -7.14
N GLN C 518 -20.58 20.42 -6.35
CA GLN C 518 -19.91 21.74 -6.41
C GLN C 518 -18.72 21.95 -5.39
N ALA C 519 -18.43 20.91 -4.63
CA ALA C 519 -17.29 20.88 -3.69
C ALA C 519 -17.40 21.95 -2.61
N GLY C 520 -18.56 21.96 -1.96
CA GLY C 520 -18.94 22.91 -0.92
C GLY C 520 -20.30 22.46 -0.34
N PHE C 521 -20.74 23.08 0.76
CA PHE C 521 -20.04 24.18 1.43
C PHE C 521 -19.83 23.91 2.91
N ASP C 522 -19.95 22.65 3.34
CA ASP C 522 -19.84 22.23 4.74
C ASP C 522 -18.50 21.49 4.88
N THR C 523 -17.43 22.27 4.97
CA THR C 523 -16.05 21.79 4.63
C THR C 523 -15.05 22.18 5.69
N GLN C 524 -14.97 21.37 6.74
CA GLN C 524 -14.28 21.80 7.96
C GLN C 524 -13.05 21.03 8.33
N ARG C 525 -12.91 19.83 7.78
CA ARG C 525 -11.74 18.97 8.12
C ARG C 525 -11.17 18.39 6.87
N ARG C 526 -9.90 17.96 6.95
CA ARG C 526 -9.05 17.71 5.77
C ARG C 526 -9.05 16.22 5.36
N ALA C 527 -9.28 15.96 4.10
CA ALA C 527 -9.34 14.60 3.58
C ALA C 527 -7.95 14.00 3.51
N HIS C 528 -7.88 12.71 3.84
CA HIS C 528 -6.65 11.91 3.85
C HIS C 528 -6.75 10.79 2.83
N ILE C 529 -6.67 11.20 1.57
CA ILE C 529 -6.85 10.36 0.47
C ILE C 529 -5.68 10.44 -0.55
N TRP C 530 -5.25 11.67 -0.81
CA TRP C 530 -4.11 11.99 -1.61
C TRP C 530 -4.23 11.79 -3.13
N LYS C 531 -4.59 10.62 -3.57
CA LYS C 531 -4.72 10.30 -4.97
C LYS C 531 -5.70 11.26 -5.60
N ILE C 532 -5.24 11.93 -6.67
CA ILE C 532 -6.15 12.82 -7.44
C ILE C 532 -6.50 12.10 -8.74
N ASP C 533 -7.81 11.92 -8.98
CA ASP C 533 -8.34 11.33 -10.23
C ASP C 533 -8.53 12.44 -11.26
N VAL C 534 -8.26 12.15 -12.53
CA VAL C 534 -8.37 13.13 -13.61
C VAL C 534 -9.49 12.72 -14.54
N ASP C 535 -10.67 13.30 -14.33
CA ASP C 535 -11.84 12.85 -15.09
C ASP C 535 -12.87 13.98 -15.18
N PRO C 536 -13.55 14.08 -16.34
CA PRO C 536 -14.50 15.18 -16.52
C PRO C 536 -15.76 15.08 -15.62
N ALA C 537 -16.08 13.91 -15.08
CA ALA C 537 -17.37 13.72 -14.40
C ALA C 537 -17.36 12.84 -13.16
N ARG C 538 -16.56 11.81 -13.13
CA ARG C 538 -16.54 10.85 -12.00
C ARG C 538 -16.37 11.60 -10.67
N LYS C 539 -17.22 11.35 -9.67
CA LYS C 539 -17.16 12.04 -8.39
C LYS C 539 -16.59 11.20 -7.22
N SER C 540 -15.90 11.85 -6.29
CA SER C 540 -15.37 11.13 -5.09
C SER C 540 -16.53 10.60 -4.22
N LEU C 541 -17.56 11.42 -4.08
CA LEU C 541 -18.68 11.28 -3.13
C LEU C 541 -19.95 11.06 -3.92
N VAL C 542 -20.63 9.95 -3.62
CA VAL C 542 -21.88 9.59 -4.32
C VAL C 542 -22.95 9.05 -3.36
N ALA C 543 -24.21 9.19 -3.80
CA ALA C 543 -25.36 8.78 -2.99
C ALA C 543 -25.47 7.29 -3.06
N GLY C 544 -25.97 6.66 -2.01
CA GLY C 544 -26.32 5.23 -2.05
C GLY C 544 -27.47 4.86 -3.02
N SER C 545 -27.56 3.57 -3.33
CA SER C 545 -28.67 2.91 -4.08
C SER C 545 -30.06 3.22 -3.51
N THR C 546 -30.11 3.37 -2.21
CA THR C 546 -31.31 3.65 -1.48
C THR C 546 -31.77 5.11 -1.63
N SER C 547 -30.94 5.98 -2.18
CA SER C 547 -31.33 7.36 -2.32
C SER C 547 -32.42 7.46 -3.43
N LYS C 548 -33.46 8.26 -3.20
CA LYS C 548 -34.53 8.50 -4.19
C LYS C 548 -34.64 9.97 -4.53
N ASP C 549 -33.76 10.79 -3.97
CA ASP C 549 -33.76 12.22 -4.21
C ASP C 549 -32.28 12.67 -4.03
N PRO C 550 -31.81 13.56 -4.92
CA PRO C 550 -30.37 13.93 -4.85
C PRO C 550 -29.97 14.51 -3.49
N ARG C 551 -30.94 15.05 -2.74
CA ARG C 551 -30.68 15.66 -1.44
C ARG C 551 -31.22 14.90 -0.24
N ASP C 552 -31.74 13.70 -0.42
CA ASP C 552 -32.17 12.93 0.74
C ASP C 552 -30.99 12.41 1.65
N GLY C 553 -29.75 12.37 1.12
CA GLY C 553 -28.60 12.08 2.01
C GLY C 553 -28.49 10.61 2.42
N LYS C 554 -29.03 9.70 1.62
CA LYS C 554 -29.07 8.28 1.98
C LYS C 554 -27.87 7.49 1.46
N ASP C 555 -27.23 6.84 2.44
CA ASP C 555 -26.12 5.91 2.23
C ASP C 555 -25.03 6.46 1.31
N TRP C 556 -24.68 7.74 1.49
CA TRP C 556 -23.55 8.32 0.75
C TRP C 556 -22.23 7.62 1.13
N HIS C 557 -21.37 7.45 0.18
CA HIS C 557 -20.07 6.86 0.44
C HIS C 557 -19.07 7.39 -0.57
N PHE C 558 -17.82 7.00 -0.31
CA PHE C 558 -16.74 7.19 -1.22
C PHE C 558 -16.79 6.19 -2.31
N GLU C 559 -16.50 6.65 -3.50
CA GLU C 559 -16.25 5.74 -4.62
C GLU C 559 -14.79 5.20 -4.58
N ARG C 560 -14.59 4.07 -5.27
CA ARG C 560 -13.31 3.39 -5.35
C ARG C 560 -12.84 3.39 -6.76
N ASN C 561 -11.57 3.70 -7.02
CA ASN C 561 -11.07 3.61 -8.39
C ASN C 561 -10.70 2.14 -8.73
N GLU C 562 -10.12 1.94 -9.89
CA GLU C 562 -9.71 0.61 -10.41
C GLU C 562 -8.58 -0.03 -9.63
N GLU C 563 -7.89 0.73 -8.83
CA GLU C 563 -6.88 0.19 -7.92
C GLU C 563 -7.46 -0.09 -6.55
N GLY C 564 -8.76 0.06 -6.37
CA GLY C 564 -9.35 -0.25 -5.08
C GLY C 564 -9.13 0.85 -4.04
N ARG C 565 -8.84 2.07 -4.48
CA ARG C 565 -8.56 3.13 -3.55
C ARG C 565 -9.55 4.24 -3.56
N ASN C 566 -9.65 4.98 -2.45
CA ASN C 566 -10.31 6.26 -2.45
C ASN C 566 -9.55 7.24 -3.38
N PHE C 567 -10.27 8.29 -3.87
CA PHE C 567 -9.65 9.31 -4.72
C PHE C 567 -10.32 10.66 -4.60
N VAL C 568 -9.58 11.71 -4.94
CA VAL C 568 -10.03 13.08 -4.93
C VAL C 568 -10.37 13.49 -6.37
N ASP C 569 -11.63 13.90 -6.60
CA ASP C 569 -12.04 14.42 -7.92
C ASP C 569 -11.54 15.86 -8.17
N LEU C 570 -11.49 16.28 -9.45
CA LEU C 570 -10.91 17.61 -9.78
C LEU C 570 -11.63 18.76 -9.21
N MET C 571 -12.92 18.60 -8.95
CA MET C 571 -13.66 19.69 -8.34
C MET C 571 -13.18 19.92 -6.93
N TRP C 572 -13.02 18.86 -6.15
CA TRP C 572 -12.57 19.03 -4.80
C TRP C 572 -11.12 19.53 -4.76
N ALA C 573 -10.30 19.01 -5.65
CA ALA C 573 -8.83 19.31 -5.65
C ALA C 573 -8.53 20.76 -6.00
N CYS C 574 -9.38 21.37 -6.82
CA CYS C 574 -8.99 22.63 -7.45
C CYS C 574 -9.93 23.78 -7.18
N ALA C 575 -11.22 23.49 -6.99
CA ALA C 575 -12.28 24.53 -7.04
C ALA C 575 -13.21 24.52 -5.84
N ARG C 576 -12.83 23.79 -4.78
CA ARG C 576 -13.60 23.69 -3.58
C ARG C 576 -13.76 24.97 -2.84
N THR C 577 -14.84 25.06 -2.06
CA THR C 577 -15.11 26.24 -1.23
C THR C 577 -15.11 25.87 0.23
N THR C 578 -14.38 26.62 1.02
CA THR C 578 -14.27 26.33 2.41
C THR C 578 -13.76 27.57 3.12
N TRP C 579 -13.91 27.61 4.43
CA TRP C 579 -13.42 28.67 5.29
C TRP C 579 -12.53 28.08 6.40
N ALA C 580 -12.04 26.86 6.17
CA ALA C 580 -11.21 26.18 7.18
C ALA C 580 -9.73 26.03 6.75
N ASP C 581 -9.43 26.43 5.52
CA ASP C 581 -8.15 26.13 4.86
C ASP C 581 -7.30 27.39 4.74
N LYS C 582 -6.36 27.56 5.66
CA LYS C 582 -5.44 28.69 5.68
C LYS C 582 -4.61 28.77 4.39
N ASP C 583 -4.15 27.63 3.84
CA ASP C 583 -3.40 27.65 2.56
C ASP C 583 -4.22 28.33 1.43
N GLN C 584 -5.50 27.92 1.33
CA GLN C 584 -6.39 28.45 0.34
C GLN C 584 -6.67 29.95 0.56
N ALA C 585 -6.85 30.36 1.82
CA ALA C 585 -7.12 31.77 2.11
C ALA C 585 -5.87 32.59 1.75
N GLU C 586 -4.67 32.04 1.89
CA GLU C 586 -3.47 32.82 1.49
C GLU C 586 -3.09 32.65 0.04
N ALA C 587 -3.83 31.85 -0.73
CA ALA C 587 -3.58 31.70 -2.15
C ALA C 587 -4.83 32.11 -2.95
N LYS C 588 -5.44 33.20 -2.50
CA LYS C 588 -6.44 33.92 -3.29
C LYS C 588 -7.73 33.13 -3.41
N GLY C 589 -7.94 32.18 -2.51
CA GLY C 589 -9.17 31.39 -2.49
C GLY C 589 -9.21 30.30 -3.54
N CYS C 590 -8.07 29.98 -4.13
CA CYS C 590 -8.06 29.00 -5.21
C CYS C 590 -9.07 29.29 -6.32
N HIS C 591 -9.70 28.29 -6.91
CA HIS C 591 -10.62 28.51 -7.99
C HIS C 591 -12.13 28.46 -7.64
N SER C 592 -12.45 28.66 -6.37
CA SER C 592 -13.84 28.58 -5.91
C SER C 592 -14.57 29.79 -6.46
N PRO C 593 -15.74 29.53 -7.07
CA PRO C 593 -16.51 30.71 -7.54
C PRO C 593 -16.96 31.56 -6.39
N VAL C 594 -16.95 31.04 -5.18
CA VAL C 594 -17.41 31.77 -4.00
C VAL C 594 -16.36 32.57 -3.31
N VAL C 595 -15.19 31.95 -3.07
CA VAL C 595 -14.12 32.67 -2.36
C VAL C 595 -12.94 33.10 -3.20
N SER C 596 -12.86 32.72 -4.50
CA SER C 596 -11.67 33.08 -5.31
C SER C 596 -11.56 34.58 -5.56
N GLU C 597 -10.35 35.13 -5.42
CA GLU C 597 -10.05 36.53 -5.71
C GLU C 597 -9.41 36.68 -7.08
N LEU C 598 -9.23 35.58 -7.77
CA LEU C 598 -8.66 35.57 -9.11
C LEU C 598 -9.69 36.14 -10.05
N LYS C 599 -9.23 36.40 -11.27
CA LYS C 599 -10.14 36.79 -12.32
C LYS C 599 -11.15 35.71 -12.55
N GLU C 600 -12.30 36.12 -13.02
CA GLU C 600 -13.44 35.26 -13.12
C GLU C 600 -13.24 34.10 -14.13
N THR C 601 -12.38 34.29 -15.11
CA THR C 601 -12.08 33.12 -15.97
C THR C 601 -11.34 31.96 -15.25
N LEU C 602 -10.88 32.21 -14.04
CA LEU C 602 -10.24 31.15 -13.23
C LEU C 602 -11.15 30.72 -12.05
N HIS C 603 -12.48 30.92 -12.24
CA HIS C 603 -13.47 30.51 -11.24
C HIS C 603 -14.01 29.29 -11.90
N PHE C 604 -13.76 28.12 -11.33
CA PHE C 604 -14.11 26.89 -12.01
C PHE C 604 -15.46 26.46 -11.45
N LYS C 605 -16.42 26.20 -12.36
CA LYS C 605 -17.80 26.04 -11.97
C LYS C 605 -18.31 24.63 -12.05
N ASP C 606 -17.59 23.75 -12.72
CA ASP C 606 -17.92 22.35 -12.78
C ASP C 606 -16.64 21.58 -13.12
N GLN C 607 -16.71 20.27 -12.99
CA GLN C 607 -15.52 19.43 -13.06
C GLN C 607 -15.10 19.32 -14.50
N LYS C 608 -16.07 19.31 -15.42
CA LYS C 608 -15.68 19.24 -16.80
C LYS C 608 -14.76 20.41 -17.20
N GLN C 609 -15.07 21.61 -16.75
CA GLN C 609 -14.21 22.79 -16.93
C GLN C 609 -12.81 22.54 -16.29
N VAL C 610 -12.77 22.04 -15.05
CA VAL C 610 -11.44 21.79 -14.41
C VAL C 610 -10.64 20.80 -15.24
N TYR C 611 -11.30 19.74 -15.67
CA TYR C 611 -10.69 18.72 -16.48
C TYR C 611 -10.11 19.28 -17.77
N ASN C 612 -10.88 20.16 -18.45
CA ASN C 612 -10.38 20.77 -19.67
C ASN C 612 -9.13 21.60 -19.40
N GLU C 613 -9.05 22.32 -18.28
CA GLU C 613 -7.83 23.04 -17.93
C GLU C 613 -6.61 22.07 -17.71
N VAL C 614 -6.88 20.91 -17.11
CA VAL C 614 -5.83 19.94 -16.82
C VAL C 614 -5.32 19.35 -18.12
N MET C 615 -6.22 18.93 -18.99
CA MET C 615 -5.86 18.43 -20.33
C MET C 615 -5.04 19.40 -21.16
N GLY C 616 -5.29 20.68 -20.98
CA GLY C 616 -4.51 21.69 -21.72
C GLY C 616 -3.03 21.72 -21.33
N TRP C 617 -2.74 21.24 -20.11
CA TRP C 617 -1.37 21.14 -19.62
C TRP C 617 -0.78 19.77 -19.94
N GLN C 618 -1.54 18.71 -19.59
CA GLN C 618 -1.09 17.36 -19.73
C GLN C 618 -0.92 16.89 -21.14
N THR C 619 -1.81 17.30 -22.07
CA THR C 619 -1.74 16.78 -23.43
C THR C 619 -0.44 17.13 -24.13
N PRO C 620 -0.07 18.41 -24.16
CA PRO C 620 1.25 18.67 -24.79
C PRO C 620 2.43 18.01 -24.12
N VAL C 621 2.35 17.80 -22.81
CA VAL C 621 3.41 17.13 -22.09
C VAL C 621 3.48 15.68 -22.55
N LYS C 622 2.36 14.98 -22.53
CA LYS C 622 2.33 13.59 -22.98
C LYS C 622 2.70 13.44 -24.40
N ASP C 623 2.28 14.39 -25.26
CA ASP C 623 2.67 14.25 -26.67
C ASP C 623 4.25 14.26 -26.79
N LYS C 624 4.89 15.25 -26.21
CA LYS C 624 6.38 15.33 -26.33
C LYS C 624 7.08 14.13 -25.68
N PHE C 625 6.54 13.70 -24.55
CA PHE C 625 7.08 12.56 -23.84
C PHE C 625 7.08 11.33 -24.73
N THR C 626 5.97 11.11 -25.41
CA THR C 626 5.85 9.95 -26.26
C THR C 626 6.79 10.05 -27.40
N GLN C 627 6.85 11.21 -28.03
CA GLN C 627 7.84 11.44 -29.08
C GLN C 627 9.30 11.09 -28.67
N VAL C 628 9.68 11.49 -27.47
CA VAL C 628 11.03 11.23 -26.94
C VAL C 628 11.21 9.74 -26.68
N LYS C 629 10.24 9.15 -26.00
CA LYS C 629 10.32 7.74 -25.63
C LYS C 629 10.37 6.81 -26.82
N VAL C 630 9.51 7.05 -27.83
CA VAL C 630 9.59 6.26 -28.99
C VAL C 630 10.94 6.44 -29.73
N GLY C 631 11.43 7.68 -29.79
CA GLY C 631 12.67 7.97 -30.41
C GLY C 631 13.84 7.29 -29.72
N ILE C 632 13.86 7.28 -28.38
CA ILE C 632 14.96 6.55 -27.69
C ILE C 632 15.02 5.08 -28.15
N GLN C 633 13.86 4.44 -28.15
CA GLN C 633 13.73 3.03 -28.53
C GLN C 633 14.25 2.75 -29.94
N GLY C 634 13.81 3.53 -30.89
CA GLY C 634 14.28 3.35 -32.24
C GLY C 634 15.76 3.64 -32.35
N LEU C 635 16.31 4.64 -31.65
CA LEU C 635 17.75 4.91 -31.77
C LEU C 635 18.62 3.69 -31.26
N TYR C 636 18.17 3.06 -30.18
CA TYR C 636 18.92 1.95 -29.63
C TYR C 636 18.87 0.75 -30.57
N SER C 637 17.71 0.49 -31.17
CA SER C 637 17.62 -0.53 -32.25
C SER C 637 18.53 -0.25 -33.41
N LEU C 638 18.52 1.01 -33.88
CA LEU C 638 19.38 1.37 -34.98
C LEU C 638 20.84 1.16 -34.67
N LEU C 639 21.20 1.49 -33.44
CA LEU C 639 22.58 1.33 -33.05
C LEU C 639 23.05 -0.10 -33.13
N GLU C 640 22.12 -1.07 -33.06
CA GLU C 640 22.47 -2.49 -33.12
C GLU C 640 22.89 -2.97 -34.53
N VAL C 641 22.48 -2.23 -35.57
CA VAL C 641 22.63 -2.66 -36.94
C VAL C 641 23.05 -1.58 -37.92
N LYS C 642 23.29 -0.35 -37.48
CA LYS C 642 23.97 0.63 -38.36
C LYS C 642 25.38 0.90 -37.88
N LYS C 643 26.32 1.20 -38.79
CA LYS C 643 27.68 1.61 -38.36
C LYS C 643 27.79 3.10 -38.55
N LEU C 644 28.43 3.76 -37.57
CA LEU C 644 28.71 5.18 -37.63
C LEU C 644 30.17 5.38 -37.31
N ALA C 645 30.69 6.53 -37.73
CA ALA C 645 32.00 7.00 -37.33
C ALA C 645 31.98 7.05 -35.80
N PRO C 646 33.06 6.60 -35.14
CA PRO C 646 33.08 6.57 -33.67
C PRO C 646 32.65 7.89 -32.99
N SER C 647 33.09 9.00 -33.55
CA SER C 647 32.78 10.28 -33.00
C SER C 647 31.24 10.71 -33.09
N ASP C 648 30.58 10.31 -34.18
CA ASP C 648 29.12 10.39 -34.33
C ASP C 648 28.39 9.47 -33.35
N LYS C 649 28.90 8.26 -33.19
CA LYS C 649 28.31 7.26 -32.30
C LYS C 649 28.32 7.74 -30.84
N THR C 650 29.41 8.36 -30.44
CA THR C 650 29.55 8.96 -29.11
C THR C 650 28.46 9.96 -28.90
N ARG C 651 28.26 10.76 -29.93
CA ARG C 651 27.26 11.80 -29.87
C ARG C 651 25.82 11.23 -29.73
N VAL C 652 25.53 10.20 -30.51
CA VAL C 652 24.21 9.62 -30.45
C VAL C 652 23.96 9.11 -29.02
N TYR C 653 24.95 8.44 -28.45
CA TYR C 653 24.84 7.95 -27.07
C TYR C 653 24.64 9.06 -26.05
N GLU C 654 25.38 10.15 -26.16
CA GLU C 654 25.25 11.24 -25.24
C GLU C 654 23.85 11.82 -25.25
N LEU C 655 23.27 11.96 -26.44
CA LEU C 655 21.98 12.57 -26.62
C LEU C 655 20.83 11.65 -26.12
N ILE C 656 20.93 10.37 -26.38
CA ILE C 656 19.95 9.37 -25.95
C ILE C 656 19.92 9.28 -24.42
N GLU C 657 21.11 9.26 -23.80
CA GLU C 657 21.21 9.16 -22.32
C GLU C 657 20.68 10.43 -21.67
N LYS C 658 20.97 11.59 -22.22
CA LYS C 658 20.44 12.79 -21.60
C LYS C 658 18.89 12.84 -21.78
N ALA C 659 18.39 12.32 -22.91
CA ALA C 659 16.90 12.30 -23.11
C ALA C 659 16.27 11.34 -22.10
N GLN C 660 16.91 10.18 -21.89
CA GLN C 660 16.49 9.18 -20.90
C GLN C 660 16.37 9.79 -19.52
N ASP C 661 17.29 10.67 -19.13
CA ASP C 661 17.26 11.25 -17.82
C ASP C 661 15.94 12.01 -17.67
N THR C 662 15.56 12.68 -18.76
CA THR C 662 14.34 13.50 -18.76
C THR C 662 13.09 12.64 -18.70
N VAL C 663 13.04 11.62 -19.53
CA VAL C 663 11.92 10.62 -19.54
C VAL C 663 11.75 10.01 -18.15
N ASP C 664 12.85 9.63 -17.51
CA ASP C 664 12.77 8.99 -16.17
C ASP C 664 12.25 10.00 -15.16
N LEU C 665 12.72 11.25 -15.19
CA LEU C 665 12.20 12.19 -14.22
C LEU C 665 10.67 12.45 -14.44
N ILE C 666 10.23 12.64 -15.68
CA ILE C 666 8.85 13.01 -15.95
C ILE C 666 7.97 11.82 -15.58
N GLU C 667 8.39 10.62 -15.95
CA GLU C 667 7.66 9.43 -15.62
C GLU C 667 7.56 9.18 -14.12
N LYS C 668 8.64 9.36 -13.39
CA LYS C 668 8.56 9.27 -11.94
C LYS C 668 7.69 10.33 -11.30
N ASP C 669 7.79 11.56 -11.80
CA ASP C 669 6.96 12.64 -11.29
C ASP C 669 5.46 12.29 -11.40
N GLY C 670 5.12 11.81 -12.57
CA GLY C 670 3.79 11.27 -12.79
C GLY C 670 2.63 12.26 -12.84
N SER C 671 2.92 13.58 -12.89
CA SER C 671 1.86 14.61 -12.96
C SER C 671 1.59 15.17 -14.36
N TRP C 672 2.46 14.82 -15.30
CA TRP C 672 2.35 15.27 -16.73
C TRP C 672 2.15 16.77 -16.84
N GLY C 673 2.89 17.50 -15.99
CA GLY C 673 3.01 18.92 -16.02
C GLY C 673 2.28 19.64 -14.97
N MET C 674 1.46 18.93 -14.18
CA MET C 674 0.64 19.62 -13.16
C MET C 674 1.46 20.10 -11.98
N HIS C 675 2.64 19.51 -11.80
CA HIS C 675 3.59 19.97 -10.74
C HIS C 675 4.50 21.13 -11.21
N GLY C 676 4.44 21.51 -12.48
CA GLY C 676 5.25 22.68 -12.98
C GLY C 676 5.36 22.59 -14.49
N PHE C 677 4.38 23.15 -15.17
CA PHE C 677 4.30 23.06 -16.62
C PHE C 677 5.51 23.69 -17.30
N LYS C 678 5.92 24.88 -16.83
CA LYS C 678 6.98 25.57 -17.52
C LYS C 678 8.28 24.75 -17.51
N TYR C 679 8.71 24.29 -16.33
CA TYR C 679 9.90 23.46 -16.26
C TYR C 679 9.79 22.13 -16.98
N THR C 680 8.62 21.50 -16.83
CA THR C 680 8.37 20.22 -17.47
C THR C 680 8.53 20.35 -18.98
N LYS C 681 7.97 21.44 -19.52
CA LYS C 681 8.10 21.77 -20.95
C LYS C 681 9.55 22.13 -21.35
N GLN C 682 10.28 22.82 -20.48
CA GLN C 682 11.70 23.13 -20.75
C GLN C 682 12.51 21.87 -20.88
N ARG C 683 12.30 20.91 -20.00
CA ARG C 683 12.99 19.60 -20.10
C ARG C 683 12.60 18.79 -21.33
N LEU C 684 11.30 18.71 -21.60
CA LEU C 684 10.85 17.96 -22.78
C LEU C 684 11.26 18.65 -24.14
N ASP C 685 11.25 19.97 -24.16
CA ASP C 685 11.73 20.74 -25.33
C ASP C 685 13.20 20.39 -25.63
N ALA C 686 14.04 20.36 -24.59
CA ALA C 686 15.41 19.91 -24.73
C ALA C 686 15.46 18.48 -25.25
N ALA C 687 14.74 17.55 -24.63
CA ALA C 687 14.82 16.15 -25.03
C ALA C 687 14.31 15.89 -26.46
N VAL C 688 13.29 16.61 -26.92
CA VAL C 688 12.90 16.54 -28.36
C VAL C 688 14.06 16.96 -29.26
N GLU C 689 14.79 18.02 -28.88
CA GLU C 689 16.01 18.42 -29.62
C GLU C 689 17.08 17.36 -29.66
N TYR C 690 17.29 16.70 -28.53
CA TYR C 690 18.32 15.70 -28.46
C TYR C 690 18.06 14.58 -29.40
N ILE C 691 16.85 14.06 -29.37
CA ILE C 691 16.43 12.95 -30.19
C ILE C 691 16.45 13.36 -31.68
N ASN C 692 15.96 14.54 -32.00
CA ASN C 692 16.02 15.06 -33.38
C ASN C 692 17.43 15.12 -33.88
N GLU C 693 18.36 15.56 -33.04
CA GLU C 693 19.76 15.69 -33.48
C GLU C 693 20.39 14.32 -33.63
N ALA C 694 20.11 13.38 -32.72
CA ALA C 694 20.60 12.02 -32.87
C ALA C 694 20.05 11.30 -34.08
N GLN C 695 18.79 11.57 -34.43
CA GLN C 695 18.16 11.05 -35.67
C GLN C 695 18.83 11.69 -36.90
N ARG C 696 19.12 12.97 -36.81
CA ARG C 696 19.89 13.61 -37.88
C ARG C 696 21.21 12.90 -38.10
N ILE C 697 21.98 12.69 -37.03
CA ILE C 697 23.27 12.01 -37.16
C ILE C 697 23.11 10.58 -37.70
N MET C 698 22.12 9.86 -37.19
CA MET C 698 21.90 8.47 -37.62
C MET C 698 21.50 8.38 -39.11
N LYS C 699 20.82 9.39 -39.64
CA LYS C 699 20.54 9.44 -41.08
C LYS C 699 21.74 9.44 -42.02
N LYS C 700 22.95 9.72 -41.55
CA LYS C 700 24.13 9.61 -42.40
C LYS C 700 25.21 8.76 -41.73
N GLY D 42 5.77 6.68 -60.08
CA GLY D 42 4.63 6.88 -60.99
C GLY D 42 3.35 6.58 -60.21
N MET D 43 3.07 7.38 -59.18
CA MET D 43 1.70 7.38 -58.58
C MET D 43 0.66 8.02 -59.57
N GLN D 44 -0.46 7.38 -59.80
CA GLN D 44 -1.50 8.02 -60.64
C GLN D 44 -2.90 7.55 -60.25
N MET D 45 -3.91 8.25 -60.72
CA MET D 45 -5.30 7.86 -60.54
C MET D 45 -5.58 6.57 -61.28
N THR D 46 -6.68 5.90 -60.94
CA THR D 46 -7.00 4.63 -61.58
C THR D 46 -7.26 4.82 -63.07
N LYS D 47 -7.12 3.71 -63.77
CA LYS D 47 -7.44 3.63 -65.18
C LYS D 47 -8.85 4.18 -65.49
N GLU D 48 -9.82 3.68 -64.76
CA GLU D 48 -11.19 4.16 -64.90
C GLU D 48 -11.33 5.69 -64.75
N ALA D 49 -10.76 6.26 -63.71
CA ALA D 49 -10.77 7.71 -63.59
C ALA D 49 -10.13 8.40 -64.78
N ARG D 50 -8.98 7.90 -65.21
CA ARG D 50 -8.18 8.57 -66.24
C ARG D 50 -8.91 8.52 -67.60
N GLU D 51 -9.61 7.47 -67.88
CA GLU D 51 -10.37 7.40 -69.15
C GLU D 51 -11.49 8.39 -69.14
N ILE D 52 -12.15 8.55 -68.00
CA ILE D 52 -13.26 9.54 -67.94
C ILE D 52 -12.69 10.92 -68.04
N ILE D 53 -11.57 11.15 -67.36
CA ILE D 53 -10.91 12.47 -67.42
C ILE D 53 -10.45 12.75 -68.87
N ALA D 54 -10.03 11.71 -69.61
CA ALA D 54 -9.57 11.87 -71.00
C ALA D 54 -10.73 12.20 -71.93
N HIS D 55 -11.94 11.74 -71.63
CA HIS D 55 -13.07 11.92 -72.55
C HIS D 55 -14.33 12.12 -71.72
N PRO D 56 -14.48 13.27 -71.09
CA PRO D 56 -15.51 13.48 -70.09
C PRO D 56 -16.86 13.68 -70.71
N LYS D 57 -17.89 13.03 -70.20
CA LYS D 57 -19.24 13.22 -70.74
C LYS D 57 -20.22 13.57 -69.61
N GLY D 58 -19.73 14.39 -68.69
CA GLY D 58 -20.49 15.00 -67.60
C GLY D 58 -21.45 16.08 -68.08
N THR D 59 -22.14 16.70 -67.14
CA THR D 59 -23.14 17.74 -67.50
C THR D 59 -22.92 19.10 -66.89
N LYS D 60 -21.92 19.25 -66.06
CA LYS D 60 -21.74 20.48 -65.39
C LYS D 60 -21.49 21.63 -66.39
N GLU D 61 -20.68 21.45 -67.42
CA GLU D 61 -20.37 22.54 -68.36
C GLU D 61 -21.45 22.57 -69.40
N SER D 62 -21.87 21.43 -69.90
CA SER D 62 -22.89 21.46 -70.96
C SER D 62 -24.30 21.90 -70.47
N ARG D 63 -24.70 21.52 -69.25
CA ARG D 63 -26.03 21.79 -68.74
C ARG D 63 -26.09 22.61 -67.46
N GLY D 64 -24.99 22.78 -66.74
CA GLY D 64 -25.05 23.50 -65.43
C GLY D 64 -25.62 22.63 -64.30
N VAL D 65 -25.53 21.33 -64.47
CA VAL D 65 -26.06 20.36 -63.53
C VAL D 65 -24.93 19.32 -63.36
N ILE D 66 -24.54 19.09 -62.09
CA ILE D 66 -23.47 18.15 -61.81
C ILE D 66 -24.02 16.70 -61.82
N SER D 67 -23.37 15.80 -62.54
CA SER D 67 -23.83 14.43 -62.61
C SER D 67 -22.64 13.51 -62.45
N LEU D 68 -22.83 12.20 -62.59
CA LEU D 68 -21.82 11.25 -62.07
C LEU D 68 -20.37 11.58 -62.59
N GLN D 69 -20.23 11.76 -63.91
CA GLN D 69 -18.90 11.89 -64.51
C GLN D 69 -18.20 13.13 -64.05
N ASP D 70 -18.96 14.18 -63.70
CA ASP D 70 -18.38 15.38 -63.12
C ASP D 70 -17.74 15.13 -61.78
N TYR D 71 -18.36 14.25 -61.00
CA TYR D 71 -17.76 13.87 -59.70
C TYR D 71 -16.41 13.13 -59.88
N ILE D 72 -16.31 12.28 -60.91
CA ILE D 72 -15.10 11.56 -61.17
C ILE D 72 -13.95 12.54 -61.56
N VAL D 73 -14.26 13.51 -62.42
CA VAL D 73 -13.29 14.48 -62.97
C VAL D 73 -12.80 15.39 -61.85
N GLU D 74 -13.70 15.81 -60.95
CA GLU D 74 -13.34 16.85 -59.99
C GLU D 74 -12.32 16.37 -58.98
N GLU D 75 -12.09 15.06 -58.89
CA GLU D 75 -11.18 14.52 -57.89
C GLU D 75 -9.66 14.65 -58.22
N GLN D 76 -9.37 15.15 -59.41
CA GLN D 76 -8.02 15.11 -59.91
C GLN D 76 -7.09 16.00 -59.09
N ALA D 77 -7.54 17.19 -58.71
CA ALA D 77 -6.74 18.12 -57.96
C ALA D 77 -6.34 17.52 -56.62
N MET D 78 -7.27 16.79 -55.97
CA MET D 78 -7.01 16.21 -54.64
C MET D 78 -5.91 15.15 -54.68
N TYR D 79 -6.01 14.25 -55.63
CA TYR D 79 -4.97 13.22 -55.79
C TYR D 79 -3.60 13.86 -56.19
N ASP D 80 -3.59 14.82 -57.09
CA ASP D 80 -2.35 15.51 -57.45
C ASP D 80 -1.76 16.14 -56.20
N TRP D 81 -2.59 16.77 -55.35
CA TRP D 81 -2.11 17.36 -54.14
C TRP D 81 -1.56 16.33 -53.17
N LEU D 82 -2.24 15.20 -53.04
CA LEU D 82 -1.80 14.18 -52.09
C LEU D 82 -0.46 13.53 -52.52
N PHE D 83 -0.26 13.34 -53.82
CA PHE D 83 0.94 12.74 -54.30
C PHE D 83 2.12 13.65 -54.01
N LYS D 84 1.88 14.96 -53.95
CA LYS D 84 2.90 15.93 -53.63
C LYS D 84 3.08 16.26 -52.15
N ASN D 85 2.04 16.16 -51.33
CA ASN D 85 2.09 16.71 -50.02
C ASN D 85 1.85 15.69 -48.91
N HIS D 86 1.46 14.46 -49.21
CA HIS D 86 1.20 13.54 -48.12
C HIS D 86 2.53 13.09 -47.52
N PRO D 87 2.61 12.92 -46.17
CA PRO D 87 3.86 12.48 -45.53
C PRO D 87 4.48 11.22 -46.11
N ILE D 88 3.65 10.35 -46.64
CA ILE D 88 4.17 9.11 -47.22
C ILE D 88 5.22 9.47 -48.29
N PHE D 89 4.98 10.56 -49.02
CA PHE D 89 5.86 11.05 -50.04
C PHE D 89 6.86 12.11 -49.51
N THR D 90 6.44 13.02 -48.66
CA THR D 90 7.33 14.10 -48.29
C THR D 90 8.30 13.65 -47.17
N LYS D 91 7.91 12.70 -46.34
CA LYS D 91 8.75 12.24 -45.24
C LYS D 91 9.29 10.84 -45.41
N TYR D 92 8.58 9.92 -46.06
CA TYR D 92 8.99 8.54 -46.14
C TYR D 92 9.45 8.20 -47.55
N GLY D 93 9.56 9.21 -48.41
CA GLY D 93 10.08 9.04 -49.76
C GLY D 93 9.24 8.12 -50.66
N GLY D 94 7.95 7.93 -50.37
CA GLY D 94 7.15 7.00 -51.14
C GLY D 94 7.36 5.53 -50.80
N LYS D 95 8.07 5.24 -49.73
CA LYS D 95 8.38 3.86 -49.36
C LYS D 95 7.48 3.34 -48.26
N THR D 96 6.87 2.18 -48.46
CA THR D 96 5.95 1.64 -47.48
C THR D 96 6.24 0.16 -47.40
N VAL D 97 5.92 -0.47 -46.32
CA VAL D 97 5.97 -1.91 -46.26
C VAL D 97 4.65 -2.46 -46.74
N GLY D 98 4.64 -2.80 -48.02
CA GLY D 98 3.44 -3.14 -48.75
C GLY D 98 3.21 -2.22 -49.91
N LYS D 99 2.67 -2.73 -50.99
CA LYS D 99 2.40 -1.93 -52.18
C LYS D 99 1.27 -0.87 -51.96
N LEU D 100 1.54 0.37 -52.33
CA LEU D 100 0.57 1.45 -52.31
C LEU D 100 -0.37 1.31 -53.49
N VAL D 101 -1.69 1.23 -53.25
CA VAL D 101 -2.65 1.04 -54.35
C VAL D 101 -3.73 2.14 -54.34
N VAL D 102 -3.68 3.03 -55.36
CA VAL D 102 -4.61 4.12 -55.47
C VAL D 102 -6.04 3.62 -55.73
N LYS D 103 -7.00 4.18 -54.99
CA LYS D 103 -8.37 3.72 -55.12
C LYS D 103 -9.28 4.91 -55.06
N ASP D 104 -9.55 5.49 -56.23
CA ASP D 104 -10.26 6.75 -56.29
C ASP D 104 -11.74 6.49 -56.71
N ARG D 105 -12.48 7.55 -57.01
CA ARG D 105 -13.88 7.44 -57.42
C ARG D 105 -14.04 6.61 -58.69
N GLY D 106 -13.02 6.58 -59.55
CA GLY D 106 -13.05 5.79 -60.78
C GLY D 106 -13.33 4.35 -60.48
N GLU D 107 -12.66 3.86 -59.46
CA GLU D 107 -12.89 2.51 -59.08
C GLU D 107 -14.13 2.34 -58.15
N GLU D 108 -14.19 3.15 -57.10
CA GLU D 108 -15.26 3.01 -56.09
C GLU D 108 -16.70 3.29 -56.65
N TRP D 109 -16.84 4.38 -57.38
CA TRP D 109 -18.14 4.84 -57.85
C TRP D 109 -18.56 4.25 -59.21
N ILE D 110 -17.64 3.61 -59.94
CA ILE D 110 -17.89 3.17 -61.34
C ILE D 110 -17.70 1.66 -61.45
N GLU D 111 -16.55 1.16 -60.99
CA GLU D 111 -16.20 -0.28 -61.16
C GLU D 111 -16.78 -1.27 -60.17
N GLU D 112 -17.02 -0.81 -58.95
CA GLU D 112 -17.54 -1.66 -57.89
C GLU D 112 -18.92 -2.23 -58.23
N GLY D 113 -19.17 -3.38 -57.64
CA GLY D 113 -20.36 -4.12 -57.79
C GLY D 113 -20.55 -4.60 -59.23
N ARG D 114 -19.45 -4.84 -59.95
CA ARG D 114 -19.48 -5.17 -61.37
C ARG D 114 -20.28 -4.20 -62.23
N GLY D 115 -20.17 -2.91 -61.95
CA GLY D 115 -20.94 -1.92 -62.73
C GLY D 115 -20.69 -1.98 -64.24
N ASN D 116 -19.44 -2.30 -64.61
CA ASN D 116 -19.12 -2.37 -66.03
C ASN D 116 -19.83 -3.53 -66.72
N ASP D 117 -19.96 -4.64 -66.02
CA ASP D 117 -20.72 -5.76 -66.56
C ASP D 117 -22.22 -5.44 -66.57
N PHE D 118 -22.70 -4.77 -65.51
CA PHE D 118 -24.11 -4.34 -65.48
C PHE D 118 -24.37 -3.47 -66.73
N SER D 119 -23.47 -2.53 -66.95
CA SER D 119 -23.65 -1.58 -68.05
C SER D 119 -23.66 -2.30 -69.39
N LYS D 120 -22.81 -3.29 -69.56
CA LYS D 120 -22.80 -4.03 -70.84
C LYS D 120 -24.04 -4.91 -70.99
N ALA D 121 -24.65 -5.36 -69.92
CA ALA D 121 -25.87 -6.13 -70.03
C ALA D 121 -27.11 -5.24 -70.24
N SER D 122 -26.93 -3.93 -70.33
CA SER D 122 -28.06 -2.99 -70.39
C SER D 122 -28.16 -2.34 -71.77
N LYS D 123 -29.37 -2.00 -72.20
CA LYS D 123 -29.56 -1.18 -73.40
C LYS D 123 -29.21 0.27 -73.16
N ARG D 124 -29.10 0.70 -71.90
CA ARG D 124 -28.81 2.10 -71.66
C ARG D 124 -27.52 2.50 -72.35
N SER D 125 -27.54 3.63 -73.07
CA SER D 125 -26.36 4.12 -73.81
C SER D 125 -25.75 3.05 -74.69
N GLY D 126 -26.61 2.20 -75.24
CA GLY D 126 -26.18 1.13 -76.13
C GLY D 126 -25.22 0.15 -75.49
N GLY D 127 -25.31 -0.04 -74.17
CA GLY D 127 -24.39 -0.95 -73.51
C GLY D 127 -23.00 -0.42 -73.28
N GLU D 128 -22.77 0.81 -73.67
CA GLU D 128 -21.46 1.50 -73.56
C GLU D 128 -21.40 2.53 -72.37
N GLY D 129 -22.30 2.43 -71.40
CA GLY D 129 -22.36 3.44 -70.37
C GLY D 129 -21.62 3.02 -69.11
N PHE D 130 -21.81 3.80 -68.05
CA PHE D 130 -21.28 3.55 -66.70
C PHE D 130 -22.47 3.32 -65.74
N SER D 131 -22.24 2.55 -64.68
CA SER D 131 -23.25 2.27 -63.69
C SER D 131 -22.60 2.35 -62.30
N SER D 132 -23.13 3.28 -61.48
CA SER D 132 -22.68 3.44 -60.10
C SER D 132 -23.59 2.63 -59.26
N MET D 133 -23.10 1.46 -58.87
CA MET D 133 -23.90 0.43 -58.25
C MET D 133 -24.13 0.67 -56.76
N MET D 134 -23.07 1.12 -56.06
CA MET D 134 -23.13 1.19 -54.61
C MET D 134 -22.69 2.50 -53.94
N TYR D 135 -21.81 3.25 -54.57
CA TYR D 135 -21.18 4.41 -53.95
C TYR D 135 -21.33 5.65 -54.84
N ARG D 136 -22.13 6.59 -54.36
CA ARG D 136 -22.34 7.87 -55.05
C ARG D 136 -23.05 8.83 -54.09
N VAL D 137 -22.85 10.12 -54.25
CA VAL D 137 -23.60 11.14 -53.49
C VAL D 137 -24.75 11.68 -54.37
N ALA D 138 -25.69 12.36 -53.75
CA ALA D 138 -26.83 12.98 -54.37
C ALA D 138 -26.65 14.48 -54.60
N ARG D 139 -25.78 15.09 -53.82
CA ARG D 139 -25.65 16.56 -53.77
C ARG D 139 -24.16 16.88 -53.78
N ASN D 140 -23.73 18.09 -53.46
CA ASN D 140 -22.32 18.36 -53.60
C ASN D 140 -21.36 17.57 -52.67
N SER D 141 -20.27 17.16 -53.30
CA SER D 141 -19.20 16.53 -52.58
C SER D 141 -18.44 17.58 -51.71
N THR D 142 -17.54 17.04 -50.89
CA THR D 142 -16.66 17.79 -50.04
C THR D 142 -15.53 18.46 -50.81
N LEU D 143 -15.51 18.36 -52.14
CA LEU D 143 -14.60 19.21 -52.94
C LEU D 143 -15.20 20.55 -53.39
N GLN D 144 -16.47 20.79 -53.15
CA GLN D 144 -17.12 22.01 -53.62
C GLN D 144 -17.28 23.02 -52.51
N TYR D 145 -16.71 24.22 -52.71
CA TYR D 145 -16.79 25.28 -51.71
C TYR D 145 -17.20 26.55 -52.47
N PRO D 146 -18.03 27.44 -51.88
CA PRO D 146 -18.63 27.32 -50.57
C PRO D 146 -19.81 26.32 -50.58
N ASN D 147 -20.22 25.80 -49.43
CA ASN D 147 -21.47 25.06 -49.37
C ASN D 147 -22.50 25.80 -48.52
N LYS D 148 -23.72 25.26 -48.44
CA LYS D 148 -24.80 25.84 -47.65
C LYS D 148 -25.12 25.13 -46.34
N PHE D 149 -24.19 24.32 -45.83
CA PHE D 149 -24.42 23.65 -44.58
C PHE D 149 -24.38 24.64 -43.41
N ILE D 150 -25.30 24.47 -42.46
CA ILE D 150 -25.35 25.30 -41.26
C ILE D 150 -25.02 24.52 -40.01
N GLY D 151 -25.04 23.19 -40.13
CA GLY D 151 -24.86 22.30 -39.01
C GLY D 151 -26.09 21.87 -38.26
N PRO D 152 -25.96 20.75 -37.54
CA PRO D 152 -27.20 20.24 -36.94
C PRO D 152 -27.71 21.00 -35.74
N GLU D 153 -26.81 21.66 -35.03
CA GLU D 153 -27.22 22.47 -33.90
C GLU D 153 -28.11 23.62 -34.30
N LYS D 154 -27.95 24.13 -35.50
CA LYS D 154 -28.87 25.11 -36.08
C LYS D 154 -30.24 24.57 -36.41
N CYS D 155 -30.33 23.38 -37.04
CA CYS D 155 -31.62 22.70 -37.20
C CYS D 155 -32.24 22.46 -35.85
N GLY D 156 -31.42 22.00 -34.93
CA GLY D 156 -31.90 21.74 -33.58
C GLY D 156 -32.50 22.95 -32.78
N GLU D 157 -32.11 24.17 -33.10
CA GLU D 157 -32.71 25.33 -32.40
C GLU D 157 -34.24 25.38 -32.67
N CYS D 158 -34.69 24.97 -33.88
CA CYS D 158 -36.15 24.95 -34.14
C CYS D 158 -36.77 23.58 -34.02
N HIS D 159 -35.96 22.54 -34.07
CA HIS D 159 -36.42 21.18 -33.96
C HIS D 159 -35.73 20.49 -32.78
N PRO D 160 -35.95 21.00 -31.57
CA PRO D 160 -35.23 20.37 -30.44
C PRO D 160 -35.59 18.89 -30.20
N ALA D 161 -36.83 18.48 -30.45
CA ALA D 161 -37.23 17.10 -30.23
C ALA D 161 -36.39 16.14 -31.12
N GLN D 162 -36.34 16.38 -32.42
CA GLN D 162 -35.59 15.52 -33.32
C GLN D 162 -34.10 15.63 -33.02
N TYR D 163 -33.58 16.82 -32.65
CA TYR D 163 -32.17 16.94 -32.29
C TYR D 163 -31.84 15.97 -31.16
N GLU D 164 -32.66 15.93 -30.15
CA GLU D 164 -32.43 15.02 -29.01
C GLU D 164 -32.33 13.50 -29.40
N THR D 165 -33.32 12.96 -30.10
CA THR D 165 -33.28 11.49 -30.42
C THR D 165 -32.14 11.21 -31.42
N TRP D 166 -31.96 12.05 -32.42
CA TRP D 166 -30.81 11.93 -33.33
C TRP D 166 -29.47 11.96 -32.63
N SER D 167 -29.29 12.90 -31.70
CA SER D 167 -28.00 13.15 -31.05
C SER D 167 -27.61 12.01 -30.13
N ARG D 168 -28.57 11.18 -29.74
CA ARG D 168 -28.23 9.98 -29.01
C ARG D 168 -28.31 8.75 -29.95
N SER D 169 -27.76 8.88 -31.16
CA SER D 169 -27.70 7.81 -32.10
C SER D 169 -26.32 7.71 -32.75
N ARG D 170 -26.01 6.51 -33.25
CA ARG D 170 -24.72 6.33 -33.92
C ARG D 170 -24.59 7.04 -35.29
N HIS D 171 -25.71 7.48 -35.88
CA HIS D 171 -25.63 8.43 -37.00
C HIS D 171 -24.87 9.71 -36.57
N ALA D 172 -25.15 10.19 -35.34
CA ALA D 172 -24.66 11.48 -34.90
C ALA D 172 -23.20 11.41 -34.56
N THR D 173 -22.71 10.25 -34.12
CA THR D 173 -21.36 10.20 -33.56
C THR D 173 -20.40 9.32 -34.35
N THR D 174 -20.77 8.96 -35.57
CA THR D 174 -19.95 8.03 -36.35
C THR D 174 -18.59 8.68 -36.67
N ILE D 175 -18.59 9.99 -36.83
CA ILE D 175 -17.35 10.81 -37.01
C ILE D 175 -17.11 11.61 -35.75
N ARG D 176 -16.01 11.33 -35.08
CA ARG D 176 -15.62 12.05 -33.83
C ARG D 176 -14.13 12.42 -33.81
N PHE D 177 -13.84 13.46 -33.06
CA PHE D 177 -12.49 14.00 -33.00
C PHE D 177 -11.86 13.48 -31.68
N PRO D 178 -10.52 13.37 -31.62
CA PRO D 178 -9.86 13.12 -30.33
C PRO D 178 -10.37 14.07 -29.27
N GLY D 179 -10.71 13.53 -28.09
CA GLY D 179 -11.37 14.28 -27.03
C GLY D 179 -12.84 13.94 -26.89
N GLU D 180 -13.39 13.16 -27.82
CA GLU D 180 -14.80 12.77 -27.77
C GLU D 180 -15.00 11.28 -27.65
N HIS D 181 -14.09 10.56 -26.97
CA HIS D 181 -14.26 9.16 -26.68
C HIS D 181 -14.27 8.81 -25.19
N PRO D 182 -15.29 9.25 -24.45
CA PRO D 182 -15.40 8.97 -23.00
C PRO D 182 -15.62 7.48 -22.72
N GLU D 183 -16.14 6.74 -23.71
CA GLU D 183 -16.23 5.27 -23.61
C GLU D 183 -14.91 4.50 -23.53
N VAL D 184 -13.79 5.17 -23.84
CA VAL D 184 -12.47 4.67 -23.54
C VAL D 184 -11.63 5.65 -22.68
N ASN D 185 -12.32 6.49 -21.90
CA ASN D 185 -11.76 7.53 -21.05
C ASN D 185 -10.78 8.33 -21.85
N ASN D 186 -11.08 8.52 -23.14
CA ASN D 186 -10.24 9.27 -24.01
C ASN D 186 -8.79 8.82 -24.17
N LYS D 187 -8.56 7.55 -24.04
CA LYS D 187 -7.23 6.93 -24.25
C LYS D 187 -7.30 6.16 -25.57
N LEU D 188 -6.90 6.80 -26.64
CA LEU D 188 -6.92 6.18 -27.97
C LEU D 188 -5.68 5.34 -28.29
N ASN D 189 -4.65 5.38 -27.44
CA ASN D 189 -3.44 4.60 -27.67
C ASN D 189 -3.23 3.58 -26.55
N ASP D 190 -4.19 3.35 -25.67
CA ASP D 190 -4.06 2.30 -24.68
C ASP D 190 -4.98 1.15 -25.02
N PRO D 191 -4.66 -0.06 -24.55
CA PRO D 191 -5.63 -1.14 -24.75
C PRO D 191 -7.05 -0.82 -24.31
N VAL D 192 -8.01 -1.15 -25.17
CA VAL D 192 -9.39 -0.99 -24.74
C VAL D 192 -9.80 -1.98 -23.71
N PHE D 193 -9.64 -3.25 -24.02
CA PHE D 193 -10.10 -4.28 -23.17
C PHE D 193 -8.86 -4.89 -22.44
N ASP D 194 -8.54 -6.16 -22.64
CA ASP D 194 -7.37 -6.75 -21.92
C ASP D 194 -6.08 -6.12 -22.36
N LYS D 195 -5.11 -6.15 -21.47
CA LYS D 195 -3.83 -5.48 -21.64
C LYS D 195 -3.07 -6.01 -22.76
N ASP D 196 -3.27 -7.26 -23.13
CA ASP D 196 -2.59 -7.82 -24.35
C ASP D 196 -3.39 -7.64 -25.67
N THR D 197 -4.42 -6.77 -25.65
CA THR D 197 -5.23 -6.49 -26.90
C THR D 197 -5.15 -5.02 -27.34
N ALA D 198 -5.77 -4.73 -28.48
CA ALA D 198 -5.47 -3.52 -29.22
C ALA D 198 -6.04 -2.29 -28.63
N SER D 199 -5.29 -1.20 -28.85
CA SER D 199 -5.79 0.15 -28.71
C SER D 199 -6.60 0.59 -30.01
N ILE D 200 -7.38 1.69 -29.97
CA ILE D 200 -8.13 2.13 -31.16
C ILE D 200 -7.21 2.61 -32.27
N LEU D 201 -6.26 3.50 -31.93
CA LEU D 201 -5.28 3.90 -32.89
C LEU D 201 -4.16 2.91 -32.89
N PRO D 202 -3.65 2.62 -34.09
CA PRO D 202 -2.55 1.70 -34.20
C PRO D 202 -1.21 2.36 -33.87
N GLN D 203 -0.19 1.54 -33.69
CA GLN D 203 1.13 2.06 -33.35
C GLN D 203 1.57 3.09 -34.29
N GLY D 204 2.21 4.10 -33.73
CA GLY D 204 2.83 5.08 -34.53
C GLY D 204 1.86 6.20 -34.90
N ILE D 205 0.58 6.06 -34.55
CA ILE D 205 -0.45 7.03 -34.93
C ILE D 205 -0.96 7.69 -33.66
N THR D 206 -0.76 9.00 -33.52
CA THR D 206 -1.10 9.76 -32.32
C THR D 206 -2.24 10.68 -32.67
N PRO D 207 -3.05 11.10 -31.69
CA PRO D 207 -4.24 11.93 -31.89
C PRO D 207 -4.00 13.22 -32.60
N ASP D 208 -2.79 13.77 -32.38
CA ASP D 208 -2.50 15.06 -32.95
C ASP D 208 -2.28 15.04 -34.47
N VAL D 209 -2.07 13.87 -35.07
CA VAL D 209 -2.08 13.78 -36.54
C VAL D 209 -3.31 13.06 -37.14
N VAL D 210 -4.33 12.89 -36.33
CA VAL D 210 -5.61 12.30 -36.72
C VAL D 210 -6.68 13.34 -36.85
N TYR D 211 -7.31 13.41 -38.03
CA TYR D 211 -8.45 14.30 -38.19
C TYR D 211 -9.63 13.75 -37.37
N CYS D 212 -9.93 12.44 -37.55
CA CYS D 212 -11.07 11.83 -36.84
C CYS D 212 -10.98 10.34 -36.72
N THR D 213 -11.74 9.80 -35.78
CA THR D 213 -12.11 8.42 -35.79
C THR D 213 -13.46 8.26 -36.49
N VAL D 214 -13.63 7.07 -37.02
CA VAL D 214 -14.87 6.57 -37.65
C VAL D 214 -15.31 5.39 -36.80
N GLY D 215 -16.58 5.31 -36.45
CA GLY D 215 -17.07 4.10 -35.72
C GLY D 215 -17.31 4.25 -34.22
N HIS D 216 -17.51 3.09 -33.59
CA HIS D 216 -17.98 2.95 -32.25
C HIS D 216 -17.47 1.62 -31.70
N ILE D 217 -17.53 1.50 -30.40
CA ILE D 217 -17.28 0.24 -29.69
C ILE D 217 -18.21 -0.90 -30.20
N ARG D 218 -19.40 -0.54 -30.65
CA ARG D 218 -20.42 -1.45 -31.19
C ARG D 218 -19.80 -2.54 -32.09
N THR D 219 -18.97 -2.14 -33.04
CA THR D 219 -18.33 -3.07 -34.00
C THR D 219 -16.82 -2.82 -34.21
N LYS D 220 -16.46 -1.61 -34.62
CA LYS D 220 -15.10 -1.34 -35.06
C LYS D 220 -14.85 0.14 -35.16
N PHE D 221 -13.59 0.53 -35.23
CA PHE D 221 -13.13 1.91 -35.46
C PHE D 221 -12.22 1.92 -36.67
N GLY D 222 -12.06 3.10 -37.26
CA GLY D 222 -10.96 3.43 -38.13
C GLY D 222 -10.53 4.86 -37.92
N PHE D 223 -9.53 5.36 -38.70
CA PHE D 223 -9.10 6.76 -38.54
C PHE D 223 -8.77 7.34 -39.87
N PHE D 224 -8.94 8.66 -39.97
CA PHE D 224 -8.40 9.48 -41.01
C PHE D 224 -7.25 10.31 -40.44
N ASP D 225 -6.17 10.34 -41.18
CA ASP D 225 -5.04 11.23 -40.79
C ASP D 225 -5.36 12.70 -41.10
N ALA D 226 -4.45 13.59 -40.70
CA ALA D 226 -4.65 15.07 -40.85
C ALA D 226 -4.68 15.55 -42.28
N TRP D 227 -4.31 14.69 -43.19
CA TRP D 227 -4.26 14.98 -44.64
C TRP D 227 -5.53 14.41 -45.31
N LEU D 228 -6.41 13.86 -44.50
CA LEU D 228 -7.72 13.26 -44.88
C LEU D 228 -7.53 12.05 -45.78
N LEU D 229 -6.42 11.36 -45.55
CA LEU D 229 -6.15 10.08 -46.17
C LEU D 229 -6.69 9.04 -45.24
N ARG D 230 -7.34 8.06 -45.80
CA ARG D 230 -7.87 6.93 -45.02
C ARG D 230 -6.72 6.20 -44.36
N GLY D 231 -6.91 5.83 -43.10
CA GLY D 231 -5.91 5.16 -42.30
C GLY D 231 -5.86 3.68 -42.56
N THR D 232 -5.10 3.31 -43.57
CA THR D 232 -4.92 1.89 -43.99
C THR D 232 -3.56 1.31 -43.61
N TYR D 233 -2.89 2.00 -42.66
CA TYR D 233 -1.51 1.76 -42.30
C TYR D 233 -1.28 2.12 -40.81
N HIS D 234 -0.14 1.68 -40.30
CA HIS D 234 0.37 2.16 -39.05
C HIS D 234 1.90 2.45 -39.31
N VAL D 235 2.60 2.81 -38.27
CA VAL D 235 4.02 3.18 -38.35
C VAL D 235 4.80 2.32 -37.36
N GLU D 236 5.74 1.56 -37.90
CA GLU D 236 6.62 0.73 -37.10
C GLU D 236 7.91 1.48 -36.80
N GLY D 237 8.39 1.37 -35.56
CA GLY D 237 9.70 1.91 -35.13
C GLY D 237 9.76 3.41 -35.17
N GLY D 238 8.62 4.07 -34.98
CA GLY D 238 8.55 5.51 -35.19
C GLY D 238 7.14 6.08 -35.01
N LEU D 239 7.03 7.36 -35.36
CA LEU D 239 5.78 8.10 -35.24
C LEU D 239 5.51 8.79 -36.57
N LEU D 240 4.25 8.72 -37.05
CA LEU D 240 3.84 9.54 -38.26
C LEU D 240 4.12 11.01 -38.04
N LYS D 241 3.85 11.50 -36.86
CA LYS D 241 3.96 12.93 -36.65
C LYS D 241 5.36 13.47 -36.90
N ASN D 242 6.41 12.71 -36.72
CA ASN D 242 7.74 13.30 -37.12
C ASN D 242 8.42 12.57 -38.25
N GLY D 243 7.66 11.81 -39.02
CA GLY D 243 8.21 11.15 -40.18
C GLY D 243 9.27 10.12 -39.88
N THR D 244 9.18 9.45 -38.76
CA THR D 244 10.14 8.41 -38.45
C THR D 244 9.48 7.00 -38.57
N GLY D 245 10.31 5.97 -38.50
CA GLY D 245 9.91 4.61 -38.60
C GLY D 245 9.68 4.38 -40.03
N GLN D 246 8.79 3.45 -40.28
CA GLN D 246 8.36 3.01 -41.56
C GLN D 246 6.84 2.93 -41.57
N ILE D 247 6.24 3.32 -42.68
CA ILE D 247 4.83 3.12 -42.95
C ILE D 247 4.60 1.66 -43.36
N VAL D 248 3.74 0.96 -42.62
CA VAL D 248 3.43 -0.42 -42.81
C VAL D 248 1.94 -0.62 -43.14
N ALA D 249 1.68 -1.33 -44.25
CA ALA D 249 0.29 -1.72 -44.67
C ALA D 249 -0.52 -2.54 -43.61
N GLY D 250 -1.75 -2.10 -43.29
CA GLY D 250 -2.67 -2.92 -42.47
C GLY D 250 -2.47 -2.67 -41.01
N GLY D 251 -2.91 -3.60 -40.20
CA GLY D 251 -2.96 -3.40 -38.73
C GLY D 251 -3.63 -2.10 -38.28
N ASN D 252 -4.75 -1.77 -38.91
CA ASN D 252 -5.25 -0.42 -38.97
C ASN D 252 -6.66 -0.22 -38.51
N GLN D 253 -7.43 -1.32 -38.49
CA GLN D 253 -8.83 -1.32 -38.05
C GLN D 253 -9.04 -2.05 -36.74
N TRP D 254 -9.51 -1.30 -35.75
CA TRP D 254 -9.78 -1.84 -34.46
C TRP D 254 -11.12 -2.57 -34.52
N GLN D 255 -11.17 -3.76 -33.92
CA GLN D 255 -12.29 -4.67 -34.06
C GLN D 255 -12.72 -5.17 -32.75
N ARG D 256 -13.96 -4.81 -32.37
CA ARG D 256 -14.41 -5.16 -31.05
C ARG D 256 -14.47 -6.65 -30.75
N THR D 257 -15.04 -7.41 -31.66
CA THR D 257 -15.24 -8.84 -31.41
C THR D 257 -13.89 -9.62 -31.27
N TRP D 258 -12.93 -9.30 -32.10
CA TRP D 258 -11.60 -9.89 -32.01
C TRP D 258 -10.94 -9.45 -30.71
N ALA D 259 -11.04 -8.16 -30.38
CA ALA D 259 -10.51 -7.62 -29.12
C ALA D 259 -11.11 -8.15 -27.83
N LEU D 260 -12.42 -8.30 -27.84
CA LEU D 260 -13.14 -8.63 -26.65
C LEU D 260 -13.61 -10.07 -26.58
N ASN D 261 -14.22 -10.62 -27.61
CA ASN D 261 -14.93 -11.89 -27.46
C ASN D 261 -14.16 -13.14 -27.94
N LEU D 262 -13.36 -12.94 -28.98
CA LEU D 262 -12.62 -13.99 -29.66
C LEU D 262 -11.18 -14.13 -29.11
N SER D 263 -11.12 -14.52 -27.84
CA SER D 263 -9.87 -14.87 -27.18
C SER D 263 -9.37 -16.20 -27.74
N PRO D 264 -8.06 -16.47 -27.54
CA PRO D 264 -7.51 -17.75 -27.99
C PRO D 264 -8.27 -18.97 -27.44
N GLU D 265 -8.81 -18.86 -26.26
CA GLU D 265 -9.62 -19.93 -25.68
C GLU D 265 -10.92 -20.13 -26.46
N VAL D 266 -11.60 -19.01 -26.79
CA VAL D 266 -12.80 -19.13 -27.59
C VAL D 266 -12.43 -19.66 -28.99
N ALA D 267 -11.32 -19.20 -29.54
CA ALA D 267 -10.92 -19.67 -30.83
C ALA D 267 -10.66 -21.18 -30.88
N LYS D 268 -10.04 -21.69 -29.82
CA LYS D 268 -9.76 -23.13 -29.70
C LYS D 268 -11.07 -23.90 -29.60
N LYS D 269 -12.04 -23.36 -28.89
CA LYS D 269 -13.36 -23.97 -28.84
C LYS D 269 -13.99 -24.05 -30.22
N ILE D 270 -13.84 -23.00 -31.01
CA ILE D 270 -14.41 -22.99 -32.36
C ILE D 270 -13.70 -23.99 -33.21
N LYS D 271 -12.37 -24.01 -33.08
CA LYS D 271 -11.54 -24.98 -33.79
C LYS D 271 -11.85 -26.47 -33.59
N LYS D 272 -12.33 -26.84 -32.42
CA LYS D 272 -12.85 -28.21 -32.25
C LYS D 272 -13.91 -28.56 -33.26
N TRP D 273 -14.70 -27.57 -33.71
CA TRP D 273 -15.77 -27.82 -34.70
C TRP D 273 -15.30 -27.53 -36.08
N VAL D 274 -14.50 -26.48 -36.23
CA VAL D 274 -14.07 -26.03 -37.53
C VAL D 274 -12.55 -26.11 -37.58
N PRO D 275 -11.98 -27.21 -38.14
CA PRO D 275 -10.56 -27.48 -37.82
C PRO D 275 -9.57 -26.44 -38.33
N ASP D 276 -9.90 -25.70 -39.36
CA ASP D 276 -9.01 -24.63 -39.80
C ASP D 276 -9.22 -23.28 -39.17
N PHE D 277 -9.98 -23.18 -38.10
CA PHE D 277 -10.23 -21.90 -37.55
C PHE D 277 -8.92 -21.30 -37.02
N PRO D 278 -8.60 -20.01 -37.36
CA PRO D 278 -7.39 -19.39 -36.84
C PRO D 278 -7.41 -19.15 -35.31
N VAL D 279 -6.29 -19.50 -34.66
CA VAL D 279 -6.12 -19.33 -33.23
C VAL D 279 -4.95 -18.40 -32.93
N THR D 280 -3.76 -18.65 -33.45
CA THR D 280 -2.63 -17.78 -33.16
C THR D 280 -2.71 -16.60 -34.07
N LEU D 281 -2.03 -15.54 -33.68
CA LEU D 281 -1.93 -14.34 -34.46
C LEU D 281 -1.46 -14.60 -35.85
N GLU D 282 -0.43 -15.41 -36.00
CA GLU D 282 0.10 -15.74 -37.32
C GLU D 282 -0.94 -16.40 -38.22
N GLU D 283 -1.81 -17.21 -37.65
CA GLU D 283 -2.83 -17.90 -38.42
C GLU D 283 -3.87 -16.93 -39.01
N TYR D 284 -3.97 -15.72 -38.47
CA TYR D 284 -4.92 -14.68 -39.00
C TYR D 284 -4.35 -14.08 -40.27
N GLY D 285 -3.04 -14.31 -40.48
CA GLY D 285 -2.41 -14.04 -41.77
C GLY D 285 -2.49 -12.57 -42.25
N ASP D 286 -2.72 -12.39 -43.55
CA ASP D 286 -2.88 -11.05 -44.15
C ASP D 286 -4.05 -10.17 -43.55
N ASN D 287 -5.06 -10.81 -42.99
CA ASN D 287 -6.20 -10.13 -42.42
C ASN D 287 -5.79 -9.57 -41.07
N GLY D 288 -4.70 -10.09 -40.48
CA GLY D 288 -4.32 -9.78 -39.08
C GLY D 288 -3.46 -8.54 -38.94
N GLY D 289 -2.56 -8.58 -37.96
CA GLY D 289 -1.60 -7.50 -37.70
C GLY D 289 -0.63 -7.93 -36.58
N TYR D 290 -0.21 -6.98 -35.76
CA TYR D 290 0.81 -7.20 -34.73
C TYR D 290 0.17 -7.39 -33.39
N VAL D 291 -1.13 -7.10 -33.22
CA VAL D 291 -1.76 -7.37 -31.95
C VAL D 291 -3.24 -7.71 -32.16
N ARG D 292 -3.74 -8.64 -31.36
CA ARG D 292 -5.12 -9.05 -31.44
C ARG D 292 -6.04 -7.83 -31.21
N GLY D 293 -6.91 -7.55 -32.20
CA GLY D 293 -7.85 -6.45 -32.08
C GLY D 293 -7.55 -5.36 -33.13
N LEU D 294 -6.38 -5.40 -33.76
CA LEU D 294 -6.09 -4.46 -34.85
C LEU D 294 -5.82 -5.22 -36.15
N ALA D 295 -6.88 -5.32 -36.98
CA ALA D 295 -6.87 -6.07 -38.24
C ALA D 295 -6.62 -5.21 -39.42
N SER D 296 -6.32 -5.83 -40.54
CA SER D 296 -6.12 -5.14 -41.79
C SER D 296 -7.41 -5.02 -42.60
N TYR D 297 -7.74 -3.81 -42.99
CA TYR D 297 -8.94 -3.54 -43.77
C TYR D 297 -8.63 -2.51 -44.80
N ALA D 298 -9.05 -2.76 -46.06
CA ALA D 298 -8.51 -2.08 -47.28
C ALA D 298 -6.97 -2.10 -47.28
N ALA D 299 -6.40 -3.17 -46.77
CA ALA D 299 -4.97 -3.42 -46.74
C ALA D 299 -4.81 -4.92 -46.40
N LYS D 300 -3.68 -5.52 -46.79
CA LYS D 300 -3.23 -6.82 -46.34
C LYS D 300 -1.96 -6.55 -45.58
N TYR D 301 -1.86 -7.06 -44.36
CA TYR D 301 -0.75 -6.78 -43.44
C TYR D 301 0.65 -6.95 -44.11
N LYS D 302 1.40 -5.85 -44.21
CA LYS D 302 2.73 -5.82 -44.83
C LYS D 302 2.75 -6.11 -46.30
N LYS D 303 1.61 -6.20 -46.99
CA LYS D 303 1.57 -6.51 -48.43
C LYS D 303 0.97 -5.52 -49.35
N SER D 304 -0.10 -4.88 -48.94
CA SER D 304 -0.76 -3.89 -49.76
C SER D 304 -1.63 -2.96 -48.92
N MET D 305 -1.80 -1.72 -49.36
CA MET D 305 -2.64 -0.79 -48.66
C MET D 305 -3.27 0.11 -49.68
N SER D 306 -4.55 0.35 -49.55
CA SER D 306 -5.17 1.36 -50.39
C SER D 306 -4.65 2.72 -50.05
N PHE D 307 -4.47 3.57 -51.09
CA PHE D 307 -4.10 4.97 -50.90
C PHE D 307 -5.37 5.73 -51.36
N GLN D 308 -6.17 6.23 -50.42
CA GLN D 308 -7.47 6.78 -50.74
C GLN D 308 -7.80 8.00 -49.90
N ALA D 309 -8.21 9.04 -50.60
CA ALA D 309 -8.73 10.22 -49.97
C ALA D 309 -10.14 10.00 -49.42
N SER D 310 -10.50 10.76 -48.40
CA SER D 310 -11.83 10.66 -47.83
C SER D 310 -12.89 10.89 -48.95
N THR D 311 -12.58 11.78 -49.88
CA THR D 311 -13.45 12.08 -51.02
C THR D 311 -13.87 10.95 -51.94
N SER D 312 -13.10 9.84 -51.97
CA SER D 312 -13.32 8.74 -52.93
C SER D 312 -14.40 7.75 -52.52
N TYR D 313 -14.75 7.78 -51.23
CA TYR D 313 -15.46 6.65 -50.63
C TYR D 313 -16.14 7.01 -49.30
N CYS D 314 -15.35 7.37 -48.27
CA CYS D 314 -15.95 7.61 -46.92
C CYS D 314 -16.97 8.74 -46.92
N GLU D 315 -16.78 9.72 -47.77
CA GLU D 315 -17.70 10.85 -47.80
C GLU D 315 -19.09 10.48 -48.27
N VAL D 316 -19.21 9.32 -48.91
CA VAL D 316 -20.52 8.84 -49.26
C VAL D 316 -21.32 8.56 -48.01
N CYS D 317 -20.77 7.81 -47.04
CA CYS D 317 -21.58 7.32 -45.92
C CYS D 317 -21.20 7.70 -44.48
N HIS D 318 -19.93 8.09 -44.26
CA HIS D 318 -19.54 8.56 -42.96
C HIS D 318 -18.95 9.93 -43.23
N PRO D 319 -19.80 10.89 -43.55
CA PRO D 319 -19.35 12.16 -44.05
C PRO D 319 -19.00 13.22 -43.01
N TRP D 320 -18.39 14.27 -43.52
CA TRP D 320 -18.28 15.56 -42.84
C TRP D 320 -18.35 16.74 -43.82
N LYS D 321 -18.55 17.95 -43.31
CA LYS D 321 -18.54 19.12 -44.17
C LYS D 321 -17.81 20.26 -43.48
N PHE D 322 -17.01 20.98 -44.27
CA PHE D 322 -16.26 22.17 -43.77
C PHE D 322 -16.96 23.48 -44.15
N ASP D 323 -16.67 24.55 -43.41
CA ASP D 323 -17.27 25.82 -43.62
C ASP D 323 -16.45 26.71 -44.52
N PHE D 324 -15.46 26.18 -45.24
CA PHE D 324 -14.58 27.03 -46.00
C PHE D 324 -15.30 27.83 -47.08
N LYS D 325 -14.87 29.05 -47.29
CA LYS D 325 -15.43 29.89 -48.31
C LYS D 325 -15.02 29.48 -49.71
N ASN D 326 -13.84 28.89 -49.86
CA ASN D 326 -13.37 28.54 -51.18
C ASN D 326 -12.37 27.39 -51.05
N GLU D 327 -12.01 26.81 -52.18
CA GLU D 327 -11.12 25.66 -52.15
C GLU D 327 -9.68 26.00 -51.71
N SER D 328 -9.24 27.25 -51.91
CA SER D 328 -7.90 27.65 -51.49
C SER D 328 -7.78 27.51 -50.00
N GLU D 329 -8.83 27.90 -49.29
CA GLU D 329 -8.82 27.81 -47.84
C GLU D 329 -8.79 26.36 -47.36
N PHE D 330 -9.47 25.51 -48.11
CA PHE D 330 -9.49 24.08 -47.77
C PHE D 330 -8.10 23.47 -47.86
N TYR D 331 -7.44 23.71 -48.98
CA TYR D 331 -6.12 23.14 -49.21
C TYR D 331 -5.13 23.73 -48.26
N ALA D 332 -5.31 25.00 -47.85
CA ALA D 332 -4.39 25.61 -46.85
C ALA D 332 -4.48 24.98 -45.47
N ALA D 333 -5.63 24.41 -45.14
CA ALA D 333 -5.82 23.73 -43.87
C ALA D 333 -5.46 22.24 -43.90
N LEU D 334 -5.35 21.63 -45.07
CA LEU D 334 -5.16 20.19 -45.14
C LEU D 334 -3.82 19.87 -44.50
N GLY D 335 -3.76 18.82 -43.72
CA GLY D 335 -2.53 18.49 -43.00
C GLY D 335 -2.46 19.06 -41.62
N ASN D 336 -3.43 19.90 -41.27
CA ASN D 336 -3.50 20.43 -39.91
C ASN D 336 -4.85 20.04 -39.27
N ALA D 337 -4.81 19.04 -38.45
CA ALA D 337 -5.99 18.47 -37.90
C ALA D 337 -6.83 19.45 -37.05
N LYS D 338 -6.20 20.29 -36.23
CA LYS D 338 -6.94 21.31 -35.45
C LYS D 338 -7.64 22.34 -36.30
N GLU D 339 -6.99 22.81 -37.32
CA GLU D 339 -7.60 23.75 -38.26
C GLU D 339 -8.83 23.13 -39.00
N LEU D 340 -8.65 21.90 -39.50
CA LEU D 340 -9.75 21.17 -40.09
C LEU D 340 -10.92 20.95 -39.14
N GLN D 341 -10.60 20.57 -37.91
CA GLN D 341 -11.60 20.42 -36.90
C GLN D 341 -12.35 21.68 -36.59
N LYS D 342 -11.62 22.76 -36.34
CA LYS D 342 -12.23 24.06 -36.07
C LYS D 342 -13.19 24.50 -37.18
N HIS D 343 -12.85 24.15 -38.41
CA HIS D 343 -13.70 24.51 -39.56
C HIS D 343 -14.73 23.42 -40.00
N THR D 344 -14.96 22.44 -39.15
CA THR D 344 -15.94 21.37 -39.43
C THR D 344 -17.31 21.82 -38.99
N ILE D 345 -18.22 22.03 -39.94
CA ILE D 345 -19.57 22.50 -39.60
C ILE D 345 -20.60 21.34 -39.45
N SER D 346 -20.29 20.17 -40.00
CA SER D 346 -21.10 19.00 -39.88
C SER D 346 -20.24 17.75 -39.80
N LYS D 347 -20.59 16.89 -38.87
CA LYS D 347 -19.94 15.63 -38.68
C LYS D 347 -20.92 14.48 -38.74
N GLY D 348 -20.55 13.42 -39.44
CA GLY D 348 -21.31 12.20 -39.49
C GLY D 348 -22.61 12.36 -40.25
N VAL D 349 -23.59 11.55 -39.90
CA VAL D 349 -24.86 11.50 -40.60
C VAL D 349 -25.84 12.45 -39.89
N SER D 350 -25.61 13.74 -40.11
CA SER D 350 -26.31 14.84 -39.45
C SER D 350 -27.57 15.22 -40.24
N CYS D 351 -28.42 16.05 -39.67
CA CYS D 351 -29.70 16.39 -40.27
C CYS D 351 -29.60 16.67 -41.80
N GLU D 352 -28.63 17.47 -42.16
CA GLU D 352 -28.49 17.97 -43.48
C GLU D 352 -27.91 16.91 -44.45
N GLU D 353 -27.25 15.88 -43.91
CA GLU D 353 -26.83 14.76 -44.78
C GLU D 353 -28.06 14.04 -45.30
N CYS D 354 -29.14 13.98 -44.52
CA CYS D 354 -30.41 13.34 -45.00
C CYS D 354 -31.42 14.33 -45.61
N HIS D 355 -31.40 15.53 -45.09
CA HIS D 355 -32.40 16.49 -45.45
C HIS D 355 -31.94 17.57 -46.42
N GLY D 356 -30.65 17.61 -46.72
CA GLY D 356 -30.08 18.67 -47.56
C GLY D 356 -29.51 19.84 -46.79
N ALA D 357 -28.45 20.41 -47.35
CA ALA D 357 -27.84 21.60 -46.79
C ALA D 357 -28.79 22.73 -46.64
N GLY D 358 -28.89 23.25 -45.41
CA GLY D 358 -29.87 24.26 -45.07
C GLY D 358 -31.34 23.87 -45.13
N GLY D 359 -31.62 22.61 -45.35
CA GLY D 359 -33.00 22.15 -45.27
C GLY D 359 -33.86 22.99 -46.19
N HIS D 360 -35.03 23.40 -45.65
CA HIS D 360 -36.06 24.18 -46.31
C HIS D 360 -35.83 25.70 -46.10
N LEU D 361 -34.75 26.07 -45.47
CA LEU D 361 -34.55 27.47 -45.10
C LEU D 361 -34.19 28.34 -46.29
N GLU D 362 -34.45 29.65 -46.15
CA GLU D 362 -34.14 30.59 -47.26
C GLU D 362 -32.63 30.69 -47.40
N GLY D 363 -32.18 30.57 -48.63
CA GLY D 363 -30.78 30.41 -49.04
C GLY D 363 -30.21 29.00 -49.04
N GLY D 364 -30.94 28.04 -48.47
CA GLY D 364 -30.51 26.65 -48.46
C GLY D 364 -30.61 25.96 -49.83
N SER D 365 -30.25 24.70 -49.91
CA SER D 365 -30.16 24.04 -51.21
C SER D 365 -31.47 23.31 -51.54
N GLY D 366 -32.45 23.31 -50.64
CA GLY D 366 -33.69 22.63 -50.85
C GLY D 366 -33.82 21.32 -50.06
N LEU D 367 -34.98 21.13 -49.46
CA LEU D 367 -35.26 20.02 -48.59
C LEU D 367 -35.34 18.66 -49.29
N LEU D 368 -34.74 17.65 -48.67
CA LEU D 368 -34.84 16.28 -49.06
C LEU D 368 -35.35 15.41 -47.87
N ILE D 369 -35.91 14.26 -48.21
CA ILE D 369 -36.30 13.25 -47.26
C ILE D 369 -35.61 11.96 -47.72
N SER D 370 -34.57 11.57 -47.01
CA SER D 370 -33.78 10.44 -47.42
C SER D 370 -34.58 9.15 -47.51
N ASN D 371 -34.39 8.43 -48.60
CA ASN D 371 -34.80 7.05 -48.72
C ASN D 371 -33.74 6.03 -48.30
N CYS D 372 -32.62 6.54 -47.76
CA CYS D 372 -31.57 5.70 -47.12
C CYS D 372 -30.65 4.97 -48.10
N GLU D 373 -30.92 5.07 -49.40
CA GLU D 373 -30.20 4.27 -50.36
C GLU D 373 -28.75 4.75 -50.63
N ARG D 374 -28.47 5.97 -50.19
CA ARG D 374 -27.17 6.52 -50.36
C ARG D 374 -26.16 5.61 -49.62
N CYS D 375 -26.58 5.09 -48.47
CA CYS D 375 -25.67 4.46 -47.51
C CYS D 375 -26.04 3.10 -47.08
N HIS D 376 -27.28 2.70 -47.32
CA HIS D 376 -27.81 1.43 -46.85
C HIS D 376 -28.20 0.46 -47.96
N GLN D 377 -27.98 0.77 -49.21
CA GLN D 377 -28.49 -0.11 -50.31
C GLN D 377 -27.41 -1.06 -50.77
N ARG D 378 -26.32 -0.51 -51.27
CA ARG D 378 -25.14 -1.32 -51.67
C ARG D 378 -25.47 -2.47 -52.67
N PHE D 379 -26.12 -2.16 -53.78
CA PHE D 379 -26.38 -3.11 -54.87
C PHE D 379 -25.08 -3.58 -55.48
N SER D 380 -25.08 -4.83 -55.86
CA SER D 380 -23.94 -5.43 -56.56
C SER D 380 -24.47 -6.38 -57.64
N TYR D 381 -23.98 -6.27 -58.86
CA TYR D 381 -24.45 -7.08 -59.97
C TYR D 381 -23.82 -8.48 -59.96
N SER D 382 -24.66 -9.52 -60.06
CA SER D 382 -24.23 -10.92 -60.09
C SER D 382 -24.46 -11.52 -61.52
N PRO D 383 -23.40 -11.63 -62.30
CA PRO D 383 -23.53 -12.39 -63.59
C PRO D 383 -24.09 -13.80 -63.43
N ASP D 384 -23.90 -14.44 -62.28
CA ASP D 384 -24.45 -15.77 -62.06
C ASP D 384 -25.98 -15.84 -61.88
N LEU D 385 -26.55 -14.94 -61.12
CA LEU D 385 -28.00 -14.83 -61.07
C LEU D 385 -28.57 -14.55 -62.44
N MET D 386 -27.87 -13.81 -63.27
CA MET D 386 -28.36 -13.53 -64.63
C MET D 386 -28.33 -14.84 -65.47
N ARG D 387 -27.17 -15.48 -65.47
CA ARG D 387 -26.94 -16.69 -66.27
C ARG D 387 -27.84 -17.81 -65.82
N ASN D 388 -28.06 -17.99 -64.53
CA ASN D 388 -28.90 -19.08 -64.07
C ASN D 388 -30.40 -18.89 -64.26
N ASN D 389 -30.86 -17.72 -64.64
CA ASN D 389 -32.31 -17.51 -64.83
C ASN D 389 -32.51 -16.85 -66.21
N PRO D 390 -32.58 -17.67 -67.29
CA PRO D 390 -32.68 -17.10 -68.64
C PRO D 390 -33.99 -16.35 -68.88
N LEU D 391 -34.94 -16.44 -67.97
CA LEU D 391 -36.05 -15.44 -67.94
C LEU D 391 -35.64 -13.97 -67.61
N ASN D 392 -34.50 -13.79 -66.95
CA ASN D 392 -33.93 -12.49 -66.64
C ASN D 392 -33.24 -11.84 -67.83
N ALA D 393 -33.21 -12.50 -68.99
CA ALA D 393 -32.40 -11.93 -70.10
C ALA D 393 -32.84 -10.51 -70.42
N GLY D 394 -31.91 -9.61 -70.68
CA GLY D 394 -32.18 -8.22 -70.96
C GLY D 394 -32.73 -7.40 -69.75
N LYS D 395 -32.80 -7.99 -68.56
CA LYS D 395 -33.27 -7.32 -67.34
C LYS D 395 -32.17 -7.52 -66.22
N PRO D 396 -31.01 -6.86 -66.36
CA PRO D 396 -29.92 -7.00 -65.41
C PRO D 396 -30.30 -6.56 -64.00
N ASP D 397 -31.33 -5.70 -63.83
CA ASP D 397 -31.86 -5.37 -62.48
C ASP D 397 -32.31 -6.58 -61.69
N LEU D 398 -32.80 -7.61 -62.35
CA LEU D 398 -33.25 -8.82 -61.68
C LEU D 398 -32.08 -9.74 -61.28
N ALA D 399 -30.85 -9.43 -61.71
CA ALA D 399 -29.69 -10.17 -61.27
C ALA D 399 -28.84 -9.38 -60.27
N LEU D 400 -29.44 -8.33 -59.65
CA LEU D 400 -28.79 -7.62 -58.63
C LEU D 400 -28.73 -8.42 -57.35
N SER D 401 -27.63 -8.28 -56.67
CA SER D 401 -27.48 -8.87 -55.32
C SER D 401 -26.98 -7.73 -54.42
N SER D 402 -26.38 -8.07 -53.27
CA SER D 402 -25.79 -7.08 -52.32
C SER D 402 -24.25 -7.09 -52.38
N LYS D 403 -23.63 -5.96 -52.09
CA LYS D 403 -22.19 -5.95 -51.76
C LYS D 403 -21.87 -7.07 -50.74
N PHE D 404 -20.90 -7.93 -51.05
CA PHE D 404 -20.33 -8.82 -50.08
C PHE D 404 -18.91 -8.38 -49.75
N LYS D 405 -18.60 -8.55 -48.47
CA LYS D 405 -17.26 -8.40 -47.94
C LYS D 405 -16.73 -9.80 -47.80
N SER D 406 -15.98 -10.19 -48.84
CA SER D 406 -15.58 -11.53 -49.07
C SER D 406 -16.80 -12.48 -49.12
N MET D 407 -17.02 -13.30 -48.10
CA MET D 407 -18.10 -14.24 -48.19
C MET D 407 -19.40 -13.92 -47.45
N GLY D 408 -19.44 -12.77 -46.79
CA GLY D 408 -20.64 -12.30 -46.08
C GLY D 408 -21.23 -11.06 -46.73
N PRO D 409 -22.57 -10.93 -46.72
CA PRO D 409 -23.19 -9.67 -47.16
C PRO D 409 -22.69 -8.53 -46.32
N GLY D 410 -22.31 -7.45 -46.97
CA GLY D 410 -21.80 -6.29 -46.26
C GLY D 410 -22.81 -5.56 -45.38
N CYS D 411 -22.30 -4.89 -44.35
N CYS D 411 -22.27 -4.83 -44.41
CA CYS D 411 -23.09 -3.87 -43.62
CA CYS D 411 -23.00 -3.78 -43.69
C CYS D 411 -23.54 -2.82 -44.67
C CYS D 411 -23.53 -2.79 -44.71
N GLY D 412 -24.57 -2.06 -44.33
CA GLY D 412 -25.14 -1.08 -45.22
C GLY D 412 -25.72 -1.66 -46.50
N SER D 413 -26.14 -2.93 -46.48
CA SER D 413 -26.80 -3.55 -47.62
C SER D 413 -28.25 -3.94 -47.31
N GLU D 414 -28.83 -3.42 -46.25
CA GLU D 414 -30.21 -3.67 -45.93
C GLU D 414 -31.14 -3.37 -47.11
N GLY D 415 -30.88 -2.30 -47.87
CA GLY D 415 -31.73 -1.90 -49.00
C GLY D 415 -31.64 -2.86 -50.20
N SER D 416 -30.45 -3.39 -50.52
CA SER D 416 -30.37 -4.37 -51.64
C SER D 416 -30.91 -5.70 -51.23
N GLN D 417 -30.73 -6.09 -49.97
CA GLN D 417 -31.42 -7.24 -49.44
C GLN D 417 -32.97 -7.14 -49.52
N THR D 418 -33.56 -6.04 -49.01
CA THR D 418 -35.02 -5.88 -48.99
C THR D 418 -35.62 -5.78 -50.38
N TYR D 419 -34.87 -5.28 -51.33
CA TYR D 419 -35.34 -5.14 -52.67
C TYR D 419 -35.85 -6.46 -53.22
N PHE D 420 -35.23 -7.58 -52.86
CA PHE D 420 -35.70 -8.94 -53.26
C PHE D 420 -36.49 -9.67 -52.18
N THR D 421 -37.46 -8.96 -51.61
CA THR D 421 -38.31 -9.53 -50.58
C THR D 421 -39.77 -9.22 -50.88
N ALA D 422 -40.68 -10.02 -50.30
CA ALA D 422 -42.14 -9.77 -50.44
C ALA D 422 -42.50 -8.39 -49.83
N HIS D 423 -41.86 -8.05 -48.68
CA HIS D 423 -42.08 -6.72 -48.06
C HIS D 423 -41.90 -5.55 -49.04
N TYR D 424 -40.76 -5.45 -49.72
CA TYR D 424 -40.55 -4.41 -50.70
C TYR D 424 -41.53 -4.50 -51.84
N GLU D 425 -41.82 -5.70 -52.34
CA GLU D 425 -42.81 -5.86 -53.38
C GLU D 425 -44.19 -5.25 -53.05
N LYS D 426 -44.52 -5.29 -51.77
CA LYS D 426 -45.75 -4.80 -51.23
C LYS D 426 -45.65 -3.34 -50.87
N GLY D 427 -44.60 -2.67 -51.25
CA GLY D 427 -44.52 -1.23 -50.99
C GLY D 427 -43.78 -0.86 -49.73
N MET D 428 -43.23 -1.82 -48.98
CA MET D 428 -42.59 -1.43 -47.72
C MET D 428 -41.21 -0.92 -47.98
N ARG D 429 -40.78 0.06 -47.21
CA ARG D 429 -39.46 0.69 -47.32
C ARG D 429 -38.92 0.89 -45.90
N CYS D 430 -37.66 1.31 -45.76
CA CYS D 430 -37.13 1.45 -44.40
C CYS D 430 -38.07 2.25 -43.45
N ALA D 431 -38.68 3.32 -43.95
CA ALA D 431 -39.50 4.25 -43.16
C ALA D 431 -40.83 3.63 -42.75
N THR D 432 -41.24 2.54 -43.39
CA THR D 432 -42.45 1.83 -42.97
C THR D 432 -42.24 1.26 -41.51
N CYS D 433 -41.06 0.68 -41.25
CA CYS D 433 -40.80 0.09 -39.97
C CYS D 433 -39.98 0.96 -39.03
N HIS D 434 -39.06 1.76 -39.59
CA HIS D 434 -38.08 2.50 -38.77
C HIS D 434 -38.41 4.00 -38.52
N ASP D 435 -38.19 4.42 -37.29
CA ASP D 435 -37.92 5.80 -36.98
C ASP D 435 -36.57 6.23 -37.59
N PRO D 436 -36.57 7.33 -38.36
CA PRO D 436 -35.33 7.71 -38.98
C PRO D 436 -34.40 8.52 -38.08
N HIS D 437 -34.86 8.89 -36.87
CA HIS D 437 -34.07 9.69 -35.99
C HIS D 437 -33.40 8.87 -34.87
N ASP D 438 -34.22 8.14 -34.13
CA ASP D 438 -33.85 7.34 -32.97
C ASP D 438 -33.47 5.94 -33.43
N VAL D 439 -32.38 5.84 -34.18
CA VAL D 439 -31.98 4.60 -34.82
C VAL D 439 -31.10 3.67 -33.97
N THR D 440 -30.70 4.09 -32.79
CA THR D 440 -29.82 3.29 -31.90
C THR D 440 -30.56 2.74 -30.66
N GLY D 441 -31.42 3.57 -30.08
CA GLY D 441 -32.23 3.16 -28.95
C GLY D 441 -31.54 3.22 -27.61
N ASN D 442 -32.24 2.70 -26.62
CA ASN D 442 -31.79 2.79 -25.27
C ASN D 442 -30.88 1.62 -24.92
N VAL D 443 -29.70 1.59 -25.53
CA VAL D 443 -28.74 0.54 -25.28
C VAL D 443 -27.65 1.12 -24.35
N THR D 444 -27.03 0.25 -23.57
CA THR D 444 -26.10 0.66 -22.52
C THR D 444 -24.88 -0.28 -22.48
N GLY D 445 -23.91 0.07 -21.65
CA GLY D 445 -22.64 -0.61 -21.59
C GLY D 445 -22.66 -1.87 -20.75
N GLU D 446 -21.52 -2.55 -20.65
CA GLU D 446 -21.46 -3.83 -19.93
C GLU D 446 -20.69 -3.63 -18.63
N LYS D 447 -21.36 -3.67 -17.50
CA LYS D 447 -20.67 -3.34 -16.23
C LYS D 447 -19.74 -4.49 -15.85
N GLY D 448 -20.01 -5.68 -16.38
CA GLY D 448 -19.15 -6.84 -16.19
C GLY D 448 -17.78 -6.80 -16.84
N ILE D 449 -17.52 -5.89 -17.76
CA ILE D 449 -16.24 -5.88 -18.47
C ILE D 449 -15.23 -5.02 -17.75
N LYS D 450 -14.05 -5.55 -17.47
CA LYS D 450 -12.98 -4.72 -16.91
C LYS D 450 -11.84 -4.63 -17.88
N GLY D 451 -11.78 -3.55 -18.65
CA GLY D 451 -10.66 -3.37 -19.56
C GLY D 451 -9.74 -2.27 -19.10
N VAL D 452 -8.61 -2.17 -19.76
CA VAL D 452 -7.64 -1.16 -19.49
C VAL D 452 -8.20 0.22 -19.68
N SER D 453 -8.91 0.47 -20.80
CA SER D 453 -9.52 1.79 -21.07
C SER D 453 -11.05 1.81 -21.15
N TYR D 454 -11.72 0.68 -21.40
CA TYR D 454 -13.20 0.66 -21.56
C TYR D 454 -13.91 1.23 -20.38
N ASN D 455 -14.87 2.08 -20.66
CA ASN D 455 -15.74 2.68 -19.65
C ASN D 455 -17.18 2.38 -20.01
N SER D 456 -17.90 1.70 -19.11
CA SER D 456 -19.17 1.15 -19.40
C SER D 456 -20.33 2.11 -19.17
N GLU D 457 -20.06 3.33 -18.74
CA GLU D 457 -21.11 4.20 -18.22
C GLU D 457 -21.49 5.31 -19.18
N GLN D 458 -21.17 5.21 -20.48
CA GLN D 458 -21.43 6.33 -21.39
C GLN D 458 -22.63 6.06 -22.30
N GLY D 459 -23.58 5.28 -21.85
CA GLY D 459 -24.84 5.08 -22.57
C GLY D 459 -24.61 4.31 -23.86
N TYR D 460 -25.21 4.77 -24.98
CA TYR D 460 -25.09 3.97 -26.22
C TYR D 460 -23.61 3.85 -26.65
N LEU D 461 -22.81 4.88 -26.32
CA LEU D 461 -21.42 4.91 -26.73
C LEU D 461 -20.65 3.70 -26.25
N SER D 462 -21.06 3.24 -25.07
CA SER D 462 -20.48 2.09 -24.37
C SER D 462 -21.04 0.78 -24.86
N SER D 463 -22.13 0.78 -25.66
CA SER D 463 -22.89 -0.47 -25.85
C SER D 463 -22.31 -1.32 -26.96
N LEU D 464 -22.51 -2.63 -26.80
CA LEU D 464 -22.14 -3.60 -27.84
C LEU D 464 -23.28 -3.83 -28.87
N TYR D 465 -24.44 -3.22 -28.66
CA TYR D 465 -25.68 -3.62 -29.36
C TYR D 465 -26.39 -2.41 -29.90
N SER D 466 -27.42 -2.68 -30.69
CA SER D 466 -28.30 -1.66 -31.26
C SER D 466 -29.77 -2.08 -31.08
N LYS D 467 -30.63 -1.09 -30.82
CA LYS D 467 -32.06 -1.29 -30.69
C LYS D 467 -32.81 -0.15 -31.37
N PRO D 468 -32.82 -0.15 -32.68
CA PRO D 468 -33.50 0.94 -33.42
C PRO D 468 -35.01 1.05 -33.05
N LYS D 469 -35.49 2.27 -32.88
CA LYS D 469 -36.88 2.51 -32.57
C LYS D 469 -37.72 2.22 -33.81
N LEU D 470 -38.79 1.45 -33.63
CA LEU D 470 -39.65 1.06 -34.71
C LEU D 470 -41.05 1.68 -34.62
N LYS D 471 -41.58 2.00 -35.78
CA LYS D 471 -42.95 2.28 -35.95
C LYS D 471 -43.84 1.06 -36.06
N LYS D 472 -43.36 -0.03 -36.59
CA LYS D 472 -44.10 -1.29 -36.76
C LYS D 472 -43.28 -2.46 -36.22
N GLU D 473 -43.93 -3.32 -35.44
CA GLU D 473 -43.37 -4.60 -35.00
C GLU D 473 -43.97 -5.68 -35.91
N CYS D 474 -43.30 -6.79 -36.05
CA CYS D 474 -43.79 -7.90 -36.84
C CYS D 474 -45.26 -8.26 -36.47
N THR D 475 -45.58 -8.19 -35.18
CA THR D 475 -46.90 -8.66 -34.72
C THR D 475 -48.02 -7.67 -35.09
N ASP D 476 -47.68 -6.44 -35.50
CA ASP D 476 -48.69 -5.51 -35.99
C ASP D 476 -49.34 -5.96 -37.29
N CYS D 477 -48.58 -6.57 -38.19
CA CYS D 477 -49.12 -7.03 -39.44
C CYS D 477 -49.35 -8.54 -39.53
N HIS D 478 -48.74 -9.33 -38.65
CA HIS D 478 -48.79 -10.76 -38.80
C HIS D 478 -49.52 -11.35 -37.58
N LYS D 479 -50.84 -11.19 -37.57
CA LYS D 479 -51.64 -11.42 -36.38
C LYS D 479 -51.79 -12.91 -36.02
N GLU D 480 -51.97 -13.74 -37.02
CA GLU D 480 -52.12 -15.18 -36.81
C GLU D 480 -50.84 -15.78 -36.23
N GLN D 481 -49.67 -15.35 -36.72
CA GLN D 481 -48.39 -15.83 -36.24
C GLN D 481 -48.13 -15.32 -34.80
N ALA D 482 -48.42 -14.04 -34.53
CA ALA D 482 -48.37 -13.51 -33.17
C ALA D 482 -49.26 -14.33 -32.22
N TYR D 483 -50.47 -14.65 -32.63
CA TYR D 483 -51.42 -15.42 -31.78
C TYR D 483 -50.86 -16.84 -31.45
N ILE D 484 -50.50 -17.62 -32.44
CA ILE D 484 -49.85 -18.90 -32.14
C ILE D 484 -48.63 -18.77 -31.22
N GLN D 485 -47.76 -17.79 -31.51
CA GLN D 485 -46.52 -17.56 -30.80
C GLN D 485 -46.77 -17.13 -29.35
N SER D 486 -47.92 -16.51 -29.05
CA SER D 486 -48.26 -16.06 -27.70
C SER D 486 -48.51 -17.22 -26.75
N LYS D 487 -48.80 -18.41 -27.26
CA LYS D 487 -49.05 -19.55 -26.42
C LYS D 487 -47.72 -20.08 -25.82
N ALA D 488 -47.64 -20.11 -24.46
CA ALA D 488 -46.44 -20.54 -23.71
C ALA D 488 -45.88 -21.86 -24.27
N ASP D 489 -44.63 -21.82 -24.76
CA ASP D 489 -44.03 -22.96 -25.38
C ASP D 489 -42.51 -22.68 -25.53
N THR D 490 -41.80 -23.61 -26.16
CA THR D 490 -40.39 -23.55 -26.39
C THR D 490 -39.75 -22.16 -26.69
N HIS D 491 -40.21 -21.52 -27.73
CA HIS D 491 -39.63 -20.24 -28.11
C HIS D 491 -40.57 -19.06 -27.90
N SER D 492 -41.52 -19.18 -27.00
CA SER D 492 -42.58 -18.16 -26.88
C SER D 492 -42.03 -16.89 -26.23
N LYS D 493 -40.88 -16.97 -25.57
CA LYS D 493 -40.20 -15.73 -25.24
C LYS D 493 -39.26 -15.13 -26.35
N ASN D 494 -38.95 -15.84 -27.42
CA ASN D 494 -38.07 -15.31 -28.50
C ASN D 494 -38.83 -14.08 -29.16
N SER D 495 -38.12 -13.03 -29.61
CA SER D 495 -38.70 -12.10 -30.57
C SER D 495 -38.89 -12.75 -31.94
N CYS D 496 -39.79 -12.23 -32.76
CA CYS D 496 -39.98 -12.69 -34.15
C CYS D 496 -38.66 -12.56 -34.94
N ALA D 497 -37.98 -11.44 -34.74
CA ALA D 497 -36.70 -11.14 -35.36
C ALA D 497 -35.57 -12.13 -35.01
N SER D 498 -35.62 -12.79 -33.85
CA SER D 498 -34.58 -13.68 -33.46
C SER D 498 -34.36 -14.82 -34.45
N CYS D 499 -35.41 -15.42 -35.01
CA CYS D 499 -35.23 -16.43 -36.03
C CYS D 499 -35.15 -15.83 -37.45
N HIS D 500 -35.93 -14.78 -37.68
CA HIS D 500 -36.15 -14.25 -39.00
C HIS D 500 -35.11 -13.27 -39.46
N MET D 501 -34.36 -12.72 -38.50
CA MET D 501 -33.37 -11.71 -38.82
C MET D 501 -32.01 -11.98 -38.10
N PRO D 502 -31.35 -13.09 -38.46
CA PRO D 502 -30.03 -13.38 -37.93
C PRO D 502 -28.98 -12.37 -38.35
N PHE D 503 -27.92 -12.25 -37.58
CA PHE D 503 -26.84 -11.32 -37.89
C PHE D 503 -25.87 -11.92 -38.92
N MET D 504 -26.23 -11.88 -40.22
CA MET D 504 -25.49 -12.55 -41.28
C MET D 504 -24.38 -11.68 -41.89
N MET D 505 -24.43 -10.37 -41.66
CA MET D 505 -23.67 -9.36 -42.41
C MET D 505 -22.33 -9.06 -41.78
N SER D 506 -21.35 -8.87 -42.65
CA SER D 506 -20.00 -8.54 -42.23
C SER D 506 -19.79 -7.07 -42.44
N CYS D 507 -19.36 -6.47 -41.36
N CYS D 507 -19.52 -6.35 -41.37
CA CYS D 507 -19.06 -5.08 -41.34
CA CYS D 507 -18.92 -4.98 -41.49
C CYS D 507 -17.49 -4.94 -41.55
C CYS D 507 -17.43 -4.99 -41.67
N GLU D 508 -16.76 -5.89 -40.98
CA GLU D 508 -15.31 -5.79 -40.85
C GLU D 508 -14.52 -6.37 -41.99
N ASN D 509 -15.17 -7.14 -42.87
CA ASN D 509 -14.43 -7.96 -43.85
C ASN D 509 -13.32 -8.79 -43.17
N PHE D 510 -13.71 -9.44 -42.11
CA PHE D 510 -12.81 -10.33 -41.34
C PHE D 510 -12.94 -11.74 -41.90
N TYR D 511 -12.58 -11.88 -43.17
CA TYR D 511 -12.66 -13.12 -43.91
C TYR D 511 -11.92 -14.31 -43.22
N ALA D 512 -10.96 -14.00 -42.36
CA ALA D 512 -10.19 -15.06 -41.68
C ALA D 512 -11.11 -15.92 -40.82
N ILE D 513 -12.22 -15.35 -40.38
CA ILE D 513 -13.15 -16.09 -39.56
C ILE D 513 -14.47 -16.39 -40.21
N GLN D 514 -14.57 -16.15 -41.51
CA GLN D 514 -15.84 -16.42 -42.22
C GLN D 514 -15.92 -17.89 -42.67
N PHE D 515 -16.87 -18.63 -42.08
CA PHE D 515 -17.14 -20.05 -42.35
C PHE D 515 -18.68 -20.18 -42.50
N GLN D 516 -19.17 -19.79 -43.68
CA GLN D 516 -20.60 -19.45 -43.89
C GLN D 516 -21.48 -20.64 -43.80
N ASP D 517 -20.99 -21.83 -44.19
CA ASP D 517 -21.81 -23.08 -44.02
C ASP D 517 -22.06 -23.42 -42.55
N GLN D 518 -21.19 -22.92 -41.65
CA GLN D 518 -21.39 -22.96 -40.19
C GLN D 518 -22.10 -21.72 -39.57
N ALA D 519 -22.61 -20.82 -40.40
CA ALA D 519 -23.30 -19.59 -39.90
C ALA D 519 -22.50 -18.81 -38.85
N GLY D 520 -21.29 -18.48 -39.23
CA GLY D 520 -20.34 -17.75 -38.39
C GLY D 520 -19.07 -17.48 -39.18
N PHE D 521 -18.14 -16.67 -38.68
CA PHE D 521 -18.19 -16.03 -37.35
C PHE D 521 -17.99 -14.53 -37.40
N ASP D 522 -18.04 -13.94 -38.60
CA ASP D 522 -17.89 -12.50 -38.82
C ASP D 522 -19.32 -11.86 -39.01
N THR D 523 -20.02 -11.68 -37.90
CA THR D 523 -21.47 -11.62 -37.86
C THR D 523 -21.91 -10.41 -37.02
N GLN D 524 -21.90 -9.28 -37.64
CA GLN D 524 -22.05 -8.01 -36.90
C GLN D 524 -23.28 -7.17 -37.23
N ARG D 525 -23.93 -7.40 -38.39
CA ARG D 525 -25.18 -6.66 -38.72
C ARG D 525 -26.31 -7.61 -39.15
N ARG D 526 -27.53 -7.12 -39.02
CA ARG D 526 -28.73 -7.92 -39.07
C ARG D 526 -29.34 -7.98 -40.48
N ALA D 527 -29.55 -9.19 -40.97
CA ALA D 527 -30.11 -9.37 -42.26
C ALA D 527 -31.60 -8.95 -42.35
N HIS D 528 -31.94 -8.40 -43.49
CA HIS D 528 -33.29 -7.89 -43.79
C HIS D 528 -33.81 -8.65 -45.02
N ILE D 529 -34.19 -9.90 -44.78
CA ILE D 529 -34.62 -10.87 -45.80
C ILE D 529 -35.87 -11.55 -45.38
N TRP D 530 -35.94 -11.97 -44.09
CA TRP D 530 -37.20 -12.46 -43.46
C TRP D 530 -37.64 -13.93 -43.82
N LYS D 531 -37.80 -14.21 -45.09
CA LYS D 531 -38.18 -15.51 -45.55
C LYS D 531 -37.17 -16.55 -45.10
N ILE D 532 -37.64 -17.56 -44.38
CA ILE D 532 -36.78 -18.69 -43.93
C ILE D 532 -37.08 -19.85 -44.91
N ASP D 533 -36.05 -20.34 -45.57
CA ASP D 533 -36.13 -21.57 -46.39
C ASP D 533 -35.98 -22.78 -45.51
N VAL D 534 -36.76 -23.85 -45.77
CA VAL D 534 -36.65 -25.08 -45.02
C VAL D 534 -36.10 -26.13 -45.98
N ASP D 535 -34.79 -26.44 -45.87
CA ASP D 535 -34.11 -27.37 -46.77
C ASP D 535 -32.90 -27.98 -46.00
N PRO D 536 -32.54 -29.25 -46.29
CA PRO D 536 -31.38 -29.85 -45.60
C PRO D 536 -30.03 -29.27 -46.08
N ALA D 537 -29.93 -28.68 -47.26
CA ALA D 537 -28.64 -28.31 -47.80
C ALA D 537 -28.57 -26.95 -48.50
N ARG D 538 -29.65 -26.46 -49.09
CA ARG D 538 -29.55 -25.24 -49.84
C ARG D 538 -29.11 -24.08 -48.92
N LYS D 539 -28.14 -23.30 -49.37
CA LYS D 539 -27.50 -22.18 -48.63
C LYS D 539 -27.99 -20.75 -49.11
N SER D 540 -28.19 -19.83 -48.17
CA SER D 540 -28.42 -18.45 -48.47
C SER D 540 -27.27 -17.82 -49.29
N LEU D 541 -26.04 -18.11 -48.87
CA LEU D 541 -24.86 -17.46 -49.39
C LEU D 541 -24.06 -18.46 -50.20
N VAL D 542 -23.70 -18.11 -51.42
CA VAL D 542 -23.00 -19.04 -52.31
C VAL D 542 -21.90 -18.30 -53.08
N ALA D 543 -20.86 -19.05 -53.45
CA ALA D 543 -19.75 -18.51 -54.18
C ALA D 543 -20.20 -18.29 -55.60
N GLY D 544 -19.54 -17.40 -56.34
CA GLY D 544 -19.85 -17.28 -57.75
C GLY D 544 -19.15 -18.38 -58.54
N SER D 545 -19.51 -18.50 -59.80
CA SER D 545 -18.92 -19.55 -60.66
C SER D 545 -17.42 -19.21 -60.99
N THR D 546 -16.94 -17.99 -60.72
CA THR D 546 -15.51 -17.71 -60.76
C THR D 546 -14.72 -18.43 -59.63
N SER D 547 -15.41 -18.92 -58.59
CA SER D 547 -14.71 -19.40 -57.41
C SER D 547 -14.27 -20.80 -57.74
N LYS D 548 -13.03 -21.13 -57.40
CA LYS D 548 -12.55 -22.51 -57.58
C LYS D 548 -12.08 -23.13 -56.24
N ASP D 549 -12.40 -22.48 -55.13
CA ASP D 549 -12.01 -22.94 -53.83
C ASP D 549 -13.06 -22.37 -52.87
N PRO D 550 -13.46 -23.17 -51.88
CA PRO D 550 -14.61 -22.74 -51.04
C PRO D 550 -14.26 -21.50 -50.21
N ARG D 551 -12.99 -21.15 -50.16
CA ARG D 551 -12.53 -20.02 -49.40
C ARG D 551 -11.79 -18.96 -50.21
N ASP D 552 -11.99 -18.94 -51.50
CA ASP D 552 -11.40 -17.86 -52.29
C ASP D 552 -12.13 -16.53 -52.23
N GLY D 553 -13.38 -16.54 -51.77
CA GLY D 553 -14.18 -15.35 -51.64
C GLY D 553 -14.58 -14.71 -52.97
N LYS D 554 -14.60 -15.49 -54.05
CA LYS D 554 -14.85 -14.88 -55.37
C LYS D 554 -16.36 -14.76 -55.73
N ASP D 555 -16.81 -13.56 -55.95
CA ASP D 555 -18.16 -13.30 -56.49
C ASP D 555 -19.28 -13.88 -55.66
N TRP D 556 -19.16 -13.84 -54.34
CA TRP D 556 -20.22 -14.37 -53.51
C TRP D 556 -21.54 -13.55 -53.69
N HIS D 557 -22.67 -14.20 -53.48
CA HIS D 557 -23.93 -13.52 -53.66
C HIS D 557 -25.04 -14.26 -52.93
N PHE D 558 -26.21 -13.62 -52.82
CA PHE D 558 -27.38 -14.25 -52.26
C PHE D 558 -27.94 -15.18 -53.32
N GLU D 559 -28.28 -16.38 -52.93
CA GLU D 559 -29.05 -17.27 -53.78
C GLU D 559 -30.55 -16.75 -53.78
N ARG D 560 -31.27 -16.98 -54.87
CA ARG D 560 -32.71 -16.71 -54.99
C ARG D 560 -33.51 -17.99 -55.00
N ASN D 561 -34.69 -17.99 -54.37
CA ASN D 561 -35.56 -19.14 -54.34
C ASN D 561 -36.52 -19.11 -55.49
N GLU D 562 -37.50 -19.97 -55.48
CA GLU D 562 -38.35 -20.14 -56.66
C GLU D 562 -39.25 -18.95 -56.86
N GLU D 563 -39.44 -18.13 -55.84
CA GLU D 563 -40.22 -16.91 -56.02
C GLU D 563 -39.35 -15.74 -56.36
N GLY D 564 -38.06 -15.94 -56.67
CA GLY D 564 -37.21 -14.77 -56.98
C GLY D 564 -36.78 -13.88 -55.79
N ARG D 565 -36.81 -14.40 -54.58
CA ARG D 565 -36.53 -13.64 -53.37
C ARG D 565 -35.34 -14.20 -52.67
N ASN D 566 -34.67 -13.33 -51.93
CA ASN D 566 -33.68 -13.77 -50.94
C ASN D 566 -34.33 -14.64 -49.85
N PHE D 567 -33.51 -15.47 -49.19
CA PHE D 567 -33.96 -16.31 -48.10
C PHE D 567 -32.85 -16.56 -47.10
N VAL D 568 -33.29 -16.85 -45.90
CA VAL D 568 -32.44 -17.27 -44.78
C VAL D 568 -32.47 -18.85 -44.63
N ASP D 569 -31.30 -19.50 -44.75
CA ASP D 569 -31.21 -20.95 -44.51
C ASP D 569 -31.32 -21.23 -43.02
N LEU D 570 -31.59 -22.48 -42.68
CA LEU D 570 -31.83 -22.87 -41.36
C LEU D 570 -30.62 -22.87 -40.47
N MET D 571 -29.43 -22.96 -41.01
CA MET D 571 -28.26 -22.87 -40.12
C MET D 571 -28.13 -21.40 -39.60
N TRP D 572 -28.37 -20.42 -40.47
CA TRP D 572 -28.42 -18.99 -40.03
C TRP D 572 -29.56 -18.70 -39.12
N ALA D 573 -30.71 -19.29 -39.39
CA ALA D 573 -31.89 -18.94 -38.61
C ALA D 573 -31.87 -19.51 -37.17
N CYS D 574 -31.24 -20.69 -36.99
CA CYS D 574 -31.31 -21.37 -35.72
C CYS D 574 -29.97 -21.51 -34.95
N ALA D 575 -28.88 -21.61 -35.68
CA ALA D 575 -27.62 -22.08 -35.08
C ALA D 575 -26.43 -21.14 -35.29
N ARG D 576 -26.69 -19.93 -35.83
CA ARG D 576 -25.67 -18.92 -36.08
C ARG D 576 -24.93 -18.54 -34.80
N THR D 577 -23.66 -18.20 -34.99
CA THR D 577 -22.81 -17.70 -33.94
C THR D 577 -22.51 -16.23 -34.17
N THR D 578 -22.79 -15.43 -33.16
CA THR D 578 -22.58 -14.00 -33.19
C THR D 578 -22.32 -13.46 -31.80
N TRP D 579 -21.74 -12.27 -31.70
CA TRP D 579 -21.62 -11.54 -30.47
C TRP D 579 -22.22 -10.12 -30.61
N ALA D 580 -23.10 -9.95 -31.60
CA ALA D 580 -23.77 -8.66 -31.85
C ALA D 580 -25.28 -8.65 -31.53
N ASP D 581 -25.79 -9.78 -31.07
CA ASP D 581 -27.24 -10.10 -31.07
C ASP D 581 -27.70 -10.24 -29.65
N LYS D 582 -28.30 -9.18 -29.16
CA LYS D 582 -28.76 -9.12 -27.78
C LYS D 582 -29.84 -10.14 -27.47
N ASP D 583 -30.84 -10.29 -28.33
CA ASP D 583 -31.83 -11.36 -28.21
C ASP D 583 -31.17 -12.73 -28.05
N GLN D 584 -30.19 -13.01 -28.89
CA GLN D 584 -29.50 -14.27 -28.78
C GLN D 584 -28.76 -14.42 -27.41
N ALA D 585 -28.05 -13.42 -26.98
CA ALA D 585 -27.39 -13.46 -25.66
C ALA D 585 -28.40 -13.67 -24.54
N GLU D 586 -29.61 -13.12 -24.70
CA GLU D 586 -30.62 -13.29 -23.66
C GLU D 586 -31.38 -14.60 -23.70
N ALA D 587 -31.17 -15.39 -24.75
CA ALA D 587 -31.88 -16.63 -24.93
C ALA D 587 -30.85 -17.75 -25.06
N LYS D 588 -29.88 -17.75 -24.14
CA LYS D 588 -28.93 -18.84 -23.97
C LYS D 588 -28.03 -19.11 -25.15
N GLY D 589 -27.81 -18.12 -25.99
CA GLY D 589 -26.98 -18.34 -27.17
C GLY D 589 -27.60 -19.10 -28.32
N CYS D 590 -28.91 -19.28 -28.30
CA CYS D 590 -29.57 -20.11 -29.28
C CYS D 590 -28.89 -21.47 -29.41
N HIS D 591 -28.72 -21.97 -30.64
CA HIS D 591 -28.26 -23.35 -30.85
C HIS D 591 -26.84 -23.40 -31.37
N SER D 592 -26.12 -22.30 -31.24
CA SER D 592 -24.71 -22.23 -31.69
C SER D 592 -23.81 -23.20 -30.92
N PRO D 593 -23.05 -24.05 -31.59
CA PRO D 593 -22.06 -24.85 -30.80
C PRO D 593 -21.04 -24.05 -30.04
N VAL D 594 -20.85 -22.77 -30.42
CA VAL D 594 -19.83 -21.90 -29.85
C VAL D 594 -20.31 -21.10 -28.69
N VAL D 595 -21.49 -20.46 -28.80
CA VAL D 595 -22.04 -19.68 -27.68
C VAL D 595 -23.27 -20.24 -27.02
N SER D 596 -23.78 -21.38 -27.42
CA SER D 596 -24.99 -21.80 -26.75
C SER D 596 -24.70 -22.24 -25.32
N GLU D 597 -25.57 -21.84 -24.37
CA GLU D 597 -25.53 -22.36 -23.04
C GLU D 597 -26.49 -23.52 -22.80
N LEU D 598 -27.17 -23.97 -23.82
CA LEU D 598 -28.11 -25.06 -23.67
C LEU D 598 -27.31 -26.36 -23.60
N LYS D 599 -27.98 -27.46 -23.29
CA LYS D 599 -27.29 -28.79 -23.29
C LYS D 599 -26.78 -29.09 -24.68
N GLU D 600 -25.81 -29.98 -24.75
CA GLU D 600 -25.10 -30.24 -25.99
C GLU D 600 -25.96 -30.82 -27.08
N THR D 601 -26.99 -31.56 -26.73
CA THR D 601 -27.84 -32.15 -27.75
C THR D 601 -28.66 -31.04 -28.48
N LEU D 602 -28.73 -29.85 -27.89
CA LEU D 602 -29.30 -28.68 -28.54
C LEU D 602 -28.29 -27.74 -29.25
N HIS D 603 -27.05 -28.18 -29.44
CA HIS D 603 -26.09 -27.44 -30.26
C HIS D 603 -26.16 -27.98 -31.64
N PHE D 604 -26.58 -27.20 -32.64
CA PHE D 604 -26.72 -27.72 -33.95
C PHE D 604 -25.46 -27.47 -34.75
N LYS D 605 -24.91 -28.52 -35.36
CA LYS D 605 -23.62 -28.44 -36.02
C LYS D 605 -23.65 -28.39 -37.50
N ASP D 606 -24.79 -28.65 -38.12
CA ASP D 606 -24.90 -28.53 -39.56
C ASP D 606 -26.33 -28.36 -39.96
N GLN D 607 -26.57 -27.91 -41.18
CA GLN D 607 -27.91 -27.58 -41.61
C GLN D 607 -28.82 -28.83 -41.67
N LYS D 608 -28.30 -29.97 -42.13
CA LYS D 608 -29.09 -31.20 -42.10
C LYS D 608 -29.65 -31.54 -40.70
N GLN D 609 -28.88 -31.36 -39.65
CA GLN D 609 -29.36 -31.64 -38.33
C GLN D 609 -30.48 -30.63 -37.95
N VAL D 610 -30.36 -29.35 -38.33
CA VAL D 610 -31.44 -28.39 -38.04
C VAL D 610 -32.70 -28.76 -38.84
N TYR D 611 -32.55 -29.11 -40.13
CA TYR D 611 -33.69 -29.55 -40.94
C TYR D 611 -34.44 -30.73 -40.30
N ASN D 612 -33.69 -31.70 -39.79
CA ASN D 612 -34.29 -32.87 -39.18
C ASN D 612 -35.01 -32.50 -37.93
N GLU D 613 -34.49 -31.53 -37.16
CA GLU D 613 -35.28 -31.02 -36.00
C GLU D 613 -36.58 -30.32 -36.42
N VAL D 614 -36.49 -29.47 -37.44
CA VAL D 614 -37.68 -28.84 -38.02
C VAL D 614 -38.79 -29.87 -38.53
N MET D 615 -38.39 -30.87 -39.29
CA MET D 615 -39.34 -31.92 -39.78
C MET D 615 -39.96 -32.69 -38.65
N GLY D 616 -39.26 -32.81 -37.53
CA GLY D 616 -39.84 -33.42 -36.37
C GLY D 616 -41.12 -32.71 -35.90
N TRP D 617 -41.16 -31.39 -36.12
CA TRP D 617 -42.31 -30.61 -35.81
C TRP D 617 -43.26 -30.50 -36.98
N GLN D 618 -42.72 -30.17 -38.16
CA GLN D 618 -43.57 -29.88 -39.32
C GLN D 618 -44.26 -31.13 -39.90
N THR D 619 -43.59 -32.30 -39.85
CA THR D 619 -44.16 -33.50 -40.53
C THR D 619 -45.46 -33.93 -39.85
N PRO D 620 -45.53 -34.07 -38.52
CA PRO D 620 -46.83 -34.44 -37.98
C PRO D 620 -47.88 -33.35 -38.12
N VAL D 621 -47.48 -32.07 -38.14
CA VAL D 621 -48.44 -30.98 -38.36
C VAL D 621 -48.98 -31.02 -39.77
N LYS D 622 -48.10 -31.12 -40.75
CA LYS D 622 -48.55 -31.18 -42.13
C LYS D 622 -49.41 -32.41 -42.47
N ASP D 623 -49.09 -33.53 -41.85
CA ASP D 623 -49.83 -34.79 -42.06
C ASP D 623 -51.25 -34.67 -41.48
N LYS D 624 -51.37 -34.18 -40.26
CA LYS D 624 -52.64 -33.94 -39.67
C LYS D 624 -53.48 -32.90 -40.39
N PHE D 625 -52.87 -31.78 -40.74
CA PHE D 625 -53.50 -30.74 -41.54
C PHE D 625 -54.08 -31.32 -42.84
N THR D 626 -53.26 -32.06 -43.57
CA THR D 626 -53.69 -32.66 -44.83
C THR D 626 -54.88 -33.61 -44.62
N GLN D 627 -54.87 -34.41 -43.55
CA GLN D 627 -55.96 -35.30 -43.25
C GLN D 627 -57.28 -34.58 -43.00
N VAL D 628 -57.19 -33.51 -42.21
CA VAL D 628 -58.33 -32.72 -41.87
C VAL D 628 -58.92 -32.07 -43.09
N LYS D 629 -58.05 -31.52 -43.91
CA LYS D 629 -58.48 -30.88 -45.11
C LYS D 629 -59.16 -31.82 -46.11
N VAL D 630 -58.55 -32.97 -46.33
CA VAL D 630 -59.21 -34.00 -47.13
C VAL D 630 -60.54 -34.43 -46.50
N GLY D 631 -60.58 -34.56 -45.16
CA GLY D 631 -61.79 -35.00 -44.53
C GLY D 631 -62.92 -34.00 -44.64
N ILE D 632 -62.63 -32.74 -44.44
CA ILE D 632 -63.63 -31.67 -44.68
C ILE D 632 -64.22 -31.72 -46.09
N GLN D 633 -63.36 -31.74 -47.09
CA GLN D 633 -63.82 -31.75 -48.49
C GLN D 633 -64.61 -33.03 -48.81
N GLY D 634 -64.18 -34.16 -48.27
CA GLY D 634 -64.84 -35.45 -48.58
C GLY D 634 -66.21 -35.51 -47.95
N LEU D 635 -66.32 -35.03 -46.71
CA LEU D 635 -67.59 -34.89 -46.06
C LEU D 635 -68.55 -33.91 -46.73
N TYR D 636 -68.06 -32.75 -47.18
CA TYR D 636 -68.95 -31.81 -47.92
C TYR D 636 -69.54 -32.52 -49.11
N SER D 637 -68.72 -33.29 -49.83
CA SER D 637 -69.19 -34.08 -50.99
C SER D 637 -70.23 -35.09 -50.60
N LEU D 638 -69.98 -35.81 -49.53
CA LEU D 638 -70.93 -36.81 -49.13
C LEU D 638 -72.24 -36.25 -48.61
N LEU D 639 -72.23 -34.99 -48.15
CA LEU D 639 -73.39 -34.36 -47.54
C LEU D 639 -74.52 -34.25 -48.48
N GLU D 640 -74.19 -33.96 -49.74
CA GLU D 640 -75.19 -33.72 -50.77
C GLU D 640 -75.89 -34.98 -51.26
N VAL D 641 -75.60 -36.16 -50.73
CA VAL D 641 -76.28 -37.37 -51.20
C VAL D 641 -76.83 -38.24 -50.10
N LYS D 642 -76.26 -38.17 -48.93
CA LYS D 642 -76.70 -39.00 -47.84
C LYS D 642 -77.74 -38.25 -47.07
N LYS D 643 -78.67 -38.94 -46.43
CA LYS D 643 -79.75 -38.23 -45.78
C LYS D 643 -79.67 -38.37 -44.30
N LEU D 644 -80.00 -37.33 -43.59
CA LEU D 644 -79.75 -37.31 -42.16
C LEU D 644 -80.91 -36.66 -41.49
N ALA D 645 -81.29 -37.14 -40.30
CA ALA D 645 -82.18 -36.36 -39.38
C ALA D 645 -81.66 -34.91 -39.26
N PRO D 646 -82.58 -33.98 -39.10
CA PRO D 646 -82.11 -32.60 -39.03
C PRO D 646 -81.06 -32.43 -37.92
N SER D 647 -81.33 -33.05 -36.77
CA SER D 647 -80.53 -32.86 -35.58
C SER D 647 -79.08 -33.35 -35.74
N ASP D 648 -78.95 -34.51 -36.41
CA ASP D 648 -77.65 -34.99 -36.91
C ASP D 648 -77.01 -34.10 -37.98
N LYS D 649 -77.80 -33.59 -38.93
CA LYS D 649 -77.20 -32.77 -40.04
C LYS D 649 -76.57 -31.48 -39.49
N THR D 650 -77.36 -30.80 -38.67
CA THR D 650 -76.92 -29.70 -37.84
C THR D 650 -75.48 -29.98 -37.23
N ARG D 651 -75.25 -31.21 -36.75
CA ARG D 651 -73.99 -31.57 -36.11
C ARG D 651 -72.87 -31.83 -37.14
N VAL D 652 -73.15 -32.46 -38.26
CA VAL D 652 -72.11 -32.72 -39.22
C VAL D 652 -71.57 -31.39 -39.80
N TYR D 653 -72.52 -30.49 -40.12
CA TYR D 653 -72.16 -29.20 -40.60
C TYR D 653 -71.28 -28.52 -39.67
N GLU D 654 -71.78 -28.37 -38.48
CA GLU D 654 -71.11 -27.68 -37.46
C GLU D 654 -69.67 -28.24 -37.22
N LEU D 655 -69.47 -29.55 -37.35
CA LEU D 655 -68.16 -30.15 -37.05
C LEU D 655 -67.19 -29.77 -38.16
N ILE D 656 -67.62 -29.91 -39.40
CA ILE D 656 -66.82 -29.54 -40.57
C ILE D 656 -66.41 -28.03 -40.49
N GLU D 657 -67.36 -27.17 -40.15
CA GLU D 657 -67.08 -25.76 -40.02
C GLU D 657 -66.06 -25.40 -38.97
N LYS D 658 -66.18 -26.00 -37.79
CA LYS D 658 -65.16 -25.89 -36.77
C LYS D 658 -63.77 -26.38 -37.26
N ALA D 659 -63.75 -27.51 -37.96
CA ALA D 659 -62.48 -28.03 -38.43
C ALA D 659 -61.88 -27.06 -39.49
N GLN D 660 -62.75 -26.48 -40.36
CA GLN D 660 -62.37 -25.44 -41.32
C GLN D 660 -61.70 -24.22 -40.64
N ASP D 661 -62.21 -23.77 -39.51
CA ASP D 661 -61.65 -22.65 -38.81
C ASP D 661 -60.22 -22.97 -38.41
N THR D 662 -59.95 -24.20 -38.00
CA THR D 662 -58.60 -24.58 -37.57
C THR D 662 -57.63 -24.64 -38.77
N VAL D 663 -58.07 -25.31 -39.82
CA VAL D 663 -57.36 -25.35 -41.06
C VAL D 663 -57.01 -23.93 -41.55
N ASP D 664 -57.98 -23.04 -41.54
CA ASP D 664 -57.75 -21.67 -42.00
C ASP D 664 -56.73 -20.92 -41.14
N LEU D 665 -56.74 -21.13 -39.82
CA LEU D 665 -55.73 -20.47 -38.96
C LEU D 665 -54.35 -21.03 -39.23
N ILE D 666 -54.26 -22.37 -39.33
CA ILE D 666 -52.96 -23.02 -39.54
C ILE D 666 -52.38 -22.67 -40.87
N GLU D 667 -53.22 -22.61 -41.88
CA GLU D 667 -52.75 -22.26 -43.22
C GLU D 667 -52.25 -20.80 -43.32
N LYS D 668 -52.98 -19.86 -42.74
CA LYS D 668 -52.57 -18.51 -42.65
C LYS D 668 -51.30 -18.34 -41.85
N ASP D 669 -51.18 -19.05 -40.73
CA ASP D 669 -49.92 -18.94 -39.94
C ASP D 669 -48.67 -19.33 -40.82
N GLY D 670 -48.80 -20.46 -41.50
CA GLY D 670 -47.84 -20.94 -42.49
C GLY D 670 -46.50 -21.44 -41.97
N SER D 671 -46.38 -21.66 -40.68
CA SER D 671 -45.13 -22.11 -40.12
C SER D 671 -45.15 -23.59 -39.81
N TRP D 672 -46.34 -24.23 -39.88
CA TRP D 672 -46.50 -25.73 -39.74
C TRP D 672 -45.98 -26.21 -38.43
N GLY D 673 -46.30 -25.43 -37.42
CA GLY D 673 -45.90 -25.67 -36.05
C GLY D 673 -44.65 -25.04 -35.55
N MET D 674 -43.88 -24.37 -36.42
CA MET D 674 -42.66 -23.74 -35.92
C MET D 674 -42.91 -22.51 -35.03
N HIS D 675 -44.12 -21.96 -35.07
CA HIS D 675 -44.45 -20.85 -34.17
C HIS D 675 -45.07 -21.30 -32.84
N GLY D 676 -45.28 -22.60 -32.68
CA GLY D 676 -45.86 -23.11 -31.44
C GLY D 676 -46.39 -24.51 -31.69
N PHE D 677 -45.54 -25.49 -31.44
CA PHE D 677 -45.89 -26.83 -31.81
C PHE D 677 -47.04 -27.34 -30.95
N LYS D 678 -46.97 -27.10 -29.67
CA LYS D 678 -47.95 -27.71 -28.81
C LYS D 678 -49.37 -27.15 -29.07
N TYR D 679 -49.51 -25.84 -29.16
CA TYR D 679 -50.80 -25.25 -29.51
C TYR D 679 -51.29 -25.72 -30.89
N THR D 680 -50.39 -25.81 -31.86
CA THR D 680 -50.78 -26.11 -33.24
C THR D 680 -51.31 -27.56 -33.21
N LYS D 681 -50.62 -28.42 -32.49
CA LYS D 681 -51.10 -29.79 -32.17
C LYS D 681 -52.41 -29.86 -31.29
N GLN D 682 -52.56 -29.05 -30.26
CA GLN D 682 -53.87 -28.94 -29.56
C GLN D 682 -55.04 -28.67 -30.58
N ARG D 683 -54.81 -27.80 -31.58
CA ARG D 683 -55.92 -27.42 -32.46
C ARG D 683 -56.13 -28.55 -33.46
N LEU D 684 -55.07 -29.06 -34.04
CA LEU D 684 -55.24 -30.08 -35.06
C LEU D 684 -55.84 -31.39 -34.52
N ASP D 685 -55.44 -31.78 -33.33
CA ASP D 685 -56.04 -32.92 -32.65
C ASP D 685 -57.56 -32.70 -32.44
N ALA D 686 -57.97 -31.54 -31.96
CA ALA D 686 -59.38 -31.23 -31.89
C ALA D 686 -60.06 -31.45 -33.26
N ALA D 687 -59.46 -30.94 -34.33
CA ALA D 687 -60.04 -30.97 -35.66
C ALA D 687 -60.17 -32.38 -36.15
N VAL D 688 -59.16 -33.22 -35.89
CA VAL D 688 -59.31 -34.65 -36.26
C VAL D 688 -60.46 -35.34 -35.46
N GLU D 689 -60.64 -35.04 -34.20
CA GLU D 689 -61.78 -35.54 -33.45
C GLU D 689 -63.11 -35.06 -34.07
N TYR D 690 -63.19 -33.77 -34.43
CA TYR D 690 -64.36 -33.25 -35.19
C TYR D 690 -64.66 -34.08 -36.40
N ILE D 691 -63.68 -34.27 -37.25
CA ILE D 691 -63.84 -35.03 -38.48
C ILE D 691 -64.19 -36.50 -38.17
N ASN D 692 -63.58 -37.07 -37.15
CA ASN D 692 -63.95 -38.46 -36.82
C ASN D 692 -65.39 -38.61 -36.32
N GLU D 693 -65.89 -37.65 -35.54
CA GLU D 693 -67.28 -37.64 -35.08
C GLU D 693 -68.26 -37.48 -36.24
N ALA D 694 -67.92 -36.62 -37.19
CA ALA D 694 -68.70 -36.53 -38.40
C ALA D 694 -68.71 -37.82 -39.23
N GLN D 695 -67.57 -38.48 -39.39
CA GLN D 695 -67.55 -39.80 -40.05
C GLN D 695 -68.47 -40.78 -39.31
N ARG D 696 -68.41 -40.82 -37.99
CA ARG D 696 -69.20 -41.73 -37.19
C ARG D 696 -70.70 -41.49 -37.47
N ILE D 697 -71.12 -40.24 -37.54
CA ILE D 697 -72.52 -39.88 -37.84
C ILE D 697 -72.98 -40.34 -39.23
N MET D 698 -72.05 -40.26 -40.17
CA MET D 698 -72.30 -40.70 -41.50
C MET D 698 -72.14 -42.22 -41.73
N LYS D 699 -71.44 -42.95 -40.85
CA LYS D 699 -71.14 -44.33 -41.21
C LYS D 699 -72.40 -45.19 -41.08
N LYS D 700 -73.48 -44.57 -40.63
CA LYS D 700 -74.83 -45.08 -40.88
C LYS D 700 -75.21 -45.23 -42.41
N SER D 701 -75.01 -44.19 -43.25
CA SER D 701 -75.47 -44.21 -44.68
C SER D 701 -74.39 -44.10 -45.80
S1 DTN E . 16.84 -39.68 9.13
O1 DTN E . 18.14 -40.86 8.76
O2 DTN E . 16.61 -39.80 10.85
S2 DTN E . 17.76 -37.98 9.13
O3 DTN E . 18.94 -38.29 10.42
O4 DTN E . 18.78 -38.08 7.64
CHA HEM F . -6.82 -0.92 19.78
CHB HEM F . -6.17 -5.72 19.77
CHC HEM F . -10.66 -6.37 21.59
CHD HEM F . -11.49 -1.61 21.03
C1A HEM F . -6.24 -2.15 19.65
C2A HEM F . -4.90 -2.36 19.18
C3A HEM F . -4.71 -3.73 19.22
C4A HEM F . -5.93 -4.34 19.65
CMA HEM F . -3.42 -4.44 18.87
CAA HEM F . -3.89 -1.30 18.86
CBA HEM F . -3.26 -0.72 20.17
CGA HEM F . -3.82 0.63 20.76
O1A HEM F . -4.36 1.49 19.94
O2A HEM F . -3.73 0.90 22.07
C1B HEM F . -7.32 -6.31 20.29
C2B HEM F . -7.49 -7.68 20.54
C3B HEM F . -8.78 -7.89 20.97
C4B HEM F . -9.38 -6.58 21.11
CMB HEM F . -6.47 -8.75 20.24
CAB HEM F . -9.46 -9.04 21.60
CBB HEM F . -8.78 -9.72 22.56
C1C HEM F . -11.29 -5.13 21.59
C2C HEM F . -12.64 -4.91 21.92
C3C HEM F . -12.91 -3.55 21.71
C4C HEM F . -11.66 -2.94 21.31
CMC HEM F . -13.59 -5.97 22.38
CAC HEM F . -14.12 -2.78 22.02
CBC HEM F . -15.09 -3.15 22.92
C1D HEM F . -10.23 -1.09 20.66
C2D HEM F . -10.06 0.36 20.45
C3D HEM F . -8.77 0.57 20.08
C4D HEM F . -8.15 -0.78 20.12
CMD HEM F . -11.19 1.37 20.56
CAD HEM F . -8.13 1.93 19.75
CBD HEM F . -7.38 2.55 20.90
CGD HEM F . -6.95 3.98 20.59
O1D HEM F . -7.17 4.50 19.46
O2D HEM F . -6.30 4.63 21.46
NA HEM F . -6.87 -3.37 19.88
NB HEM F . -8.49 -5.71 20.62
NC HEM F . -10.72 -3.94 21.21
ND HEM F . -9.06 -1.75 20.48
FE HEM F . -8.79 -3.64 20.55
CHA HEM G . 3.80 -25.97 8.88
CHB HEM G . 2.20 -29.54 11.71
CHC HEM G . 4.90 -28.00 15.41
CHD HEM G . 5.87 -24.09 12.83
C1A HEM G . 3.16 -27.10 9.35
C2A HEM G . 2.16 -27.81 8.60
C3A HEM G . 1.70 -28.81 9.45
C4A HEM G . 2.43 -28.72 10.64
CMA HEM G . 0.68 -29.92 9.21
CAA HEM G . 1.77 -27.50 7.18
CBA HEM G . 0.94 -26.23 7.05
CGA HEM G . 0.32 -26.05 5.67
O1A HEM G . -0.17 -24.95 5.27
O2A HEM G . 0.31 -27.00 4.85
C1B HEM G . 2.77 -29.43 12.93
C2B HEM G . 2.53 -30.34 14.02
C3B HEM G . 3.24 -29.91 15.12
C4B HEM G . 3.99 -28.72 14.62
CMB HEM G . 1.60 -31.51 13.91
CAB HEM G . 3.38 -30.48 16.49
CBB HEM G . 2.97 -31.69 16.93
C1C HEM G . 5.44 -26.80 14.98
C2C HEM G . 6.23 -26.02 15.79
C3C HEM G . 6.46 -24.84 15.12
C4C HEM G . 5.86 -25.02 13.83
CMC HEM G . 6.60 -26.35 17.23
CAC HEM G . 7.30 -23.63 15.44
CBC HEM G . 8.37 -23.58 16.25
C1D HEM G . 5.34 -24.32 11.54
C2D HEM G . 5.52 -23.31 10.51
C3D HEM G . 4.94 -23.80 9.40
C4D HEM G . 4.45 -25.16 9.78
CMD HEM G . 6.05 -21.95 10.77
CAD HEM G . 4.84 -23.23 8.03
CBD HEM G . 5.04 -21.73 7.84
CGD HEM G . 6.48 -21.26 7.72
O1D HEM G . 6.80 -20.04 7.96
O2D HEM G . 7.40 -22.07 7.41
NA HEM G . 3.26 -27.62 10.63
NB HEM G . 3.69 -28.54 13.32
NC HEM G . 5.25 -26.23 13.78
ND HEM G . 4.77 -25.43 11.06
FE HEM G . 4.26 -26.95 12.14
CHA HEM H . -1.70 -4.81 14.92
CHA HEM H . -1.62 -4.79 14.79
CHB HEM H . -6.11 -6.60 15.85
CHB HEM H . -6.02 -6.50 15.87
CHC HEM H . -4.40 -11.00 14.78
CHC HEM H . -4.41 -10.95 14.78
CHD HEM H . 0.10 -9.26 14.89
CHD HEM H . 0.11 -9.26 14.94
C1A HEM H . -3.02 -4.96 15.20
C1A HEM H . -2.95 -4.86 15.08
C2A HEM H . -3.94 -3.88 15.38
C2A HEM H . -3.83 -3.73 15.14
C3A HEM H . -5.16 -4.36 15.68
C3A HEM H . -5.06 -4.25 15.48
C4A HEM H . -5.04 -5.78 15.64
C4A HEM H . -4.95 -5.66 15.60
CMA HEM H . -6.42 -3.59 15.98
CMA HEM H . -6.37 -3.52 15.73
CAA HEM H . -3.61 -2.42 15.28
CAA HEM H . -3.43 -2.27 14.89
CBA HEM H . -4.01 -1.94 13.88
CBA HEM H . -3.07 -2.00 13.39
CGA HEM H . -3.29 -2.61 12.71
CGA HEM H . -2.43 -0.64 12.93
O1A HEM H . -2.08 -2.43 12.49
O1A HEM H . -1.29 -0.65 12.34
O2A HEM H . -3.95 -3.32 11.90
O2A HEM H . -3.03 0.51 13.07
C1B HEM H . -6.02 -7.96 15.62
C1B HEM H . -5.97 -7.86 15.63
C2B HEM H . -7.16 -8.83 15.60
C2B HEM H . -7.12 -8.73 15.61
C3B HEM H . -6.69 -10.08 15.31
C3B HEM H . -6.67 -10.00 15.32
C4B HEM H . -5.22 -9.93 15.10
C4B HEM H . -5.21 -9.86 15.11
CMB HEM H . -8.58 -8.38 15.91
CMB HEM H . -8.55 -8.29 15.92
CAB HEM H . -7.38 -11.35 14.99
CAB HEM H . -7.35 -11.26 15.00
CBB HEM H . -8.54 -11.24 14.29
CBB HEM H . -8.52 -11.19 14.30
C1C HEM H . -3.03 -10.93 14.73
C1C HEM H . -3.04 -10.90 14.75
C2C HEM H . -2.17 -12.04 14.66
C2C HEM H . -2.18 -12.01 14.68
C3C HEM H . -0.88 -11.55 14.71
C3C HEM H . -0.88 -11.54 14.75
C4C HEM H . -0.98 -10.13 14.82
C4C HEM H . -0.97 -10.11 14.87
CMC HEM H . -2.63 -13.45 14.53
CMC HEM H . -2.65 -13.43 14.54
CAC HEM H . 0.39 -12.26 14.53
CAC HEM H . 0.39 -12.26 14.57
CBC HEM H . 0.42 -13.38 13.78
CBC HEM H . 0.42 -13.35 13.80
C1D HEM H . -0.07 -7.89 14.88
C1D HEM H . -0.05 -7.88 14.90
C2D HEM H . 1.11 -6.99 14.80
C2D HEM H . 1.15 -7.00 14.78
C3D HEM H . 0.62 -5.74 14.77
C3D HEM H . 0.67 -5.75 14.69
C4D HEM H . -0.85 -5.90 14.87
C4D HEM H . -0.80 -5.89 14.79
CMD HEM H . 2.56 -7.47 14.71
CMD HEM H . 2.58 -7.50 14.71
CAD HEM H . 1.45 -4.47 14.69
CAD HEM H . 1.50 -4.48 14.57
CBD HEM H . 1.29 -3.62 13.41
CBD HEM H . 1.25 -3.65 13.29
CGD HEM H . 2.09 -4.17 12.24
CGD HEM H . 2.09 -4.17 12.15
O1D HEM H . 1.65 -4.07 11.04
O1D HEM H . 1.68 -4.10 10.95
O2D HEM H . 3.19 -4.76 12.41
O2D HEM H . 3.20 -4.72 12.37
NA HEM H . -3.72 -6.09 15.36
NA HEM H . -3.63 -6.00 15.34
NB HEM H . -4.92 -8.65 15.31
NB HEM H . -4.89 -8.58 15.32
NC HEM H . -2.27 -9.81 14.86
NC HEM H . -2.28 -9.78 14.89
ND HEM H . -1.22 -7.21 14.92
ND HEM H . -1.18 -7.19 14.90
FE HEM H . -3.02 -7.91 15.10
FE HEM H . -2.98 -7.86 15.10
CHA HEM I . 2.30 -19.08 8.67
CHB HEM I . 3.93 -14.48 9.11
CHC HEM I . 3.59 -14.87 13.94
CHD HEM I . 2.70 -19.63 13.44
C1A HEM I . 2.67 -17.77 8.41
C2A HEM I . 2.78 -17.25 7.09
C3A HEM I . 3.26 -15.98 7.22
C4A HEM I . 3.44 -15.69 8.62
CMA HEM I . 3.45 -15.03 6.08
CAA HEM I . 2.43 -17.92 5.76
CBA HEM I . 0.92 -18.17 5.56
CGA HEM I . 0.52 -19.10 4.45
O1A HEM I . 1.32 -19.93 3.95
O2A HEM I . -0.63 -19.01 3.97
C1B HEM I . 4.02 -14.19 10.50
C2B HEM I . 4.44 -12.92 11.00
C3B HEM I . 4.35 -12.98 12.39
C4B HEM I . 3.86 -14.36 12.66
CMB HEM I . 4.84 -11.78 10.09
CAB HEM I . 4.46 -11.94 13.45
CBB HEM I . 4.07 -10.63 13.21
C1C HEM I . 3.25 -16.19 14.22
C2C HEM I . 3.13 -16.74 15.53
C3C HEM I . 2.95 -18.09 15.43
C4C HEM I . 2.85 -18.37 14.01
CMC HEM I . 3.30 -15.96 16.79
CAC HEM I . 2.64 -19.07 16.49
CBC HEM I . 1.93 -18.82 17.65
C1D HEM I . 2.56 -19.85 12.09
C2D HEM I . 2.28 -21.22 11.60
C3D HEM I . 2.07 -21.06 10.29
C4D HEM I . 2.37 -19.61 9.96
CMD HEM I . 2.09 -22.50 12.39
CAD HEM I . 1.69 -22.16 9.36
CBD HEM I . 0.17 -22.24 9.18
CGD HEM I . -0.29 -23.21 8.12
O1D HEM I . -1.12 -24.12 8.45
O2D HEM I . 0.14 -23.12 6.92
NA HEM I . 3.13 -16.85 9.32
NB HEM I . 3.67 -14.99 11.51
NC HEM I . 3.09 -17.20 13.31
ND HEM I . 2.61 -18.92 11.08
FE HEM I . 3.09 -17.03 11.28
CHA HEM J . 7.20 -14.70 1.95
CHB HEM J . 7.58 -15.16 6.71
CHC HEM J . 10.67 -11.40 6.89
CHD HEM J . 9.75 -10.52 2.23
C1A HEM J . 7.07 -15.16 3.21
C2A HEM J . 6.33 -16.35 3.61
C3A HEM J . 6.48 -16.46 4.96
C4A HEM J . 7.28 -15.40 5.40
CMA HEM J . 5.98 -17.58 5.83
CAA HEM J . 5.57 -17.33 2.70
CBA HEM J . 6.47 -18.33 1.98
CGA HEM J . 5.64 -19.28 1.13
O1A HEM J . 5.23 -20.34 1.66
O2A HEM J . 5.31 -19.03 -0.06
C1B HEM J . 8.41 -14.14 7.19
C2B HEM J . 8.84 -14.03 8.55
C3B HEM J . 9.69 -13.00 8.63
C4B HEM J . 9.85 -12.51 7.23
CMB HEM J . 8.34 -14.91 9.70
CAB HEM J . 10.58 -12.51 9.70
CBB HEM J . 11.33 -13.43 10.44
C1C HEM J . 10.70 -10.78 5.61
C2C HEM J . 11.29 -9.54 5.30
C3C HEM J . 10.97 -9.24 3.99
C4C HEM J . 10.23 -10.39 3.50
CMC HEM J . 12.09 -8.68 6.27
CAC HEM J . 11.48 -8.17 3.05
CBC HEM J . 12.77 -7.82 2.99
C1D HEM J . 9.00 -11.63 1.81
C2D HEM J . 8.63 -11.79 0.36
C3D HEM J . 7.93 -12.94 0.28
C4D HEM J . 7.91 -13.51 1.66
CMD HEM J . 8.95 -10.88 -0.83
CAD HEM J . 7.33 -13.49 -0.99
CBD HEM J . 5.92 -12.91 -1.19
CGD HEM J . 5.22 -13.48 -2.41
O1D HEM J . 5.32 -14.64 -2.72
O2D HEM J . 4.47 -12.83 -3.14
NA HEM J . 7.63 -14.59 4.34
NB HEM J . 9.06 -13.24 6.44
NC HEM J . 9.96 -11.25 4.56
ND HEM J . 8.55 -12.69 2.53
FE HEM J . 8.78 -12.96 4.42
CHA HEM K . 20.74 -5.43 1.09
CHB HEM K . 17.96 -8.07 -1.83
CHC HEM K . 14.08 -5.85 0.08
CHD HEM K . 16.94 -2.56 2.19
C1A HEM K . 20.31 -6.38 0.21
C2A HEM K . 21.17 -7.31 -0.44
C3A HEM K . 20.38 -8.06 -1.26
C4A HEM K . 19.04 -7.60 -1.14
CMA HEM K . 20.81 -9.20 -2.18
CAA HEM K . 22.68 -7.46 -0.24
CBA HEM K . 22.90 -8.39 0.96
CGA HEM K . 24.34 -8.49 1.37
O1A HEM K . 24.67 -9.36 2.20
O2A HEM K . 25.22 -7.77 0.86
C1B HEM K . 16.62 -7.69 -1.55
C2B HEM K . 15.45 -8.34 -2.07
C3B HEM K . 14.35 -7.73 -1.55
C4B HEM K . 14.87 -6.72 -0.62
CMB HEM K . 15.52 -9.45 -3.10
CAB HEM K . 12.91 -8.02 -1.52
CBB HEM K . 12.54 -9.34 -1.29
C1C HEM K . 14.47 -4.77 0.80
C2C HEM K . 13.63 -3.75 1.34
C3C HEM K . 14.47 -2.80 1.95
C4C HEM K . 15.81 -3.25 1.73
CMC HEM K . 12.13 -3.78 1.25
CAC HEM K . 14.20 -1.53 2.79
CBC HEM K . 13.08 -1.41 3.52
C1D HEM K . 18.21 -3.15 2.05
C2D HEM K . 19.36 -2.53 2.69
C3D HEM K . 20.40 -3.32 2.40
C4D HEM K . 19.87 -4.44 1.58
CMD HEM K . 19.40 -1.22 3.53
CAD HEM K . 21.84 -3.11 2.87
CBD HEM K . 22.78 -2.75 1.73
CGD HEM K . 22.21 -1.55 1.01
O1D HEM K . 22.25 -0.47 1.68
O2D HEM K . 21.70 -1.64 -0.19
NA HEM K . 19.01 -6.56 -0.24
NB HEM K . 16.21 -6.76 -0.71
NC HEM K . 15.78 -4.43 1.02
ND HEM K . 18.54 -4.29 1.39
FE HEM K . 17.42 -5.49 0.38
CHA HEM L . 22.51 -9.30 -6.42
CHB HEM L . 18.39 -6.92 -5.68
CHC HEM L . 16.30 -9.39 -9.29
CHD HEM L . 20.18 -12.34 -9.37
C1A HEM L . 21.57 -8.40 -5.94
C2A HEM L . 21.82 -7.39 -4.97
C3A HEM L . 20.66 -6.74 -4.73
C4A HEM L . 19.72 -7.31 -5.59
CMA HEM L . 20.43 -5.58 -3.79
CAA HEM L . 23.12 -7.14 -4.27
CBA HEM L . 24.09 -6.33 -5.10
CGA HEM L . 25.44 -6.14 -4.39
O1A HEM L . 26.06 -7.09 -3.81
O2A HEM L . 25.93 -5.00 -4.39
C1B HEM L . 17.50 -7.43 -6.63
C2B HEM L . 16.23 -6.84 -6.87
C3B HEM L . 15.62 -7.51 -7.86
C4B HEM L . 16.60 -8.48 -8.29
CMB HEM L . 15.69 -5.70 -6.08
CAB HEM L . 14.39 -7.21 -8.64
CBB HEM L . 14.23 -5.91 -9.11
C1C HEM L . 17.15 -10.47 -9.59
C2C HEM L . 16.85 -11.58 -10.44
C3C HEM L . 17.94 -12.46 -10.43
C4C HEM L . 18.93 -11.83 -9.61
CMC HEM L . 15.55 -11.76 -11.19
CAC HEM L . 18.23 -13.70 -11.25
CBC HEM L . 17.83 -13.82 -12.55
C1D HEM L . 21.14 -11.68 -8.58
C2D HEM L . 22.53 -12.16 -8.46
C3D HEM L . 23.17 -11.32 -7.64
C4D HEM L . 22.17 -10.31 -7.28
CMD HEM L . 23.14 -13.36 -9.10
CAD HEM L . 24.65 -11.45 -7.19
CBD HEM L . 25.59 -10.47 -7.85
CGD HEM L . 27.02 -10.72 -7.36
O1D HEM L . 27.35 -10.69 -6.14
O2D HEM L . 27.91 -10.89 -8.21
NA HEM L . 20.26 -8.35 -6.29
NB HEM L . 17.67 -8.43 -7.48
NC HEM L . 18.40 -10.68 -9.06
ND HEM L . 20.97 -10.52 -7.87
FE HEM L . 19.37 -9.52 -7.66
CHA HEM M . 16.64 -17.80 -19.55
CHB HEM M . 20.46 -18.28 -16.50
CHC HEM M . 17.39 -17.89 -12.77
CHD HEM M . 13.68 -18.57 -15.77
C1A HEM M . 17.94 -17.92 -19.04
C2A HEM M . 19.13 -18.06 -19.82
C3A HEM M . 20.17 -18.21 -18.98
C4A HEM M . 19.67 -18.18 -17.64
CMA HEM M . 21.63 -18.39 -19.34
CAA HEM M . 19.26 -18.05 -21.35
CBA HEM M . 19.04 -16.68 -21.96
CGA HEM M . 19.62 -16.66 -23.38
O1A HEM M . 19.12 -17.32 -24.27
O2A HEM M . 20.61 -15.98 -23.68
C1B HEM M . 19.95 -18.16 -15.22
C2B HEM M . 20.72 -18.09 -14.06
C3B HEM M . 19.85 -17.98 -12.97
C4B HEM M . 18.51 -17.98 -13.54
CMB HEM M . 22.22 -18.16 -14.01
CAB HEM M . 20.07 -17.66 -11.54
CBB HEM M . 21.03 -16.72 -11.18
C1C HEM M . 16.10 -18.08 -13.24
C2C HEM M . 14.95 -18.29 -12.48
C3C HEM M . 13.90 -18.57 -13.31
C4C HEM M . 14.42 -18.41 -14.65
CMC HEM M . 14.91 -18.29 -10.96
CAC HEM M . 12.44 -18.69 -13.05
CBC HEM M . 11.88 -17.93 -12.11
C1D HEM M . 14.23 -18.39 -17.04
C2D HEM M . 13.37 -18.28 -18.24
C3D HEM M . 14.17 -18.07 -19.28
C4D HEM M . 15.52 -18.01 -18.72
CMD HEM M . 11.87 -18.43 -18.31
CAD HEM M . 13.72 -17.92 -20.72
CBD HEM M . 13.64 -16.42 -21.10
CGD HEM M . 12.30 -15.69 -20.95
O1D HEM M . 11.27 -16.15 -20.39
O2D HEM M . 12.14 -14.52 -21.40
NA HEM M . 18.31 -18.05 -17.70
NB HEM M . 18.65 -18.07 -14.88
NC HEM M . 15.76 -18.20 -14.54
ND HEM M . 15.52 -18.18 -17.36
FE HEM M . 17.04 -18.12 -16.15
CU CU N . 6.36 -27.16 8.54
S1 DTN O . 34.73 11.45 -12.14
O1 DTN O . 36.42 11.92 -11.85
O2 DTN O . 34.01 11.56 -10.55
S2 DTN O . 34.30 13.18 -12.65
O3 DTN O . 34.81 13.12 -14.36
O4 DTN O . 32.54 12.96 -12.72
S SO3 P . 6.07 -28.16 11.50
O1 SO3 P . 6.08 -29.80 12.16
O2 SO3 P . 7.59 -27.61 12.02
O3 SO3 P . 6.28 -28.38 9.81
S1 DTN Q . 32.97 24.31 40.10
O1 DTN Q . 34.21 25.50 40.61
O2 DTN Q . 31.86 24.18 41.47
S2 DTN Q . 32.03 25.36 38.86
O3 DTN Q . 33.19 25.34 37.50
O4 DTN Q . 30.91 24.04 38.54
CHA HEM R . 9.12 -12.11 23.18
CHB HEM R . 11.65 -9.74 26.54
CHC HEM R . 11.54 -13.76 29.33
CHD HEM R . 9.70 -16.25 25.63
C1A HEM R . 9.75 -11.13 23.88
C2A HEM R . 9.83 -9.77 23.44
C3A HEM R . 10.56 -9.13 24.36
C4A HEM R . 10.89 -10.04 25.41
CMA HEM R . 10.98 -7.69 24.34
CAA HEM R . 9.25 -9.21 22.17
CBA HEM R . 7.77 -8.77 22.36
CGA HEM R . 6.68 -9.79 21.84
O1A HEM R . 6.93 -10.55 20.84
O2A HEM R . 5.50 -9.84 22.43
C1B HEM R . 11.83 -10.64 27.60
C2B HEM R . 12.44 -10.29 28.84
C3B HEM R . 12.44 -11.44 29.63
C4B HEM R . 11.74 -12.45 28.85
CMB HEM R . 13.01 -8.91 29.17
CAB HEM R . 12.73 -11.73 31.09
CBB HEM R . 12.13 -10.84 31.94
C1C HEM R . 11.04 -14.82 28.57
C2C HEM R . 11.04 -16.18 28.96
C3C HEM R . 10.54 -16.90 27.91
C4C HEM R . 10.23 -15.93 26.86
CMC HEM R . 11.48 -16.66 30.31
CAC HEM R . 10.22 -18.33 27.75
CBC HEM R . 10.01 -19.20 28.70
C1D HEM R . 9.40 -15.24 24.68
C2D HEM R . 8.71 -15.58 23.45
C3D HEM R . 8.55 -14.48 22.74
C4D HEM R . 9.12 -13.42 23.60
CMD HEM R . 8.37 -16.99 22.99
CAD HEM R . 7.92 -14.39 21.35
CBD HEM R . 6.50 -13.82 21.27
CGD HEM R . 5.89 -13.89 19.89
O1D HEM R . 4.68 -13.55 19.71
O2D HEM R . 6.60 -14.32 18.93
NA HEM R . 10.42 -11.28 25.09
NB HEM R . 11.46 -11.94 27.64
NC HEM R . 10.61 -14.71 27.28
ND HEM R . 9.61 -13.92 24.77
FE HEM R . 10.50 -12.97 26.16
CHA HEM S . 28.84 7.34 32.93
CHB HEM S . 29.10 6.91 37.75
CHC HEM S . 24.59 8.65 38.06
CHD HEM S . 24.16 8.33 33.29
C1A HEM S . 29.28 7.10 34.22
C2A HEM S . 30.54 6.47 34.52
C3A HEM S . 30.57 6.33 35.89
C4A HEM S . 29.41 6.92 36.40
CMA HEM S . 31.63 5.74 36.79
CAA HEM S . 31.59 6.05 33.53
CBA HEM S . 31.21 4.98 32.50
CGA HEM S . 32.39 4.30 31.81
O1A HEM S . 33.59 4.59 32.10
O2A HEM S . 32.13 3.42 30.95
C1B HEM S . 27.85 7.33 38.26
C2B HEM S . 27.54 7.30 39.65
C3B HEM S . 26.28 7.78 39.80
C4B HEM S . 25.83 8.15 38.39
CMB HEM S . 28.47 6.84 40.76
CAB HEM S . 25.48 8.00 41.05
CBB HEM S . 25.88 8.03 42.32
C1C HEM S . 24.05 8.79 36.82
C2C HEM S . 22.72 9.18 36.50
C3C HEM S . 22.58 9.03 35.11
C4C HEM S . 23.86 8.62 34.61
CMC HEM S . 21.63 9.58 37.50
CAC HEM S . 21.46 9.35 34.21
CBC HEM S . 20.46 10.23 34.38
C1D HEM S . 25.44 8.00 32.85
C2D HEM S . 25.67 7.84 31.41
C3D HEM S . 26.98 7.59 31.28
C4D HEM S . 27.51 7.61 32.68
CMD HEM S . 24.57 7.92 30.41
CAD HEM S . 27.86 7.34 30.08
CBD HEM S . 27.17 7.06 28.74
CGD HEM S . 26.63 8.27 28.03
O1D HEM S . 27.10 9.43 28.18
O2D HEM S . 25.71 8.01 27.19
NA HEM S . 28.60 7.31 35.38
NB HEM S . 26.84 7.84 37.57
NC HEM S . 24.72 8.46 35.67
ND HEM S . 26.55 7.90 33.57
FE HEM S . 26.71 7.90 35.51
CHA HEM T . 13.85 -5.59 21.86
CHA HEM T . 13.84 -5.57 21.76
CHB HEM T . 15.14 -9.13 24.98
CHB HEM T . 15.11 -9.12 24.89
CHC HEM T . 18.06 -6.00 27.19
CHC HEM T . 18.02 -6.02 27.17
CHD HEM T . 15.84 -2.42 24.87
CHD HEM T . 15.81 -2.45 24.86
C1A HEM T . 14.06 -6.79 22.50
C1A HEM T . 14.02 -6.80 22.37
C2A HEM T . 13.54 -7.99 22.02
C2A HEM T . 13.55 -8.01 21.78
C3A HEM T . 13.86 -8.98 22.88
C3A HEM T . 13.89 -8.99 22.70
C4A HEM T . 14.62 -8.42 23.92
C4A HEM T . 14.58 -8.41 23.80
CMA HEM T . 13.52 -10.45 22.78
CMA HEM T . 13.63 -10.48 22.61
CAA HEM T . 12.78 -8.06 20.74
CAA HEM T . 12.81 -8.09 20.44
CBA HEM T . 13.73 -8.65 19.69
CBA HEM T . 13.76 -8.03 19.20
CGA HEM T . 14.86 -7.75 19.21
CGA HEM T . 13.24 -7.74 17.77
O1A HEM T . 14.64 -6.72 18.50
O1A HEM T . 13.54 -6.61 17.17
O2A HEM T . 16.05 -8.13 19.48
O2A HEM T . 12.58 -8.69 17.14
C1B HEM T . 16.08 -8.59 25.85
C1B HEM T . 16.04 -8.60 25.77
C2B HEM T . 16.83 -9.37 26.78
C2B HEM T . 16.80 -9.37 26.71
C3B HEM T . 17.64 -8.47 27.40
C3B HEM T . 17.59 -8.49 27.36
C4B HEM T . 17.41 -7.15 26.79
C4B HEM T . 17.36 -7.16 26.75
CMB HEM T . 16.64 -10.85 27.02
CMB HEM T . 16.64 -10.86 26.97
CAB HEM T . 18.76 -8.66 28.32
CAB HEM T . 18.72 -8.67 28.28
CBB HEM T . 19.51 -9.77 28.05
CBB HEM T . 19.48 -9.77 28.02
C1C HEM T . 17.69 -4.73 26.80
C1C HEM T . 17.66 -4.75 26.78
C2C HEM T . 18.17 -3.53 27.37
C2C HEM T . 18.14 -3.56 27.36
C3C HEM T . 17.49 -2.52 26.74
C3C HEM T . 17.46 -2.54 26.73
C4C HEM T . 16.65 -3.12 25.74
C4C HEM T . 16.61 -3.14 25.74
CMC HEM T . 19.18 -3.39 28.52
CMC HEM T . 19.15 -3.44 28.50
CAC HEM T . 17.71 -1.07 26.85
CAC HEM T . 17.69 -1.09 26.85
CBC HEM T . 18.92 -0.57 27.17
CBC HEM T . 18.90 -0.58 27.17
C1D HEM T . 15.14 -3.05 23.85
C1D HEM T . 15.12 -3.06 23.83
C2D HEM T . 14.45 -2.24 22.82
C2D HEM T . 14.45 -2.24 22.80
C3D HEM T . 13.91 -3.12 21.95
C3D HEM T . 13.92 -3.11 21.90
C4D HEM T . 14.27 -4.45 22.47
C4D HEM T . 14.27 -4.44 22.41
CMD HEM T . 14.41 -0.73 22.78
CMD HEM T . 14.41 -0.72 22.77
CAD HEM T . 13.06 -2.77 20.74
CAD HEM T . 13.09 -2.74 20.70
CBD HEM T . 13.64 -3.19 19.40
CBD HEM T . 13.67 -3.19 19.36
CGD HEM T . 14.65 -2.19 18.93
CGD HEM T . 14.67 -2.19 18.89
O1D HEM T . 15.60 -2.58 18.20
O1D HEM T . 15.65 -2.58 18.20
O2D HEM T . 14.55 -0.98 19.31
O2D HEM T . 14.52 -0.99 19.24
NA HEM T . 14.71 -7.08 23.67
NA HEM T . 14.66 -7.08 23.57
NB HEM T . 16.46 -7.30 25.90
NB HEM T . 16.42 -7.31 25.84
NC HEM T . 16.79 -4.45 25.86
NC HEM T . 16.74 -4.48 25.84
ND HEM T . 15.04 -4.36 23.60
ND HEM T . 15.01 -4.36 23.56
FE HEM T . 15.73 -5.77 24.70
FE HEM T . 15.68 -5.77 24.64
CHA HEM U . 25.68 3.58 27.91
CHB HEM U . 22.34 3.41 24.39
CHC HEM U . 18.79 2.97 27.69
CHD HEM U . 22.08 3.83 31.18
C1A HEM U . 25.09 3.47 26.66
C2A HEM U . 25.81 3.44 25.44
C3A HEM U . 24.88 3.41 24.44
C4A HEM U . 23.59 3.42 25.03
CMA HEM U . 25.16 3.37 22.97
CAA HEM U . 27.33 3.40 25.38
CBA HEM U . 28.00 2.03 25.74
CGA HEM U . 29.50 2.05 25.83
O1A HEM U . 30.13 0.97 25.79
O2A HEM U . 30.12 3.14 25.98
C1B HEM U . 21.11 3.26 24.99
C2B HEM U . 19.86 3.16 24.27
C3B HEM U . 18.82 3.07 25.16
C4B HEM U . 19.49 3.05 26.49
CMB HEM U . 19.80 3.31 22.77
CAB HEM U . 17.36 2.84 24.95
CBB HEM U . 16.91 2.07 23.92
C1C HEM U . 19.39 3.10 28.95
C2C HEM U . 18.65 3.09 30.20
C3C HEM U . 19.58 3.37 31.18
C4C HEM U . 20.89 3.51 30.54
CMC HEM U . 17.15 2.85 30.28
CAC HEM U . 19.38 3.34 32.64
CBC HEM U . 18.45 2.57 33.28
C1D HEM U . 23.30 3.87 30.52
C2D HEM U . 24.52 4.05 31.28
C3D HEM U . 25.52 3.94 30.41
C4D HEM U . 24.93 3.72 29.07
CMD HEM U . 24.65 4.28 32.79
CAD HEM U . 27.01 4.05 30.73
CBD HEM U . 27.49 2.70 31.29
CGD HEM U . 29.00 2.59 31.50
O1D HEM U . 29.43 2.15 32.63
O2D HEM U . 29.78 2.90 30.57
NA HEM U . 23.75 3.49 26.39
NB HEM U . 20.85 3.17 26.30
NC HEM U . 20.73 3.35 29.19
ND HEM U . 23.57 3.66 29.18
FE HEM U . 22.28 3.41 27.78
CHA HEM V . 27.40 6.91 19.40
CHB HEM V . 23.74 7.19 22.57
CHC HEM V . 20.75 8.68 18.98
CHD HEM V . 24.27 7.86 15.79
C1A HEM V . 26.65 6.90 20.56
C2A HEM V . 27.20 6.66 21.84
C3A HEM V . 26.19 6.78 22.73
C4A HEM V . 25.02 7.07 22.03
CMA HEM V . 26.25 6.61 24.22
CAA HEM V . 28.63 6.38 22.13
CBA HEM V . 29.49 7.63 22.30
CGA HEM V . 30.93 7.18 22.66
O1A HEM V . 31.24 7.16 23.85
O2A HEM V . 31.80 6.82 21.84
C1B HEM V . 22.62 7.60 21.84
C2B HEM V . 21.37 7.84 22.46
C3B HEM V . 20.50 8.22 21.46
C4B HEM V . 21.28 8.29 20.22
CMB HEM V . 21.03 7.61 23.89
CAB HEM V . 19.15 8.83 21.51
CBB HEM V . 18.94 9.86 22.41
C1C HEM V . 21.45 8.61 17.79
C2C HEM V . 20.89 8.79 16.50
C3C HEM V . 21.84 8.48 15.57
C4C HEM V . 23.05 8.18 16.34
CMC HEM V . 19.46 9.21 16.33
CAC HEM V . 21.87 8.64 14.08
CBC HEM V . 21.23 9.61 13.38
C1D HEM V . 25.39 7.58 16.57
C2D HEM V . 26.70 7.39 15.95
C3D HEM V . 27.57 7.13 16.91
C4D HEM V . 26.77 7.17 18.15
CMD HEM V . 27.02 7.45 14.48
CAD HEM V . 29.05 6.81 16.74
CBD HEM V . 29.18 5.32 16.47
CGD HEM V . 30.66 4.91 16.25
O1D HEM V . 31.58 5.43 16.84
O2D HEM V . 30.99 4.03 15.42
NA HEM V . 25.30 7.14 20.70
NB HEM V . 22.53 7.88 20.53
NC HEM V . 22.75 8.20 17.65
ND HEM V . 25.46 7.46 17.91
FE HEM V . 24.03 7.66 19.18
CHA HEM W . 19.61 16.44 8.55
CHB HEM W . 24.03 14.86 9.45
CHC HEM W . 22.30 10.35 9.92
CHD HEM W . 18.20 11.87 7.96
C1A HEM W . 20.94 16.39 8.88
C2A HEM W . 21.79 17.56 8.95
C3A HEM W . 23.05 17.13 9.20
C4A HEM W . 22.99 15.70 9.22
CMA HEM W . 24.30 18.00 9.37
CAA HEM W . 21.28 19.01 8.79
CBA HEM W . 20.81 19.53 10.14
CGA HEM W . 20.15 20.87 10.15
O1A HEM W . 20.00 21.48 9.13
O2A HEM W . 19.79 21.39 11.21
C1B HEM W . 23.94 13.47 9.69
C2B HEM W . 25.01 12.66 10.15
C3B HEM W . 24.52 11.39 10.30
C4B HEM W . 23.12 11.44 9.92
CMB HEM W . 26.42 13.10 10.39
CAB HEM W . 25.09 10.17 10.92
CBB HEM W . 25.78 10.32 12.10
C1C HEM W . 21.01 10.34 9.41
C2C HEM W . 20.22 9.19 9.18
C3C HEM W . 19.06 9.63 8.55
C4C HEM W . 19.17 11.06 8.46
CMC HEM W . 20.66 7.78 9.51
CAC HEM W . 17.83 8.88 8.17
CBC HEM W . 17.38 7.76 8.81
C1D HEM W . 18.28 13.23 8.01
C2D HEM W . 17.13 14.08 7.63
C3D HEM W . 17.50 15.34 7.76
C4D HEM W . 18.88 15.27 8.29
CMD HEM W . 15.80 13.54 7.15
CAD HEM W . 16.65 16.63 7.55
CBD HEM W . 16.90 17.33 6.17
CGD HEM W . 16.40 16.39 5.07
O1D HEM W . 17.26 15.86 4.29
O2D HEM W . 15.13 16.07 4.91
NA HEM W . 21.71 15.26 9.00
NB HEM W . 22.88 12.71 9.56
NC HEM W . 20.38 11.43 8.94
ND HEM W . 19.32 14.00 8.40
FE HEM W . 21.04 13.38 8.96
CHA HEM X . 27.25 19.92 6.43
CHB HEM X . 26.48 15.13 6.13
CHC HEM X . 31.21 14.31 6.41
CHD HEM X . 31.88 18.92 7.58
C1A HEM X . 26.63 18.67 6.25
C2A HEM X . 25.23 18.45 6.02
C3A HEM X . 25.03 17.09 5.98
C4A HEM X . 26.30 16.50 6.15
CMA HEM X . 23.72 16.38 5.72
CAA HEM X . 24.13 19.49 5.87
CBA HEM X . 24.10 20.16 4.51
CGA HEM X . 23.10 21.32 4.47
O1A HEM X . 22.28 21.32 3.51
O2A HEM X . 23.10 22.25 5.31
C1B HEM X . 27.71 14.51 6.14
C2B HEM X . 27.89 13.10 5.85
C3B HEM X . 29.24 12.87 5.89
C4B HEM X . 29.86 14.18 6.21
CMB HEM X . 26.82 12.05 5.63
CAB HEM X . 30.05 11.65 5.57
CBB HEM X . 29.73 11.06 4.34
C1C HEM X . 31.84 15.45 6.83
C2C HEM X . 33.22 15.59 7.17
C3C HEM X . 33.41 16.90 7.53
C4C HEM X . 32.13 17.56 7.37
CMC HEM X . 34.22 14.45 7.16
CAC HEM X . 34.64 17.68 7.87
CBC HEM X . 35.89 17.42 7.38
C1D HEM X . 30.66 19.54 7.28
C2D HEM X . 30.50 20.96 7.40
C3D HEM X . 29.23 21.27 7.06
C4D HEM X . 28.60 19.97 6.74
CMD HEM X . 31.53 21.98 7.81
CAD HEM X . 28.63 22.68 7.09
CBD HEM X . 28.27 23.20 5.72
CGD HEM X . 27.66 24.57 5.77
O1D HEM X . 26.57 24.77 6.32
O2D HEM X . 28.29 25.54 5.33
NA HEM X . 27.26 17.45 6.33
NB HEM X . 28.90 15.09 6.34
NC HEM X . 31.19 16.63 6.97
ND HEM X . 29.48 18.96 6.88
FE HEM X . 29.21 17.06 6.63
CHA HEM Y . 43.96 18.18 6.55
CHB HEM Y . 40.81 21.65 7.58
CHC HEM Y . 38.40 18.51 10.38
CHD HEM Y . 42.05 15.43 10.06
C1A HEM Y . 43.29 19.35 6.56
C2A HEM Y . 43.69 20.52 5.86
C3A HEM Y . 42.81 21.50 6.19
C4A HEM Y . 41.85 20.95 7.08
CMA HEM Y . 42.71 22.93 5.70
CAA HEM Y . 44.88 20.68 4.91
CBA HEM Y . 44.49 20.51 3.44
CGA HEM Y . 45.76 20.83 2.68
O1A HEM Y . 46.10 22.00 2.40
O2A HEM Y . 46.52 19.90 2.39
C1B HEM Y . 39.83 21.09 8.42
C2B HEM Y . 38.65 21.71 8.84
C3B HEM Y . 37.98 20.84 9.63
C4B HEM Y . 38.80 19.66 9.67
CMB HEM Y . 38.23 23.11 8.56
CAB HEM Y . 36.63 20.77 10.22
CBB HEM Y . 35.59 21.22 9.49
C1C HEM Y . 39.20 17.40 10.59
C2C HEM Y . 38.98 16.35 11.54
C3C HEM Y . 40.04 15.47 11.48
C4C HEM Y . 40.87 16.00 10.45
CMC HEM Y . 37.75 16.27 12.41
CAC HEM Y . 40.26 14.14 12.11
CBC HEM Y . 39.25 13.23 12.25
C1D HEM Y . 42.85 15.97 9.05
C2D HEM Y . 44.00 15.22 8.54
C3D HEM Y . 44.49 15.98 7.56
C4D HEM Y . 43.67 17.16 7.47
CMD HEM Y . 44.53 13.89 9.07
CAD HEM Y . 45.74 15.73 6.72
CBD HEM Y . 45.41 15.50 5.25
CGD HEM Y . 45.50 14.06 4.94
O1D HEM Y . 46.51 13.74 4.21
O2D HEM Y . 44.61 13.25 5.36
NA HEM Y . 42.21 19.66 7.36
NB HEM Y . 39.87 19.86 8.92
NC HEM Y . 40.37 17.19 9.99
ND HEM Y . 42.66 17.12 8.37
FE HEM Y . 41.31 18.45 8.62
CU CU Z . 29.19 10.15 32.96
S SO3 AA . 27.41 10.00 35.57
O1 SO3 AA . 26.44 11.22 35.01
O2 SO3 AA . 28.86 10.34 34.63
O3 SO3 AA . 27.94 10.52 37.18
S1 DTN BA . -30.94 14.89 7.03
O1 DTN BA . -32.31 15.59 6.12
O2 DTN BA . -31.73 13.52 7.93
S2 DTN BA . -30.14 14.13 5.46
O3 DTN BA . -29.35 15.45 4.51
O4 DTN BA . -28.77 13.48 6.40
CHA HEM CA . 8.50 6.66 29.83
CHB HEM CA . 3.80 7.91 29.50
CHC HEM CA . 4.00 9.13 34.21
CHD HEM CA . 8.77 8.48 34.33
C1A HEM CA . 7.21 6.86 29.38
C2A HEM CA . 6.75 6.48 28.10
C3A HEM CA . 5.46 6.87 28.02
C4A HEM CA . 5.09 7.45 29.23
CMA HEM CA . 4.46 6.71 26.86
CAA HEM CA . 7.57 5.80 26.99
CBA HEM CA . 7.69 4.23 27.07
CGA HEM CA . 8.90 3.65 27.92
O1A HEM CA . 10.02 4.25 27.85
O2A HEM CA . 8.86 2.58 28.68
C1B HEM CA . 3.45 8.32 30.81
C2B HEM CA . 2.13 8.74 31.18
C3B HEM CA . 2.17 9.11 32.52
C4B HEM CA . 3.58 8.85 32.93
CMB HEM CA . 0.97 8.76 30.27
CAB HEM CA . 1.14 9.38 33.53
CBB HEM CA . 0.07 8.50 33.63
C1C HEM CA . 5.29 9.11 34.67
C2C HEM CA . 5.71 9.51 35.95
C3C HEM CA . 7.10 9.35 35.99
C4C HEM CA . 7.47 8.78 34.72
CMC HEM CA . 4.81 10.04 37.05
CAC HEM CA . 8.09 9.53 37.09
CBC HEM CA . 7.88 9.37 38.41
C1D HEM CA . 9.04 7.89 33.08
C2D HEM CA . 10.40 7.49 32.70
C3D HEM CA . 10.33 6.94 31.46
C4D HEM CA . 8.93 7.06 31.09
CMD HEM CA . 11.61 7.62 33.58
CAD HEM CA . 11.50 6.39 30.65
CBD HEM CA . 11.69 4.89 30.76
CGD HEM CA . 12.91 4.39 29.99
O1D HEM CA . 13.74 5.18 29.52
O2D HEM CA . 13.13 3.15 29.84
NA HEM CA . 6.18 7.46 30.06
NB HEM CA . 4.27 8.47 31.88
NC HEM CA . 6.35 8.69 33.94
ND HEM CA . 8.19 7.63 32.07
FE HEM CA . 6.28 8.05 31.98
CHA HEM DA . -15.00 17.70 16.40
CHB HEM DA . -18.67 17.59 19.53
CHC HEM DA . -18.76 12.77 19.40
CHD HEM DA . -14.67 12.89 16.91
C1A HEM DA . -16.04 18.10 17.23
C2A HEM DA . -16.29 19.44 17.62
C3A HEM DA . -17.31 19.37 18.54
C4A HEM DA . -17.67 18.01 18.68
CMA HEM DA . -17.97 20.53 19.25
CAA HEM DA . -15.60 20.72 17.14
CBA HEM DA . -14.12 20.82 17.58
CGA HEM DA . -13.44 22.14 17.25
O1A HEM DA . -14.17 23.10 16.85
O2A HEM DA . -12.19 22.30 17.39
C1B HEM DA . -19.01 16.27 19.75
C2B HEM DA . -20.04 15.92 20.67
C3B HEM DA . -20.10 14.55 20.70
C4B HEM DA . -19.07 14.10 19.70
CMB HEM DA . -20.90 16.90 21.46
CAB HEM DA . -21.05 13.63 21.45
CBB HEM DA . -22.10 14.00 22.23
C1C HEM DA . -17.63 12.34 18.71
C2C HEM DA . -17.22 10.99 18.53
C3C HEM DA . -16.03 11.00 17.82
C4C HEM DA . -15.76 12.38 17.55
CMC HEM DA . -17.98 9.81 19.06
CAC HEM DA . -15.19 9.91 17.26
CBC HEM DA . -15.61 8.69 16.90
C1D HEM DA . -14.44 14.21 16.61
C2D HEM DA . -13.24 14.56 15.82
C3D HEM DA . -13.33 15.90 15.66
C4D HEM DA . -14.61 16.34 16.34
CMD HEM DA . -12.15 13.57 15.45
CAD HEM DA . -12.42 16.88 14.95
CBD HEM DA . -11.07 16.39 14.50
CGD HEM DA . -10.94 15.59 13.23
O1D HEM DA . -11.80 15.59 12.33
O2D HEM DA . -9.92 14.87 13.02
NA HEM DA . -16.89 17.23 17.94
NB HEM DA . -18.50 15.18 19.20
NC HEM DA . -16.74 13.17 18.11
ND HEM DA . -15.24 15.27 16.88
FE HEM DA . -16.82 15.22 17.99
CHA HEM EA . 4.74 8.92 22.96
CHA HEM EA . 4.74 8.89 23.00
CHB HEM EA . 4.03 11.05 27.26
CHB HEM EA . 4.02 11.08 27.29
CHC HEM EA . -0.26 12.56 25.54
CHC HEM EA . -0.27 12.56 25.56
CHD HEM EA . 0.07 9.37 21.90
CHD HEM EA . 0.09 9.40 21.89
C1A HEM EA . 4.94 9.46 24.19
C1A HEM EA . 4.92 9.46 24.24
C2A HEM EA . 6.21 9.49 24.85
C2A HEM EA . 6.16 9.43 24.95
C3A HEM EA . 5.99 10.07 26.07
C3A HEM EA . 5.94 10.01 26.16
C4A HEM EA . 4.61 10.39 26.18
C4A HEM EA . 4.59 10.41 26.22
CMA HEM EA . 6.96 10.35 27.18
CMA HEM EA . 6.93 10.22 27.28
CAA HEM EA . 7.55 8.99 24.27
CAA HEM EA . 7.48 8.86 24.47
CBA HEM EA . 7.76 9.61 22.85
CBA HEM EA . 8.46 9.94 23.98
CGA HEM EA . 9.11 9.33 22.12
CGA HEM EA . 8.02 10.64 22.70
O1A HEM EA . 10.20 9.25 22.74
O1A HEM EA . 8.22 10.23 21.51
O2A HEM EA . 9.17 9.20 20.86
O2A HEM EA . 7.45 11.73 22.87
C1B HEM EA . 2.77 11.68 27.15
C1B HEM EA . 2.76 11.70 27.17
C2B HEM EA . 2.26 12.59 28.13
C2B HEM EA . 2.24 12.61 28.14
C3B HEM EA . 1.05 13.03 27.66
C3B HEM EA . 1.04 13.03 27.66
C4B HEM EA . 0.87 12.39 26.35
C4B HEM EA . 0.86 12.39 26.35
CMB HEM EA . 2.95 12.97 29.41
CMB HEM EA . 2.94 13.00 29.42
CAB HEM EA . 0.14 14.08 28.09
CAB HEM EA . 0.11 14.08 28.11
CBB HEM EA . 0.66 15.21 28.63
CBB HEM EA . 0.63 15.21 28.65
C1C HEM EA . -0.58 11.83 24.42
C1C HEM EA . -0.58 11.83 24.42
C2C HEM EA . -1.80 11.84 23.74
C2C HEM EA . -1.81 11.84 23.74
C3C HEM EA . -1.73 10.89 22.72
C3C HEM EA . -1.72 10.90 22.72
C4C HEM EA . -0.41 10.32 22.78
C4C HEM EA . -0.40 10.35 22.77
CMC HEM EA . -2.97 12.71 24.13
CMC HEM EA . -2.97 12.69 24.15
CAC HEM EA . -2.66 10.57 21.62
CAC HEM EA . -2.65 10.58 21.61
CBC HEM EA . -3.49 11.50 21.14
CBC HEM EA . -3.49 11.52 21.14
C1D HEM EA . 1.42 9.01 21.92
C1D HEM EA . 1.43 9.03 21.92
C2D HEM EA . 2.00 8.19 20.84
C2D HEM EA . 2.01 8.18 20.85
C3D HEM EA . 3.32 8.07 21.11
C3D HEM EA . 3.33 8.04 21.14
C4D HEM EA . 3.50 8.84 22.35
C4D HEM EA . 3.51 8.82 22.39
CMD HEM EA . 1.27 7.57 19.65
CMD HEM EA . 1.29 7.58 19.66
CAD HEM EA . 4.30 7.24 20.29
CAD HEM EA . 4.30 7.19 20.33
CBD HEM EA . 5.55 7.97 19.78
CBD HEM EA . 5.54 7.89 19.75
CGD HEM EA . 5.15 8.66 18.50
CGD HEM EA . 5.12 8.62 18.50
O1D HEM EA . 4.27 8.16 17.77
O1D HEM EA . 4.23 8.12 17.77
O2D HEM EA . 5.70 9.75 18.19
O2D HEM EA . 5.66 9.71 18.19
NA HEM EA . 4.00 10.03 24.99
NA HEM EA . 3.99 10.06 25.02
NB HEM EA . 1.91 11.59 26.14
NB HEM EA . 1.90 11.61 26.16
NC HEM EA . 0.22 10.90 23.83
NC HEM EA . 0.22 10.90 23.83
ND HEM EA . 2.35 9.42 22.79
ND HEM EA . 2.35 9.42 22.81
FE HEM EA . 2.14 10.48 24.43
FE HEM EA . 2.13 10.50 24.44
CHA HEM FA . -8.13 16.42 17.04
CHB HEM FA . -4.39 13.57 15.70
CHC HEM FA . -5.76 10.19 18.91
CHD HEM FA . -9.90 12.68 19.50
C1A HEM FA . -6.93 15.97 16.48
C2A HEM FA . -6.11 16.73 15.57
C3A HEM FA . -5.09 15.90 15.14
C4A HEM FA . -5.25 14.64 15.80
CMA HEM FA . -3.92 16.21 14.24
CAA HEM FA . -6.37 18.14 15.15
CBA HEM FA . -6.11 19.15 16.23
CGA HEM FA . -6.65 20.55 15.90
O1A HEM FA . -7.52 20.72 15.00
O2A HEM FA . -6.21 21.56 16.52
C1B HEM FA . -4.40 12.41 16.49
C2B HEM FA . -3.41 11.33 16.40
C3B HEM FA . -3.81 10.32 17.26
C4B HEM FA . -5.04 10.88 17.92
CMB HEM FA . -2.27 11.37 15.45
CAB HEM FA . -3.13 9.10 17.75
CBB HEM FA . -1.78 8.99 17.76
C1C HEM FA . -7.00 10.57 19.41
C2C HEM FA . -7.81 9.79 20.25
C3C HEM FA . -9.02 10.51 20.41
C4C HEM FA . -8.89 11.74 19.66
CMC HEM FA . -7.47 8.44 20.87
CAC HEM FA . -10.18 10.21 21.29
CBC HEM FA . -10.09 9.54 22.49
C1D HEM FA . -9.74 13.86 18.85
C2D HEM FA . -10.78 14.93 18.95
C3D HEM FA . -10.26 15.99 18.31
C4D HEM FA . -8.94 15.57 17.80
CMD HEM FA . -12.10 14.78 19.63
CAD HEM FA . -10.89 17.35 18.08
CBD HEM FA . -10.62 18.23 19.29
CGD HEM FA . -11.25 19.61 19.12
O1D HEM FA . -11.97 20.06 20.07
O2D HEM FA . -11.04 20.19 18.04
NA HEM FA . -6.40 14.70 16.59
NB HEM FA . -5.33 12.06 17.36
NC HEM FA . -7.68 11.70 19.03
ND HEM FA . -8.64 14.30 18.19
FE HEM FA . -7.04 13.24 17.80
CHA HEM GA . -3.53 17.33 8.84
CHB HEM GA . -5.29 13.67 11.44
CHC HEM GA . -2.55 10.50 8.87
CHD HEM GA . -0.43 14.31 6.70
C1A HEM GA . -4.28 16.62 9.72
C2A HEM GA . -5.33 17.13 10.57
C3A HEM GA . -5.80 16.10 11.30
C4A HEM GA . -5.09 14.96 10.91
CMA HEM GA . -6.94 16.17 12.31
CAA HEM GA . -5.82 18.60 10.69
CBA HEM GA . -6.80 18.99 9.55
CGA HEM GA . -7.31 20.38 9.84
O1A HEM GA . -8.30 20.54 10.55
O2A HEM GA . -6.73 21.39 9.43
C1B HEM GA . -4.68 12.50 10.94
C2B HEM GA . -4.94 11.18 11.45
C3B HEM GA . -4.21 10.27 10.75
C4B HEM GA . -3.46 11.07 9.77
CMB HEM GA . -5.91 10.89 12.55
CAB HEM GA . -4.24 8.81 10.62
CBB HEM GA . -5.49 8.27 10.35
C1C HEM GA . -1.71 11.25 8.04
C2C HEM GA . -0.65 10.75 7.25
C3C HEM GA . 0.00 11.82 6.67
C4C HEM GA . -0.73 12.98 7.09
CMC HEM GA . -0.29 9.29 7.07
CAC HEM GA . 1.06 11.88 5.62
CBC HEM GA . 1.31 11.00 4.64
C1D HEM GA . -1.17 15.43 7.10
C2D HEM GA . -0.86 16.79 6.58
C3D HEM GA . -1.74 17.62 7.16
C4D HEM GA . -2.53 16.76 8.04
CMD HEM GA . 0.22 17.19 5.56
CAD HEM GA . -1.87 19.13 6.97
CBD HEM GA . -0.81 19.86 7.77
CGD HEM GA . -0.94 21.37 7.72
O1D HEM GA . -1.84 21.98 7.22
O2D HEM GA . -0.14 22.08 8.24
NA HEM GA . -4.18 15.27 9.91
NB HEM GA . -3.77 12.38 9.97
NC HEM GA . -1.71 12.61 7.97
ND HEM GA . -2.20 15.46 7.97
FE HEM GA . -2.98 13.97 8.93
CHA HEM HA . 1.98 7.40 -3.11
CHB HEM HA . 0.95 12.10 -2.37
CHC HEM HA . 3.42 11.99 1.83
CHD HEM HA . 5.31 7.72 0.45
C1A HEM HA . 1.41 8.67 -3.20
C2A HEM HA . 0.52 9.08 -4.25
C3A HEM HA . 0.23 10.41 -4.03
C4A HEM HA . 0.98 10.82 -2.90
CMA HEM HA . -0.72 11.34 -4.77
CAA HEM HA . -0.07 8.19 -5.33
CBA HEM HA . -1.17 7.32 -4.70
CGA HEM HA . -1.86 6.32 -5.61
O1A HEM HA . -1.36 5.98 -6.66
O2A HEM HA . -2.98 5.79 -5.30
C1B HEM HA . 1.53 12.46 -1.13
C2B HEM HA . 1.33 13.73 -0.50
C3B HEM HA . 2.04 13.70 0.64
C4B HEM HA . 2.60 12.37 0.76
CMB HEM HA . 0.55 14.90 -1.08
CAB HEM HA . 2.03 14.60 1.79
CBB HEM HA . 0.81 15.05 2.21
C1C HEM HA . 4.20 10.86 1.82
C2C HEM HA . 5.20 10.54 2.77
C3C HEM HA . 5.75 9.29 2.36
C4C HEM HA . 5.09 8.90 1.14
CMC HEM HA . 5.52 11.42 3.96
CAC HEM HA . 6.78 8.38 2.98
CBC HEM HA . 7.02 8.30 4.30
C1D HEM HA . 4.47 7.30 -0.61
C2D HEM HA . 4.63 6.00 -1.23
C3D HEM HA . 3.71 5.89 -2.20
C4D HEM HA . 3.00 7.15 -2.20
CMD HEM HA . 5.63 4.92 -0.80
CAD HEM HA . 3.52 4.68 -3.09
CBD HEM HA . 4.01 4.96 -4.54
CGD HEM HA . 5.49 5.34 -4.55
O1D HEM HA . 6.22 4.43 -4.08
O2D HEM HA . 5.99 6.48 -4.92
NA HEM HA . 1.70 9.73 -2.42
NB HEM HA . 2.30 11.71 -0.36
NC HEM HA . 4.14 9.86 0.86
ND HEM HA . 3.48 7.97 -1.23
FE HEM HA . 2.90 9.78 -0.81
CHA HEM IA . -0.15 13.49 -8.78
CHB HEM IA . 2.82 14.51 -5.16
CHC HEM IA . 1.89 19.23 -5.42
CHD HEM IA . -1.74 18.12 -8.47
C1A HEM IA . 0.81 13.36 -7.79
C2A HEM IA . 1.43 12.13 -7.38
C3A HEM IA . 2.24 12.41 -6.36
C4A HEM IA . 2.12 13.81 -6.09
CMA HEM IA . 3.12 11.37 -5.66
CAA HEM IA . 1.21 10.76 -7.95
CBA HEM IA . 1.85 10.64 -9.36
CGA HEM IA . 1.60 9.35 -10.03
O1A HEM IA . 0.44 8.86 -10.17
O2A HEM IA . 2.59 8.77 -10.47
C1B HEM IA . 2.89 15.86 -4.95
C2B HEM IA . 3.83 16.51 -4.11
C3B HEM IA . 3.55 17.86 -4.16
C4B HEM IA . 2.47 18.03 -5.11
CMB HEM IA . 4.87 15.88 -3.19
CAB HEM IA . 4.28 19.01 -3.63
CBB HEM IA . 5.66 19.04 -3.85
C1C HEM IA . 0.76 19.36 -6.24
C2C HEM IA . -0.01 20.54 -6.48
C3C HEM IA . -1.08 20.20 -7.32
C4C HEM IA . -0.91 18.80 -7.61
CMC HEM IA . 0.26 21.90 -5.89
CAC HEM IA . -2.09 21.10 -7.99
CBC HEM IA . -1.78 22.38 -8.37
C1D HEM IA . -1.53 16.80 -8.79
C2D HEM IA . -2.36 16.18 -9.78
C3D HEM IA . -1.92 14.88 -9.90
C4D HEM IA . -0.80 14.74 -8.96
CMD HEM IA . -3.47 16.83 -10.57
CAD HEM IA . -2.49 13.84 -10.81
CBD HEM IA . -1.70 13.51 -12.05
CGD HEM IA . -2.30 12.40 -12.89
O1D HEM IA . -2.50 11.28 -12.41
O2D HEM IA . -2.54 12.58 -14.12
NA HEM IA . 1.22 14.38 -6.95
NB HEM IA . 2.11 16.81 -5.53
NC HEM IA . 0.17 18.32 -6.91
ND HEM IA . -0.60 15.90 -8.29
FE HEM IA . 0.70 16.33 -6.94
CHA HEM JA . -3.64 29.74 -11.39
CHB HEM JA . -5.51 25.53 -12.66
CHC HEM JA . -5.41 24.27 -7.99
CHD HEM JA . -4.43 28.81 -6.74
C1A HEM JA . -4.12 28.69 -12.12
C2A HEM JA . -4.28 28.67 -13.53
C3A HEM JA . -4.83 27.49 -13.86
C4A HEM JA . -4.99 26.78 -12.68
CMA HEM JA . -5.16 26.97 -15.27
CAA HEM JA . -3.89 29.76 -14.53
CBA HEM JA . -2.43 29.61 -15.03
CGA HEM JA . -2.27 30.49 -16.25
O1A HEM JA . -2.15 31.69 -16.11
O2A HEM JA . -2.22 30.09 -17.43
C1B HEM JA . -5.64 24.78 -11.49
C2B HEM JA . -5.97 23.40 -11.43
C3B HEM JA . -5.94 23.03 -10.09
C4B HEM JA . -5.51 24.23 -9.35
CMB HEM JA . -6.34 22.56 -12.64
CAB HEM JA . -6.06 21.70 -9.45
CBB HEM JA . -5.45 20.61 -10.07
C1C HEM JA . -5.19 25.40 -7.23
C2C HEM JA . -5.31 25.50 -5.84
C3C HEM JA . -5.08 26.83 -5.48
C4C HEM JA . -4.77 27.50 -6.68
CMC HEM JA . -5.67 24.37 -4.89
CAC HEM JA . -4.92 27.44 -4.15
CBC HEM JA . -4.40 26.78 -3.09
C1D HEM JA . -4.11 29.38 -7.94
C2D HEM JA . -3.58 30.72 -7.96
C3D HEM JA . -3.34 30.98 -9.26
C4D HEM JA . -3.72 29.80 -10.02
CMD HEM JA . -3.33 31.69 -6.78
CAD HEM JA . -2.77 32.29 -9.78
CBD HEM JA . -1.26 32.22 -10.03
CGD HEM JA . -0.81 33.57 -10.52
O1D HEM JA . -0.70 34.50 -9.68
O2D HEM JA . -0.59 33.79 -11.74
NA HEM JA . -4.61 27.53 -11.64
NB HEM JA . -5.34 25.22 -10.25
NC HEM JA . -4.90 26.63 -7.73
ND HEM JA . -4.18 28.84 -9.22
FE HEM JA . -4.74 27.11 -9.73
CU CU KA . -16.63 16.99 14.08
S SO3 LA . -18.19 15.24 16.24
O1 SO3 LA . -18.24 13.85 15.28
O2 SO3 LA . -17.79 16.54 15.07
O3 SO3 LA . -19.85 15.55 16.64
S1 DTN MA . -10.46 -11.94 -48.89
O1 DTN MA . -8.97 -11.17 -49.54
O2 DTN MA . -11.68 -11.53 -50.12
S2 DTN MA . -10.19 -13.84 -49.16
O3 DTN MA . -11.91 -14.25 -49.30
O4 DTN MA . -9.62 -13.79 -50.82
CHA HEM NA . -40.51 21.60 -40.99
CHB HEM NA . -35.96 19.93 -41.34
CHC HEM NA . -34.21 24.17 -39.73
CHD HEM NA . -38.76 25.52 -38.72
C1A HEM NA . -39.42 20.81 -41.26
C2A HEM NA . -39.52 19.54 -41.86
C3A HEM NA . -38.23 19.04 -41.91
C4A HEM NA . -37.37 20.02 -41.39
CMA HEM NA . -37.73 17.72 -42.46
CAA HEM NA . -40.78 18.89 -42.29
CBA HEM NA . -41.28 19.39 -43.71
CGA HEM NA . -42.42 20.48 -43.86
O1A HEM NA . -43.29 20.55 -42.87
O2A HEM NA . -42.42 21.34 -44.90
C1B HEM NA . -35.08 20.97 -40.98
C2B HEM NA . -33.66 20.84 -41.04
C3B HEM NA . -33.15 22.02 -40.58
C4B HEM NA . -34.34 22.86 -40.24
CMB HEM NA . -32.88 19.63 -41.55
CAB HEM NA . -31.85 22.63 -40.60
CBB HEM NA . -31.11 22.60 -41.72
C1C HEM NA . -35.30 24.91 -39.27
C2C HEM NA . -35.20 26.16 -38.60
C3C HEM NA . -36.51 26.51 -38.25
C4C HEM NA . -37.37 25.48 -38.80
CMC HEM NA . -33.86 26.83 -38.28
CAC HEM NA . -36.99 27.74 -37.61
CBC HEM NA . -36.35 28.95 -37.74
C1D HEM NA . -39.54 24.55 -39.29
C2D HEM NA . -41.02 24.64 -39.20
C3D HEM NA . -41.52 23.56 -39.86
C4D HEM NA . -40.33 22.82 -40.34
CMD HEM NA . -41.80 25.80 -38.58
CAD HEM NA . -42.98 23.20 -40.10
CBD HEM NA . -43.57 23.77 -41.40
CGD HEM NA . -45.04 23.44 -41.51
O1D HEM NA . -45.64 23.64 -42.62
O2D HEM NA . -45.71 22.97 -40.55
NA HEM NA . -38.09 21.10 -40.99
NB HEM NA . -35.43 22.15 -40.50
NC HEM NA . -36.60 24.52 -39.37
ND HEM NA . -39.16 23.42 -39.97
FE HEM NA . -37.36 22.79 -40.22
CHA HEM OA . -20.09 0.64 -40.22
CHB HEM OA . -15.89 2.61 -41.23
CHC HEM OA . -17.26 3.56 -45.73
CHD HEM OA . -21.70 2.18 -44.42
C1A HEM OA . -18.77 1.08 -40.14
C2A HEM OA . -18.07 1.17 -38.87
C3A HEM OA . -16.87 1.72 -39.17
C4A HEM OA . -16.89 1.99 -40.58
CMA HEM OA . -15.72 1.97 -38.22
CAA HEM OA . -18.56 0.60 -37.52
CBA HEM OA . -19.68 1.35 -36.85
CGA HEM OA . -19.89 0.93 -35.40
O1A HEM OA . -19.10 0.13 -34.78
O2A HEM OA . -20.94 1.39 -34.84
C1B HEM OA . -15.88 3.10 -42.52
C2B HEM OA . -14.77 3.77 -43.11
C3B HEM OA . -15.12 4.12 -44.40
C4B HEM OA . -16.50 3.49 -44.57
CMB HEM OA . -13.46 4.04 -42.36
CAB HEM OA . -14.37 4.80 -45.53
CBB HEM OA . -13.02 5.05 -45.58
C1C HEM OA . -18.61 3.20 -45.82
C2C HEM OA . -19.45 3.44 -46.94
C3C HEM OA . -20.73 3.10 -46.57
C4C HEM OA . -20.62 2.62 -45.22
CMC HEM OA . -18.94 4.00 -48.22
CAC HEM OA . -21.98 3.04 -47.36
CBC HEM OA . -22.03 2.68 -48.67
C1D HEM OA . -21.56 1.66 -43.17
C2D HEM OA . -22.76 1.19 -42.48
C3D HEM OA . -22.34 0.70 -41.33
C4D HEM OA . -20.88 0.96 -41.32
CMD HEM OA . -24.16 1.28 -43.04
CAD HEM OA . -23.08 0.04 -40.18
CBD HEM OA . -24.59 0.11 -40.14
CGD HEM OA . -25.37 -0.89 -41.00
O1D HEM OA . -26.59 -0.66 -41.27
O2D HEM OA . -24.84 -1.96 -41.42
NA HEM OA . -18.07 1.65 -41.12
NB HEM OA . -16.86 2.90 -43.41
NC HEM OA . -19.36 2.75 -44.81
ND HEM OA . -20.42 1.51 -42.45
FE HEM OA . -18.69 2.15 -42.91
CHA HEM PA . -38.58 13.76 -40.82
CHA HEM PA . -38.62 13.68 -40.81
CHB HEM PA . -35.87 17.08 -38.51
CHB HEM PA . -35.95 17.05 -38.53
CHC HEM PA . -32.03 14.14 -38.91
CHC HEM PA . -32.06 14.14 -38.90
CHD HEM PA . -34.52 11.39 -42.04
CHD HEM PA . -34.52 11.41 -42.07
C1A HEM PA . -38.14 14.85 -40.10
C1A HEM PA . -38.23 14.78 -40.10
C2A HEM PA . -38.99 15.88 -39.65
C2A HEM PA . -39.16 15.72 -39.58
C3A HEM PA . -38.26 16.82 -39.00
C3A HEM PA . -38.40 16.68 -38.95
C4A HEM PA . -36.92 16.38 -39.07
C4A HEM PA . -37.02 16.34 -39.07
CMA HEM PA . -38.73 18.12 -38.39
CMA HEM PA . -38.84 17.96 -38.25
CAA HEM PA . -40.46 15.88 -39.80
CAA HEM PA . -40.68 15.62 -39.72
CBA HEM PA . -41.06 15.44 -38.46
CBA HEM PA . -41.30 14.53 -38.79
CGA HEM PA . -40.77 14.00 -38.06
CGA HEM PA . -42.81 14.15 -38.95
O1A HEM PA . -40.19 13.75 -36.96
O1A HEM PA . -43.85 14.99 -38.70
O2A HEM PA . -41.16 13.07 -38.80
O2A HEM PA . -43.05 12.96 -39.31
C1B HEM PA . -34.59 16.54 -38.41
C1B HEM PA . -34.66 16.54 -38.42
C2B HEM PA . -33.54 17.15 -37.64
C2B HEM PA . -33.60 17.14 -37.65
C3B HEM PA . -32.45 16.35 -37.76
C3B HEM PA . -32.49 16.35 -37.77
C4B HEM PA . -32.88 15.18 -38.55
C4B HEM PA . -32.92 15.18 -38.56
CMB HEM PA . -33.65 18.45 -36.91
CMB HEM PA . -33.70 18.45 -36.91
CAB HEM PA . -31.16 16.38 -37.07
CAB HEM PA . -31.21 16.38 -37.08
CBB HEM PA . -31.14 16.83 -35.80
CBB HEM PA . -31.18 16.81 -35.79
C1C HEM PA . -32.37 13.13 -39.83
C1C HEM PA . -32.38 13.15 -39.83
C2C HEM PA . -31.48 12.17 -40.37
C2C HEM PA . -31.49 12.18 -40.37
C3C HEM PA . -32.20 11.40 -41.24
C3C HEM PA . -32.20 11.41 -41.25
C4C HEM PA . -33.53 11.88 -41.25
C4C HEM PA . -33.52 11.90 -41.26
CMC HEM PA . -30.02 12.01 -39.99
CMC HEM PA . -30.03 12.03 -39.98
CAC HEM PA . -31.75 10.21 -42.01
CAC HEM PA . -31.75 10.23 -42.02
CBC HEM PA . -30.77 9.46 -41.52
CBC HEM PA . -30.77 9.47 -41.53
C1D HEM PA . -35.85 11.87 -41.91
C1D HEM PA . -35.85 11.86 -41.92
C2D HEM PA . -36.95 11.23 -42.62
C2D HEM PA . -36.94 11.19 -42.62
C3D HEM PA . -38.11 11.83 -42.27
C3D HEM PA . -38.10 11.77 -42.26
C4D HEM PA . -37.67 12.88 -41.34
C4D HEM PA . -37.69 12.83 -41.34
CMD HEM PA . -36.77 10.03 -43.53
CMD HEM PA . -36.77 10.01 -43.54
CAD HEM PA . -39.49 11.52 -42.82
CAD HEM PA . -39.49 11.45 -42.78
CBD HEM PA . -40.53 11.01 -41.77
CBD HEM PA . -40.50 11.00 -41.68
CGD HEM PA . -40.29 9.55 -41.46
CGD HEM PA . -40.31 9.53 -41.40
O1D HEM PA . -40.47 9.11 -40.28
O1D HEM PA . -40.50 9.07 -40.24
O2D HEM PA . -39.93 8.77 -42.38
O2D HEM PA . -39.98 8.76 -42.35
NA HEM PA . -36.88 15.18 -39.72
NA HEM PA . -36.95 15.14 -39.76
NB HEM PA . -34.16 15.37 -38.89
NB HEM PA . -34.21 15.36 -38.90
NC HEM PA . -33.59 12.95 -40.42
NC HEM PA . -33.60 12.97 -40.43
ND HEM PA . -36.32 12.87 -41.14
ND HEM PA . -36.33 12.85 -41.15
FE HEM PA . -35.27 14.08 -40.05
FE HEM PA . -35.31 14.07 -40.07
CHA HEM QA . -26.52 3.20 -38.94
CHB HEM QA . -31.13 3.58 -40.38
CHC HEM QA . -29.91 6.82 -43.75
CHD HEM QA . -25.24 5.91 -42.69
C1A HEM QA . -27.89 3.11 -38.99
C2A HEM QA . -28.66 2.32 -38.08
C3A HEM QA . -29.95 2.41 -38.52
C4A HEM QA . -29.98 3.25 -39.67
CMA HEM QA . -31.16 1.75 -37.89
CAA HEM QA . -28.14 1.53 -36.86
CBA HEM QA . -27.74 2.45 -35.72
CGA HEM QA . -26.91 1.73 -34.62
O1A HEM QA . -26.83 2.27 -33.49
O2A HEM QA . -26.36 0.63 -34.88
C1B HEM QA . -31.18 4.50 -41.42
C2B HEM QA . -32.41 4.88 -42.08
C3B HEM QA . -32.11 5.76 -43.05
C4B HEM QA . -30.64 5.95 -42.93
CMB HEM QA . -33.76 4.26 -41.72
CAB HEM QA . -32.95 6.60 -43.94
CBB HEM QA . -34.13 7.17 -43.52
C1C HEM QA . -28.55 6.89 -43.74
C2C HEM QA . -27.77 7.70 -44.57
C3C HEM QA . -26.44 7.46 -44.29
C4C HEM QA . -26.39 6.50 -43.23
CMC HEM QA . -28.32 8.66 -45.61
CAC HEM QA . -25.25 8.16 -44.87
CBC HEM QA . -25.20 9.48 -45.31
C1D HEM QA . -25.25 5.04 -41.62
C2D HEM QA . -23.99 4.67 -40.98
C3D HEM QA . -24.34 3.95 -39.94
C4D HEM QA . -25.82 3.86 -39.93
CMD HEM QA . -22.60 5.00 -41.48
CAD HEM QA . -23.38 3.29 -38.91
CBD HEM QA . -22.93 4.37 -37.88
CGD HEM QA . -22.05 3.79 -36.80
O1D HEM QA . -20.95 4.35 -36.54
O2D HEM QA . -22.47 2.76 -36.22
NA HEM QA . -28.70 3.67 -39.98
NB HEM QA . -30.19 5.21 -41.94
NC HEM QA . -27.70 6.20 -42.89
ND HEM QA . -26.34 4.58 -40.94
FE HEM QA . -28.20 4.89 -41.40
CHA HEM RA . -32.86 -3.47 -37.25
CHB HEM RA . -31.62 -0.75 -41.07
CHC HEM RA . -35.84 -1.86 -43.22
CHD HEM RA . -37.26 -4.12 -39.15
C1A HEM RA . -32.17 -2.70 -38.13
C2A HEM RA . -30.80 -2.27 -37.92
C3A HEM RA . -30.46 -1.53 -39.00
C4A HEM RA . -31.58 -1.44 -39.84
CMA HEM RA . -29.15 -0.84 -39.32
CAA HEM RA . -29.91 -2.59 -36.71
CBA HEM RA . -29.23 -3.95 -36.77
CGA HEM RA . -28.34 -4.11 -35.53
O1A HEM RA . -27.18 -3.82 -35.69
O2A HEM RA . -28.77 -4.50 -34.43
C1B HEM RA . -32.71 -0.80 -41.94
C2B HEM RA . -32.70 -0.13 -43.20
C3B HEM RA . -33.90 -0.42 -43.81
C4B HEM RA . -34.59 -1.37 -42.93
CMB HEM RA . -31.61 0.79 -43.75
CAB HEM RA . -34.37 -0.23 -45.19
CBB HEM RA . -33.48 -0.59 -46.19
C1C HEM RA . -36.63 -2.56 -42.30
C2C HEM RA . -37.99 -2.90 -42.47
C3C HEM RA . -38.42 -3.49 -41.27
C4C HEM RA . -37.26 -3.54 -40.41
CMC HEM RA . -38.77 -2.60 -43.74
CAC HEM RA . -39.67 -4.18 -40.89
CBC HEM RA . -40.42 -4.91 -41.76
C1D HEM RA . -36.15 -4.12 -38.34
C2D HEM RA . -36.16 -4.81 -37.03
C3D HEM RA . -34.95 -4.62 -36.53
C4D HEM RA . -34.20 -3.85 -37.48
CMD HEM RA . -37.32 -5.59 -36.42
CAD HEM RA . -34.47 -5.14 -35.16
CBD HEM RA . -35.00 -4.23 -34.08
CGD HEM RA . -34.47 -4.68 -32.73
O1D HEM RA . -33.52 -5.46 -32.55
O2D HEM RA . -34.95 -4.24 -31.71
NA HEM RA . -32.61 -2.18 -39.32
NB HEM RA . -33.86 -1.48 -41.81
NC HEM RA . -36.23 -2.91 -41.05
ND HEM RA . -34.93 -3.59 -38.63
FE HEM RA . -34.40 -2.56 -40.18
CHA HEM SA . -44.50 -11.37 -45.75
CHB HEM SA . -41.94 -11.94 -41.72
CHC HEM SA . -42.98 -7.34 -40.50
CHD HEM SA . -46.36 -7.18 -44.02
C1A HEM SA . -43.64 -11.88 -44.81
C2A HEM SA . -43.02 -13.20 -44.89
C3A HEM SA . -42.34 -13.35 -43.76
C4A HEM SA . -42.51 -12.16 -42.97
CMA HEM SA . -41.48 -14.46 -43.28
CAA HEM SA . -43.17 -14.16 -46.10
CBA HEM SA . -42.21 -13.63 -47.19
CGA HEM SA . -42.16 -14.49 -48.42
O1A HEM SA . -43.05 -15.37 -48.54
O2A HEM SA . -41.25 -14.44 -49.29
C1B HEM SA . -42.01 -10.70 -41.06
C2B HEM SA . -41.23 -10.38 -39.89
C3B HEM SA . -41.55 -9.10 -39.51
C4B HEM SA . -42.46 -8.62 -40.55
CMB HEM SA . -40.37 -11.34 -39.14
CAB HEM SA . -40.95 -8.18 -38.55
CBB HEM SA . -39.56 -8.13 -38.42
C1C HEM SA . -44.04 -6.88 -41.32
C2C HEM SA . -44.76 -5.69 -41.15
C3C HEM SA . -45.75 -5.66 -42.11
C4C HEM SA . -45.58 -6.85 -42.92
CMC HEM SA . -44.46 -4.70 -40.05
CAC HEM SA . -46.76 -4.61 -42.51
CBC HEM SA . -46.55 -3.26 -42.37
C1D HEM SA . -46.04 -8.33 -44.79
C2D HEM SA . -46.74 -8.60 -46.05
C3D HEM SA . -46.24 -9.76 -46.53
C4D HEM SA . -45.23 -10.17 -45.58
CMD HEM SA . -47.84 -7.68 -46.59
CAD HEM SA . -46.61 -10.49 -47.86
CBD HEM SA . -47.61 -11.64 -47.72
CGD HEM SA . -47.85 -12.17 -49.15
O1D HEM SA . -47.30 -13.25 -49.50
O2D HEM SA . -48.50 -11.57 -50.06
NA HEM SA . -43.33 -11.28 -43.61
NB HEM SA . -42.70 -9.65 -41.40
NC HEM SA . -44.55 -7.58 -42.36
ND HEM SA . -45.13 -9.30 -44.54
FE HEM SA . -43.92 -9.47 -43.01
CHA HEM TA . -42.48 -18.60 -41.32
CHB HEM TA . -43.84 -14.53 -39.09
CHC HEM TA . -41.59 -15.98 -35.02
CHD HEM TA . -39.56 -19.51 -37.52
C1A HEM TA . -43.07 -17.39 -41.02
C2A HEM TA . -43.91 -16.64 -41.94
C3A HEM TA . -44.26 -15.47 -41.33
C4A HEM TA . -43.68 -15.51 -40.03
CMA HEM TA . -45.13 -14.40 -41.92
CAA HEM TA . -44.27 -17.01 -43.35
CBA HEM TA . -45.37 -18.03 -43.36
CGA HEM TA . -45.70 -18.44 -44.79
O1A HEM TA . -46.90 -18.58 -45.11
O2A HEM TA . -44.81 -18.71 -45.61
C1B HEM TA . -43.33 -14.58 -37.79
C2B HEM TA . -43.73 -13.64 -36.76
C3B HEM TA . -43.15 -14.08 -35.62
C4B HEM TA . -42.41 -15.32 -35.95
CMB HEM TA . -44.67 -12.45 -36.95
CAB HEM TA . -43.29 -13.65 -34.23
CBB HEM TA . -44.58 -13.52 -33.78
C1C HEM TA . -40.76 -17.01 -35.34
C2C HEM TA . -39.79 -17.63 -34.54
C3C HEM TA . -39.14 -18.62 -35.28
C4C HEM TA . -39.85 -18.63 -36.52
CMC HEM TA . -39.45 -17.22 -33.15
CAC HEM TA . -38.15 -19.68 -34.86
CBC HEM TA . -38.28 -20.33 -33.64
C1D HEM TA . -40.27 -19.54 -38.74
C2D HEM TA . -39.97 -20.57 -39.77
C3D HEM TA . -40.81 -20.34 -40.82
C4D HEM TA . -41.57 -19.14 -40.43
CMD HEM TA . -39.00 -21.72 -39.63
CAD HEM TA . -40.89 -21.12 -42.16
CBD HEM TA . -42.05 -22.13 -42.22
CGD HEM TA . -42.05 -22.80 -43.56
O1D HEM TA . -42.17 -24.04 -43.52
O2D HEM TA . -41.94 -22.20 -44.68
NA HEM TA . -42.92 -16.64 -39.86
NB HEM TA . -42.56 -15.53 -37.25
NC HEM TA . -40.75 -17.62 -36.56
ND HEM TA . -41.22 -18.68 -39.19
FE HEM TA . -41.86 -17.14 -38.25
CHA HEM UA . -35.20 -25.02 -27.58
CHB HEM UA . -35.19 -25.87 -32.31
CHC HEM UA . -34.19 -21.19 -33.10
CHD HEM UA . -33.37 -20.60 -28.38
C1A HEM UA . -35.34 -25.65 -28.79
C2A HEM UA . -35.61 -27.03 -28.98
C3A HEM UA . -35.56 -27.28 -30.29
C4A HEM UA . -35.26 -26.04 -30.94
CMA HEM UA . -35.82 -28.58 -31.02
CAA HEM UA . -35.81 -28.00 -27.87
CBA HEM UA . -37.12 -27.76 -27.15
CGA HEM UA . -37.65 -29.12 -27.15
O1A HEM UA . -37.52 -29.79 -26.13
O2A HEM UA . -38.14 -29.50 -28.24
C1B HEM UA . -34.97 -24.65 -32.94
C2B HEM UA . -35.00 -24.50 -34.31
C3B HEM UA . -34.72 -23.16 -34.53
C4B HEM UA . -34.51 -22.52 -33.25
CMB HEM UA . -35.27 -25.57 -35.35
CAB HEM UA . -34.79 -22.32 -35.75
CBB HEM UA . -35.93 -22.44 -36.57
C1C HEM UA . -33.81 -20.61 -31.90
C2C HEM UA . -33.29 -19.31 -31.69
C3C HEM UA . -32.97 -19.14 -30.35
C4C HEM UA . -33.44 -20.36 -29.71
CMC HEM UA . -33.04 -18.31 -32.78
CAC HEM UA . -32.55 -17.97 -29.59
CBC HEM UA . -32.97 -16.71 -29.88
C1D HEM UA . -33.86 -21.78 -27.84
C2D HEM UA . -33.92 -21.89 -26.39
C3D HEM UA . -34.44 -23.11 -26.19
C4D HEM UA . -34.71 -23.74 -27.49
CMD HEM UA . -33.50 -20.94 -25.29
CAD HEM UA . -34.66 -23.73 -24.83
CBD HEM UA . -36.15 -23.87 -24.61
CGD HEM UA . -36.44 -23.22 -23.33
O1D HEM UA . -36.57 -21.96 -23.36
O2D HEM UA . -36.51 -23.96 -22.30
NA HEM UA . -35.09 -25.09 -30.02
NB HEM UA . -34.70 -23.47 -32.32
NC HEM UA . -33.90 -21.22 -30.69
ND HEM UA . -34.35 -22.91 -28.49
FE HEM UA . -34.51 -23.18 -30.33
CU CU VA . -19.62 -1.82 -41.57
S SO3 WA . 2.01 4.60 -29.71
O1 SO3 WA . 3.44 4.61 -28.59
O2 SO3 WA . 1.75 6.25 -30.35
O3 SO3 WA . 2.97 3.87 -31.03
S SO3 XA . -17.98 0.04 -43.47
O1 SO3 XA . -16.40 0.13 -44.11
O2 SO3 XA . -18.71 -0.38 -44.92
O3 SO3 XA . -18.69 -1.26 -42.34
#